data_9ILZ
#
_entry.id   9ILZ
#
_cell.length_a   1.00
_cell.length_b   1.00
_cell.length_c   1.00
_cell.angle_alpha   90.00
_cell.angle_beta   90.00
_cell.angle_gamma   90.00
#
_symmetry.space_group_name_H-M   'P 1'
#
loop_
_entity.id
_entity.type
_entity.pdbx_description
1 polymer 'Primase D5'
2 polymer "DNA (5'-D(P*TP*TP*TP*TP*TP*TP*T)-3')"
3 non-polymer "ADENOSINE-5'-DIPHOSPHATE"
4 non-polymer "ADENOSINE-5'-TRIPHOSPHATE"
5 non-polymer 'ZINC ION'
#
loop_
_entity_poly.entity_id
_entity_poly.type
_entity_poly.pdbx_seq_one_letter_code
_entity_poly.pdbx_strand_id
1 'polypeptide(L)'
;MDAAIRGNDVIFVLKTIGVPSACRQNEDPRFVEAFKCDELERYIDNNPECTLFESLRDEEAYSIVRIFMDVDLDACLDEI
DYLTAIQDFIIEVSNCVARFAFTECGAIHENVIKSMRSNFSLTKSTNRDKTSFHIIFLDTYTTMDTLIAMKRTLLELSRS
SENPLTRSIDTAVYRRKTTLRVVGTRKNPNCDTIHVMQPPHDNIEDYLFTYVDMNNNSYYFSLQRRLEDLVPDKLWEPGF
ISFEDAIKRVSKIFINSIINFNDLDENNFTTVPLVIDYVTPCALCKKRSHKHPHQLSLENGAIRIYKTGNPHSCKVKIVP
LDGNKLFNIAQRILDTNSVLLTERGDHIVWINNSWKFNSEEPLITKLILSIRHQLPKEYSSELLCPRKRKTVEANIRDML
VDSVETDTYPDKLPFKNGVLDLVDGMFYSGDDAKKYTCTVSTGFKFDDTKFVEDSPEMEELMNIINDIQPLTDENKKNRE
LYEKTLSSCLCGATKGCLTFFFGETATGKSTTKRLLKSAIGDLFVETGQTILTDVLDKGPNPFIANMHLKRSVFCSELPD
FACSGSKKIRSDNIKKLTEPCVIGRPCFSNKINNRNHATIIIDTNYKPVFDRIDNALMRRIAVVRFRTHFSQPSGREAAE
NNDAYDKVKLLDEGLDGKIQNNRYRFAFLYLLVKWYKKYHIPIMKLYPTPEEIPDFAFYLKIGTLLVSSSVKHIPLMTDL
SKKGYILYDNVVTLPLTTFQQKISKYFNSRLFGHDIESFINRHKKFANVSDEYLQYIFIEDISSP
;
A,B,C,D,E,F
2 'polydeoxyribonucleotide' (DT)(DT)(DT)(DT)(DT)(DT)(DT) X
#
# COMPACT_ATOMS: atom_id res chain seq x y z
N ASP A 2 40.12 -48.31 44.04
CA ASP A 2 39.00 -48.21 44.95
C ASP A 2 39.46 -48.12 46.40
N ALA A 3 40.03 -46.97 46.77
CA ALA A 3 40.47 -46.77 48.15
C ALA A 3 39.29 -46.81 49.11
N ALA A 4 38.25 -46.01 48.83
CA ALA A 4 37.00 -46.04 49.57
C ALA A 4 37.19 -45.70 51.04
N ILE A 5 37.88 -46.56 51.78
CA ILE A 5 38.05 -46.35 53.21
C ILE A 5 38.88 -45.10 53.47
N ARG A 6 39.97 -44.94 52.72
CA ARG A 6 40.90 -43.82 52.94
C ARG A 6 40.41 -42.61 52.15
N GLY A 7 39.86 -41.63 52.86
CA GLY A 7 39.44 -40.38 52.27
C GLY A 7 40.45 -39.28 52.53
N ASN A 8 40.46 -38.28 51.64
CA ASN A 8 41.40 -37.17 51.73
C ASN A 8 40.68 -35.95 52.27
N ASP A 9 41.14 -35.45 53.42
CA ASP A 9 40.61 -34.23 54.02
C ASP A 9 41.66 -33.14 54.21
N VAL A 10 42.93 -33.43 53.96
CA VAL A 10 44.00 -32.45 54.08
C VAL A 10 44.15 -31.72 52.76
N ILE A 11 44.15 -30.40 52.82
CA ILE A 11 44.23 -29.56 51.63
C ILE A 11 45.67 -29.08 51.48
N PHE A 12 46.29 -29.42 50.34
CA PHE A 12 47.63 -28.99 50.01
C PHE A 12 47.53 -27.66 49.26
N VAL A 13 48.20 -26.63 49.77
CA VAL A 13 48.05 -25.28 49.24
C VAL A 13 49.42 -24.66 48.99
N LEU A 14 49.56 -24.07 47.81
CA LEU A 14 50.70 -23.24 47.45
C LEU A 14 50.30 -21.77 47.52
N LYS A 15 51.25 -20.94 47.95
CA LYS A 15 50.97 -19.53 48.20
C LYS A 15 51.43 -18.58 47.11
N THR A 16 52.04 -19.10 46.03
CA THR A 16 52.60 -18.21 45.01
C THR A 16 52.85 -19.02 43.74
N ILE A 17 52.37 -18.49 42.60
CA ILE A 17 52.67 -19.10 41.31
C ILE A 17 54.13 -18.85 40.94
N GLY A 18 54.69 -19.76 40.16
CA GLY A 18 56.10 -19.66 39.82
C GLY A 18 56.99 -19.81 41.03
N VAL A 19 56.64 -20.71 41.95
CA VAL A 19 57.48 -20.95 43.13
C VAL A 19 58.82 -21.52 42.66
N PRO A 20 59.95 -21.07 43.22
CA PRO A 20 61.23 -21.62 42.81
C PRO A 20 61.30 -23.12 43.05
N SER A 21 61.94 -23.83 42.11
CA SER A 21 61.98 -25.28 42.17
C SER A 21 62.83 -25.81 43.32
N ALA A 22 63.58 -24.96 44.00
CA ALA A 22 64.44 -25.42 45.10
C ALA A 22 63.60 -25.84 46.30
N CYS A 23 62.84 -24.91 46.87
CA CYS A 23 62.07 -25.17 48.08
C CYS A 23 60.62 -25.49 47.73
N ARG A 24 60.44 -26.64 47.09
CA ARG A 24 59.12 -27.19 46.83
C ARG A 24 58.87 -28.50 47.57
N GLN A 25 59.75 -29.49 47.39
CA GLN A 25 59.64 -30.76 48.08
C GLN A 25 60.24 -30.73 49.48
N ASN A 26 60.82 -29.61 49.88
CA ASN A 26 61.39 -29.46 51.22
C ASN A 26 60.35 -29.03 52.25
N GLU A 27 59.09 -28.88 51.85
CA GLU A 27 58.00 -28.48 52.75
C GLU A 27 58.29 -27.14 53.41
N ASP A 28 58.75 -26.18 52.61
CA ASP A 28 59.01 -24.84 53.12
C ASP A 28 57.67 -24.18 53.44
N PRO A 29 57.47 -23.68 54.66
CA PRO A 29 56.12 -23.25 55.08
C PRO A 29 55.70 -21.90 54.52
N ARG A 30 56.65 -21.10 54.04
CA ARG A 30 56.29 -19.77 53.57
C ARG A 30 55.47 -19.80 52.28
N PHE A 31 55.57 -20.88 51.50
CA PHE A 31 54.80 -21.00 50.27
C PHE A 31 54.05 -22.33 50.15
N VAL A 32 54.28 -23.28 51.06
CA VAL A 32 53.65 -24.59 51.00
C VAL A 32 53.02 -24.88 52.35
N GLU A 33 51.74 -25.28 52.34
CA GLU A 33 51.04 -25.62 53.57
C GLU A 33 50.12 -26.81 53.33
N ALA A 34 49.82 -27.51 54.43
CA ALA A 34 48.85 -28.60 54.43
C ALA A 34 47.84 -28.30 55.53
N PHE A 35 46.70 -27.76 55.15
CA PHE A 35 45.70 -27.26 56.08
C PHE A 35 44.52 -28.21 56.17
N LYS A 36 43.58 -27.88 57.04
CA LYS A 36 42.37 -28.64 57.26
C LYS A 36 41.16 -27.79 56.90
N CYS A 37 39.96 -28.32 57.19
CA CYS A 37 38.73 -27.62 56.84
C CYS A 37 38.55 -26.36 57.69
N ASP A 38 38.74 -26.47 59.00
CA ASP A 38 38.44 -25.39 59.92
C ASP A 38 39.57 -24.38 60.06
N GLU A 39 40.71 -24.59 59.39
CA GLU A 39 41.85 -23.69 59.54
C GLU A 39 41.96 -22.67 58.42
N LEU A 40 41.46 -23.00 57.21
CA LEU A 40 41.64 -22.09 56.08
C LEU A 40 40.83 -20.82 56.25
N GLU A 41 39.60 -20.93 56.79
CA GLU A 41 38.80 -19.72 57.01
C GLU A 41 39.43 -18.84 58.07
N ARG A 42 40.00 -19.43 59.11
CA ARG A 42 40.72 -18.65 60.11
C ARG A 42 41.93 -17.97 59.50
N TYR A 43 42.66 -18.68 58.63
CA TYR A 43 43.84 -18.11 57.98
C TYR A 43 43.46 -16.93 57.10
N ILE A 44 42.39 -17.07 56.31
CA ILE A 44 42.00 -15.98 55.43
C ILE A 44 41.41 -14.82 56.23
N ASP A 45 40.79 -15.11 57.38
CA ASP A 45 40.35 -14.04 58.26
C ASP A 45 41.53 -13.26 58.82
N ASN A 46 42.59 -13.97 59.21
CA ASN A 46 43.79 -13.30 59.73
C ASN A 46 44.65 -12.73 58.62
N ASN A 47 44.39 -13.08 57.36
CA ASN A 47 45.15 -12.59 56.21
C ASN A 47 44.19 -11.92 55.24
N PRO A 48 43.96 -10.61 55.37
CA PRO A 48 43.04 -9.93 54.45
C PRO A 48 43.46 -10.04 52.99
N GLU A 49 44.76 -10.03 52.70
CA GLU A 49 45.28 -10.21 51.35
C GLU A 49 46.09 -11.50 51.31
N CYS A 50 45.72 -12.40 50.40
CA CYS A 50 46.39 -13.69 50.30
C CYS A 50 46.16 -14.26 48.91
N THR A 51 47.02 -15.23 48.56
CA THR A 51 46.90 -15.96 47.30
C THR A 51 47.14 -17.43 47.61
N LEU A 52 46.08 -18.22 47.59
CA LEU A 52 46.14 -19.64 47.95
C LEU A 52 45.61 -20.47 46.80
N PHE A 53 46.39 -21.44 46.36
CA PHE A 53 46.02 -22.34 45.27
C PHE A 53 46.10 -23.78 45.75
N GLU A 54 45.03 -24.54 45.52
CA GLU A 54 44.91 -25.89 46.05
C GLU A 54 45.32 -26.92 45.01
N SER A 55 46.10 -27.90 45.45
CA SER A 55 46.57 -28.99 44.58
C SER A 55 46.75 -30.23 45.44
N LEU A 56 47.44 -31.23 44.88
CA LEU A 56 47.69 -32.48 45.56
C LEU A 56 49.12 -32.51 46.12
N ARG A 57 49.27 -33.17 47.28
CA ARG A 57 50.59 -33.26 47.89
C ARG A 57 51.51 -34.21 47.12
N ASP A 58 50.95 -35.18 46.41
CA ASP A 58 51.74 -36.09 45.59
C ASP A 58 50.82 -36.72 44.56
N GLU A 59 51.36 -36.91 43.35
CA GLU A 59 50.56 -37.42 42.23
C GLU A 59 50.59 -38.95 42.16
N GLU A 60 51.79 -39.54 42.13
CA GLU A 60 51.88 -40.99 42.00
C GLU A 60 51.31 -41.73 43.21
N ALA A 61 51.31 -41.11 44.39
CA ALA A 61 50.73 -41.75 45.57
C ALA A 61 49.22 -41.66 45.56
N TYR A 62 48.69 -40.48 45.25
CA TYR A 62 47.25 -40.25 45.22
C TYR A 62 46.92 -39.46 43.95
N SER A 63 46.10 -40.04 43.09
CA SER A 63 45.77 -39.42 41.81
C SER A 63 44.27 -39.51 41.54
N ILE A 64 43.46 -39.35 42.59
CA ILE A 64 42.00 -39.42 42.49
C ILE A 64 41.45 -38.01 42.73
N VAL A 65 40.66 -37.53 41.78
CA VAL A 65 40.10 -36.19 41.82
C VAL A 65 38.62 -36.25 41.43
N ARG A 66 38.00 -35.09 41.35
CA ARG A 66 36.64 -34.92 40.86
C ARG A 66 36.66 -34.31 39.48
N ILE A 67 35.46 -34.15 38.91
CA ILE A 67 35.33 -33.53 37.59
C ILE A 67 35.04 -32.04 37.77
N PHE A 68 35.89 -31.20 37.20
CA PHE A 68 35.77 -29.76 37.31
C PHE A 68 35.88 -29.12 35.94
N MET A 69 35.20 -28.00 35.75
CA MET A 69 35.20 -27.27 34.49
C MET A 69 35.29 -25.78 34.75
N ASP A 70 36.06 -25.09 33.91
CA ASP A 70 36.23 -23.65 33.99
C ASP A 70 35.85 -23.02 32.66
N VAL A 71 35.02 -21.98 32.71
CA VAL A 71 34.53 -21.31 31.51
C VAL A 71 34.99 -19.86 31.53
N ASP A 72 35.74 -19.47 30.50
CA ASP A 72 36.19 -18.09 30.38
C ASP A 72 35.70 -17.49 29.06
N LEU A 83 19.73 -19.40 31.69
CA LEU A 83 19.70 -20.58 32.56
C LEU A 83 19.59 -21.85 31.74
N THR A 84 19.13 -21.73 30.50
CA THR A 84 19.01 -22.88 29.62
C THR A 84 20.37 -23.30 29.05
N ALA A 85 21.26 -22.34 28.81
CA ALA A 85 22.56 -22.65 28.23
C ALA A 85 23.39 -23.54 29.15
N ILE A 86 23.37 -23.26 30.45
CA ILE A 86 24.15 -24.06 31.39
C ILE A 86 23.57 -25.46 31.54
N GLN A 87 22.24 -25.58 31.50
CA GLN A 87 21.62 -26.90 31.51
C GLN A 87 21.99 -27.70 30.26
N ASP A 88 22.02 -27.02 29.11
CA ASP A 88 22.46 -27.68 27.89
C ASP A 88 23.92 -28.12 28.01
N PHE A 89 24.76 -27.26 28.58
CA PHE A 89 26.12 -27.65 28.91
C PHE A 89 26.16 -28.93 29.71
N ILE A 90 25.38 -28.97 30.80
CA ILE A 90 25.46 -30.10 31.71
C ILE A 90 25.05 -31.38 31.01
N ILE A 91 23.92 -31.35 30.29
CA ILE A 91 23.45 -32.57 29.64
C ILE A 91 24.43 -33.03 28.57
N GLU A 92 24.95 -32.08 27.76
CA GLU A 92 25.81 -32.48 26.67
C GLU A 92 27.14 -33.01 27.17
N VAL A 93 27.73 -32.38 28.19
CA VAL A 93 29.01 -32.86 28.69
C VAL A 93 28.83 -34.17 29.44
N SER A 94 27.68 -34.36 30.10
CA SER A 94 27.41 -35.63 30.74
C SER A 94 27.33 -36.75 29.70
N ASN A 95 26.64 -36.51 28.59
CA ASN A 95 26.59 -37.50 27.52
C ASN A 95 27.98 -37.76 26.95
N CYS A 96 28.76 -36.70 26.75
CA CYS A 96 30.09 -36.84 26.17
C CYS A 96 31.01 -37.67 27.05
N VAL A 97 31.01 -37.40 28.37
CA VAL A 97 31.85 -38.18 29.26
C VAL A 97 31.32 -39.60 29.40
N ALA A 98 29.99 -39.77 29.31
CA ALA A 98 29.41 -41.10 29.38
C ALA A 98 29.81 -41.94 28.17
N ARG A 99 30.04 -41.31 27.01
CA ARG A 99 30.49 -42.08 25.85
C ARG A 99 31.77 -42.83 26.16
N PHE A 100 32.76 -42.15 26.75
CA PHE A 100 34.01 -42.80 27.08
C PHE A 100 33.86 -43.67 28.32
N ALA A 101 32.96 -43.31 29.23
CA ALA A 101 32.71 -44.15 30.40
C ALA A 101 32.21 -45.53 29.97
N PHE A 102 31.40 -45.58 28.90
CA PHE A 102 30.93 -46.84 28.34
C PHE A 102 31.88 -47.42 27.30
N THR A 103 32.81 -46.62 26.78
CA THR A 103 33.69 -47.11 25.72
C THR A 103 34.60 -48.22 26.22
N GLU A 104 35.44 -47.92 27.22
CA GLU A 104 36.39 -48.90 27.74
C GLU A 104 36.46 -48.97 29.25
N CYS A 105 35.92 -47.98 29.99
CA CYS A 105 36.01 -47.99 31.44
C CYS A 105 35.17 -49.08 32.07
N GLY A 106 34.26 -49.70 31.33
CA GLY A 106 33.40 -50.72 31.91
C GLY A 106 32.32 -50.19 32.81
N ALA A 107 32.06 -48.88 32.76
CA ALA A 107 31.07 -48.25 33.63
C ALA A 107 29.66 -48.57 33.14
N ILE A 108 28.68 -48.27 33.99
CA ILE A 108 27.27 -48.50 33.68
C ILE A 108 26.60 -47.13 33.55
N HIS A 109 25.78 -46.97 32.51
CA HIS A 109 25.18 -45.68 32.22
C HIS A 109 24.30 -45.17 33.36
N GLU A 110 23.48 -46.06 33.92
CA GLU A 110 22.46 -45.63 34.88
C GLU A 110 23.08 -45.02 36.12
N ASN A 111 24.12 -45.66 36.68
CA ASN A 111 24.75 -45.13 37.88
C ASN A 111 25.41 -43.79 37.62
N VAL A 112 26.08 -43.65 36.48
CA VAL A 112 26.72 -42.37 36.13
C VAL A 112 25.66 -41.27 36.01
N ILE A 113 24.60 -41.54 35.25
CA ILE A 113 23.55 -40.55 35.05
C ILE A 113 22.97 -40.14 36.39
N LYS A 114 22.67 -41.12 37.26
CA LYS A 114 22.20 -40.79 38.60
C LYS A 114 23.25 -40.01 39.36
N SER A 115 24.52 -40.18 39.01
CA SER A 115 25.58 -39.46 39.72
C SER A 115 25.53 -37.96 39.45
N MET A 116 25.73 -37.52 38.21
CA MET A 116 25.83 -36.06 38.08
C MET A 116 24.51 -35.39 37.68
N ARG A 117 23.37 -35.91 38.11
CA ARG A 117 22.15 -35.11 38.09
C ARG A 117 21.99 -34.30 39.37
N SER A 118 21.76 -33.00 39.21
CA SER A 118 21.48 -32.07 40.30
C SER A 118 22.60 -32.00 41.33
N ASN A 119 23.83 -32.29 40.92
CA ASN A 119 24.99 -32.29 41.81
C ASN A 119 26.10 -31.47 41.17
N PHE A 120 26.05 -30.15 41.37
CA PHE A 120 27.05 -29.24 40.83
C PHE A 120 26.91 -27.91 41.55
N SER A 121 27.91 -27.04 41.33
CA SER A 121 27.92 -25.72 41.93
C SER A 121 28.46 -24.71 40.92
N LEU A 122 28.19 -23.44 41.19
CA LEU A 122 28.61 -22.34 40.34
C LEU A 122 29.49 -21.37 41.12
N THR A 123 30.32 -20.65 40.39
CA THR A 123 31.22 -19.67 41.00
C THR A 123 31.32 -18.46 40.08
N LYS A 124 31.07 -17.28 40.62
CA LYS A 124 31.12 -16.04 39.87
C LYS A 124 32.45 -15.33 40.13
N SER A 125 33.15 -14.96 39.05
CA SER A 125 34.42 -14.25 39.18
C SER A 125 34.21 -12.85 39.70
N SER A 132 33.77 -16.89 33.00
CA SER A 132 34.66 -17.14 34.13
C SER A 132 33.89 -17.80 35.28
N PHE A 133 33.33 -18.97 35.01
CA PHE A 133 32.56 -19.72 35.99
C PHE A 133 33.23 -21.06 36.24
N HIS A 134 33.19 -21.51 37.50
CA HIS A 134 33.74 -22.79 37.90
C HIS A 134 32.60 -23.73 38.29
N ILE A 135 32.57 -24.90 37.65
CA ILE A 135 31.52 -25.89 37.92
C ILE A 135 32.20 -27.19 38.34
N ILE A 136 31.87 -27.67 39.54
CA ILE A 136 32.42 -28.90 40.07
C ILE A 136 31.29 -29.80 40.51
N PHE A 137 31.33 -31.06 40.06
CA PHE A 137 30.35 -32.07 40.47
C PHE A 137 30.83 -32.72 41.75
N LEU A 138 29.96 -32.73 42.77
CA LEU A 138 30.37 -33.14 44.10
C LEU A 138 30.53 -34.65 44.20
N ASP A 139 29.61 -35.42 43.62
CA ASP A 139 29.56 -36.86 43.80
C ASP A 139 30.14 -37.62 42.61
N THR A 140 31.00 -36.98 41.83
CA THR A 140 31.70 -37.64 40.73
C THR A 140 33.18 -37.69 41.06
N TYR A 141 33.74 -38.90 41.07
CA TYR A 141 35.15 -39.11 41.39
C TYR A 141 35.76 -40.03 40.36
N THR A 142 36.95 -39.69 39.90
CA THR A 142 37.70 -40.52 38.96
C THR A 142 39.18 -40.39 39.31
N THR A 143 40.02 -41.02 38.51
CA THR A 143 41.47 -40.93 38.68
C THR A 143 42.02 -39.81 37.81
N MET A 144 43.30 -39.51 38.00
CA MET A 144 43.90 -38.36 37.32
C MET A 144 44.04 -38.64 35.84
N ASP A 145 44.80 -39.68 35.48
CA ASP A 145 45.20 -39.92 34.10
C ASP A 145 44.02 -39.97 33.12
N THR A 146 42.79 -40.11 33.61
CA THR A 146 41.64 -39.92 32.73
C THR A 146 41.57 -38.48 32.25
N LEU A 147 41.75 -37.52 33.17
CA LEU A 147 41.60 -36.11 32.82
C LEU A 147 42.57 -35.71 31.72
N ILE A 148 43.79 -36.25 31.75
CA ILE A 148 44.77 -35.91 30.71
C ILE A 148 44.48 -36.57 29.37
N ALA A 149 43.51 -37.49 29.31
CA ALA A 149 43.25 -38.18 28.06
C ALA A 149 42.00 -37.68 27.33
N MET A 150 41.02 -37.14 28.05
CA MET A 150 39.85 -36.50 27.43
C MET A 150 40.12 -35.07 26.95
N LYS A 151 41.31 -34.51 27.16
CA LYS A 151 41.55 -33.14 26.71
C LYS A 151 41.33 -33.01 25.20
N ARG A 152 41.84 -33.96 24.43
CA ARG A 152 41.58 -33.96 22.99
C ARG A 152 40.09 -34.10 22.71
N THR A 153 39.40 -34.94 23.49
CA THR A 153 37.96 -35.14 23.27
C THR A 153 37.19 -33.85 23.50
N LEU A 154 37.40 -33.17 24.63
CA LEU A 154 36.65 -31.94 24.86
C LEU A 154 37.05 -30.83 23.90
N LEU A 155 38.32 -30.76 23.50
CA LEU A 155 38.69 -29.74 22.53
C LEU A 155 38.00 -29.97 21.20
N GLU A 156 37.89 -31.23 20.76
CA GLU A 156 37.20 -31.52 19.51
C GLU A 156 35.69 -31.31 19.64
N LEU A 157 35.11 -31.59 20.81
CA LEU A 157 33.69 -31.28 21.02
C LEU A 157 33.44 -29.78 20.97
N SER A 158 34.32 -28.99 21.60
CA SER A 158 34.17 -27.54 21.56
C SER A 158 34.32 -27.02 20.14
N ARG A 159 35.25 -27.59 19.37
CA ARG A 159 35.41 -27.18 17.97
C ARG A 159 34.19 -27.58 17.15
N SER A 160 33.57 -28.72 17.48
CA SER A 160 32.40 -29.17 16.73
C SER A 160 31.13 -28.44 17.20
N SER A 161 30.85 -28.50 18.50
CA SER A 161 29.65 -27.85 19.02
C SER A 161 29.74 -26.34 18.88
N GLU A 162 28.62 -25.72 18.48
CA GLU A 162 28.56 -24.29 18.25
C GLU A 162 27.73 -23.57 19.30
N ASN A 163 27.52 -24.18 20.47
CA ASN A 163 26.80 -23.53 21.55
C ASN A 163 27.58 -22.30 22.01
N PRO A 164 26.88 -21.26 22.51
CA PRO A 164 27.54 -19.96 22.72
C PRO A 164 28.74 -20.00 23.66
N LEU A 165 28.54 -20.45 24.90
CA LEU A 165 29.65 -20.43 25.86
C LEU A 165 30.60 -21.61 25.67
N THR A 166 30.21 -22.63 24.89
CA THR A 166 31.11 -23.77 24.68
C THR A 166 32.38 -23.35 23.96
N ARG A 167 32.34 -22.25 23.21
CA ARG A 167 33.51 -21.79 22.48
C ARG A 167 34.55 -21.18 23.40
N SER A 168 34.25 -21.04 24.69
CA SER A 168 35.11 -20.37 25.66
C SER A 168 35.54 -21.31 26.79
N ILE A 169 35.95 -22.53 26.44
CA ILE A 169 36.44 -23.49 27.42
C ILE A 169 37.95 -23.51 27.37
N ASP A 170 38.58 -24.14 28.37
CA ASP A 170 40.02 -24.26 28.46
C ASP A 170 40.40 -25.73 28.40
N THR A 171 41.46 -26.05 27.65
CA THR A 171 41.92 -27.42 27.48
C THR A 171 43.23 -27.71 28.18
N ALA A 172 44.20 -26.78 28.14
CA ALA A 172 45.51 -27.02 28.73
C ALA A 172 45.48 -26.99 30.26
N VAL A 173 44.33 -26.74 30.87
CA VAL A 173 44.24 -26.75 32.33
C VAL A 173 44.58 -28.13 32.89
N TYR A 174 44.19 -29.19 32.19
CA TYR A 174 44.50 -30.55 32.61
C TYR A 174 45.97 -30.81 32.30
N ARG A 175 46.77 -30.95 33.35
CA ARG A 175 48.22 -31.08 33.20
C ARG A 175 48.79 -31.70 34.48
N ARG A 176 50.11 -31.71 34.57
CA ARG A 176 50.81 -32.13 35.77
C ARG A 176 50.85 -30.99 36.79
N LYS A 177 50.66 -31.35 38.06
CA LYS A 177 50.72 -30.38 39.16
C LYS A 177 49.76 -29.22 38.93
N THR A 178 48.55 -29.53 38.49
CA THR A 178 47.56 -28.49 38.19
C THR A 178 47.22 -27.69 39.44
N THR A 179 47.20 -26.37 39.29
CA THR A 179 46.88 -25.46 40.38
C THR A 179 45.59 -24.72 40.05
N LEU A 180 44.66 -24.70 41.00
CA LEU A 180 43.37 -24.04 40.83
C LEU A 180 43.19 -23.01 41.93
N ARG A 181 42.65 -21.85 41.58
CA ARG A 181 42.47 -20.78 42.55
C ARG A 181 41.35 -21.11 43.52
N VAL A 182 41.63 -20.97 44.81
CA VAL A 182 40.61 -21.19 45.83
C VAL A 182 39.66 -20.00 45.85
N VAL A 183 38.38 -20.29 46.12
CA VAL A 183 37.37 -19.24 46.16
C VAL A 183 37.70 -18.26 47.28
N GLY A 184 37.56 -16.96 46.98
CA GLY A 184 37.87 -15.92 47.93
C GLY A 184 39.32 -15.52 48.02
N THR A 185 40.19 -16.11 47.21
CA THR A 185 41.62 -15.80 47.22
C THR A 185 41.98 -15.08 45.93
N ARG A 186 42.59 -13.91 46.05
CA ARG A 186 43.00 -13.15 44.89
C ARG A 186 44.28 -13.74 44.28
N LYS A 187 44.41 -13.59 42.96
CA LYS A 187 45.64 -14.01 42.29
C LYS A 187 46.84 -13.21 42.79
N ASN A 188 46.66 -11.90 42.94
CA ASN A 188 47.71 -11.02 43.44
C ASN A 188 47.07 -9.93 44.29
N PRO A 189 47.79 -9.36 45.25
CA PRO A 189 47.23 -8.24 46.01
C PRO A 189 46.86 -7.05 45.14
N ASN A 190 47.58 -6.83 44.05
CA ASN A 190 47.23 -5.75 43.13
C ASN A 190 45.86 -6.00 42.49
N CYS A 191 45.58 -7.24 42.13
CA CYS A 191 44.29 -7.56 41.52
C CYS A 191 43.19 -7.52 42.57
N ASP A 192 42.07 -6.88 42.21
CA ASP A 192 40.92 -6.77 43.09
C ASP A 192 39.79 -7.70 42.68
N THR A 193 40.09 -8.75 41.91
CA THR A 193 39.08 -9.69 41.43
C THR A 193 39.07 -10.90 42.34
N ILE A 194 37.90 -11.21 42.90
CA ILE A 194 37.70 -12.35 43.78
C ILE A 194 36.49 -13.13 43.27
N HIS A 195 36.40 -14.39 43.70
CA HIS A 195 35.30 -15.26 43.31
C HIS A 195 34.09 -14.97 44.19
N VAL A 196 32.92 -14.80 43.57
CA VAL A 196 31.68 -14.49 44.28
C VAL A 196 30.95 -15.78 44.61
N MET A 197 30.56 -15.91 45.86
CA MET A 197 29.95 -17.15 46.34
C MET A 197 28.55 -17.31 45.76
N GLN A 198 28.20 -18.54 45.39
CA GLN A 198 26.92 -18.79 44.75
C GLN A 198 26.12 -19.85 45.51
N PRO A 199 25.00 -19.47 46.10
CA PRO A 199 24.05 -20.44 46.65
C PRO A 199 23.77 -21.56 45.67
N PRO A 200 23.23 -22.69 46.15
CA PRO A 200 22.84 -23.00 47.54
C PRO A 200 23.99 -23.59 48.34
N HIS A 201 25.12 -23.84 47.69
CA HIS A 201 26.29 -24.37 48.38
C HIS A 201 27.07 -23.23 49.02
N ASP A 202 27.41 -23.38 50.29
CA ASP A 202 28.14 -22.34 51.00
C ASP A 202 29.39 -22.87 51.68
N ASN A 203 29.47 -24.18 51.85
CA ASN A 203 30.61 -24.77 52.55
C ASN A 203 31.83 -24.84 51.65
N ILE A 204 33.00 -24.97 52.27
CA ILE A 204 34.26 -24.95 51.53
C ILE A 204 34.42 -26.23 50.71
N GLU A 205 34.03 -27.37 51.27
CA GLU A 205 34.20 -28.65 50.57
C GLU A 205 33.36 -28.73 49.31
N ASP A 206 32.36 -27.86 49.16
CA ASP A 206 31.53 -27.85 47.97
C ASP A 206 32.26 -27.33 46.74
N TYR A 207 33.45 -26.76 46.90
CA TYR A 207 34.22 -26.16 45.81
C TYR A 207 35.67 -26.61 45.85
N LEU A 208 35.88 -27.88 46.19
CA LEU A 208 37.22 -28.47 46.23
C LEU A 208 37.18 -29.82 45.55
N PHE A 209 37.97 -29.98 44.50
CA PHE A 209 38.04 -31.24 43.76
C PHE A 209 39.03 -32.22 44.36
N THR A 210 39.82 -31.79 45.34
CA THR A 210 40.75 -32.69 46.03
C THR A 210 40.10 -33.43 47.19
N TYR A 211 38.83 -33.15 47.49
CA TYR A 211 38.10 -33.80 48.57
C TYR A 211 37.23 -34.90 48.00
N VAL A 212 37.31 -36.09 48.59
CA VAL A 212 36.54 -37.25 48.15
C VAL A 212 35.75 -37.78 49.33
N ASP A 213 34.43 -37.92 49.15
CA ASP A 213 33.57 -38.46 50.18
C ASP A 213 32.62 -39.48 49.55
N MET A 214 32.28 -40.50 50.33
CA MET A 214 31.39 -41.57 49.89
C MET A 214 30.07 -41.45 50.64
N ASN A 215 28.98 -41.33 49.89
CA ASN A 215 27.65 -41.21 50.48
C ASN A 215 26.70 -42.25 49.90
N ASN A 216 27.22 -43.45 49.63
CA ASN A 216 26.48 -44.60 49.09
C ASN A 216 25.61 -44.22 47.88
N ASN A 217 25.97 -43.15 47.18
CA ASN A 217 25.28 -42.76 45.96
C ASN A 217 26.21 -42.34 44.84
N SER A 218 27.49 -42.13 45.11
CA SER A 218 28.45 -41.68 44.10
C SER A 218 28.92 -42.87 43.26
N TYR A 219 29.68 -42.56 42.21
CA TYR A 219 30.29 -43.58 41.37
C TYR A 219 31.74 -43.23 41.12
N TYR A 220 32.58 -44.25 41.01
CA TYR A 220 34.00 -44.08 40.74
C TYR A 220 34.36 -44.89 39.50
N PHE A 221 35.07 -44.26 38.57
CA PHE A 221 35.47 -44.92 37.33
C PHE A 221 36.91 -44.54 37.01
N SER A 222 37.58 -45.42 36.26
CA SER A 222 38.96 -45.21 35.86
C SER A 222 39.21 -46.01 34.58
N LEU A 223 40.48 -46.16 34.21
CA LEU A 223 40.82 -46.97 33.05
C LEU A 223 40.41 -48.42 33.29
N GLN A 224 40.63 -48.92 34.51
CA GLN A 224 40.14 -50.20 35.01
C GLN A 224 40.71 -51.41 34.27
N ARG A 225 41.77 -51.24 33.48
CA ARG A 225 42.45 -52.36 32.86
C ARG A 225 43.97 -52.27 33.03
N ARG A 226 44.43 -51.49 34.00
CA ARG A 226 45.83 -51.46 34.45
C ARG A 226 46.77 -51.11 33.29
N LEU A 227 46.62 -49.88 32.81
CA LEU A 227 47.50 -49.32 31.78
C LEU A 227 48.22 -48.10 32.34
N GLU A 228 49.52 -48.01 32.05
CA GLU A 228 50.33 -46.88 32.47
C GLU A 228 50.38 -45.81 31.37
N ASP A 229 49.18 -45.32 31.02
CA ASP A 229 49.01 -44.28 30.01
C ASP A 229 49.58 -44.70 28.65
N LEU A 230 49.37 -45.98 28.30
CA LEU A 230 49.70 -46.48 26.98
C LEU A 230 48.43 -46.81 26.17
N VAL A 231 47.33 -46.13 26.49
CA VAL A 231 46.06 -46.41 25.80
C VAL A 231 46.13 -46.14 24.31
N PRO A 232 46.72 -45.02 23.79
CA PRO A 232 46.65 -44.81 22.34
C PRO A 232 47.65 -45.69 21.60
N ASP A 233 47.16 -46.73 20.92
CA ASP A 233 48.01 -47.70 20.25
C ASP A 233 48.29 -47.31 18.80
N LYS A 234 47.27 -46.94 18.03
CA LYS A 234 47.46 -46.59 16.64
C LYS A 234 46.32 -45.70 16.18
N LEU A 235 46.65 -44.61 15.50
CA LEU A 235 45.69 -43.72 14.85
C LEU A 235 46.03 -43.72 13.36
N TRP A 236 45.18 -44.37 12.56
CA TRP A 236 45.38 -44.48 11.13
C TRP A 236 44.90 -43.28 10.34
N GLU A 237 45.21 -42.07 10.84
CA GLU A 237 44.64 -40.82 10.34
C GLU A 237 43.18 -41.08 9.97
N PRO A 238 42.32 -41.30 10.97
CA PRO A 238 41.06 -42.02 10.73
C PRO A 238 40.05 -41.26 9.88
N GLY A 239 40.28 -41.24 8.57
CA GLY A 239 39.29 -40.79 7.62
C GLY A 239 38.30 -41.84 7.20
N PHE A 240 37.66 -42.52 8.16
CA PHE A 240 36.77 -43.63 7.89
C PHE A 240 35.53 -43.20 7.12
N ILE A 241 35.26 -41.89 7.09
CA ILE A 241 34.15 -41.34 6.34
C ILE A 241 34.36 -41.59 4.85
N SER A 242 35.61 -41.88 4.46
CA SER A 242 35.94 -42.08 3.07
C SER A 242 35.61 -43.50 2.61
N PHE A 243 34.37 -43.95 2.83
CA PHE A 243 33.91 -45.18 2.21
C PHE A 243 33.39 -44.90 0.81
N GLU A 244 32.58 -43.85 0.66
CA GLU A 244 32.11 -43.41 -0.65
C GLU A 244 32.13 -41.89 -0.74
N ASP A 245 32.48 -41.18 0.33
CA ASP A 245 32.38 -39.73 0.36
C ASP A 245 33.65 -39.06 -0.16
N ALA A 246 34.78 -39.27 0.52
CA ALA A 246 36.01 -38.58 0.15
C ALA A 246 36.63 -39.20 -1.10
N ILE A 247 36.57 -40.52 -1.23
CA ILE A 247 37.18 -41.17 -2.39
C ILE A 247 36.44 -40.78 -3.67
N LYS A 248 35.11 -40.62 -3.59
CA LYS A 248 34.37 -40.13 -4.75
C LYS A 248 34.76 -38.69 -5.07
N ARG A 249 34.98 -37.87 -4.04
CA ARG A 249 35.42 -36.50 -4.26
C ARG A 249 36.77 -36.47 -4.98
N VAL A 250 37.67 -37.38 -4.61
CA VAL A 250 38.94 -37.50 -5.31
C VAL A 250 38.71 -37.96 -6.75
N SER A 251 37.80 -38.90 -6.94
CA SER A 251 37.62 -39.50 -8.27
C SER A 251 37.04 -38.50 -9.27
N LYS A 252 36.03 -37.71 -8.86
CA LYS A 252 35.36 -36.85 -9.83
C LYS A 252 36.31 -35.81 -10.43
N ILE A 253 37.21 -35.25 -9.61
CA ILE A 253 38.12 -34.23 -10.15
C ILE A 253 39.03 -34.84 -11.22
N PHE A 254 39.26 -36.15 -11.17
CA PHE A 254 39.96 -36.86 -12.24
C PHE A 254 38.92 -37.37 -13.23
N ILE A 255 38.62 -36.56 -14.24
CA ILE A 255 37.60 -36.94 -15.21
C ILE A 255 38.06 -38.11 -16.07
N ASN A 256 39.36 -38.40 -16.04
CA ASN A 256 39.86 -39.59 -16.71
C ASN A 256 39.62 -40.83 -15.84
N SER A 257 39.62 -41.99 -16.49
CA SER A 257 39.38 -43.23 -15.78
C SER A 257 40.56 -43.58 -14.88
N ILE A 258 40.25 -44.32 -13.82
CA ILE A 258 41.24 -44.77 -12.84
C ILE A 258 41.19 -46.30 -12.78
N ILE A 259 42.35 -46.92 -12.88
CA ILE A 259 42.43 -48.39 -12.89
C ILE A 259 42.81 -48.98 -11.54
N ASN A 260 43.39 -48.19 -10.64
CA ASN A 260 43.74 -48.67 -9.31
C ASN A 260 42.61 -48.50 -8.31
N PHE A 261 41.46 -47.97 -8.74
CA PHE A 261 40.33 -47.73 -7.86
C PHE A 261 39.67 -49.01 -7.36
N ASN A 262 40.02 -50.16 -7.92
CA ASN A 262 39.34 -51.40 -7.57
C ASN A 262 39.51 -51.73 -6.08
N ASP A 263 40.70 -51.52 -5.54
CA ASP A 263 40.99 -51.83 -4.15
C ASP A 263 41.65 -50.63 -3.49
N LEU A 264 40.91 -49.95 -2.61
CA LEU A 264 41.45 -48.89 -1.77
C LEU A 264 41.05 -49.17 -0.33
N ASP A 265 42.04 -49.18 0.56
CA ASP A 265 41.84 -49.52 1.96
C ASP A 265 42.44 -48.44 2.84
N GLU A 266 41.95 -48.37 4.08
CA GLU A 266 42.44 -47.37 5.01
C GLU A 266 43.91 -47.54 5.33
N ASN A 267 44.41 -48.78 5.38
CA ASN A 267 45.82 -48.99 5.72
C ASN A 267 46.73 -48.50 4.59
N ASN A 268 46.35 -48.71 3.34
CA ASN A 268 47.16 -48.33 2.19
C ASN A 268 46.64 -47.07 1.50
N PHE A 269 46.18 -46.09 2.27
CA PHE A 269 45.66 -44.86 1.69
C PHE A 269 46.78 -44.11 0.96
N THR A 270 47.90 -43.86 1.66
CA THR A 270 48.98 -43.04 1.10
C THR A 270 50.16 -43.84 0.58
N THR A 271 50.27 -45.12 0.95
CA THR A 271 51.44 -45.89 0.55
C THR A 271 51.44 -46.20 -0.95
N VAL A 272 50.32 -46.67 -1.48
CA VAL A 272 50.25 -47.10 -2.88
C VAL A 272 50.12 -45.89 -3.80
N PRO A 273 51.03 -45.71 -4.76
CA PRO A 273 50.85 -44.68 -5.78
C PRO A 273 49.94 -45.18 -6.90
N LEU A 274 48.74 -44.62 -6.97
CA LEU A 274 47.79 -45.03 -7.97
C LEU A 274 48.15 -44.47 -9.34
N VAL A 275 47.74 -45.18 -10.38
CA VAL A 275 47.98 -44.79 -11.76
C VAL A 275 46.64 -44.77 -12.49
N ILE A 276 46.48 -43.80 -13.39
CA ILE A 276 45.24 -43.60 -14.12
C ILE A 276 45.54 -43.56 -15.61
N ASP A 277 44.53 -43.91 -16.40
CA ASP A 277 44.63 -43.92 -17.86
C ASP A 277 44.00 -42.65 -18.42
N TYR A 278 44.57 -42.12 -19.50
CA TYR A 278 44.14 -40.88 -20.09
C TYR A 278 43.61 -41.12 -21.50
N VAL A 279 42.37 -40.70 -21.73
CA VAL A 279 41.80 -40.65 -23.08
C VAL A 279 41.46 -39.23 -23.50
N THR A 280 41.51 -38.27 -22.59
CA THR A 280 41.19 -36.87 -22.81
C THR A 280 42.27 -36.03 -22.14
N PRO A 281 42.38 -34.75 -22.50
CA PRO A 281 43.39 -33.89 -21.88
C PRO A 281 43.21 -33.84 -20.37
N CYS A 282 44.35 -33.67 -19.68
CA CYS A 282 44.37 -33.75 -18.23
C CYS A 282 43.53 -32.63 -17.60
N ALA A 283 42.97 -32.92 -16.43
CA ALA A 283 42.07 -31.99 -15.75
C ALA A 283 42.82 -31.01 -14.86
N LEU A 284 43.78 -31.49 -14.07
CA LEU A 284 44.51 -30.60 -13.17
C LEU A 284 45.30 -29.55 -13.95
N CYS A 285 45.96 -29.96 -15.03
CA CYS A 285 46.73 -29.05 -15.87
C CYS A 285 46.62 -29.51 -17.31
N LYS A 286 47.11 -28.68 -18.23
CA LYS A 286 47.10 -28.98 -19.66
C LYS A 286 48.40 -29.70 -20.00
N LYS A 287 48.38 -31.03 -19.85
CA LYS A 287 49.54 -31.86 -20.17
C LYS A 287 49.04 -33.07 -20.94
N ARG A 288 49.95 -34.03 -21.16
CA ARG A 288 49.66 -35.21 -21.97
C ARG A 288 49.89 -36.48 -21.14
N SER A 289 48.79 -37.08 -20.69
CA SER A 289 48.76 -38.43 -20.12
C SER A 289 49.45 -38.54 -18.76
N HIS A 290 50.10 -37.47 -18.31
CA HIS A 290 50.73 -37.40 -16.99
C HIS A 290 51.52 -38.68 -16.68
N LYS A 291 52.60 -38.85 -17.44
CA LYS A 291 53.35 -40.11 -17.42
C LYS A 291 53.74 -40.53 -16.01
N HIS A 292 54.11 -39.58 -15.16
CA HIS A 292 54.43 -39.96 -13.78
C HIS A 292 53.14 -40.15 -12.99
N PRO A 293 53.03 -41.23 -12.22
CA PRO A 293 51.80 -41.46 -11.45
C PRO A 293 51.60 -40.41 -10.36
N HIS A 294 50.33 -40.16 -10.05
CA HIS A 294 49.98 -39.23 -8.99
C HIS A 294 50.11 -39.91 -7.63
N GLN A 295 49.90 -39.14 -6.57
CA GLN A 295 50.01 -39.68 -5.22
C GLN A 295 49.14 -38.86 -4.28
N LEU A 296 48.74 -39.51 -3.18
CA LEU A 296 47.82 -38.97 -2.20
C LEU A 296 48.51 -38.82 -0.85
N SER A 297 48.07 -37.85 -0.07
CA SER A 297 48.59 -37.66 1.28
C SER A 297 47.50 -37.05 2.14
N LEU A 298 47.68 -37.17 3.46
CA LEU A 298 46.74 -36.59 4.42
C LEU A 298 47.51 -35.73 5.40
N GLU A 299 47.02 -34.52 5.64
CA GLU A 299 47.68 -33.62 6.59
C GLU A 299 46.68 -32.57 7.08
N ASN A 300 46.75 -32.30 8.39
CA ASN A 300 45.84 -31.41 9.11
C ASN A 300 44.40 -31.52 8.60
N GLY A 301 43.90 -32.74 8.52
CA GLY A 301 42.53 -32.96 8.10
C GLY A 301 42.25 -32.51 6.68
N ALA A 302 43.15 -32.81 5.75
CA ALA A 302 42.98 -32.44 4.35
C ALA A 302 43.72 -33.44 3.48
N ILE A 303 43.09 -33.84 2.39
CA ILE A 303 43.68 -34.77 1.42
C ILE A 303 44.37 -33.96 0.34
N ARG A 304 45.65 -34.24 0.11
CA ARG A 304 46.46 -33.54 -0.85
C ARG A 304 46.82 -34.48 -1.98
N ILE A 305 46.64 -34.02 -3.22
CA ILE A 305 46.93 -34.79 -4.42
C ILE A 305 48.07 -34.10 -5.16
N TYR A 306 49.13 -34.85 -5.43
CA TYR A 306 50.29 -34.26 -6.10
C TYR A 306 50.96 -35.29 -6.99
N LYS A 307 51.54 -34.81 -8.09
CA LYS A 307 52.19 -35.69 -9.06
C LYS A 307 53.61 -36.01 -8.62
N THR A 308 53.97 -37.29 -8.69
CA THR A 308 55.31 -37.72 -8.33
C THR A 308 56.29 -37.42 -9.45
N GLY A 309 57.57 -37.60 -9.14
CA GLY A 309 58.63 -37.31 -10.10
C GLY A 309 59.05 -35.86 -10.03
N ASN A 310 58.52 -35.04 -10.93
CA ASN A 310 58.74 -33.60 -10.90
C ASN A 310 57.42 -32.92 -10.55
N PRO A 311 57.23 -32.50 -9.29
CA PRO A 311 55.94 -31.91 -8.89
C PRO A 311 55.62 -30.62 -9.62
N HIS A 312 56.63 -29.92 -10.15
CA HIS A 312 56.38 -28.65 -10.83
C HIS A 312 55.70 -28.82 -12.18
N SER A 313 55.57 -30.05 -12.67
CA SER A 313 54.90 -30.31 -13.95
C SER A 313 53.39 -30.44 -13.81
N CYS A 314 52.85 -30.37 -12.59
CA CYS A 314 51.42 -30.49 -12.36
C CYS A 314 51.02 -29.50 -11.26
N LYS A 315 49.80 -29.64 -10.78
CA LYS A 315 49.25 -28.77 -9.74
C LYS A 315 48.82 -29.61 -8.54
N VAL A 316 49.09 -29.09 -7.35
CA VAL A 316 48.71 -29.77 -6.12
C VAL A 316 47.27 -29.39 -5.78
N LYS A 317 46.44 -30.39 -5.49
CA LYS A 317 45.03 -30.16 -5.19
C LYS A 317 44.72 -30.54 -3.74
N ILE A 318 43.76 -29.83 -3.16
CA ILE A 318 43.40 -30.00 -1.76
C ILE A 318 41.90 -30.31 -1.66
N VAL A 319 41.55 -31.30 -0.85
CA VAL A 319 40.17 -31.68 -0.60
C VAL A 319 39.96 -31.76 0.91
N PRO A 320 39.05 -30.98 1.48
CA PRO A 320 38.80 -31.07 2.93
C PRO A 320 37.84 -32.19 3.26
N LEU A 321 38.32 -33.21 3.97
CA LEU A 321 37.49 -34.32 4.41
C LEU A 321 36.94 -34.08 5.83
N ASP A 322 36.36 -32.89 6.02
CA ASP A 322 35.81 -32.53 7.32
C ASP A 322 34.66 -31.56 7.12
N GLY A 323 33.81 -31.46 8.13
CA GLY A 323 32.69 -30.55 8.07
C GLY A 323 31.72 -30.80 9.21
N ASN A 324 30.69 -29.96 9.27
CA ASN A 324 29.67 -30.08 10.28
C ASN A 324 28.78 -31.28 10.01
N LYS A 325 28.19 -31.81 11.08
CA LYS A 325 27.22 -32.89 10.93
C LYS A 325 25.92 -32.39 10.30
N LEU A 326 25.47 -31.20 10.70
CA LEU A 326 24.23 -30.65 10.15
C LEU A 326 24.38 -30.35 8.67
N PHE A 327 25.54 -29.83 8.25
CA PHE A 327 25.77 -29.58 6.83
C PHE A 327 25.76 -30.88 6.05
N ASN A 328 26.35 -31.94 6.60
CA ASN A 328 26.32 -33.24 5.94
C ASN A 328 24.90 -33.75 5.80
N ILE A 329 24.09 -33.58 6.85
CA ILE A 329 22.69 -34.01 6.79
C ILE A 329 21.95 -33.24 5.71
N ALA A 330 22.16 -31.92 5.65
CA ALA A 330 21.51 -31.11 4.62
C ALA A 330 21.94 -31.54 3.22
N GLN A 331 23.23 -31.85 3.06
CA GLN A 331 23.72 -32.31 1.76
C GLN A 331 23.07 -33.63 1.37
N ARG A 332 22.94 -34.56 2.32
CA ARG A 332 22.28 -35.82 2.02
C ARG A 332 20.82 -35.61 1.64
N ILE A 333 20.12 -34.74 2.37
CA ILE A 333 18.72 -34.47 2.05
C ILE A 333 18.59 -33.86 0.67
N LEU A 334 19.49 -32.94 0.32
CA LEU A 334 19.48 -32.35 -1.02
C LEU A 334 19.75 -33.41 -2.09
N ASP A 335 20.68 -34.33 -1.81
CA ASP A 335 20.97 -35.40 -2.76
C ASP A 335 19.77 -36.33 -2.93
N THR A 336 18.94 -36.46 -1.89
CA THR A 336 17.71 -37.23 -2.03
C THR A 336 16.78 -36.63 -3.08
N ASN A 337 16.90 -35.34 -3.36
CA ASN A 337 16.13 -34.64 -4.40
C ASN A 337 14.64 -34.69 -4.09
N SER A 338 14.29 -34.15 -2.91
CA SER A 338 12.91 -34.08 -2.47
C SER A 338 12.38 -32.65 -2.34
N VAL A 339 13.25 -31.64 -2.39
CA VAL A 339 12.85 -30.25 -2.27
C VAL A 339 13.41 -29.48 -3.45
N LEU A 340 12.56 -28.67 -4.08
CA LEU A 340 12.95 -27.94 -5.28
C LEU A 340 12.46 -26.50 -5.19
N LEU A 341 13.08 -25.63 -5.98
CA LEU A 341 12.74 -24.22 -6.03
C LEU A 341 12.09 -23.90 -7.36
N THR A 342 10.98 -23.17 -7.33
CA THR A 342 10.23 -22.80 -8.51
C THR A 342 10.67 -21.42 -9.01
N GLU A 343 10.31 -21.12 -10.26
CA GLU A 343 10.68 -19.85 -10.87
C GLU A 343 9.94 -18.67 -10.27
N ARG A 344 8.91 -18.89 -9.46
CA ARG A 344 8.17 -17.81 -8.83
C ARG A 344 8.61 -17.58 -7.39
N GLY A 345 9.69 -18.21 -6.95
CA GLY A 345 10.18 -18.02 -5.60
C GLY A 345 9.55 -18.89 -4.55
N ASP A 346 8.96 -20.01 -4.93
CA ASP A 346 8.31 -20.92 -3.99
C ASP A 346 9.05 -22.24 -3.93
N HIS A 347 8.97 -22.90 -2.77
CA HIS A 347 9.62 -24.18 -2.55
C HIS A 347 8.57 -25.29 -2.57
N ILE A 348 8.89 -26.37 -3.28
CA ILE A 348 8.02 -27.53 -3.40
C ILE A 348 8.71 -28.71 -2.71
N VAL A 349 7.96 -29.42 -1.87
CA VAL A 349 8.48 -30.58 -1.16
C VAL A 349 7.70 -31.81 -1.61
N TRP A 350 8.32 -32.97 -1.42
CA TRP A 350 7.74 -34.25 -1.83
C TRP A 350 7.49 -35.08 -0.57
N ILE A 351 6.23 -35.20 -0.19
CA ILE A 351 5.84 -35.95 1.00
C ILE A 351 4.50 -36.64 0.74
N ASN A 352 4.33 -37.79 1.37
CA ASN A 352 3.10 -38.59 1.23
C ASN A 352 2.80 -38.87 -0.24
N ASN A 353 3.86 -39.15 -1.00
CA ASN A 353 3.75 -39.42 -2.44
C ASN A 353 3.06 -38.28 -3.18
N SER A 354 3.34 -37.04 -2.77
CA SER A 354 2.71 -35.89 -3.39
C SER A 354 3.63 -34.69 -3.30
N TRP A 355 3.54 -33.81 -4.30
CA TRP A 355 4.26 -32.55 -4.31
C TRP A 355 3.37 -31.47 -3.71
N LYS A 356 3.89 -30.78 -2.69
CA LYS A 356 3.14 -29.74 -2.01
C LYS A 356 4.00 -28.49 -1.85
N PHE A 357 3.37 -27.33 -2.02
CA PHE A 357 4.02 -26.04 -1.84
C PHE A 357 3.08 -25.13 -1.07
N ASN A 358 3.66 -24.26 -0.24
CA ASN A 358 2.90 -23.29 0.51
C ASN A 358 3.83 -22.21 1.02
N SER A 359 3.26 -21.08 1.43
CA SER A 359 4.02 -19.94 1.90
C SER A 359 3.82 -19.66 3.39
N GLU A 360 3.05 -20.48 4.10
CA GLU A 360 2.81 -20.24 5.51
C GLU A 360 3.38 -21.33 6.40
N GLU A 361 2.98 -22.59 6.21
CA GLU A 361 3.58 -23.52 7.17
C GLU A 361 4.95 -23.98 6.68
N PRO A 362 5.86 -24.33 7.60
CA PRO A 362 7.22 -24.76 7.19
C PRO A 362 7.26 -26.22 6.75
N LEU A 363 6.95 -26.45 5.47
CA LEU A 363 6.95 -27.81 4.93
C LEU A 363 8.34 -28.41 4.94
N ILE A 364 9.39 -27.58 4.91
CA ILE A 364 10.76 -28.10 4.91
C ILE A 364 11.06 -28.83 6.21
N THR A 365 10.65 -28.25 7.34
CA THR A 365 10.87 -28.92 8.63
C THR A 365 10.06 -30.22 8.71
N LYS A 366 8.85 -30.22 8.17
CA LYS A 366 8.05 -31.44 8.14
C LYS A 366 8.76 -32.52 7.34
N LEU A 367 9.31 -32.16 6.18
CA LEU A 367 10.04 -33.13 5.37
C LEU A 367 11.28 -33.64 6.10
N ILE A 368 12.00 -32.74 6.77
CA ILE A 368 13.19 -33.15 7.50
C ILE A 368 12.84 -34.13 8.60
N LEU A 369 11.77 -33.86 9.36
CA LEU A 369 11.35 -34.79 10.39
C LEU A 369 10.84 -36.10 9.79
N SER A 370 10.25 -36.06 8.60
CA SER A 370 9.67 -37.27 8.02
C SER A 370 10.74 -38.21 7.48
N ILE A 371 11.78 -37.68 6.83
CA ILE A 371 12.73 -38.54 6.13
C ILE A 371 13.88 -38.94 7.05
N ARG A 372 13.72 -38.71 8.36
CA ARG A 372 14.79 -39.01 9.30
C ARG A 372 15.09 -40.49 9.42
N HIS A 373 14.20 -41.36 8.94
CA HIS A 373 14.45 -42.80 9.05
C HIS A 373 15.46 -43.29 8.02
N GLN A 374 15.50 -42.67 6.84
CA GLN A 374 16.45 -43.10 5.81
C GLN A 374 17.88 -42.71 6.14
N LEU A 375 18.09 -41.75 7.04
CA LEU A 375 19.43 -41.33 7.40
C LEU A 375 20.12 -42.41 8.23
N PRO A 376 21.45 -42.40 8.29
CA PRO A 376 22.17 -43.35 9.15
C PRO A 376 21.74 -43.22 10.60
N LYS A 377 22.14 -44.22 11.39
CA LYS A 377 21.65 -44.32 12.76
C LYS A 377 22.19 -43.18 13.63
N GLU A 378 23.37 -42.66 13.33
CA GLU A 378 23.96 -41.59 14.12
C GLU A 378 23.43 -40.22 13.76
N TYR A 379 22.62 -40.10 12.71
CA TYR A 379 22.04 -38.83 12.31
C TYR A 379 20.57 -38.68 12.70
N SER A 380 19.86 -39.77 12.94
CA SER A 380 18.43 -39.69 13.23
C SER A 380 18.17 -38.95 14.55
N SER A 381 18.99 -39.24 15.57
CA SER A 381 18.77 -38.63 16.88
C SER A 381 19.00 -37.13 16.88
N GLU A 382 19.74 -36.60 15.91
CA GLU A 382 20.02 -35.17 15.88
C GLU A 382 18.86 -34.36 15.34
N LEU A 383 17.88 -35.00 14.70
CA LEU A 383 16.77 -34.30 14.08
C LEU A 383 15.56 -34.17 15.00
N LEU A 384 15.67 -34.62 16.25
CA LEU A 384 14.57 -34.53 17.20
C LEU A 384 14.49 -33.19 17.90
N CYS A 385 15.44 -32.29 17.65
CA CYS A 385 15.45 -30.98 18.26
C CYS A 385 15.07 -29.92 17.24
N PRO A 386 14.11 -29.05 17.56
CA PRO A 386 13.66 -28.05 16.57
C PRO A 386 14.75 -27.11 16.08
N ARG A 387 15.69 -26.72 16.95
CA ARG A 387 16.74 -25.79 16.53
C ARG A 387 17.65 -26.41 15.47
N LYS A 388 18.01 -27.68 15.64
CA LYS A 388 18.79 -28.36 14.61
C LYS A 388 18.02 -28.45 13.31
N ARG A 389 16.71 -28.67 13.40
CA ARG A 389 15.87 -28.69 12.20
C ARG A 389 15.88 -27.35 11.50
N LYS A 390 15.82 -26.25 12.26
CA LYS A 390 15.88 -24.92 11.66
C LYS A 390 17.22 -24.67 10.99
N THR A 391 18.31 -25.09 11.64
CA THR A 391 19.63 -24.91 11.03
C THR A 391 19.76 -25.69 9.73
N VAL A 392 19.25 -26.93 9.72
CA VAL A 392 19.28 -27.74 8.50
C VAL A 392 18.45 -27.08 7.40
N GLU A 393 17.29 -26.54 7.77
CA GLU A 393 16.45 -25.84 6.79
C GLU A 393 17.18 -24.63 6.22
N ALA A 394 17.88 -23.88 7.07
CA ALA A 394 18.64 -22.72 6.59
C ALA A 394 19.74 -23.16 5.62
N ASN A 395 20.44 -24.25 5.95
CA ASN A 395 21.47 -24.75 5.04
C ASN A 395 20.87 -25.17 3.71
N ILE A 396 19.72 -25.85 3.74
CA ILE A 396 19.08 -26.29 2.51
C ILE A 396 18.67 -25.08 1.67
N ARG A 397 18.09 -24.07 2.31
CA ARG A 397 17.68 -22.87 1.57
C ARG A 397 18.89 -22.17 0.96
N ASP A 398 20.01 -22.15 1.67
CA ASP A 398 21.22 -21.54 1.12
C ASP A 398 21.78 -22.35 -0.04
N MET A 399 21.60 -23.68 -0.02
CA MET A 399 22.20 -24.52 -1.04
C MET A 399 21.39 -24.60 -2.33
N LEU A 400 20.21 -24.00 -2.38
CA LEU A 400 19.35 -24.05 -3.56
C LEU A 400 19.50 -22.75 -4.33
N VAL A 401 19.94 -22.84 -5.59
CA VAL A 401 20.18 -21.67 -6.41
C VAL A 401 19.34 -21.66 -7.68
N ASP A 402 19.44 -22.69 -8.52
CA ASP A 402 18.74 -22.75 -9.79
C ASP A 402 17.28 -23.11 -9.59
N SER A 403 16.48 -22.84 -10.62
CA SER A 403 15.05 -23.11 -10.61
C SER A 403 14.70 -24.16 -11.65
N VAL A 404 13.50 -24.74 -11.49
CA VAL A 404 13.00 -25.77 -12.38
C VAL A 404 11.56 -25.45 -12.75
N GLU A 405 11.20 -25.74 -13.99
CA GLU A 405 9.84 -25.54 -14.48
C GLU A 405 8.96 -26.71 -14.08
N THR A 406 7.70 -26.40 -13.77
CA THR A 406 6.75 -27.38 -13.29
C THR A 406 5.58 -27.51 -14.26
N ASP A 407 4.91 -28.66 -14.20
CA ASP A 407 3.72 -28.95 -14.99
C ASP A 407 4.01 -28.85 -16.49
N THR A 408 4.89 -29.71 -16.96
CA THR A 408 5.25 -29.78 -18.36
C THR A 408 4.53 -30.88 -19.13
N TYR A 409 3.81 -31.76 -18.42
CA TYR A 409 3.09 -32.85 -19.06
C TYR A 409 1.61 -32.55 -19.06
N PRO A 410 0.99 -32.31 -20.22
CA PRO A 410 -0.45 -31.96 -20.23
C PRO A 410 -1.38 -33.16 -20.17
N ASP A 411 -0.89 -34.38 -20.41
CA ASP A 411 -1.74 -35.56 -20.48
C ASP A 411 -1.60 -36.45 -19.26
N LYS A 412 -1.42 -35.85 -18.08
CA LYS A 412 -1.28 -36.60 -16.83
C LYS A 412 -2.27 -36.05 -15.81
N LEU A 413 -2.99 -36.95 -15.13
CA LEU A 413 -3.95 -36.54 -14.11
C LEU A 413 -3.39 -36.87 -12.74
N PRO A 414 -3.12 -35.88 -11.89
CA PRO A 414 -2.48 -36.13 -10.61
C PRO A 414 -3.47 -36.62 -9.55
N PHE A 415 -2.93 -37.40 -8.61
CA PHE A 415 -3.66 -37.88 -7.45
C PHE A 415 -2.71 -37.82 -6.26
N LYS A 416 -3.09 -38.47 -5.16
CA LYS A 416 -2.15 -38.61 -4.05
C LYS A 416 -1.35 -39.91 -4.15
N ASN A 417 -2.01 -41.02 -4.48
CA ASN A 417 -1.34 -42.31 -4.59
C ASN A 417 -0.70 -42.53 -5.95
N GLY A 418 -0.49 -41.47 -6.71
CA GLY A 418 0.19 -41.60 -7.99
C GLY A 418 -0.40 -40.65 -9.02
N VAL A 419 0.00 -40.88 -10.27
CA VAL A 419 -0.43 -40.08 -11.40
C VAL A 419 -0.98 -41.02 -12.47
N LEU A 420 -2.18 -40.70 -12.96
CA LEU A 420 -2.82 -41.49 -14.00
C LEU A 420 -2.41 -40.98 -15.37
N ASP A 421 -2.09 -41.89 -16.28
CA ASP A 421 -1.72 -41.53 -17.64
C ASP A 421 -2.92 -41.70 -18.56
N LEU A 422 -3.21 -40.66 -19.35
CA LEU A 422 -4.37 -40.66 -20.23
C LEU A 422 -4.09 -41.27 -21.59
N VAL A 423 -2.85 -41.68 -21.87
CA VAL A 423 -2.50 -42.23 -23.18
C VAL A 423 -2.75 -43.73 -23.19
N ASP A 424 -2.05 -44.47 -22.33
CA ASP A 424 -2.21 -45.91 -22.26
C ASP A 424 -3.36 -46.33 -21.35
N GLY A 425 -3.37 -45.83 -20.11
CA GLY A 425 -4.47 -46.10 -19.22
C GLY A 425 -4.06 -46.68 -17.89
N MET A 426 -2.78 -47.00 -17.73
CA MET A 426 -2.28 -47.54 -16.46
C MET A 426 -1.94 -46.41 -15.50
N PHE A 427 -1.84 -46.76 -14.22
CA PHE A 427 -1.74 -45.78 -13.14
C PHE A 427 -0.39 -45.93 -12.44
N TYR A 428 0.43 -44.89 -12.52
CA TYR A 428 1.69 -44.85 -11.80
C TYR A 428 1.45 -44.62 -10.32
N SER A 429 2.45 -44.94 -9.51
CA SER A 429 2.35 -44.77 -8.07
C SER A 429 3.74 -44.65 -7.46
N GLY A 430 3.82 -43.96 -6.32
CA GLY A 430 5.06 -43.89 -5.59
C GLY A 430 6.14 -43.12 -6.32
N ASP A 431 7.37 -43.65 -6.25
CA ASP A 431 8.53 -42.99 -6.83
C ASP A 431 8.34 -42.71 -8.32
N ASP A 432 7.64 -43.59 -9.03
CA ASP A 432 7.42 -43.39 -10.46
C ASP A 432 6.64 -42.12 -10.78
N ALA A 433 5.95 -41.55 -9.81
CA ALA A 433 5.22 -40.30 -10.00
C ALA A 433 6.07 -39.07 -9.73
N LYS A 434 7.33 -39.24 -9.33
CA LYS A 434 8.18 -38.09 -9.04
C LYS A 434 8.64 -37.39 -10.32
N LYS A 435 8.71 -38.12 -11.44
CA LYS A 435 9.21 -37.54 -12.67
C LYS A 435 8.33 -36.38 -13.14
N TYR A 436 7.02 -36.54 -13.06
CA TYR A 436 6.08 -35.50 -13.49
C TYR A 436 5.86 -34.55 -12.32
N THR A 437 6.42 -33.35 -12.42
CA THR A 437 6.31 -32.35 -11.36
C THR A 437 4.91 -31.73 -11.41
N CYS A 438 3.97 -32.44 -10.79
CA CYS A 438 2.59 -31.99 -10.69
C CYS A 438 2.35 -31.39 -9.31
N THR A 439 1.99 -30.10 -9.27
CA THR A 439 1.79 -29.38 -8.02
C THR A 439 0.32 -29.29 -7.63
N VAL A 440 -0.56 -30.02 -8.31
CA VAL A 440 -1.98 -30.03 -8.01
C VAL A 440 -2.42 -31.46 -7.76
N SER A 441 -3.62 -31.61 -7.19
CA SER A 441 -4.16 -32.91 -6.87
C SER A 441 -5.67 -32.88 -7.02
N THR A 442 -6.27 -34.06 -7.14
CA THR A 442 -7.71 -34.18 -7.27
C THR A 442 -8.43 -34.21 -5.93
N GLY A 443 -7.70 -34.17 -4.82
CA GLY A 443 -8.33 -34.06 -3.52
C GLY A 443 -8.92 -35.34 -2.96
N PHE A 444 -8.68 -36.48 -3.58
CA PHE A 444 -9.19 -37.74 -3.05
C PHE A 444 -8.24 -38.87 -3.44
N LYS A 445 -8.32 -39.95 -2.67
CA LYS A 445 -7.52 -41.13 -2.95
C LYS A 445 -8.06 -41.85 -4.19
N PHE A 446 -7.16 -42.43 -4.96
CA PHE A 446 -7.54 -43.19 -6.16
C PHE A 446 -7.62 -44.67 -5.81
N ASP A 447 -8.76 -45.29 -6.10
CA ASP A 447 -9.00 -46.70 -5.81
C ASP A 447 -9.40 -47.40 -7.10
N ASP A 448 -8.68 -48.48 -7.43
CA ASP A 448 -8.93 -49.21 -8.67
C ASP A 448 -10.10 -50.18 -8.58
N THR A 449 -10.55 -50.51 -7.37
CA THR A 449 -11.67 -51.44 -7.22
C THR A 449 -12.95 -50.83 -7.79
N LYS A 450 -13.20 -49.55 -7.50
CA LYS A 450 -14.39 -48.88 -7.98
C LYS A 450 -14.22 -48.27 -9.38
N PHE A 451 -13.00 -48.24 -9.90
CA PHE A 451 -12.74 -47.71 -11.24
C PHE A 451 -12.94 -48.82 -12.27
N VAL A 452 -14.21 -49.21 -12.43
CA VAL A 452 -14.57 -50.32 -13.30
C VAL A 452 -15.69 -49.87 -14.24
N GLU A 453 -15.85 -50.63 -15.33
CA GLU A 453 -16.87 -50.31 -16.31
C GLU A 453 -18.24 -50.81 -15.88
N ASP A 454 -18.37 -52.11 -15.63
CA ASP A 454 -19.65 -52.71 -15.26
C ASP A 454 -19.86 -52.51 -13.76
N SER A 455 -20.59 -51.45 -13.42
CA SER A 455 -20.90 -51.12 -12.03
C SER A 455 -22.38 -50.81 -11.89
N PRO A 456 -22.96 -51.06 -10.71
CA PRO A 456 -24.37 -50.67 -10.50
C PRO A 456 -24.61 -49.18 -10.69
N GLU A 457 -23.67 -48.34 -10.27
CA GLU A 457 -23.81 -46.90 -10.48
C GLU A 457 -23.59 -46.49 -11.93
N MET A 458 -22.92 -47.33 -12.72
CA MET A 458 -22.70 -47.01 -14.13
C MET A 458 -24.01 -46.88 -14.88
N GLU A 459 -24.92 -47.83 -14.69
CA GLU A 459 -26.21 -47.76 -15.38
C GLU A 459 -27.04 -46.58 -14.89
N GLU A 460 -27.00 -46.28 -13.59
CA GLU A 460 -27.72 -45.12 -13.08
C GLU A 460 -27.20 -43.83 -13.71
N LEU A 461 -25.87 -43.67 -13.80
CA LEU A 461 -25.32 -42.47 -14.41
C LEU A 461 -25.60 -42.41 -15.90
N MET A 462 -25.58 -43.56 -16.59
CA MET A 462 -25.94 -43.56 -18.01
C MET A 462 -27.38 -43.12 -18.21
N ASN A 463 -28.29 -43.61 -17.37
CA ASN A 463 -29.69 -43.19 -17.46
C ASN A 463 -29.83 -41.70 -17.18
N ILE A 464 -29.13 -41.20 -16.16
CA ILE A 464 -29.21 -39.78 -15.81
C ILE A 464 -28.70 -38.92 -16.96
N ILE A 465 -27.57 -39.31 -17.56
CA ILE A 465 -27.00 -38.54 -18.66
C ILE A 465 -27.92 -38.58 -19.87
N ASN A 466 -28.47 -39.76 -20.19
CA ASN A 466 -29.35 -39.87 -21.34
C ASN A 466 -30.67 -39.14 -21.13
N ASP A 467 -31.07 -38.92 -19.87
CA ASP A 467 -32.32 -38.20 -19.62
C ASP A 467 -32.19 -36.73 -20.03
N ILE A 468 -31.12 -36.06 -19.61
CA ILE A 468 -30.96 -34.65 -19.93
C ILE A 468 -30.64 -34.46 -21.41
N GLN A 469 -29.73 -35.29 -21.94
CA GLN A 469 -29.36 -35.22 -23.35
C GLN A 469 -29.73 -36.53 -24.04
N PRO A 470 -30.89 -36.61 -24.68
CA PRO A 470 -31.26 -37.84 -25.40
C PRO A 470 -30.37 -38.04 -26.63
N LEU A 471 -30.25 -39.31 -27.02
CA LEU A 471 -29.47 -39.68 -28.20
C LEU A 471 -30.36 -39.60 -29.44
N THR A 472 -30.71 -38.37 -29.80
CA THR A 472 -31.56 -38.10 -30.95
C THR A 472 -30.76 -37.37 -32.03
N ASP A 473 -31.31 -37.38 -33.24
CA ASP A 473 -30.65 -36.72 -34.36
C ASP A 473 -30.52 -35.22 -34.12
N GLU A 474 -31.60 -34.58 -33.66
CA GLU A 474 -31.55 -33.15 -33.36
C GLU A 474 -30.62 -32.82 -32.21
N ASN A 475 -30.28 -33.79 -31.37
CA ASN A 475 -29.30 -33.61 -30.32
C ASN A 475 -27.90 -34.06 -30.74
N LYS A 476 -27.78 -34.61 -31.96
CA LYS A 476 -26.52 -35.25 -32.37
C LYS A 476 -25.37 -34.26 -32.35
N LYS A 477 -25.58 -33.04 -32.85
CA LYS A 477 -24.54 -32.03 -32.87
C LYS A 477 -24.46 -31.24 -31.57
N ASN A 478 -25.35 -31.52 -30.61
CA ASN A 478 -25.30 -30.87 -29.30
C ASN A 478 -24.73 -31.78 -28.22
N ARG A 479 -25.20 -33.03 -28.15
CA ARG A 479 -24.65 -33.98 -27.18
C ARG A 479 -23.16 -34.18 -27.39
N GLU A 480 -22.70 -34.15 -28.65
CA GLU A 480 -21.28 -34.24 -28.92
C GLU A 480 -20.51 -33.11 -28.27
N LEU A 481 -21.11 -31.92 -28.18
CA LEU A 481 -20.46 -30.81 -27.49
C LEU A 481 -20.45 -31.01 -25.98
N TYR A 482 -21.38 -31.81 -25.46
CA TYR A 482 -21.41 -32.08 -24.03
C TYR A 482 -20.17 -32.85 -23.59
N GLU A 483 -19.73 -33.81 -24.40
CA GLU A 483 -18.59 -34.64 -24.02
C GLU A 483 -17.27 -33.93 -24.27
N LYS A 484 -17.07 -33.44 -25.50
CA LYS A 484 -15.77 -32.89 -25.89
C LYS A 484 -15.35 -31.77 -24.96
N THR A 485 -16.28 -30.90 -24.57
CA THR A 485 -15.95 -29.86 -23.61
C THR A 485 -15.55 -30.46 -22.26
N LEU A 486 -16.37 -31.37 -21.72
CA LEU A 486 -16.06 -31.96 -20.42
C LEU A 486 -14.76 -32.73 -20.47
N SER A 487 -14.56 -33.54 -21.51
CA SER A 487 -13.30 -34.25 -21.67
C SER A 487 -12.11 -33.30 -21.78
N SER A 488 -12.35 -32.08 -22.26
CA SER A 488 -11.29 -31.09 -22.34
C SER A 488 -10.80 -30.63 -20.97
N CYS A 489 -11.58 -30.88 -19.91
CA CYS A 489 -11.14 -30.49 -18.57
C CYS A 489 -9.96 -31.32 -18.08
N LEU A 490 -9.76 -32.52 -18.64
CA LEU A 490 -8.65 -33.35 -18.20
C LEU A 490 -7.32 -32.86 -18.77
N CYS A 491 -7.34 -32.33 -19.99
CA CYS A 491 -6.11 -31.87 -20.62
C CYS A 491 -5.56 -30.65 -19.88
N GLY A 492 -4.25 -30.62 -19.70
CA GLY A 492 -3.57 -29.55 -19.01
C GLY A 492 -3.06 -28.42 -19.88
N ALA A 493 -3.42 -28.40 -21.16
CA ALA A 493 -2.96 -27.34 -22.06
C ALA A 493 -3.82 -26.10 -21.86
N THR A 494 -3.68 -25.13 -22.78
CA THR A 494 -4.44 -23.89 -22.73
C THR A 494 -5.46 -23.90 -23.88
N LYS A 495 -6.71 -23.59 -23.54
CA LYS A 495 -7.80 -23.61 -24.50
C LYS A 495 -8.09 -22.20 -25.00
N GLY A 496 -8.48 -22.11 -26.27
CA GLY A 496 -8.76 -20.82 -26.89
C GLY A 496 -10.23 -20.49 -27.03
N CYS A 497 -11.09 -21.22 -26.32
CA CYS A 497 -12.52 -20.99 -26.38
C CYS A 497 -13.12 -21.09 -24.99
N LEU A 498 -14.28 -20.45 -24.82
CA LEU A 498 -15.02 -20.46 -23.57
C LEU A 498 -16.36 -21.14 -23.77
N THR A 499 -16.84 -21.79 -22.70
CA THR A 499 -18.08 -22.55 -22.74
C THR A 499 -19.15 -21.83 -21.94
N PHE A 500 -20.33 -21.71 -22.52
CA PHE A 500 -21.48 -21.07 -21.87
C PHE A 500 -22.59 -22.09 -21.69
N PHE A 501 -23.04 -22.26 -20.46
CA PHE A 501 -24.22 -23.08 -20.16
C PHE A 501 -25.43 -22.16 -20.13
N PHE A 502 -26.19 -22.14 -21.21
CA PHE A 502 -27.38 -21.31 -21.35
C PHE A 502 -28.62 -22.19 -21.36
N GLY A 503 -29.60 -21.82 -20.54
CA GLY A 503 -30.84 -22.58 -20.48
C GLY A 503 -31.77 -21.95 -19.46
N GLU A 504 -32.95 -22.57 -19.34
CA GLU A 504 -33.95 -22.10 -18.41
C GLU A 504 -33.71 -22.72 -17.03
N THR A 505 -34.55 -22.34 -16.06
CA THR A 505 -34.40 -22.81 -14.70
C THR A 505 -34.84 -24.25 -14.56
N ALA A 506 -34.27 -24.93 -13.56
CA ALA A 506 -34.60 -26.32 -13.23
C ALA A 506 -34.45 -27.23 -14.46
N THR A 507 -33.27 -27.19 -15.05
CA THR A 507 -32.97 -27.98 -16.25
C THR A 507 -31.81 -28.94 -16.08
N GLY A 508 -30.98 -28.77 -15.06
CA GLY A 508 -29.91 -29.73 -14.81
C GLY A 508 -28.51 -29.19 -15.00
N LYS A 509 -28.37 -27.87 -15.01
CA LYS A 509 -27.04 -27.28 -15.19
C LYS A 509 -26.18 -27.45 -13.93
N SER A 510 -26.78 -27.25 -12.75
CA SER A 510 -26.01 -27.38 -11.51
C SER A 510 -25.65 -28.83 -11.22
N THR A 511 -26.45 -29.79 -11.72
CA THR A 511 -26.12 -31.20 -11.52
C THR A 511 -24.81 -31.56 -12.20
N THR A 512 -24.60 -31.08 -13.43
CA THR A 512 -23.34 -31.33 -14.11
C THR A 512 -22.18 -30.68 -13.39
N LYS A 513 -22.37 -29.47 -12.87
CA LYS A 513 -21.32 -28.79 -12.11
C LYS A 513 -20.94 -29.58 -10.87
N ARG A 514 -21.94 -30.08 -10.14
CA ARG A 514 -21.63 -30.83 -8.92
C ARG A 514 -21.01 -32.19 -9.25
N LEU A 515 -21.43 -32.80 -10.37
CA LEU A 515 -20.79 -34.04 -10.80
C LEU A 515 -19.32 -33.82 -11.12
N LEU A 516 -19.01 -32.75 -11.85
CA LEU A 516 -17.62 -32.42 -12.15
C LEU A 516 -16.83 -32.12 -10.89
N LYS A 517 -17.44 -31.39 -9.95
CA LYS A 517 -16.78 -31.10 -8.69
C LYS A 517 -16.43 -32.38 -7.95
N SER A 518 -17.41 -33.27 -7.76
CA SER A 518 -17.15 -34.52 -7.06
C SER A 518 -16.16 -35.39 -7.82
N ALA A 519 -16.11 -35.25 -9.15
CA ALA A 519 -15.20 -36.08 -9.94
C ALA A 519 -13.75 -35.62 -9.81
N ILE A 520 -13.50 -34.31 -9.86
CA ILE A 520 -12.14 -33.81 -10.01
C ILE A 520 -11.65 -33.00 -8.83
N GLY A 521 -12.42 -32.86 -7.75
CA GLY A 521 -11.88 -32.27 -6.53
C GLY A 521 -11.42 -30.84 -6.72
N ASP A 522 -10.24 -30.54 -6.17
CA ASP A 522 -9.72 -29.17 -6.16
C ASP A 522 -9.22 -28.72 -7.53
N LEU A 523 -9.15 -29.60 -8.52
CA LEU A 523 -8.83 -29.17 -9.87
C LEU A 523 -9.86 -28.19 -10.41
N PHE A 524 -11.06 -28.15 -9.84
CA PHE A 524 -12.06 -27.15 -10.17
C PHE A 524 -12.35 -26.32 -8.92
N VAL A 525 -12.30 -25.00 -9.06
CA VAL A 525 -12.64 -24.07 -7.99
C VAL A 525 -13.60 -23.04 -8.54
N GLU A 526 -14.31 -22.38 -7.62
CA GLU A 526 -15.28 -21.34 -7.96
C GLU A 526 -14.71 -19.99 -7.56
N THR A 527 -14.75 -19.03 -8.49
CA THR A 527 -14.19 -17.71 -8.27
C THR A 527 -15.27 -16.66 -8.52
N GLY A 528 -14.96 -15.42 -8.14
CA GLY A 528 -15.92 -14.34 -8.25
C GLY A 528 -16.16 -13.90 -9.68
N GLN A 529 -17.24 -13.16 -9.86
CA GLN A 529 -17.64 -12.64 -11.15
C GLN A 529 -16.80 -11.44 -11.60
N THR A 530 -16.11 -10.78 -10.67
CA THR A 530 -15.42 -9.53 -11.00
C THR A 530 -14.41 -9.71 -12.12
N ILE A 531 -13.77 -10.88 -12.21
CA ILE A 531 -12.77 -11.14 -13.24
C ILE A 531 -13.34 -11.00 -14.65
N LEU A 532 -14.66 -10.89 -14.79
CA LEU A 532 -15.28 -10.67 -16.09
C LEU A 532 -15.98 -9.32 -16.21
N THR A 533 -16.12 -8.57 -15.12
CA THR A 533 -16.86 -7.32 -15.15
C THR A 533 -15.96 -6.08 -15.23
N ASP A 534 -15.04 -5.94 -14.28
CA ASP A 534 -14.18 -4.76 -14.21
C ASP A 534 -12.77 -5.10 -14.65
N VAL A 535 -11.95 -4.06 -14.75
CA VAL A 535 -10.55 -4.23 -15.16
C VAL A 535 -9.78 -4.95 -14.07
N LEU A 536 -9.07 -6.01 -14.45
CA LEU A 536 -8.29 -6.78 -13.48
C LEU A 536 -7.13 -5.99 -12.90
N ASP A 537 -6.66 -4.95 -13.60
CA ASP A 537 -5.57 -4.14 -13.09
C ASP A 537 -6.04 -3.04 -12.14
N LYS A 538 -7.35 -2.84 -12.00
CA LYS A 538 -7.91 -1.83 -11.12
C LYS A 538 -8.24 -2.47 -9.78
N GLY A 539 -7.43 -2.19 -8.77
CA GLY A 539 -7.64 -2.70 -7.44
C GLY A 539 -7.09 -4.11 -7.28
N PRO A 540 -7.08 -4.61 -6.04
CA PRO A 540 -6.59 -5.97 -5.80
C PRO A 540 -7.61 -7.00 -6.24
N ASN A 541 -7.11 -8.08 -6.86
CA ASN A 541 -7.94 -9.20 -7.31
C ASN A 541 -7.33 -10.51 -6.87
N PRO A 542 -7.48 -10.88 -5.59
CA PRO A 542 -7.06 -12.22 -5.16
C PRO A 542 -7.80 -13.35 -5.85
N PHE A 543 -8.96 -13.06 -6.45
CA PHE A 543 -9.74 -14.10 -7.11
C PHE A 543 -8.96 -14.72 -8.27
N ILE A 544 -8.15 -13.92 -8.96
CA ILE A 544 -7.37 -14.45 -10.08
C ILE A 544 -6.32 -15.43 -9.58
N ALA A 545 -5.70 -15.15 -8.43
CA ALA A 545 -4.64 -16.00 -7.92
C ALA A 545 -5.12 -17.42 -7.62
N ASN A 546 -6.39 -17.57 -7.23
CA ASN A 546 -6.94 -18.90 -6.97
C ASN A 546 -7.11 -19.73 -8.24
N MET A 547 -7.05 -19.11 -9.41
CA MET A 547 -7.20 -19.79 -10.69
C MET A 547 -5.89 -20.44 -11.14
N HIS A 548 -4.76 -20.04 -10.55
CA HIS A 548 -3.45 -20.55 -10.92
C HIS A 548 -3.41 -22.07 -10.93
N LEU A 549 -3.08 -22.64 -12.09
CA LEU A 549 -2.92 -24.09 -12.26
C LEU A 549 -4.19 -24.85 -11.86
N LYS A 550 -5.30 -24.45 -12.45
CA LYS A 550 -6.57 -25.13 -12.28
C LYS A 550 -7.09 -25.58 -13.63
N ARG A 551 -7.65 -26.80 -13.67
CA ARG A 551 -8.12 -27.35 -14.94
C ARG A 551 -9.42 -26.73 -15.39
N SER A 552 -10.25 -26.26 -14.46
CA SER A 552 -11.52 -25.63 -14.83
C SER A 552 -12.00 -24.76 -13.67
N VAL A 553 -12.68 -23.67 -14.00
CA VAL A 553 -13.32 -22.81 -13.01
C VAL A 553 -14.72 -22.48 -13.51
N PHE A 554 -15.60 -22.10 -12.57
CA PHE A 554 -16.98 -21.80 -12.88
C PHE A 554 -17.34 -20.42 -12.34
N CYS A 555 -17.91 -19.59 -13.22
CA CYS A 555 -18.54 -18.33 -12.83
C CYS A 555 -19.99 -18.38 -13.26
N SER A 556 -20.90 -18.25 -12.30
CA SER A 556 -22.30 -18.54 -12.54
C SER A 556 -23.16 -17.31 -12.30
N GLU A 557 -24.39 -17.39 -12.82
CA GLU A 557 -25.46 -16.44 -12.51
C GLU A 557 -25.09 -15.01 -12.95
N LEU A 558 -24.90 -14.86 -14.25
CA LEU A 558 -24.65 -13.54 -14.83
C LEU A 558 -25.91 -12.68 -14.72
N PRO A 559 -25.79 -11.44 -14.23
CA PRO A 559 -26.98 -10.59 -14.15
C PRO A 559 -27.51 -10.20 -15.52
N ASP A 560 -28.81 -9.96 -15.58
CA ASP A 560 -29.44 -9.58 -16.83
C ASP A 560 -28.96 -8.21 -17.28
N PHE A 561 -28.73 -8.07 -18.59
CA PHE A 561 -28.26 -6.82 -19.16
C PHE A 561 -29.40 -5.88 -19.58
N ALA A 562 -30.65 -6.33 -19.45
CA ALA A 562 -31.78 -5.48 -19.84
C ALA A 562 -31.87 -4.25 -18.94
N CYS A 563 -31.65 -4.43 -17.64
CA CYS A 563 -31.73 -3.31 -16.71
C CYS A 563 -30.60 -2.32 -16.96
N SER A 564 -30.93 -1.04 -16.88
CA SER A 564 -29.95 0.02 -17.09
C SER A 564 -28.96 0.06 -15.93
N GLY A 565 -27.71 0.40 -16.26
CA GLY A 565 -26.65 0.50 -15.27
C GLY A 565 -25.87 -0.78 -15.01
N SER A 566 -26.29 -1.89 -15.59
CA SER A 566 -25.56 -3.14 -15.41
C SER A 566 -24.23 -3.10 -16.15
N LYS A 567 -23.19 -3.63 -15.51
CA LYS A 567 -21.86 -3.68 -16.09
C LYS A 567 -21.74 -4.92 -16.96
N LYS A 568 -21.84 -4.74 -18.27
CA LYS A 568 -21.79 -5.87 -19.20
C LYS A 568 -20.37 -6.40 -19.33
N ILE A 569 -20.28 -7.64 -19.81
CA ILE A 569 -18.98 -8.25 -20.06
C ILE A 569 -18.32 -7.57 -21.25
N ARG A 570 -17.05 -7.19 -21.09
CA ARG A 570 -16.33 -6.52 -22.16
C ARG A 570 -16.11 -7.48 -23.32
N SER A 571 -16.35 -6.99 -24.54
CA SER A 571 -16.11 -7.80 -25.73
C SER A 571 -14.63 -8.11 -25.94
N ASP A 572 -13.74 -7.25 -25.45
CA ASP A 572 -12.32 -7.47 -25.57
C ASP A 572 -11.74 -8.24 -24.38
N ASN A 573 -12.53 -8.47 -23.33
CA ASN A 573 -12.02 -9.19 -22.17
C ASN A 573 -11.93 -10.69 -22.43
N ILE A 574 -12.82 -11.24 -23.26
CA ILE A 574 -12.78 -12.67 -23.54
C ILE A 574 -11.51 -13.03 -24.29
N LYS A 575 -11.05 -12.15 -25.18
CA LYS A 575 -9.79 -12.38 -25.88
C LYS A 575 -8.59 -12.34 -24.94
N LYS A 576 -8.72 -11.67 -23.81
CA LYS A 576 -7.65 -11.62 -22.82
C LYS A 576 -7.62 -12.83 -21.90
N LEU A 577 -8.67 -13.66 -21.92
CA LEU A 577 -8.70 -14.87 -21.11
C LEU A 577 -8.15 -16.09 -21.84
N THR A 578 -7.88 -15.98 -23.14
CA THR A 578 -7.32 -17.08 -23.91
C THR A 578 -5.80 -17.02 -23.98
N GLU A 579 -5.18 -16.03 -23.34
CA GLU A 579 -3.74 -15.92 -23.35
C GLU A 579 -3.11 -17.03 -22.49
N PRO A 580 -1.91 -17.49 -22.84
CA PRO A 580 -1.28 -18.57 -22.07
C PRO A 580 -1.06 -18.22 -20.60
N CYS A 581 -0.75 -16.97 -20.28
CA CYS A 581 -0.49 -16.56 -18.92
C CYS A 581 -1.24 -15.27 -18.62
N VAL A 582 -1.87 -15.21 -17.45
CA VAL A 582 -2.64 -14.05 -17.02
C VAL A 582 -1.87 -13.32 -15.93
N ILE A 583 -1.76 -12.01 -16.06
CA ILE A 583 -1.00 -11.20 -15.12
C ILE A 583 -1.93 -10.71 -14.03
N GLY A 584 -1.62 -11.07 -12.78
CA GLY A 584 -2.38 -10.62 -11.64
C GLY A 584 -1.48 -10.38 -10.44
N ARG A 585 -1.63 -9.24 -9.77
CA ARG A 585 -0.72 -8.87 -8.69
C ARG A 585 -1.44 -8.95 -7.35
N PRO A 586 -1.23 -10.00 -6.56
CA PRO A 586 -1.75 -10.00 -5.19
C PRO A 586 -1.02 -8.98 -4.33
N CYS A 587 -1.74 -8.47 -3.33
CA CYS A 587 -1.14 -7.50 -2.41
C CYS A 587 0.00 -8.12 -1.63
N PHE A 588 -0.17 -9.35 -1.17
CA PHE A 588 0.86 -10.04 -0.38
C PHE A 588 1.81 -10.84 -1.27
N SER A 589 1.26 -11.76 -2.07
CA SER A 589 2.10 -12.59 -2.93
C SER A 589 2.72 -11.77 -4.04
N ASN A 590 3.99 -12.01 -4.30
CA ASN A 590 4.73 -11.34 -5.37
C ASN A 590 5.01 -12.26 -6.55
N LYS A 591 4.34 -13.41 -6.62
CA LYS A 591 4.55 -14.34 -7.73
C LYS A 591 4.04 -13.75 -9.04
N ILE A 592 2.94 -12.99 -9.00
CA ILE A 592 2.41 -12.27 -10.15
C ILE A 592 2.00 -13.21 -11.27
N ASN A 593 2.95 -13.99 -11.79
CA ASN A 593 2.69 -14.87 -12.92
C ASN A 593 1.64 -15.92 -12.57
N ASN A 594 0.66 -16.10 -13.45
CA ASN A 594 -0.41 -17.06 -13.27
C ASN A 594 -0.59 -17.85 -14.56
N ARG A 595 -0.23 -19.13 -14.53
CA ARG A 595 -0.42 -19.99 -15.68
C ARG A 595 -1.91 -20.25 -15.93
N ASN A 596 -2.30 -20.25 -17.20
CA ASN A 596 -3.69 -20.45 -17.59
C ASN A 596 -3.82 -21.84 -18.20
N HIS A 597 -4.45 -22.75 -17.46
CA HIS A 597 -4.71 -24.11 -17.91
C HIS A 597 -6.17 -24.50 -17.73
N ALA A 598 -7.06 -23.52 -17.59
CA ALA A 598 -8.45 -23.76 -17.21
C ALA A 598 -9.36 -23.68 -18.43
N THR A 599 -10.26 -24.65 -18.54
CA THR A 599 -11.35 -24.61 -19.51
C THR A 599 -12.51 -23.89 -18.85
N ILE A 600 -12.66 -22.59 -19.13
CA ILE A 600 -13.65 -21.78 -18.43
C ILE A 600 -15.05 -22.18 -18.88
N ILE A 601 -15.92 -22.45 -17.92
CA ILE A 601 -17.33 -22.71 -18.17
C ILE A 601 -18.14 -21.76 -17.32
N ILE A 602 -19.01 -20.98 -17.95
CA ILE A 602 -19.80 -19.96 -17.27
C ILE A 602 -21.28 -20.29 -17.46
N ASP A 603 -22.02 -20.32 -16.36
CA ASP A 603 -23.45 -20.62 -16.39
C ASP A 603 -24.24 -19.32 -16.40
N THR A 604 -25.30 -19.29 -17.21
CA THR A 604 -26.16 -18.12 -17.29
C THR A 604 -27.59 -18.58 -17.56
N ASN A 605 -28.55 -17.75 -17.14
CA ASN A 605 -29.96 -18.04 -17.33
C ASN A 605 -30.54 -17.39 -18.57
N TYR A 606 -29.73 -16.64 -19.33
CA TYR A 606 -30.21 -15.98 -20.53
C TYR A 606 -29.06 -15.87 -21.52
N LYS A 607 -29.41 -15.77 -22.80
CA LYS A 607 -28.40 -15.69 -23.84
C LYS A 607 -27.83 -14.27 -23.89
N PRO A 608 -26.53 -14.09 -23.68
CA PRO A 608 -25.95 -12.74 -23.70
C PRO A 608 -25.72 -12.26 -25.13
N VAL A 609 -25.58 -10.94 -25.26
CA VAL A 609 -25.25 -10.29 -26.51
C VAL A 609 -24.16 -9.27 -26.25
N PHE A 610 -23.41 -8.96 -27.31
CA PHE A 610 -22.29 -8.04 -27.23
C PHE A 610 -22.53 -6.84 -28.14
N ASP A 611 -22.28 -5.64 -27.62
CA ASP A 611 -22.43 -4.43 -28.42
C ASP A 611 -21.39 -4.34 -29.51
N ARG A 612 -20.17 -4.78 -29.24
CA ARG A 612 -19.08 -4.74 -30.20
C ARG A 612 -18.71 -6.16 -30.61
N ILE A 613 -18.57 -6.37 -31.93
CA ILE A 613 -18.18 -7.65 -32.48
C ILE A 613 -17.06 -7.44 -33.50
N ASP A 614 -16.42 -8.53 -33.86
CA ASP A 614 -15.33 -8.53 -34.82
C ASP A 614 -15.63 -9.53 -35.94
N ASN A 615 -14.97 -9.32 -37.08
CA ASN A 615 -15.10 -10.25 -38.20
C ASN A 615 -14.50 -11.62 -37.92
N ALA A 616 -13.71 -11.75 -36.85
CA ALA A 616 -13.18 -13.04 -36.42
C ALA A 616 -13.52 -13.35 -34.97
N LEU A 617 -14.51 -12.67 -34.39
CA LEU A 617 -14.85 -12.90 -33.00
C LEU A 617 -15.58 -14.23 -32.80
N MET A 618 -16.33 -14.69 -33.80
CA MET A 618 -17.09 -15.92 -33.65
C MET A 618 -16.21 -17.16 -33.74
N ARG A 619 -14.89 -17.03 -33.70
CA ARG A 619 -13.98 -18.17 -33.77
C ARG A 619 -13.58 -18.69 -32.39
N ARG A 620 -14.12 -18.10 -31.32
CA ARG A 620 -13.81 -18.51 -29.95
C ARG A 620 -15.08 -18.53 -29.10
N ILE A 621 -16.15 -19.09 -29.65
CA ILE A 621 -17.45 -19.15 -28.97
C ILE A 621 -17.88 -20.61 -28.88
N ALA A 622 -18.37 -21.02 -27.72
CA ALA A 622 -18.92 -22.35 -27.51
C ALA A 622 -20.05 -22.26 -26.51
N VAL A 623 -21.26 -22.64 -26.94
CA VAL A 623 -22.46 -22.56 -26.12
C VAL A 623 -23.12 -23.93 -26.08
N VAL A 624 -23.46 -24.39 -24.88
CA VAL A 624 -24.13 -25.68 -24.68
C VAL A 624 -25.56 -25.42 -24.25
N ARG A 625 -26.50 -26.12 -24.88
CA ARG A 625 -27.92 -25.93 -24.63
C ARG A 625 -28.48 -27.07 -23.80
N PHE A 626 -29.36 -26.74 -22.87
CA PHE A 626 -30.08 -27.72 -22.06
C PHE A 626 -31.58 -27.57 -22.33
N ARG A 627 -32.24 -28.69 -22.60
CA ARG A 627 -33.66 -28.64 -22.96
C ARG A 627 -34.50 -29.67 -22.22
N THR A 628 -34.04 -30.22 -21.10
CA THR A 628 -34.80 -31.17 -20.30
C THR A 628 -35.17 -30.52 -18.98
N HIS A 629 -36.47 -30.53 -18.66
CA HIS A 629 -36.99 -29.87 -17.47
C HIS A 629 -37.43 -30.90 -16.45
N PHE A 630 -37.07 -30.66 -15.19
CA PHE A 630 -37.45 -31.51 -14.07
C PHE A 630 -38.30 -30.68 -13.12
N SER A 631 -39.60 -30.98 -13.07
CA SER A 631 -40.55 -30.20 -12.29
C SER A 631 -41.22 -31.07 -11.24
N GLN A 632 -42.00 -30.42 -10.39
CA GLN A 632 -42.76 -31.11 -9.36
C GLN A 632 -43.86 -31.96 -10.01
N PRO A 633 -44.29 -33.03 -9.33
CA PRO A 633 -45.35 -33.87 -9.91
C PRO A 633 -46.66 -33.14 -10.15
N SER A 634 -46.92 -32.05 -9.43
CA SER A 634 -48.15 -31.29 -9.63
C SER A 634 -48.06 -30.32 -10.82
N GLY A 635 -46.85 -29.94 -11.21
CA GLY A 635 -46.69 -28.96 -12.27
C GLY A 635 -46.38 -29.56 -13.63
N ARG A 636 -46.66 -30.85 -13.81
CA ARG A 636 -46.37 -31.51 -15.08
C ARG A 636 -47.21 -30.90 -16.21
N GLU A 637 -48.48 -30.63 -15.95
CA GLU A 637 -49.34 -30.04 -16.98
C GLU A 637 -48.88 -28.65 -17.35
N ALA A 638 -48.48 -27.84 -16.37
CA ALA A 638 -47.98 -26.51 -16.67
C ALA A 638 -46.69 -26.56 -17.47
N ALA A 639 -45.80 -27.50 -17.14
CA ALA A 639 -44.55 -27.65 -17.88
C ALA A 639 -44.81 -28.09 -19.31
N GLU A 640 -45.79 -28.99 -19.51
CA GLU A 640 -46.09 -29.49 -20.85
C GLU A 640 -46.56 -28.39 -21.79
N ASN A 641 -47.14 -27.32 -21.26
CA ASN A 641 -47.69 -26.25 -22.10
C ASN A 641 -46.61 -25.37 -22.72
N ASN A 642 -45.36 -25.49 -22.30
CA ASN A 642 -44.29 -24.65 -22.80
C ASN A 642 -43.53 -25.38 -23.91
N ASP A 643 -43.35 -24.70 -25.04
CA ASP A 643 -42.61 -25.26 -26.17
C ASP A 643 -41.10 -25.07 -26.05
N ALA A 644 -40.64 -24.25 -25.11
CA ALA A 644 -39.20 -24.09 -24.89
C ALA A 644 -38.57 -25.34 -24.31
N TYR A 645 -39.36 -26.26 -23.76
CA TYR A 645 -38.87 -27.52 -23.23
C TYR A 645 -39.28 -28.64 -24.18
N ASP A 646 -38.31 -29.50 -24.53
CA ASP A 646 -38.62 -30.63 -25.40
C ASP A 646 -39.16 -31.82 -24.62
N LYS A 647 -38.49 -32.20 -23.54
CA LYS A 647 -38.88 -33.32 -22.71
C LYS A 647 -39.05 -32.87 -21.26
N VAL A 648 -39.98 -33.52 -20.55
CA VAL A 648 -40.24 -33.25 -19.14
C VAL A 648 -40.09 -34.55 -18.37
N LYS A 649 -39.33 -34.52 -17.28
CA LYS A 649 -39.08 -35.69 -16.47
C LYS A 649 -39.43 -35.40 -15.02
N LEU A 650 -39.85 -36.44 -14.30
CA LEU A 650 -40.29 -36.28 -12.93
C LEU A 650 -39.09 -36.04 -12.01
N LEU A 651 -39.30 -35.16 -11.02
CA LEU A 651 -38.22 -34.71 -10.15
C LEU A 651 -37.71 -35.85 -9.27
N ASP A 652 -36.39 -35.90 -9.09
CA ASP A 652 -35.75 -36.87 -8.22
C ASP A 652 -35.69 -36.31 -6.80
N GLU A 653 -36.16 -37.10 -5.83
CA GLU A 653 -36.29 -36.60 -4.47
C GLU A 653 -34.93 -36.45 -3.80
N GLY A 654 -34.07 -37.45 -3.91
CA GLY A 654 -32.83 -37.46 -3.14
C GLY A 654 -31.56 -37.62 -3.94
N LEU A 655 -31.51 -37.05 -5.14
CA LEU A 655 -30.28 -37.10 -5.93
C LEU A 655 -29.20 -36.19 -5.33
N ASP A 656 -29.61 -35.09 -4.72
CA ASP A 656 -28.64 -34.14 -4.18
C ASP A 656 -27.80 -34.76 -3.07
N GLY A 657 -28.44 -35.53 -2.19
CA GLY A 657 -27.70 -36.22 -1.14
C GLY A 657 -26.73 -37.24 -1.69
N LYS A 658 -27.15 -37.95 -2.76
CA LYS A 658 -26.26 -38.91 -3.40
C LYS A 658 -25.03 -38.21 -4.00
N ILE A 659 -25.25 -37.05 -4.63
CA ILE A 659 -24.12 -36.29 -5.17
C ILE A 659 -23.22 -35.81 -4.05
N GLN A 660 -23.81 -35.37 -2.93
CA GLN A 660 -23.02 -34.87 -1.81
C GLN A 660 -22.13 -35.95 -1.22
N ASN A 661 -22.58 -37.21 -1.28
CA ASN A 661 -21.81 -38.31 -0.71
C ASN A 661 -20.73 -38.81 -1.66
N ASN A 662 -20.61 -38.25 -2.86
CA ASN A 662 -19.58 -38.63 -3.83
C ASN A 662 -19.66 -40.11 -4.19
N ARG A 663 -20.89 -40.61 -4.35
CA ARG A 663 -21.06 -42.00 -4.76
C ARG A 663 -20.89 -42.19 -6.27
N TYR A 664 -20.87 -41.11 -7.03
CA TYR A 664 -20.72 -41.18 -8.48
C TYR A 664 -19.38 -40.61 -8.95
N ARG A 665 -18.37 -40.59 -8.08
CA ARG A 665 -17.11 -39.93 -8.43
C ARG A 665 -16.31 -40.76 -9.43
N PHE A 666 -15.95 -41.99 -9.05
CA PHE A 666 -15.13 -42.83 -9.92
C PHE A 666 -15.87 -43.24 -11.19
N ALA A 667 -17.18 -43.47 -11.11
CA ALA A 667 -17.94 -43.79 -12.30
C ALA A 667 -17.94 -42.63 -13.29
N PHE A 668 -18.10 -41.41 -12.79
CA PHE A 668 -18.03 -40.23 -13.67
C PHE A 668 -16.62 -40.05 -14.23
N LEU A 669 -15.60 -40.33 -13.42
CA LEU A 669 -14.23 -40.26 -13.91
C LEU A 669 -13.98 -41.25 -15.03
N TYR A 670 -14.57 -42.45 -14.93
CA TYR A 670 -14.45 -43.43 -16.00
C TYR A 670 -15.06 -42.90 -17.30
N LEU A 671 -16.23 -42.28 -17.21
CA LEU A 671 -16.84 -41.68 -18.40
C LEU A 671 -15.96 -40.57 -18.97
N LEU A 672 -15.39 -39.75 -18.11
CA LEU A 672 -14.50 -38.68 -18.57
C LEU A 672 -13.29 -39.25 -19.30
N VAL A 673 -12.70 -40.30 -18.75
CA VAL A 673 -11.53 -40.92 -19.38
C VAL A 673 -11.91 -41.51 -20.73
N LYS A 674 -13.06 -42.18 -20.80
CA LYS A 674 -13.50 -42.75 -22.09
C LYS A 674 -13.76 -41.66 -23.12
N TRP A 675 -14.37 -40.55 -22.69
CA TRP A 675 -14.64 -39.45 -23.61
C TRP A 675 -13.34 -38.82 -24.10
N TYR A 676 -12.36 -38.66 -23.21
CA TYR A 676 -11.05 -38.16 -23.62
C TYR A 676 -10.39 -39.11 -24.62
N LYS A 677 -10.49 -40.41 -24.36
CA LYS A 677 -9.92 -41.40 -25.28
C LYS A 677 -10.59 -41.34 -26.65
N LYS A 678 -11.90 -41.12 -26.68
CA LYS A 678 -12.62 -41.13 -27.94
C LYS A 678 -12.23 -39.96 -28.84
N TYR A 679 -11.92 -38.80 -28.28
CA TYR A 679 -11.78 -37.57 -29.05
C TYR A 679 -10.33 -37.12 -29.24
N HIS A 680 -9.58 -36.94 -28.16
CA HIS A 680 -8.42 -36.06 -28.19
C HIS A 680 -7.09 -36.77 -28.38
N ILE A 681 -6.98 -38.06 -28.06
CA ILE A 681 -5.68 -38.74 -28.13
C ILE A 681 -5.10 -38.81 -29.55
N PRO A 682 -5.88 -38.70 -30.65
CA PRO A 682 -5.21 -38.53 -31.95
C PRO A 682 -4.32 -37.29 -32.00
N ILE A 683 -4.89 -36.13 -31.70
CA ILE A 683 -4.15 -34.88 -31.73
C ILE A 683 -4.91 -33.83 -30.92
N MET A 684 -4.17 -32.96 -30.23
CA MET A 684 -4.76 -31.91 -29.41
C MET A 684 -5.11 -30.69 -30.26
N LYS A 685 -6.41 -30.46 -30.43
CA LYS A 685 -6.89 -29.31 -31.20
C LYS A 685 -8.38 -29.05 -30.97
N LEU A 686 -8.72 -27.81 -30.60
CA LEU A 686 -10.11 -27.40 -30.54
C LEU A 686 -10.50 -26.71 -31.84
N TYR A 687 -11.79 -26.46 -32.03
CA TYR A 687 -12.22 -25.89 -33.31
C TYR A 687 -13.13 -24.67 -33.11
N PRO A 688 -13.09 -23.71 -34.04
CA PRO A 688 -13.91 -22.51 -33.91
C PRO A 688 -15.37 -22.73 -34.31
N THR A 689 -16.20 -23.15 -33.36
CA THR A 689 -17.63 -23.31 -33.64
C THR A 689 -18.19 -21.98 -34.14
N PRO A 690 -18.90 -21.99 -35.28
CA PRO A 690 -19.26 -20.72 -35.93
C PRO A 690 -20.70 -20.30 -35.72
N GLU A 691 -21.55 -20.54 -36.72
CA GLU A 691 -22.90 -19.99 -36.77
C GLU A 691 -23.76 -20.41 -35.59
N GLU A 692 -24.31 -19.42 -34.88
CA GLU A 692 -25.28 -19.66 -33.82
C GLU A 692 -26.02 -18.35 -33.54
N ILE A 693 -27.33 -18.45 -33.31
CA ILE A 693 -28.23 -17.33 -33.04
C ILE A 693 -28.32 -16.43 -34.27
N PRO A 694 -29.49 -15.91 -34.62
CA PRO A 694 -29.59 -15.08 -35.83
C PRO A 694 -28.72 -13.83 -35.80
N ASP A 695 -28.55 -13.17 -34.66
CA ASP A 695 -27.82 -11.91 -34.64
C ASP A 695 -26.34 -12.11 -34.90
N PHE A 696 -25.75 -13.17 -34.34
CA PHE A 696 -24.33 -13.41 -34.55
C PHE A 696 -24.05 -13.91 -35.95
N ALA A 697 -24.96 -14.71 -36.51
CA ALA A 697 -24.82 -15.24 -37.85
C ALA A 697 -25.32 -14.29 -38.93
N PHE A 698 -25.86 -13.13 -38.55
CA PHE A 698 -26.34 -12.17 -39.54
C PHE A 698 -25.21 -11.67 -40.44
N TYR A 699 -24.05 -11.40 -39.84
CA TYR A 699 -22.93 -10.85 -40.62
C TYR A 699 -22.24 -11.89 -41.48
N LEU A 700 -22.34 -13.17 -41.11
CA LEU A 700 -21.60 -14.22 -41.82
C LEU A 700 -22.04 -14.32 -43.27
N LYS A 701 -23.34 -14.28 -43.54
CA LYS A 701 -23.81 -14.49 -44.91
C LYS A 701 -23.76 -13.19 -45.71
N ILE A 702 -23.84 -12.03 -45.05
CA ILE A 702 -23.66 -10.79 -45.79
C ILE A 702 -22.19 -10.58 -46.13
N GLY A 703 -21.29 -11.22 -45.39
CA GLY A 703 -19.89 -11.19 -45.78
C GLY A 703 -19.64 -11.89 -47.11
N THR A 704 -20.38 -12.96 -47.39
CA THR A 704 -20.25 -13.70 -48.63
C THR A 704 -21.31 -13.33 -49.66
N LEU A 705 -22.21 -12.40 -49.33
CA LEU A 705 -23.25 -12.01 -50.28
C LEU A 705 -22.67 -11.38 -51.53
N LEU A 706 -21.68 -10.50 -51.37
CA LEU A 706 -21.08 -9.79 -52.49
C LEU A 706 -19.57 -10.00 -52.48
N VAL A 707 -18.97 -9.84 -53.66
CA VAL A 707 -17.54 -10.00 -53.85
C VAL A 707 -17.00 -8.76 -54.57
N SER A 708 -15.71 -8.53 -54.39
CA SER A 708 -15.05 -7.40 -55.04
C SER A 708 -15.01 -7.60 -56.55
N SER A 709 -15.12 -6.49 -57.30
CA SER A 709 -15.09 -6.55 -58.74
C SER A 709 -13.67 -6.49 -59.26
N SER A 710 -13.47 -7.01 -60.47
CA SER A 710 -12.16 -7.05 -61.12
C SER A 710 -12.36 -6.75 -62.60
N VAL A 711 -11.32 -7.03 -63.39
CA VAL A 711 -11.39 -6.82 -64.84
C VAL A 711 -12.42 -7.70 -65.53
N LYS A 712 -12.89 -8.76 -64.85
CA LYS A 712 -13.89 -9.63 -65.44
C LYS A 712 -15.23 -8.94 -65.63
N HIS A 713 -15.47 -7.84 -64.91
CA HIS A 713 -16.71 -7.08 -65.06
C HIS A 713 -16.64 -6.03 -66.17
N ILE A 714 -15.46 -5.83 -66.77
CA ILE A 714 -15.36 -4.94 -67.93
C ILE A 714 -16.23 -5.43 -69.09
N PRO A 715 -16.24 -6.71 -69.45
CA PRO A 715 -17.19 -7.17 -70.49
C PRO A 715 -18.65 -6.99 -70.10
N LEU A 716 -18.94 -6.78 -68.82
CA LEU A 716 -20.30 -6.52 -68.34
C LEU A 716 -20.71 -5.07 -68.52
N MET A 717 -20.05 -4.34 -69.42
CA MET A 717 -20.39 -2.95 -69.69
C MET A 717 -21.81 -2.78 -70.20
N THR A 718 -22.25 -3.66 -71.11
CA THR A 718 -23.46 -3.43 -71.90
C THR A 718 -24.64 -3.01 -71.04
N ASP A 719 -25.04 -3.87 -70.09
CA ASP A 719 -26.22 -3.56 -69.28
C ASP A 719 -26.04 -2.25 -68.51
N LEU A 720 -24.84 -2.02 -67.96
CA LEU A 720 -24.61 -0.76 -67.27
C LEU A 720 -24.71 0.42 -68.23
N SER A 721 -24.22 0.25 -69.46
CA SER A 721 -24.37 1.29 -70.46
C SER A 721 -25.83 1.51 -70.81
N LYS A 722 -26.67 0.48 -70.59
CA LYS A 722 -28.10 0.64 -70.78
C LYS A 722 -28.75 1.44 -69.66
N LYS A 723 -28.09 1.55 -68.51
CA LYS A 723 -28.62 2.32 -67.39
C LYS A 723 -28.26 3.79 -67.46
N GLY A 724 -27.45 4.20 -68.44
CA GLY A 724 -27.02 5.57 -68.57
C GLY A 724 -25.77 5.93 -67.79
N TYR A 725 -25.23 5.00 -67.01
CA TYR A 725 -24.02 5.27 -66.25
C TYR A 725 -22.80 5.31 -67.17
N ILE A 726 -21.77 6.01 -66.71
CA ILE A 726 -20.52 6.16 -67.44
C ILE A 726 -19.40 5.54 -66.61
N LEU A 727 -18.62 4.66 -67.23
CA LEU A 727 -17.51 4.01 -66.55
C LEU A 727 -16.35 5.00 -66.43
N TYR A 728 -16.09 5.46 -65.21
CA TYR A 728 -15.01 6.40 -64.94
C TYR A 728 -13.94 5.70 -64.11
N ASP A 729 -12.72 5.68 -64.61
CA ASP A 729 -11.58 5.04 -63.95
C ASP A 729 -11.86 3.57 -63.64
N ASN A 730 -12.58 2.90 -64.54
CA ASN A 730 -12.95 1.49 -64.39
C ASN A 730 -13.67 1.24 -63.06
N VAL A 731 -14.54 2.19 -62.68
CA VAL A 731 -15.31 2.11 -61.45
C VAL A 731 -16.78 2.16 -61.80
N VAL A 732 -17.53 1.17 -61.31
CA VAL A 732 -18.97 1.12 -61.54
C VAL A 732 -19.66 2.08 -60.57
N THR A 733 -20.48 2.98 -61.11
CA THR A 733 -21.13 4.01 -60.32
C THR A 733 -22.37 3.42 -59.65
N LEU A 734 -22.29 3.21 -58.33
CA LEU A 734 -23.44 2.74 -57.56
C LEU A 734 -23.96 3.87 -56.69
N PRO A 735 -25.14 4.42 -56.99
CA PRO A 735 -25.69 5.49 -56.15
C PRO A 735 -25.94 5.00 -54.73
N LEU A 736 -25.73 5.90 -53.76
CA LEU A 736 -25.98 5.55 -52.37
C LEU A 736 -27.46 5.28 -52.12
N THR A 737 -28.34 6.06 -52.74
CA THR A 737 -29.77 5.85 -52.58
C THR A 737 -30.20 4.48 -53.10
N THR A 738 -29.64 4.07 -54.24
CA THR A 738 -29.94 2.74 -54.76
C THR A 738 -29.44 1.66 -53.82
N PHE A 739 -28.26 1.86 -53.21
CA PHE A 739 -27.75 0.92 -52.23
C PHE A 739 -28.70 0.80 -51.03
N GLN A 740 -29.16 1.94 -50.51
CA GLN A 740 -30.12 1.90 -49.41
C GLN A 740 -31.41 1.20 -49.82
N GLN A 741 -31.89 1.45 -51.04
CA GLN A 741 -33.11 0.80 -51.51
C GLN A 741 -32.94 -0.71 -51.55
N LYS A 742 -31.83 -1.19 -52.12
CA LYS A 742 -31.67 -2.63 -52.28
C LYS A 742 -31.42 -3.31 -50.94
N ILE A 743 -30.72 -2.66 -50.02
CA ILE A 743 -30.51 -3.27 -48.71
C ILE A 743 -31.80 -3.25 -47.89
N SER A 744 -32.63 -2.22 -48.08
CA SER A 744 -33.90 -2.15 -47.36
C SER A 744 -34.96 -3.09 -47.95
N LYS A 745 -34.80 -3.49 -49.22
CA LYS A 745 -35.72 -4.46 -49.80
C LYS A 745 -35.70 -5.78 -49.03
N TYR A 746 -34.53 -6.19 -48.54
CA TYR A 746 -34.39 -7.46 -47.83
C TYR A 746 -34.49 -7.31 -46.33
N PHE A 747 -33.80 -6.32 -45.76
CA PHE A 747 -33.65 -6.18 -44.32
C PHE A 747 -34.10 -4.82 -43.86
N ASN A 748 -34.50 -4.74 -42.58
CA ASN A 748 -34.89 -3.47 -41.99
C ASN A 748 -33.68 -2.55 -41.88
N SER A 749 -33.88 -1.27 -42.15
CA SER A 749 -32.80 -0.29 -42.11
C SER A 749 -32.70 0.45 -40.78
N ARG A 750 -33.82 0.61 -40.06
CA ARG A 750 -33.78 1.31 -38.78
C ARG A 750 -32.96 0.55 -37.75
N LEU A 751 -33.12 -0.78 -37.69
CA LEU A 751 -32.37 -1.59 -36.75
C LEU A 751 -30.96 -1.87 -37.22
N PHE A 752 -30.69 -1.71 -38.53
CA PHE A 752 -29.38 -1.98 -39.10
C PHE A 752 -28.64 -0.72 -39.51
N GLY A 753 -28.91 0.41 -38.86
CA GLY A 753 -28.24 1.65 -39.24
C GLY A 753 -26.83 1.75 -38.70
N HIS A 754 -26.63 1.38 -37.43
CA HIS A 754 -25.33 1.59 -36.78
C HIS A 754 -24.24 0.73 -37.39
N ASP A 755 -24.50 -0.56 -37.56
CA ASP A 755 -23.49 -1.44 -38.15
C ASP A 755 -23.21 -1.06 -39.60
N ILE A 756 -24.24 -0.67 -40.35
CA ILE A 756 -24.04 -0.28 -41.74
C ILE A 756 -23.19 0.99 -41.84
N GLU A 757 -23.48 1.99 -41.00
CA GLU A 757 -22.70 3.22 -41.06
C GLU A 757 -21.26 2.97 -40.60
N SER A 758 -21.08 2.10 -39.60
CA SER A 758 -19.72 1.73 -39.20
C SER A 758 -18.99 1.02 -40.32
N PHE A 759 -19.68 0.13 -41.05
CA PHE A 759 -19.06 -0.55 -42.18
C PHE A 759 -18.65 0.43 -43.27
N ILE A 760 -19.51 1.39 -43.59
CA ILE A 760 -19.24 2.29 -44.70
C ILE A 760 -18.30 3.43 -44.34
N ASN A 761 -18.14 3.74 -43.04
CA ASN A 761 -17.27 4.85 -42.65
C ASN A 761 -15.81 4.60 -42.98
N ARG A 762 -15.41 3.34 -43.15
CA ARG A 762 -14.01 3.04 -43.44
C ARG A 762 -13.59 3.60 -44.79
N HIS A 763 -14.45 3.47 -45.80
CA HIS A 763 -14.15 3.92 -47.16
C HIS A 763 -15.02 5.07 -47.63
N LYS A 764 -15.75 5.72 -46.72
CA LYS A 764 -16.61 6.83 -47.11
C LYS A 764 -15.77 8.08 -47.39
N LYS A 765 -16.07 8.73 -48.51
CA LYS A 765 -15.40 9.98 -48.87
C LYS A 765 -16.33 10.80 -49.75
N PHE A 766 -16.09 12.10 -49.79
CA PHE A 766 -16.90 13.03 -50.58
C PHE A 766 -16.18 13.29 -51.89
N ALA A 767 -16.34 12.38 -52.85
CA ALA A 767 -15.77 12.57 -54.18
C ALA A 767 -16.46 13.68 -54.95
N ASN A 768 -17.74 13.94 -54.70
CA ASN A 768 -18.47 15.00 -55.37
C ASN A 768 -19.28 15.75 -54.32
N VAL A 769 -19.78 16.93 -54.71
CA VAL A 769 -20.54 17.75 -53.78
C VAL A 769 -21.85 17.07 -53.40
N SER A 770 -22.46 16.35 -54.34
CA SER A 770 -23.72 15.67 -54.08
C SER A 770 -23.78 14.23 -54.58
N ASP A 771 -22.78 13.76 -55.34
CA ASP A 771 -22.79 12.41 -55.89
C ASP A 771 -21.81 11.55 -55.11
N GLU A 772 -22.28 10.40 -54.63
CA GLU A 772 -21.47 9.45 -53.88
C GLU A 772 -21.65 8.07 -54.51
N TYR A 773 -20.59 7.57 -55.15
CA TYR A 773 -20.61 6.26 -55.78
C TYR A 773 -19.85 5.25 -54.92
N LEU A 774 -20.40 4.05 -54.82
CA LEU A 774 -19.81 2.99 -54.02
C LEU A 774 -19.19 1.93 -54.93
N GLN A 775 -17.99 1.50 -54.59
CA GLN A 775 -17.26 0.51 -55.39
C GLN A 775 -17.61 -0.91 -54.99
N TYR A 776 -18.92 -1.22 -54.96
CA TYR A 776 -19.40 -2.56 -54.67
C TYR A 776 -20.58 -2.85 -55.57
N ILE A 777 -20.54 -3.99 -56.25
CA ILE A 777 -21.54 -4.37 -57.24
C ILE A 777 -22.30 -5.58 -56.70
N PHE A 778 -23.61 -5.45 -56.58
CA PHE A 778 -24.43 -6.54 -56.09
C PHE A 778 -24.57 -7.63 -57.15
N ILE A 779 -24.58 -8.89 -56.69
CA ILE A 779 -24.74 -10.01 -57.62
C ILE A 779 -26.12 -9.99 -58.25
N GLU A 780 -27.15 -9.57 -57.52
CA GLU A 780 -28.51 -9.55 -58.06
C GLU A 780 -28.67 -8.53 -59.18
N ASP A 781 -27.82 -7.50 -59.22
CA ASP A 781 -27.89 -6.50 -60.27
C ASP A 781 -27.21 -6.95 -61.56
N ILE A 782 -26.41 -8.02 -61.50
CA ILE A 782 -25.69 -8.52 -62.68
C ILE A 782 -26.08 -9.93 -63.06
N SER A 783 -26.82 -10.65 -62.22
CA SER A 783 -27.23 -12.02 -62.48
C SER A 783 -28.66 -12.02 -62.99
N SER A 784 -28.87 -12.54 -64.20
CA SER A 784 -30.21 -12.59 -64.76
C SER A 784 -31.07 -13.59 -63.99
N PRO A 785 -32.36 -13.30 -63.81
CA PRO A 785 -33.27 -14.20 -63.09
C PRO A 785 -33.62 -15.46 -63.90
N LEU B 321 17.58 -47.02 25.34
CA LEU B 321 17.77 -46.08 24.25
C LEU B 321 16.66 -45.03 24.23
N ASP B 322 16.50 -44.33 25.34
CA ASP B 322 15.49 -43.29 25.45
C ASP B 322 16.07 -41.98 24.93
N GLY B 323 15.46 -41.45 23.86
CA GLY B 323 15.96 -40.24 23.23
C GLY B 323 15.45 -38.97 23.88
N ASN B 324 14.96 -38.05 23.06
CA ASN B 324 14.48 -36.76 23.57
C ASN B 324 13.21 -36.94 24.38
N LYS B 325 13.17 -36.33 25.56
CA LYS B 325 11.99 -36.44 26.42
C LYS B 325 10.83 -35.59 25.89
N LEU B 326 11.13 -34.38 25.41
CA LEU B 326 10.07 -33.53 24.87
C LEU B 326 9.44 -34.14 23.63
N PHE B 327 10.23 -34.82 22.81
CA PHE B 327 9.66 -35.52 21.66
C PHE B 327 8.71 -36.62 22.09
N ASN B 328 9.06 -37.36 23.13
CA ASN B 328 8.16 -38.39 23.65
C ASN B 328 6.88 -37.77 24.18
N ILE B 329 6.99 -36.64 24.88
CA ILE B 329 5.80 -35.96 25.39
C ILE B 329 4.90 -35.53 24.24
N ALA B 330 5.50 -34.95 23.20
CA ALA B 330 4.72 -34.52 22.04
C ALA B 330 4.05 -35.70 21.36
N GLN B 331 4.76 -36.81 21.21
CA GLN B 331 4.18 -37.99 20.59
C GLN B 331 3.00 -38.53 21.40
N ARG B 332 3.15 -38.59 22.73
CA ARG B 332 2.06 -39.08 23.56
C ARG B 332 0.87 -38.13 23.53
N ILE B 333 1.11 -36.82 23.45
CA ILE B 333 0.01 -35.88 23.31
C ILE B 333 -0.71 -36.08 21.97
N LEU B 334 0.07 -36.27 20.90
CA LEU B 334 -0.53 -36.46 19.59
C LEU B 334 -1.31 -37.76 19.50
N ASP B 335 -0.90 -38.79 20.23
CA ASP B 335 -1.58 -40.07 20.18
C ASP B 335 -3.01 -40.01 20.70
N THR B 336 -3.37 -38.97 21.47
CA THR B 336 -4.71 -38.84 22.01
C THR B 336 -5.69 -38.19 21.03
N ASN B 337 -5.22 -37.79 19.85
CA ASN B 337 -6.06 -37.17 18.83
C ASN B 337 -6.79 -35.95 19.37
N SER B 338 -6.05 -35.09 20.06
CA SER B 338 -6.60 -33.86 20.63
C SER B 338 -6.29 -32.63 19.79
N VAL B 339 -5.39 -32.72 18.82
CA VAL B 339 -5.06 -31.61 17.93
C VAL B 339 -5.26 -32.08 16.50
N LEU B 340 -5.97 -31.30 15.70
CA LEU B 340 -6.23 -31.67 14.31
C LEU B 340 -6.01 -30.46 13.42
N LEU B 341 -5.71 -30.73 12.16
CA LEU B 341 -5.48 -29.70 11.15
C LEU B 341 -6.57 -29.77 10.09
N THR B 342 -7.12 -28.62 9.74
CA THR B 342 -8.20 -28.52 8.76
C THR B 342 -7.66 -28.02 7.43
N GLU B 343 -8.47 -28.20 6.39
CA GLU B 343 -8.07 -27.76 5.06
C GLU B 343 -8.00 -26.25 4.93
N ARG B 344 -8.64 -25.52 5.83
CA ARG B 344 -8.59 -24.05 5.80
C ARG B 344 -7.31 -23.49 6.40
N GLY B 345 -6.46 -24.33 6.97
CA GLY B 345 -5.20 -23.90 7.53
C GLY B 345 -5.19 -23.62 9.02
N ASP B 346 -6.23 -24.01 9.74
CA ASP B 346 -6.33 -23.75 11.17
C ASP B 346 -6.16 -25.04 11.96
N HIS B 347 -5.75 -24.87 13.21
CA HIS B 347 -5.57 -25.99 14.14
C HIS B 347 -6.72 -25.98 15.15
N ILE B 348 -7.36 -27.13 15.31
CA ILE B 348 -8.47 -27.28 16.25
C ILE B 348 -8.00 -28.17 17.39
N VAL B 349 -8.37 -27.78 18.62
CA VAL B 349 -7.97 -28.50 19.82
C VAL B 349 -9.23 -28.91 20.57
N TRP B 350 -9.09 -29.97 21.37
CA TRP B 350 -10.19 -30.52 22.15
C TRP B 350 -9.90 -30.23 23.62
N ILE B 351 -10.50 -29.17 24.14
CA ILE B 351 -10.30 -28.75 25.52
C ILE B 351 -11.65 -28.36 26.10
N ASN B 352 -11.89 -28.75 27.36
CA ASN B 352 -13.14 -28.45 28.06
C ASN B 352 -14.34 -29.05 27.34
N ASN B 353 -14.19 -30.29 26.87
CA ASN B 353 -15.27 -31.04 26.22
C ASN B 353 -15.83 -30.27 25.02
N SER B 354 -14.96 -29.65 24.24
CA SER B 354 -15.39 -28.90 23.06
C SER B 354 -14.22 -28.75 22.11
N TRP B 355 -14.54 -28.48 20.85
CA TRP B 355 -13.55 -28.20 19.82
C TRP B 355 -13.47 -26.69 19.63
N LYS B 356 -12.31 -26.12 19.93
CA LYS B 356 -12.11 -24.69 19.85
C LYS B 356 -10.94 -24.39 18.92
N PHE B 357 -11.10 -23.36 18.08
CA PHE B 357 -10.04 -22.94 17.18
C PHE B 357 -10.03 -21.41 17.10
N ASN B 358 -8.82 -20.86 17.02
CA ASN B 358 -8.65 -19.43 16.87
C ASN B 358 -7.23 -19.16 16.38
N SER B 359 -7.05 -18.04 15.68
CA SER B 359 -5.78 -17.72 15.06
C SER B 359 -4.98 -16.66 15.82
N GLU B 360 -5.43 -16.26 17.01
CA GLU B 360 -4.75 -15.21 17.75
C GLU B 360 -4.33 -15.59 19.16
N GLU B 361 -4.74 -16.74 19.66
CA GLU B 361 -4.31 -17.19 20.98
C GLU B 361 -3.62 -18.54 20.87
N PRO B 362 -2.68 -18.83 21.77
CA PRO B 362 -1.98 -20.13 21.76
C PRO B 362 -2.81 -21.25 22.39
N LEU B 363 -3.75 -21.79 21.60
CA LEU B 363 -4.59 -22.87 22.09
C LEU B 363 -3.79 -24.15 22.31
N ILE B 364 -2.76 -24.39 21.50
CA ILE B 364 -1.95 -25.59 21.65
C ILE B 364 -1.25 -25.59 23.00
N THR B 365 -0.70 -24.44 23.41
CA THR B 365 -0.06 -24.35 24.71
C THR B 365 -1.07 -24.53 25.83
N LYS B 366 -2.28 -24.00 25.66
CA LYS B 366 -3.33 -24.21 26.65
C LYS B 366 -3.65 -25.68 26.81
N LEU B 367 -3.77 -26.41 25.70
CA LEU B 367 -4.04 -27.83 25.77
C LEU B 367 -2.88 -28.58 26.43
N ILE B 368 -1.65 -28.20 26.09
CA ILE B 368 -0.48 -28.85 26.68
C ILE B 368 -0.47 -28.67 28.20
N LEU B 369 -0.76 -27.45 28.66
CA LEU B 369 -0.83 -27.21 30.10
C LEU B 369 -1.99 -27.96 30.74
N SER B 370 -3.12 -28.06 30.04
CA SER B 370 -4.32 -28.65 30.64
C SER B 370 -4.22 -30.16 30.76
N ILE B 371 -3.60 -30.84 29.80
CA ILE B 371 -3.59 -32.31 29.78
C ILE B 371 -2.35 -32.86 30.47
N ARG B 372 -1.65 -32.05 31.26
CA ARG B 372 -0.45 -32.53 31.94
C ARG B 372 -0.74 -33.55 33.04
N HIS B 373 -2.00 -33.72 33.42
CA HIS B 373 -2.36 -34.69 34.46
C HIS B 373 -2.54 -36.10 33.94
N GLN B 374 -2.60 -36.28 32.62
CA GLN B 374 -2.76 -37.61 32.03
C GLN B 374 -1.43 -38.28 31.71
N LEU B 375 -0.32 -37.61 31.96
CA LEU B 375 1.02 -38.08 31.67
C LEU B 375 1.67 -38.63 32.92
N PRO B 376 2.70 -39.48 32.79
CA PRO B 376 3.39 -39.99 33.97
C PRO B 376 4.03 -38.87 34.77
N LYS B 377 4.34 -39.19 36.04
CA LYS B 377 4.81 -38.17 36.97
C LYS B 377 6.13 -37.55 36.49
N GLU B 378 7.01 -38.36 35.91
CA GLU B 378 8.29 -37.85 35.44
C GLU B 378 8.16 -36.90 34.26
N TYR B 379 6.99 -36.84 33.61
CA TYR B 379 6.78 -35.97 32.47
C TYR B 379 5.99 -34.71 32.80
N SER B 380 5.22 -34.70 33.88
CA SER B 380 4.36 -33.56 34.16
C SER B 380 5.15 -32.36 34.67
N SER B 381 6.29 -32.59 35.33
CA SER B 381 7.06 -31.48 35.87
C SER B 381 7.69 -30.62 34.79
N GLU B 382 7.93 -31.16 33.61
CA GLU B 382 8.57 -30.40 32.55
C GLU B 382 7.64 -29.41 31.88
N LEU B 383 6.34 -29.57 32.02
CA LEU B 383 5.37 -28.73 31.32
C LEU B 383 5.08 -27.42 32.03
N LEU B 384 5.67 -27.18 33.20
CA LEU B 384 5.46 -25.92 33.89
C LEU B 384 6.24 -24.78 33.24
N CYS B 385 7.34 -25.09 32.58
CA CYS B 385 8.18 -24.08 31.92
C CYS B 385 7.57 -23.69 30.58
N PRO B 386 7.29 -22.40 30.37
CA PRO B 386 6.69 -22.00 29.08
C PRO B 386 7.56 -22.28 27.88
N ARG B 387 8.89 -22.19 28.01
CA ARG B 387 9.77 -22.48 26.88
C ARG B 387 9.67 -23.93 26.44
N LYS B 388 9.60 -24.85 27.41
CA LYS B 388 9.42 -26.25 27.08
C LYS B 388 8.08 -26.50 26.42
N ARG B 389 7.04 -25.78 26.86
CA ARG B 389 5.74 -25.87 26.21
C ARG B 389 5.82 -25.39 24.76
N LYS B 390 6.56 -24.32 24.52
CA LYS B 390 6.74 -23.85 23.14
C LYS B 390 7.48 -24.87 22.30
N THR B 391 8.49 -25.52 22.87
CA THR B 391 9.22 -26.57 22.14
C THR B 391 8.29 -27.73 21.79
N VAL B 392 7.47 -28.15 22.75
CA VAL B 392 6.52 -29.24 22.49
C VAL B 392 5.52 -28.83 21.41
N GLU B 393 5.07 -27.58 21.44
CA GLU B 393 4.15 -27.09 20.42
C GLU B 393 4.80 -27.10 19.05
N ALA B 394 6.07 -26.70 18.97
CA ALA B 394 6.78 -26.74 17.69
C ALA B 394 6.90 -28.16 17.17
N ASN B 395 7.21 -29.12 18.07
CA ASN B 395 7.25 -30.52 17.65
C ASN B 395 5.90 -30.96 17.12
N ILE B 396 4.82 -30.65 17.84
CA ILE B 396 3.48 -31.07 17.43
C ILE B 396 3.13 -30.48 16.07
N ARG B 397 3.46 -29.21 15.85
CA ARG B 397 3.25 -28.60 14.54
C ARG B 397 4.03 -29.33 13.46
N ASP B 398 5.26 -29.75 13.79
CA ASP B 398 6.07 -30.46 12.80
C ASP B 398 5.47 -31.82 12.43
N MET B 399 4.94 -32.56 13.40
CA MET B 399 4.42 -33.90 13.12
C MET B 399 3.01 -33.92 12.56
N LEU B 400 2.37 -32.77 12.40
CA LEU B 400 0.99 -32.72 11.89
C LEU B 400 1.01 -32.45 10.39
N VAL B 401 0.99 -33.53 9.61
CA VAL B 401 0.84 -33.46 8.16
C VAL B 401 -0.28 -34.42 7.77
N ASP B 402 -1.37 -33.86 7.20
CA ASP B 402 -2.62 -34.47 6.77
C ASP B 402 -3.80 -33.70 7.34
N SER B 403 -4.64 -33.15 6.48
CA SER B 403 -5.81 -32.39 6.90
C SER B 403 -7.02 -33.32 7.00
N VAL B 404 -8.02 -32.86 7.76
CA VAL B 404 -9.26 -33.61 7.97
C VAL B 404 -10.44 -32.68 7.70
N GLU B 405 -11.59 -33.29 7.40
CA GLU B 405 -12.81 -32.56 7.09
C GLU B 405 -13.68 -32.46 8.34
N THR B 406 -14.21 -31.28 8.59
CA THR B 406 -15.02 -31.01 9.77
C THR B 406 -16.42 -30.59 9.37
N ASP B 407 -17.34 -30.70 10.33
CA ASP B 407 -18.73 -30.26 10.17
C ASP B 407 -19.41 -31.00 9.00
N THR B 408 -19.52 -32.31 9.16
CA THR B 408 -20.14 -33.16 8.14
C THR B 408 -21.43 -33.81 8.61
N TYR B 409 -21.86 -33.59 9.84
CA TYR B 409 -23.08 -34.19 10.36
C TYR B 409 -24.16 -33.12 10.47
N PRO B 410 -25.20 -33.16 9.64
CA PRO B 410 -26.21 -32.08 9.67
C PRO B 410 -27.25 -32.23 10.77
N ASP B 411 -27.38 -33.42 11.37
CA ASP B 411 -28.44 -33.68 12.35
C ASP B 411 -27.90 -33.75 13.78
N LYS B 412 -26.85 -32.99 14.08
CA LYS B 412 -26.28 -32.96 15.42
C LYS B 412 -26.19 -31.51 15.87
N LEU B 413 -26.67 -31.24 17.08
CA LEU B 413 -26.65 -29.87 17.61
C LEU B 413 -25.54 -29.73 18.64
N PRO B 414 -24.50 -28.95 18.37
CA PRO B 414 -23.38 -28.85 19.31
C PRO B 414 -23.67 -27.85 20.42
N PHE B 415 -23.25 -28.21 21.62
CA PHE B 415 -23.36 -27.36 22.80
C PHE B 415 -21.96 -27.11 23.37
N LYS B 416 -21.91 -26.43 24.52
CA LYS B 416 -20.62 -26.16 25.14
C LYS B 416 -20.03 -27.39 25.82
N ASN B 417 -20.89 -28.27 26.37
CA ASN B 417 -20.43 -29.42 27.12
C ASN B 417 -20.83 -30.74 26.46
N GLY B 418 -21.21 -30.72 25.19
CA GLY B 418 -21.56 -31.94 24.51
C GLY B 418 -22.32 -31.67 23.23
N VAL B 419 -22.78 -32.76 22.62
CA VAL B 419 -23.51 -32.72 21.35
C VAL B 419 -24.81 -33.47 21.53
N LEU B 420 -25.93 -32.85 21.12
CA LEU B 420 -27.25 -33.45 21.21
C LEU B 420 -27.61 -34.08 19.87
N ASP B 421 -28.15 -35.29 19.91
CA ASP B 421 -28.57 -36.00 18.71
C ASP B 421 -30.03 -35.67 18.43
N LEU B 422 -30.28 -35.00 17.31
CA LEU B 422 -31.64 -34.61 16.97
C LEU B 422 -32.47 -35.78 16.45
N VAL B 423 -31.82 -36.86 16.04
CA VAL B 423 -32.55 -37.99 15.46
C VAL B 423 -33.39 -38.68 16.53
N ASP B 424 -32.80 -38.97 17.69
CA ASP B 424 -33.49 -39.71 18.73
C ASP B 424 -33.65 -38.94 20.04
N GLY B 425 -32.58 -38.32 20.56
CA GLY B 425 -32.73 -37.37 21.64
C GLY B 425 -31.73 -37.44 22.78
N MET B 426 -30.89 -38.48 22.85
CA MET B 426 -29.94 -38.53 23.95
C MET B 426 -28.84 -37.48 23.77
N PHE B 427 -28.23 -37.08 24.89
CA PHE B 427 -27.19 -36.07 24.92
C PHE B 427 -25.84 -36.76 25.13
N TYR B 428 -24.90 -36.49 24.24
CA TYR B 428 -23.58 -37.10 24.29
C TYR B 428 -22.58 -36.14 24.92
N SER B 429 -21.71 -36.67 25.77
CA SER B 429 -20.71 -35.87 26.45
C SER B 429 -19.37 -36.60 26.42
N GLY B 430 -18.30 -35.80 26.49
CA GLY B 430 -16.97 -36.38 26.56
C GLY B 430 -16.55 -37.01 25.24
N ASP B 431 -15.87 -38.16 25.35
CA ASP B 431 -15.36 -38.87 24.18
C ASP B 431 -16.46 -39.18 23.18
N ASP B 432 -17.67 -39.49 23.65
CA ASP B 432 -18.77 -39.80 22.74
C ASP B 432 -19.06 -38.65 21.80
N ALA B 433 -18.75 -37.42 22.19
CA ALA B 433 -18.95 -36.25 21.35
C ALA B 433 -17.73 -35.89 20.51
N LYS B 434 -16.63 -36.63 20.64
CA LYS B 434 -15.42 -36.29 19.90
C LYS B 434 -15.54 -36.66 18.43
N LYS B 435 -16.19 -37.79 18.13
CA LYS B 435 -16.24 -38.26 16.74
C LYS B 435 -16.95 -37.28 15.82
N TYR B 436 -17.88 -36.48 16.33
CA TYR B 436 -18.51 -35.43 15.56
C TYR B 436 -17.67 -34.17 15.68
N THR B 437 -16.91 -33.85 14.62
CA THR B 437 -16.01 -32.70 14.64
C THR B 437 -16.81 -31.41 14.40
N CYS B 438 -17.57 -31.05 15.43
CA CYS B 438 -18.37 -29.82 15.41
C CYS B 438 -17.51 -28.66 15.88
N THR B 439 -17.11 -27.80 14.96
CA THR B 439 -16.23 -26.68 15.27
C THR B 439 -16.97 -25.47 15.81
N VAL B 440 -18.30 -25.52 15.87
CA VAL B 440 -19.11 -24.45 16.43
C VAL B 440 -19.94 -25.03 17.57
N SER B 441 -20.59 -24.15 18.31
CA SER B 441 -21.40 -24.56 19.46
C SER B 441 -22.40 -23.46 19.77
N THR B 442 -23.27 -23.73 20.74
CA THR B 442 -24.26 -22.76 21.18
C THR B 442 -23.71 -21.81 22.24
N GLY B 443 -22.51 -22.08 22.77
CA GLY B 443 -21.86 -21.17 23.68
C GLY B 443 -22.27 -21.31 25.13
N PHE B 444 -23.24 -22.15 25.45
CA PHE B 444 -23.69 -22.34 26.81
C PHE B 444 -23.85 -23.82 27.10
N LYS B 445 -23.77 -24.17 28.39
CA LYS B 445 -23.89 -25.55 28.81
C LYS B 445 -25.33 -26.04 28.68
N PHE B 446 -25.46 -27.36 28.53
CA PHE B 446 -26.76 -28.00 28.40
C PHE B 446 -27.19 -28.57 29.74
N ASP B 447 -28.45 -28.35 30.10
CA ASP B 447 -29.01 -28.82 31.37
C ASP B 447 -30.19 -29.73 31.10
N ASP B 448 -30.17 -30.91 31.71
CA ASP B 448 -31.24 -31.88 31.49
C ASP B 448 -32.50 -31.52 32.27
N THR B 449 -32.35 -30.91 33.44
CA THR B 449 -33.51 -30.63 34.28
C THR B 449 -34.48 -29.67 33.60
N LYS B 450 -33.95 -28.62 32.95
CA LYS B 450 -34.81 -27.65 32.28
C LYS B 450 -35.29 -28.13 30.92
N PHE B 451 -34.75 -29.24 30.41
CA PHE B 451 -35.16 -29.79 29.12
C PHE B 451 -36.30 -30.79 29.28
N VAL B 452 -37.41 -30.35 29.87
CA VAL B 452 -38.57 -31.19 30.11
C VAL B 452 -39.81 -30.47 29.61
N GLU B 453 -40.84 -31.25 29.28
CA GLU B 453 -42.05 -30.69 28.71
C GLU B 453 -42.93 -30.00 29.74
N ASP B 454 -42.94 -30.49 30.97
CA ASP B 454 -43.83 -29.99 32.02
C ASP B 454 -43.03 -29.07 32.94
N SER B 455 -43.06 -27.78 32.63
CA SER B 455 -42.42 -26.75 33.45
C SER B 455 -43.32 -25.53 33.49
N PRO B 456 -43.22 -24.72 34.55
CA PRO B 456 -44.02 -23.47 34.58
C PRO B 456 -43.72 -22.55 33.41
N GLU B 457 -42.50 -22.59 32.87
CA GLU B 457 -42.15 -21.75 31.74
C GLU B 457 -42.87 -22.20 30.47
N MET B 458 -43.19 -23.48 30.36
CA MET B 458 -43.78 -24.00 29.13
C MET B 458 -45.15 -23.40 28.87
N GLU B 459 -46.01 -23.35 29.90
CA GLU B 459 -47.34 -22.79 29.71
C GLU B 459 -47.28 -21.31 29.38
N GLU B 460 -46.36 -20.59 30.02
CA GLU B 460 -46.19 -19.16 29.72
C GLU B 460 -45.72 -18.95 28.29
N LEU B 461 -44.77 -19.77 27.83
CA LEU B 461 -44.25 -19.63 26.47
C LEU B 461 -45.32 -19.99 25.43
N MET B 462 -46.12 -21.02 25.72
CA MET B 462 -47.19 -21.39 24.79
C MET B 462 -48.22 -20.28 24.61
N ASN B 463 -48.51 -19.53 25.68
CA ASN B 463 -49.43 -18.39 25.53
C ASN B 463 -48.87 -17.35 24.57
N ILE B 464 -47.58 -17.03 24.70
CA ILE B 464 -46.96 -16.05 23.80
C ILE B 464 -46.98 -16.57 22.36
N ILE B 465 -46.64 -17.84 22.18
CA ILE B 465 -46.60 -18.41 20.83
C ILE B 465 -47.99 -18.39 20.21
N ASN B 466 -49.02 -18.76 20.97
CA ASN B 466 -50.37 -18.73 20.46
C ASN B 466 -50.87 -17.32 20.21
N ASP B 467 -50.38 -16.33 20.98
CA ASP B 467 -50.76 -14.94 20.73
C ASP B 467 -50.14 -14.42 19.44
N ILE B 468 -48.87 -14.76 19.18
CA ILE B 468 -48.20 -14.25 17.98
C ILE B 468 -48.81 -14.88 16.73
N GLN B 469 -48.98 -16.20 16.73
CA GLN B 469 -49.54 -16.93 15.60
C GLN B 469 -50.66 -17.83 16.10
N PRO B 470 -51.88 -17.31 16.19
CA PRO B 470 -53.00 -18.12 16.69
C PRO B 470 -53.26 -19.32 15.79
N LEU B 471 -53.62 -20.44 16.41
CA LEU B 471 -53.97 -21.66 15.68
C LEU B 471 -55.47 -21.66 15.43
N THR B 472 -55.86 -21.75 14.17
CA THR B 472 -57.26 -21.72 13.77
C THR B 472 -57.34 -22.19 12.33
N ASP B 473 -58.58 -22.37 11.85
CA ASP B 473 -58.78 -22.81 10.48
C ASP B 473 -58.23 -21.79 9.48
N GLU B 474 -58.44 -20.51 9.75
CA GLU B 474 -57.96 -19.47 8.84
C GLU B 474 -56.44 -19.45 8.77
N ASN B 475 -55.77 -19.64 9.91
CA ASN B 475 -54.32 -19.49 10.01
C ASN B 475 -53.61 -20.85 10.12
N LYS B 476 -54.29 -21.94 9.75
CA LYS B 476 -53.67 -23.25 9.91
C LYS B 476 -52.54 -23.47 8.91
N LYS B 477 -52.64 -22.92 7.71
CA LYS B 477 -51.61 -23.14 6.70
C LYS B 477 -50.37 -22.30 6.98
N ASN B 478 -50.54 -21.06 7.45
CA ASN B 478 -49.41 -20.17 7.68
C ASN B 478 -48.62 -20.56 8.93
N ARG B 479 -49.30 -21.03 9.98
CA ARG B 479 -48.59 -21.40 11.20
C ARG B 479 -47.67 -22.60 10.98
N GLU B 480 -48.11 -23.56 10.15
CA GLU B 480 -47.27 -24.72 9.87
C GLU B 480 -45.97 -24.31 9.20
N LEU B 481 -46.06 -23.42 8.20
CA LEU B 481 -44.84 -22.90 7.58
C LEU B 481 -44.01 -22.07 8.54
N TYR B 482 -44.67 -21.29 9.41
CA TYR B 482 -43.94 -20.46 10.37
C TYR B 482 -43.11 -21.33 11.31
N GLU B 483 -43.68 -22.43 11.80
CA GLU B 483 -42.92 -23.31 12.68
C GLU B 483 -41.91 -24.17 11.92
N LYS B 484 -42.21 -24.55 10.68
CA LYS B 484 -41.27 -25.33 9.89
C LYS B 484 -40.01 -24.54 9.58
N THR B 485 -40.15 -23.26 9.22
CA THR B 485 -38.99 -22.44 8.93
C THR B 485 -38.13 -22.24 10.17
N LEU B 486 -38.75 -22.03 11.32
CA LEU B 486 -38.00 -21.91 12.57
C LEU B 486 -37.30 -23.20 12.93
N SER B 487 -37.98 -24.34 12.72
CA SER B 487 -37.38 -25.63 13.02
C SER B 487 -36.20 -25.93 12.10
N SER B 488 -36.23 -25.43 10.87
CA SER B 488 -35.14 -25.68 9.93
C SER B 488 -33.82 -25.09 10.39
N CYS B 489 -33.83 -24.17 11.36
CA CYS B 489 -32.61 -23.55 11.85
C CYS B 489 -31.69 -24.52 12.57
N LEU B 490 -32.18 -25.70 12.97
CA LEU B 490 -31.40 -26.65 13.73
C LEU B 490 -30.50 -27.54 12.88
N CYS B 491 -30.66 -27.51 11.56
CA CYS B 491 -29.89 -28.37 10.67
C CYS B 491 -28.64 -27.66 10.17
N GLY B 492 -27.68 -28.47 9.73
CA GLY B 492 -26.42 -27.95 9.24
C GLY B 492 -26.24 -28.12 7.74
N ALA B 493 -27.35 -28.27 7.03
CA ALA B 493 -27.31 -28.44 5.58
C ALA B 493 -27.51 -27.09 4.90
N THR B 494 -27.67 -27.10 3.58
CA THR B 494 -27.89 -25.89 2.80
C THR B 494 -29.38 -25.77 2.47
N LYS B 495 -29.90 -24.55 2.58
CA LYS B 495 -31.31 -24.27 2.34
C LYS B 495 -31.47 -23.53 1.02
N GLY B 496 -32.50 -23.92 0.26
CA GLY B 496 -32.71 -23.38 -1.07
C GLY B 496 -33.77 -22.30 -1.16
N CYS B 497 -34.12 -21.68 -0.04
CA CYS B 497 -35.15 -20.64 -0.03
C CYS B 497 -34.82 -19.60 1.03
N LEU B 498 -35.44 -18.44 0.88
CA LEU B 498 -35.29 -17.33 1.81
C LEU B 498 -36.62 -17.07 2.50
N THR B 499 -36.56 -16.51 3.71
CA THR B 499 -37.74 -16.28 4.52
C THR B 499 -37.95 -14.79 4.73
N PHE B 500 -39.16 -14.33 4.47
CA PHE B 500 -39.55 -12.93 4.67
C PHE B 500 -40.69 -12.88 5.67
N PHE B 501 -40.43 -12.28 6.83
CA PHE B 501 -41.44 -12.06 7.86
C PHE B 501 -42.12 -10.74 7.56
N PHE B 502 -43.30 -10.79 6.93
CA PHE B 502 -44.04 -9.61 6.56
C PHE B 502 -45.06 -9.29 7.63
N GLY B 503 -44.98 -8.09 8.18
CA GLY B 503 -45.94 -7.70 9.21
C GLY B 503 -45.81 -6.21 9.51
N GLU B 504 -46.87 -5.69 10.11
CA GLU B 504 -46.92 -4.28 10.49
C GLU B 504 -46.12 -4.10 11.78
N THR B 505 -46.20 -2.90 12.36
CA THR B 505 -45.50 -2.63 13.61
C THR B 505 -46.21 -3.32 14.78
N ALA B 506 -45.43 -3.63 15.81
CA ALA B 506 -45.94 -4.28 17.02
C ALA B 506 -46.65 -5.59 16.70
N THR B 507 -46.08 -6.37 15.78
CA THR B 507 -46.63 -7.66 15.42
C THR B 507 -45.90 -8.83 16.07
N GLY B 508 -44.86 -8.56 16.86
CA GLY B 508 -44.19 -9.59 17.61
C GLY B 508 -43.12 -10.37 16.88
N LYS B 509 -42.75 -9.97 15.66
CA LYS B 509 -41.68 -10.67 14.96
C LYS B 509 -40.32 -10.48 15.62
N SER B 510 -40.06 -9.29 16.19
CA SER B 510 -38.83 -9.08 16.93
C SER B 510 -38.74 -9.97 18.16
N THR B 511 -39.87 -10.21 18.82
CA THR B 511 -39.87 -11.14 19.95
C THR B 511 -39.51 -12.55 19.50
N THR B 512 -40.03 -12.98 18.34
CA THR B 512 -39.66 -14.28 17.80
C THR B 512 -38.16 -14.33 17.48
N LYS B 513 -37.63 -13.26 16.89
CA LYS B 513 -36.20 -13.22 16.60
C LYS B 513 -35.37 -13.33 17.86
N ARG B 514 -35.74 -12.60 18.90
CA ARG B 514 -35.00 -12.66 20.16
C ARG B 514 -35.12 -14.02 20.83
N LEU B 515 -36.31 -14.63 20.77
CA LEU B 515 -36.47 -15.98 21.31
C LEU B 515 -35.57 -16.98 20.59
N LEU B 516 -35.54 -16.91 19.25
CA LEU B 516 -34.68 -17.80 18.49
C LEU B 516 -33.21 -17.58 18.82
N LYS B 517 -32.80 -16.31 18.94
CA LYS B 517 -31.41 -16.02 19.28
C LYS B 517 -31.05 -16.58 20.65
N SER B 518 -31.92 -16.38 21.65
CA SER B 518 -31.63 -16.90 22.99
C SER B 518 -31.62 -18.42 22.99
N ALA B 519 -32.46 -19.04 22.17
CA ALA B 519 -32.51 -20.50 22.13
C ALA B 519 -31.24 -21.09 21.50
N ILE B 520 -30.80 -20.53 20.37
CA ILE B 520 -29.73 -21.15 19.60
C ILE B 520 -28.36 -20.50 19.85
N GLY B 521 -28.27 -19.57 20.80
CA GLY B 521 -26.96 -19.09 21.19
C GLY B 521 -26.31 -18.27 20.09
N ASP B 522 -24.99 -18.45 19.93
CA ASP B 522 -24.23 -17.68 18.95
C ASP B 522 -24.31 -18.27 17.55
N LEU B 523 -24.99 -19.41 17.37
CA LEU B 523 -25.27 -19.89 16.03
C LEU B 523 -26.12 -18.88 15.27
N PHE B 524 -27.02 -18.20 15.96
CA PHE B 524 -27.70 -17.04 15.42
C PHE B 524 -26.68 -15.95 15.08
N VAL B 525 -26.91 -15.25 13.97
CA VAL B 525 -26.06 -14.13 13.61
C VAL B 525 -26.91 -13.08 12.89
N GLU B 526 -26.49 -11.82 13.03
CA GLU B 526 -27.15 -10.68 12.41
C GLU B 526 -26.13 -9.92 11.58
N THR B 527 -26.48 -9.58 10.35
CA THR B 527 -25.61 -8.85 9.45
C THR B 527 -26.36 -7.66 8.86
N GLY B 528 -25.63 -6.82 8.14
CA GLY B 528 -26.19 -5.62 7.57
C GLY B 528 -27.00 -5.90 6.31
N GLN B 529 -27.66 -4.85 5.83
CA GLN B 529 -28.48 -4.92 4.64
C GLN B 529 -27.64 -5.01 3.36
N THR B 530 -26.34 -4.75 3.44
CA THR B 530 -25.49 -4.67 2.26
C THR B 530 -25.33 -6.01 1.55
N ILE B 531 -25.67 -7.13 2.19
CA ILE B 531 -25.49 -8.44 1.56
C ILE B 531 -26.60 -8.66 0.55
N LEU B 532 -27.57 -7.75 0.50
CA LEU B 532 -28.61 -7.78 -0.52
C LEU B 532 -28.55 -6.63 -1.51
N THR B 533 -27.61 -5.68 -1.34
CA THR B 533 -27.56 -4.51 -2.19
C THR B 533 -26.31 -4.44 -3.05
N ASP B 534 -25.12 -4.50 -2.45
CA ASP B 534 -23.90 -4.30 -3.21
C ASP B 534 -23.39 -5.63 -3.78
N VAL B 535 -22.25 -5.54 -4.47
CA VAL B 535 -21.60 -6.73 -5.00
C VAL B 535 -20.75 -7.36 -3.91
N LEU B 536 -20.94 -8.67 -3.69
CA LEU B 536 -20.22 -9.37 -2.64
C LEU B 536 -18.72 -9.47 -2.89
N ASP B 537 -18.27 -9.22 -4.13
CA ASP B 537 -16.86 -9.32 -4.49
C ASP B 537 -16.19 -7.96 -4.55
N LYS B 538 -16.85 -6.90 -4.12
CA LYS B 538 -16.29 -5.55 -4.17
C LYS B 538 -15.37 -5.35 -2.97
N GLY B 539 -14.17 -5.88 -3.08
CA GLY B 539 -13.18 -5.77 -2.03
C GLY B 539 -13.53 -6.60 -0.81
N PRO B 540 -12.89 -6.31 0.31
CA PRO B 540 -13.20 -7.03 1.55
C PRO B 540 -14.66 -6.83 1.96
N ASN B 541 -15.25 -7.88 2.52
CA ASN B 541 -16.65 -7.85 2.95
C ASN B 541 -16.81 -8.76 4.15
N PRO B 542 -16.48 -8.27 5.34
CA PRO B 542 -16.61 -9.11 6.54
C PRO B 542 -18.03 -9.55 6.85
N PHE B 543 -19.04 -8.86 6.32
CA PHE B 543 -20.42 -9.25 6.58
C PHE B 543 -20.71 -10.63 6.03
N ILE B 544 -20.23 -10.92 4.82
CA ILE B 544 -20.36 -12.27 4.27
C ILE B 544 -19.48 -13.24 5.02
N ALA B 545 -18.29 -12.80 5.44
CA ALA B 545 -17.34 -13.70 6.11
C ALA B 545 -17.91 -14.22 7.43
N ASN B 546 -18.57 -13.35 8.19
CA ASN B 546 -19.13 -13.75 9.48
C ASN B 546 -20.26 -14.78 9.34
N MET B 547 -20.85 -14.90 8.15
CA MET B 547 -21.90 -15.88 7.91
C MET B 547 -21.39 -17.32 7.92
N HIS B 548 -20.08 -17.51 7.79
CA HIS B 548 -19.50 -18.83 7.63
C HIS B 548 -19.90 -19.77 8.76
N LEU B 549 -20.39 -20.96 8.39
CA LEU B 549 -20.73 -22.03 9.33
C LEU B 549 -21.77 -21.60 10.36
N LYS B 550 -22.68 -20.72 9.99
CA LYS B 550 -23.79 -20.36 10.84
C LYS B 550 -25.04 -21.15 10.42
N ARG B 551 -26.06 -21.11 11.28
CA ARG B 551 -27.29 -21.81 11.02
C ARG B 551 -28.51 -20.91 10.93
N SER B 552 -28.35 -19.61 11.20
CA SER B 552 -29.46 -18.67 11.09
C SER B 552 -28.91 -17.27 10.95
N VAL B 553 -29.26 -16.57 9.87
CA VAL B 553 -28.82 -15.21 9.62
C VAL B 553 -30.04 -14.33 9.49
N PHE B 554 -30.07 -13.26 10.29
CA PHE B 554 -31.20 -12.33 10.32
C PHE B 554 -30.78 -10.99 9.74
N CYS B 555 -31.58 -10.49 8.81
CA CYS B 555 -31.44 -9.14 8.29
C CYS B 555 -32.71 -8.36 8.63
N SER B 556 -32.56 -7.09 8.97
CA SER B 556 -33.66 -6.31 9.49
C SER B 556 -33.80 -4.97 8.78
N GLU B 557 -35.02 -4.43 8.84
CA GLU B 557 -35.34 -3.07 8.40
C GLU B 557 -35.01 -2.87 6.91
N LEU B 558 -35.75 -3.59 6.08
CA LEU B 558 -35.68 -3.37 4.66
C LEU B 558 -36.16 -1.95 4.33
N PRO B 559 -35.37 -1.17 3.61
CA PRO B 559 -35.84 0.17 3.23
C PRO B 559 -37.00 0.10 2.26
N ASP B 560 -37.86 1.12 2.32
CA ASP B 560 -39.02 1.18 1.44
C ASP B 560 -38.57 1.56 0.03
N PHE B 561 -38.83 0.66 -0.93
CA PHE B 561 -38.43 0.88 -2.31
C PHE B 561 -39.46 1.66 -3.12
N ALA B 562 -40.64 1.92 -2.55
CA ALA B 562 -41.65 2.69 -3.27
C ALA B 562 -41.18 4.12 -3.53
N CYS B 563 -40.53 4.74 -2.54
CA CYS B 563 -40.06 6.10 -2.69
C CYS B 563 -38.92 6.18 -3.70
N SER B 564 -38.80 7.33 -4.34
CA SER B 564 -37.74 7.54 -5.32
C SER B 564 -36.38 7.59 -4.63
N GLY B 565 -35.37 7.09 -5.33
CA GLY B 565 -34.01 7.05 -4.80
C GLY B 565 -33.64 5.79 -4.07
N SER B 566 -34.60 4.93 -3.76
CA SER B 566 -34.30 3.66 -3.11
C SER B 566 -33.73 2.68 -4.12
N LYS B 567 -32.87 1.78 -3.64
CA LYS B 567 -32.19 0.83 -4.50
C LYS B 567 -32.88 -0.52 -4.34
N LYS B 568 -33.39 -1.06 -5.44
CA LYS B 568 -34.16 -2.29 -5.39
C LYS B 568 -33.24 -3.52 -5.35
N ILE B 569 -33.56 -4.44 -4.46
CA ILE B 569 -32.72 -5.62 -4.23
C ILE B 569 -32.60 -6.42 -5.53
N ARG B 570 -31.36 -6.71 -5.91
CA ARG B 570 -31.11 -7.42 -7.16
C ARG B 570 -31.53 -8.88 -7.06
N SER B 571 -32.02 -9.41 -8.18
CA SER B 571 -32.38 -10.83 -8.23
C SER B 571 -31.16 -11.73 -8.38
N ASP B 572 -30.00 -11.17 -8.71
CA ASP B 572 -28.80 -11.98 -8.88
C ASP B 572 -28.31 -12.48 -7.52
N ASN B 573 -28.23 -11.59 -6.53
CA ASN B 573 -27.61 -11.95 -5.25
C ASN B 573 -28.42 -12.95 -4.46
N ILE B 574 -29.76 -12.92 -4.57
CA ILE B 574 -30.57 -13.88 -3.84
C ILE B 574 -30.33 -15.30 -4.38
N LYS B 575 -30.10 -15.41 -5.69
CA LYS B 575 -29.76 -16.72 -6.25
C LYS B 575 -28.39 -17.19 -5.78
N LYS B 576 -27.43 -16.28 -5.66
CA LYS B 576 -26.13 -16.64 -5.12
C LYS B 576 -26.24 -17.11 -3.68
N LEU B 577 -27.10 -16.46 -2.89
CA LEU B 577 -27.27 -16.81 -1.49
C LEU B 577 -27.83 -18.21 -1.28
N THR B 578 -28.43 -18.82 -2.30
CA THR B 578 -28.98 -20.16 -2.20
C THR B 578 -28.01 -21.23 -2.68
N GLU B 579 -26.78 -20.86 -3.01
CA GLU B 579 -25.77 -21.80 -3.46
C GLU B 579 -25.00 -22.34 -2.26
N PRO B 580 -24.56 -23.60 -2.29
CA PRO B 580 -23.85 -24.17 -1.13
C PRO B 580 -22.55 -23.45 -0.77
N CYS B 581 -22.09 -22.55 -1.64
CA CYS B 581 -20.90 -21.76 -1.37
C CYS B 581 -21.17 -20.31 -1.72
N VAL B 582 -20.44 -19.41 -1.05
CA VAL B 582 -20.55 -17.97 -1.28
C VAL B 582 -19.16 -17.42 -1.50
N ILE B 583 -19.07 -16.41 -2.37
CA ILE B 583 -17.80 -15.79 -2.73
C ILE B 583 -17.64 -14.52 -1.92
N GLY B 584 -16.62 -14.49 -1.06
CA GLY B 584 -16.36 -13.33 -0.23
C GLY B 584 -15.12 -13.52 0.63
N ARG B 585 -14.40 -12.43 0.88
CA ARG B 585 -13.16 -12.54 1.63
C ARG B 585 -13.16 -11.60 2.82
N PRO B 586 -12.58 -12.01 3.95
CA PRO B 586 -12.46 -11.12 5.11
C PRO B 586 -11.17 -10.31 5.07
N CYS B 587 -10.95 -9.49 6.09
CA CYS B 587 -9.70 -8.75 6.19
C CYS B 587 -8.61 -9.64 6.76
N PHE B 588 -7.36 -9.34 6.39
CA PHE B 588 -6.19 -10.10 6.82
C PHE B 588 -6.26 -11.56 6.40
N SER B 589 -6.92 -11.84 5.28
CA SER B 589 -7.06 -13.21 4.81
C SER B 589 -7.31 -13.19 3.31
N ASN B 590 -7.03 -14.34 2.67
CA ASN B 590 -7.24 -14.51 1.25
C ASN B 590 -8.19 -15.64 0.89
N LYS B 591 -8.65 -16.40 1.88
CA LYS B 591 -9.61 -17.46 1.62
C LYS B 591 -10.94 -16.89 1.14
N ILE B 592 -11.58 -17.58 0.21
CA ILE B 592 -12.76 -17.08 -0.49
C ILE B 592 -14.00 -17.90 -0.15
N ASN B 593 -13.90 -19.23 -0.25
CA ASN B 593 -15.06 -20.08 -0.04
C ASN B 593 -15.51 -20.06 1.42
N ASN B 594 -16.83 -20.04 1.60
CA ASN B 594 -17.44 -20.10 2.92
C ASN B 594 -18.64 -21.03 2.86
N ARG B 595 -18.76 -21.91 3.85
CA ARG B 595 -19.87 -22.85 3.89
C ARG B 595 -21.17 -22.12 4.20
N ASN B 596 -22.22 -22.45 3.46
CA ASN B 596 -23.53 -21.84 3.60
C ASN B 596 -24.46 -22.86 4.25
N HIS B 597 -24.45 -22.87 5.58
CA HIS B 597 -25.28 -23.78 6.37
C HIS B 597 -26.45 -23.08 7.02
N ALA B 598 -26.69 -21.81 6.71
CA ALA B 598 -27.63 -20.99 7.44
C ALA B 598 -28.87 -20.70 6.60
N THR B 599 -29.96 -20.38 7.29
CA THR B 599 -31.20 -19.93 6.66
C THR B 599 -31.31 -18.42 6.82
N ILE B 600 -31.79 -17.76 5.77
CA ILE B 600 -31.87 -16.30 5.71
C ILE B 600 -33.28 -15.89 6.11
N ILE B 601 -33.40 -15.05 7.13
CA ILE B 601 -34.69 -14.51 7.54
C ILE B 601 -34.58 -12.99 7.58
N ILE B 602 -35.52 -12.32 6.91
CA ILE B 602 -35.57 -10.86 6.87
C ILE B 602 -36.98 -10.42 7.25
N ASP B 603 -37.08 -9.53 8.23
CA ASP B 603 -38.37 -9.04 8.71
C ASP B 603 -38.61 -7.64 8.16
N THR B 604 -39.84 -7.37 7.72
CA THR B 604 -40.15 -6.10 7.10
C THR B 604 -41.65 -5.83 7.17
N ASN B 605 -42.02 -4.58 6.85
CA ASN B 605 -43.40 -4.16 6.75
C ASN B 605 -43.84 -3.87 5.32
N TYR B 606 -42.91 -3.87 4.37
CA TYR B 606 -43.23 -3.62 2.97
C TYR B 606 -42.80 -4.82 2.13
N LYS B 607 -43.65 -5.22 1.20
CA LYS B 607 -43.30 -6.31 0.31
C LYS B 607 -42.19 -5.86 -0.65
N PRO B 608 -41.11 -6.62 -0.76
CA PRO B 608 -39.98 -6.20 -1.61
C PRO B 608 -40.33 -6.29 -3.08
N VAL B 609 -39.59 -5.50 -3.87
CA VAL B 609 -39.72 -5.48 -5.33
C VAL B 609 -38.35 -5.71 -5.93
N PHE B 610 -38.28 -6.56 -6.95
CA PHE B 610 -37.02 -6.93 -7.58
C PHE B 610 -36.89 -6.22 -8.93
N ASP B 611 -35.63 -5.98 -9.32
CA ASP B 611 -35.37 -5.28 -10.58
C ASP B 611 -35.86 -6.09 -11.77
N ARG B 612 -35.60 -7.40 -11.78
CA ARG B 612 -36.00 -8.27 -12.87
C ARG B 612 -36.70 -9.50 -12.30
N ILE B 613 -37.78 -9.91 -12.94
CA ILE B 613 -38.57 -11.07 -12.51
C ILE B 613 -38.37 -12.18 -13.51
N ASP B 614 -37.93 -13.34 -13.04
CA ASP B 614 -37.65 -14.49 -13.89
C ASP B 614 -38.35 -15.72 -13.31
N ASN B 615 -38.46 -16.77 -14.12
CA ASN B 615 -39.05 -18.02 -13.67
C ASN B 615 -38.21 -18.71 -12.60
N ALA B 616 -36.92 -18.38 -12.50
CA ALA B 616 -36.07 -18.98 -11.48
C ALA B 616 -36.32 -18.39 -10.10
N LEU B 617 -36.94 -17.21 -10.04
CA LEU B 617 -37.14 -16.54 -8.76
C LEU B 617 -38.28 -17.13 -7.93
N MET B 618 -39.20 -17.88 -8.55
CA MET B 618 -40.32 -18.41 -7.78
C MET B 618 -39.98 -19.71 -7.06
N ARG B 619 -38.77 -20.24 -7.23
CA ARG B 619 -38.30 -21.38 -6.46
C ARG B 619 -37.53 -20.97 -5.22
N ARG B 620 -37.34 -19.68 -4.98
CA ARG B 620 -36.47 -19.21 -3.89
C ARG B 620 -37.13 -18.08 -3.13
N ILE B 621 -38.45 -18.17 -2.91
CA ILE B 621 -39.17 -17.18 -2.12
C ILE B 621 -40.10 -17.88 -1.14
N ALA B 622 -40.18 -17.35 0.07
CA ALA B 622 -41.11 -17.82 1.09
C ALA B 622 -41.44 -16.67 2.03
N VAL B 623 -42.71 -16.48 2.31
CA VAL B 623 -43.18 -15.38 3.13
C VAL B 623 -44.06 -15.90 4.25
N VAL B 624 -43.79 -15.43 5.47
CA VAL B 624 -44.64 -15.67 6.63
C VAL B 624 -45.34 -14.36 6.96
N ARG B 625 -46.59 -14.46 7.42
CA ARG B 625 -47.44 -13.30 7.63
C ARG B 625 -47.73 -13.13 9.11
N PHE B 626 -47.60 -11.89 9.60
CA PHE B 626 -47.93 -11.56 10.98
C PHE B 626 -49.17 -10.69 11.00
N ARG B 627 -50.21 -11.15 11.69
CA ARG B 627 -51.51 -10.48 11.71
C ARG B 627 -52.04 -10.38 13.14
N THR B 628 -51.19 -9.94 14.07
CA THR B 628 -51.60 -9.72 15.44
C THR B 628 -50.96 -8.44 15.94
N HIS B 629 -51.74 -7.64 16.66
CA HIS B 629 -51.30 -6.36 17.17
C HIS B 629 -51.32 -6.36 18.70
N PHE B 630 -50.23 -5.90 19.31
CA PHE B 630 -50.13 -5.74 20.76
C PHE B 630 -50.09 -4.25 21.04
N SER B 631 -51.20 -3.69 21.49
CA SER B 631 -51.36 -2.24 21.60
C SER B 631 -51.65 -1.84 23.04
N GLN B 632 -51.19 -0.64 23.39
CA GLN B 632 -51.53 -0.04 24.67
C GLN B 632 -53.00 0.36 24.67
N PRO B 633 -53.60 0.53 25.86
CA PRO B 633 -55.02 0.90 25.92
C PRO B 633 -55.33 2.22 25.21
N SER B 634 -54.41 3.18 25.25
CA SER B 634 -54.66 4.46 24.58
C SER B 634 -54.83 4.29 23.07
N GLY B 635 -54.18 3.29 22.48
CA GLY B 635 -54.35 3.00 21.08
C GLY B 635 -55.32 1.87 20.83
N ARG B 636 -56.16 1.58 21.83
CA ARG B 636 -57.09 0.45 21.73
C ARG B 636 -58.10 0.67 20.62
N GLU B 637 -58.58 1.91 20.45
CA GLU B 637 -59.63 2.18 19.46
C GLU B 637 -59.12 1.98 18.04
N ALA B 638 -58.11 2.77 17.64
CA ALA B 638 -57.66 2.78 16.25
C ALA B 638 -57.21 1.41 15.76
N ALA B 639 -56.55 0.62 16.62
CA ALA B 639 -56.11 -0.71 16.22
C ALA B 639 -57.28 -1.57 15.77
N GLU B 640 -58.44 -1.40 16.41
CA GLU B 640 -59.63 -2.12 15.98
C GLU B 640 -60.06 -1.69 14.58
N ASN B 641 -59.97 -0.39 14.29
CA ASN B 641 -60.44 0.11 13.01
C ASN B 641 -59.51 -0.25 11.86
N ASN B 642 -58.25 -0.54 12.14
CA ASN B 642 -57.31 -0.90 11.09
C ASN B 642 -57.62 -2.29 10.55
N ASP B 643 -57.68 -2.42 9.23
CA ASP B 643 -58.04 -3.68 8.59
C ASP B 643 -56.86 -4.62 8.40
N ALA B 644 -55.63 -4.15 8.59
CA ALA B 644 -54.47 -5.01 8.41
C ALA B 644 -54.26 -5.99 9.55
N TYR B 645 -55.00 -5.85 10.63
CA TYR B 645 -54.91 -6.74 11.78
C TYR B 645 -56.14 -7.64 11.87
N ASP B 646 -56.04 -8.65 12.73
CA ASP B 646 -57.16 -9.53 13.00
C ASP B 646 -57.39 -9.77 14.49
N LYS B 647 -56.51 -9.29 15.35
CA LYS B 647 -56.67 -9.45 16.79
C LYS B 647 -55.86 -8.36 17.48
N VAL B 648 -56.40 -7.85 18.59
CA VAL B 648 -55.75 -6.80 19.37
C VAL B 648 -55.58 -7.32 20.79
N LYS B 649 -54.36 -7.20 21.31
CA LYS B 649 -54.03 -7.69 22.64
C LYS B 649 -53.35 -6.59 23.45
N LEU B 650 -53.28 -6.83 24.76
CA LEU B 650 -52.67 -5.86 25.66
C LEU B 650 -51.16 -6.10 25.73
N LEU B 651 -50.40 -5.04 25.53
CA LEU B 651 -48.94 -5.13 25.49
C LEU B 651 -48.41 -5.51 26.87
N ASP B 652 -47.42 -6.40 26.88
CA ASP B 652 -46.76 -6.81 28.12
C ASP B 652 -45.51 -5.99 28.33
N GLU B 653 -45.45 -5.27 29.45
CA GLU B 653 -44.34 -4.34 29.69
C GLU B 653 -43.05 -5.07 29.99
N GLY B 654 -43.11 -6.08 30.85
CA GLY B 654 -41.93 -6.77 31.33
C GLY B 654 -41.50 -7.98 30.51
N LEU B 655 -42.12 -8.21 29.36
CA LEU B 655 -41.75 -9.36 28.54
C LEU B 655 -40.33 -9.25 28.02
N ASP B 656 -39.91 -8.05 27.60
CA ASP B 656 -38.59 -7.87 27.02
C ASP B 656 -37.49 -8.18 28.03
N GLY B 657 -37.66 -7.75 29.27
CA GLY B 657 -36.67 -8.05 30.29
C GLY B 657 -36.54 -9.54 30.55
N LYS B 658 -37.67 -10.25 30.59
CA LYS B 658 -37.63 -11.70 30.76
C LYS B 658 -36.97 -12.39 29.58
N ILE B 659 -37.22 -11.92 28.35
CA ILE B 659 -36.56 -12.49 27.19
C ILE B 659 -35.06 -12.26 27.26
N GLN B 660 -34.64 -11.06 27.65
CA GLN B 660 -33.22 -10.75 27.75
C GLN B 660 -32.53 -11.54 28.86
N ASN B 661 -33.29 -12.09 29.80
CA ASN B 661 -32.72 -12.85 30.90
C ASN B 661 -32.65 -14.35 30.61
N ASN B 662 -32.91 -14.75 29.37
CA ASN B 662 -32.87 -16.16 28.97
C ASN B 662 -33.81 -17.01 29.82
N ARG B 663 -35.02 -16.51 30.04
CA ARG B 663 -35.99 -17.23 30.86
C ARG B 663 -36.58 -18.43 30.13
N TYR B 664 -36.68 -18.36 28.80
CA TYR B 664 -37.26 -19.42 27.99
C TYR B 664 -36.21 -20.05 27.07
N ARG B 665 -35.00 -20.24 27.59
CA ARG B 665 -33.92 -20.77 26.76
C ARG B 665 -34.16 -22.22 26.35
N PHE B 666 -34.52 -23.06 27.32
CA PHE B 666 -34.71 -24.49 27.06
C PHE B 666 -36.15 -24.84 26.72
N ALA B 667 -37.12 -24.08 27.23
CA ALA B 667 -38.51 -24.30 26.86
C ALA B 667 -38.75 -24.07 25.38
N PHE B 668 -37.97 -23.19 24.75
CA PHE B 668 -38.06 -22.99 23.31
C PHE B 668 -37.26 -24.02 22.52
N LEU B 669 -36.13 -24.48 23.07
CA LEU B 669 -35.40 -25.58 22.44
C LEU B 669 -36.23 -26.85 22.39
N TYR B 670 -37.00 -27.12 23.45
CA TYR B 670 -37.87 -28.29 23.43
C TYR B 670 -38.90 -28.18 22.31
N LEU B 671 -39.51 -26.99 22.15
CA LEU B 671 -40.46 -26.80 21.06
C LEU B 671 -39.79 -26.96 19.71
N LEU B 672 -38.58 -26.42 19.56
CA LEU B 672 -37.87 -26.51 18.29
C LEU B 672 -37.57 -27.95 17.92
N VAL B 673 -37.09 -28.75 18.88
CA VAL B 673 -36.78 -30.14 18.58
C VAL B 673 -38.05 -30.96 18.35
N LYS B 674 -39.13 -30.64 19.06
CA LYS B 674 -40.40 -31.32 18.82
C LYS B 674 -40.91 -31.02 17.41
N TRP B 675 -40.78 -29.78 16.96
CA TRP B 675 -41.16 -29.45 15.59
C TRP B 675 -40.24 -30.12 14.58
N TYR B 676 -38.94 -30.21 14.89
CA TYR B 676 -38.00 -30.86 13.98
C TYR B 676 -38.34 -32.33 13.80
N LYS B 677 -38.73 -32.99 14.88
CA LYS B 677 -39.11 -34.41 14.78
C LYS B 677 -40.37 -34.60 13.94
N LYS B 678 -41.12 -33.54 13.66
CA LYS B 678 -42.36 -33.69 12.91
C LYS B 678 -42.13 -33.63 11.40
N TYR B 679 -41.37 -32.65 10.93
CA TYR B 679 -41.25 -32.38 9.50
C TYR B 679 -39.95 -32.86 8.88
N HIS B 680 -38.82 -32.65 9.56
CA HIS B 680 -37.50 -32.71 8.93
C HIS B 680 -36.82 -34.06 9.11
N ILE B 681 -37.53 -35.08 9.58
CA ILE B 681 -36.88 -36.38 9.80
C ILE B 681 -36.47 -37.05 8.50
N PRO B 682 -37.38 -37.35 7.53
CA PRO B 682 -36.92 -38.12 6.37
C PRO B 682 -36.02 -37.33 5.44
N ILE B 683 -36.50 -36.18 4.98
CA ILE B 683 -35.78 -35.29 4.07
C ILE B 683 -36.08 -33.86 4.48
N MET B 684 -35.20 -32.94 4.07
CA MET B 684 -35.39 -31.51 4.30
C MET B 684 -35.68 -30.84 2.96
N LYS B 685 -36.93 -30.41 2.77
CA LYS B 685 -37.36 -29.75 1.56
C LYS B 685 -38.68 -29.07 1.82
N LEU B 686 -38.96 -28.01 1.08
CA LEU B 686 -40.19 -27.24 1.22
C LEU B 686 -41.00 -27.30 -0.06
N TYR B 687 -42.32 -27.22 0.09
CA TYR B 687 -43.23 -27.23 -1.04
C TYR B 687 -43.60 -25.80 -1.39
N PRO B 688 -43.29 -25.32 -2.58
CA PRO B 688 -43.66 -23.94 -2.94
C PRO B 688 -45.16 -23.75 -2.98
N THR B 689 -45.59 -22.52 -2.69
CA THR B 689 -47.00 -22.16 -2.61
C THR B 689 -47.25 -20.98 -3.55
N PRO B 690 -47.41 -21.23 -4.85
CA PRO B 690 -47.70 -20.14 -5.79
C PRO B 690 -49.14 -19.64 -5.73
N GLU B 691 -49.99 -20.24 -4.89
CA GLU B 691 -51.38 -19.84 -4.82
C GLU B 691 -51.56 -18.42 -4.29
N GLU B 692 -50.62 -17.93 -3.46
CA GLU B 692 -50.67 -16.58 -2.92
C GLU B 692 -49.34 -15.90 -3.18
N ILE B 693 -49.19 -15.36 -4.39
CA ILE B 693 -48.05 -14.52 -4.75
C ILE B 693 -48.61 -13.34 -5.53
N PRO B 694 -49.20 -12.34 -4.88
CA PRO B 694 -49.86 -11.26 -5.63
C PRO B 694 -48.94 -10.49 -6.55
N ASP B 695 -47.75 -10.11 -6.07
CA ASP B 695 -46.84 -9.30 -6.86
C ASP B 695 -46.40 -9.98 -8.15
N PHE B 696 -46.45 -11.31 -8.21
CA PHE B 696 -46.13 -12.06 -9.42
C PHE B 696 -47.37 -12.67 -10.06
N ALA B 697 -48.54 -12.45 -9.46
CA ALA B 697 -49.73 -13.22 -9.84
C ALA B 697 -50.05 -13.07 -11.33
N PHE B 698 -50.03 -11.82 -11.83
CA PHE B 698 -50.33 -11.62 -13.25
C PHE B 698 -49.33 -12.36 -14.13
N TYR B 699 -48.06 -12.34 -13.76
CA TYR B 699 -47.05 -13.05 -14.54
C TYR B 699 -47.35 -14.55 -14.58
N LEU B 700 -48.00 -15.08 -13.53
CA LEU B 700 -48.43 -16.46 -13.54
C LEU B 700 -49.62 -16.64 -14.49
N LYS B 701 -50.57 -15.70 -14.45
CA LYS B 701 -51.85 -15.92 -15.13
C LYS B 701 -51.66 -16.15 -16.61
N ILE B 702 -50.88 -15.30 -17.28
CA ILE B 702 -50.62 -15.50 -18.70
C ILE B 702 -49.97 -16.86 -18.94
N GLY B 703 -49.03 -17.24 -18.09
CA GLY B 703 -48.40 -18.54 -18.24
C GLY B 703 -49.39 -19.68 -18.12
N THR B 704 -50.49 -19.46 -17.40
CA THR B 704 -51.54 -20.46 -17.26
C THR B 704 -52.70 -20.24 -18.22
N LEU B 705 -52.62 -19.22 -19.09
CA LEU B 705 -53.73 -18.90 -19.98
C LEU B 705 -53.36 -18.92 -21.46
N LEU B 706 -52.10 -19.09 -21.81
CA LEU B 706 -51.66 -19.07 -23.21
C LEU B 706 -51.12 -20.43 -23.60
N VAL B 707 -51.59 -20.94 -24.73
CA VAL B 707 -51.12 -22.21 -25.28
C VAL B 707 -50.54 -21.95 -26.66
N SER B 708 -49.30 -22.39 -26.87
CA SER B 708 -48.64 -22.16 -28.15
C SER B 708 -49.10 -23.19 -29.18
N SER B 709 -49.05 -22.78 -30.45
CA SER B 709 -49.44 -23.65 -31.54
C SER B 709 -48.44 -24.81 -31.69
N SER B 710 -48.92 -25.92 -32.21
CA SER B 710 -48.11 -27.10 -32.40
C SER B 710 -48.59 -27.84 -33.65
N VAL B 711 -48.14 -29.09 -33.80
CA VAL B 711 -48.52 -29.88 -34.96
C VAL B 711 -50.01 -30.21 -34.94
N LYS B 712 -50.56 -30.43 -33.75
CA LYS B 712 -51.98 -30.81 -33.65
C LYS B 712 -52.89 -29.68 -34.11
N HIS B 713 -52.43 -28.44 -34.05
CA HIS B 713 -53.24 -27.30 -34.48
C HIS B 713 -53.15 -27.04 -35.97
N ILE B 714 -52.24 -27.71 -36.69
CA ILE B 714 -52.13 -27.50 -38.13
C ILE B 714 -53.40 -27.91 -38.86
N PRO B 715 -54.00 -29.08 -38.62
CA PRO B 715 -55.27 -29.39 -39.31
C PRO B 715 -56.38 -28.41 -38.99
N LEU B 716 -56.39 -27.83 -37.78
CA LEU B 716 -57.43 -26.89 -37.38
C LEU B 716 -57.05 -25.45 -37.68
N MET B 717 -55.92 -25.22 -38.35
CA MET B 717 -55.50 -23.86 -38.68
C MET B 717 -56.48 -23.20 -39.65
N THR B 718 -57.02 -23.97 -40.61
CA THR B 718 -57.90 -23.40 -41.61
C THR B 718 -59.12 -22.74 -40.98
N ASP B 719 -59.73 -23.40 -39.99
CA ASP B 719 -60.84 -22.77 -39.27
C ASP B 719 -60.40 -21.50 -38.58
N LEU B 720 -59.18 -21.49 -38.02
CA LEU B 720 -58.63 -20.27 -37.47
C LEU B 720 -58.20 -19.31 -38.58
N SER B 721 -57.86 -19.84 -39.76
CA SER B 721 -57.38 -18.99 -40.84
C SER B 721 -58.45 -17.99 -41.29
N LYS B 722 -59.71 -18.44 -41.33
CA LYS B 722 -60.80 -17.54 -41.68
C LYS B 722 -61.05 -16.48 -40.61
N LYS B 723 -60.45 -16.61 -39.43
CA LYS B 723 -60.61 -15.65 -38.35
C LYS B 723 -59.52 -14.59 -38.33
N GLY B 724 -58.94 -14.26 -39.48
CA GLY B 724 -57.92 -13.23 -39.56
C GLY B 724 -56.49 -13.72 -39.53
N TYR B 725 -56.26 -15.01 -39.73
CA TYR B 725 -54.91 -15.57 -39.72
C TYR B 725 -54.53 -16.05 -41.11
N ILE B 726 -53.28 -15.78 -41.49
CA ILE B 726 -52.77 -16.13 -42.82
C ILE B 726 -51.68 -17.18 -42.64
N LEU B 727 -51.82 -18.29 -43.36
CA LEU B 727 -50.85 -19.38 -43.32
C LEU B 727 -49.69 -19.01 -44.26
N TYR B 728 -48.66 -18.41 -43.68
CA TYR B 728 -47.46 -18.02 -44.42
C TYR B 728 -46.30 -18.90 -43.94
N ASP B 729 -45.84 -19.79 -44.82
CA ASP B 729 -44.77 -20.74 -44.50
C ASP B 729 -45.12 -21.57 -43.26
N ASN B 730 -46.39 -21.97 -43.16
CA ASN B 730 -46.90 -22.76 -42.04
C ASN B 730 -46.63 -22.06 -40.71
N VAL B 731 -46.77 -20.74 -40.70
CA VAL B 731 -46.56 -19.93 -39.50
C VAL B 731 -47.83 -19.11 -39.27
N VAL B 732 -48.36 -19.17 -38.05
CA VAL B 732 -49.56 -18.43 -37.70
C VAL B 732 -49.22 -16.95 -37.58
N THR B 733 -49.97 -16.10 -38.28
CA THR B 733 -49.78 -14.67 -38.24
C THR B 733 -50.86 -14.04 -37.38
N LEU B 734 -50.46 -13.39 -36.28
CA LEU B 734 -51.39 -12.78 -35.35
C LEU B 734 -51.29 -11.27 -35.44
N PRO B 735 -52.36 -10.57 -35.80
CA PRO B 735 -52.33 -9.11 -35.78
C PRO B 735 -52.11 -8.58 -34.37
N LEU B 736 -51.38 -7.47 -34.28
CA LEU B 736 -51.05 -6.91 -32.98
C LEU B 736 -52.31 -6.45 -32.24
N THR B 737 -53.18 -5.70 -32.91
CA THR B 737 -54.33 -5.10 -32.25
C THR B 737 -55.26 -6.15 -31.65
N THR B 738 -55.33 -7.34 -32.26
CA THR B 738 -56.17 -8.39 -31.71
C THR B 738 -55.71 -8.78 -30.31
N PHE B 739 -54.40 -8.91 -30.10
CA PHE B 739 -53.88 -9.26 -28.79
C PHE B 739 -53.91 -8.06 -27.85
N GLN B 740 -53.65 -6.85 -28.39
CA GLN B 740 -53.78 -5.64 -27.57
C GLN B 740 -55.17 -5.54 -26.94
N GLN B 741 -56.22 -5.65 -27.76
CA GLN B 741 -57.58 -5.51 -27.25
C GLN B 741 -57.92 -6.62 -26.27
N LYS B 742 -57.48 -7.85 -26.58
CA LYS B 742 -57.80 -8.98 -25.71
C LYS B 742 -57.18 -8.81 -24.34
N ILE B 743 -55.94 -8.32 -24.27
CA ILE B 743 -55.32 -8.13 -22.96
C ILE B 743 -55.79 -6.85 -22.29
N SER B 744 -56.25 -5.85 -23.06
CA SER B 744 -56.74 -4.62 -22.48
C SER B 744 -58.20 -4.70 -22.05
N LYS B 745 -58.90 -5.77 -22.42
CA LYS B 745 -60.28 -5.94 -21.98
C LYS B 745 -60.41 -6.10 -20.47
N TYR B 746 -59.33 -6.51 -19.79
CA TYR B 746 -59.38 -6.70 -18.36
C TYR B 746 -58.26 -5.95 -17.65
N PHE B 747 -57.09 -5.87 -18.29
CA PHE B 747 -55.92 -5.22 -17.72
C PHE B 747 -55.84 -3.79 -18.25
N ASN B 748 -55.72 -2.82 -17.33
CA ASN B 748 -55.47 -1.44 -17.71
C ASN B 748 -54.05 -1.34 -18.23
N SER B 749 -53.91 -1.20 -19.55
CA SER B 749 -52.59 -1.22 -20.16
C SER B 749 -51.75 -0.03 -19.73
N ARG B 750 -52.38 1.04 -19.25
CA ARG B 750 -51.64 2.21 -18.80
C ARG B 750 -50.82 1.90 -17.55
N LEU B 751 -51.38 1.08 -16.64
CA LEU B 751 -50.70 0.80 -15.39
C LEU B 751 -49.45 -0.05 -15.61
N PHE B 752 -49.55 -1.11 -16.41
CA PHE B 752 -48.42 -1.99 -16.70
C PHE B 752 -47.87 -1.79 -18.11
N GLY B 753 -47.88 -0.56 -18.62
CA GLY B 753 -47.36 -0.34 -19.97
C GLY B 753 -45.91 -0.70 -20.10
N HIS B 754 -45.09 -0.30 -19.13
CA HIS B 754 -43.66 -0.63 -19.17
C HIS B 754 -43.43 -2.13 -19.04
N ASP B 755 -44.17 -2.80 -18.17
CA ASP B 755 -43.98 -4.24 -17.98
C ASP B 755 -44.37 -5.01 -19.24
N ILE B 756 -45.50 -4.64 -19.86
CA ILE B 756 -45.93 -5.28 -21.09
C ILE B 756 -44.91 -5.02 -22.20
N GLU B 757 -44.40 -3.78 -22.28
CA GLU B 757 -43.38 -3.46 -23.27
C GLU B 757 -42.12 -4.29 -23.07
N SER B 758 -41.69 -4.46 -21.81
CA SER B 758 -40.52 -5.27 -21.52
C SER B 758 -40.74 -6.72 -21.94
N PHE B 759 -41.90 -7.27 -21.60
CA PHE B 759 -42.22 -8.63 -22.02
C PHE B 759 -42.21 -8.74 -23.54
N ILE B 760 -42.69 -7.70 -24.22
CA ILE B 760 -42.78 -7.73 -25.68
C ILE B 760 -41.39 -7.77 -26.29
N ASN B 761 -40.51 -6.82 -25.92
CA ASN B 761 -39.23 -6.80 -26.62
C ASN B 761 -38.31 -7.91 -26.13
N ARG B 762 -38.63 -8.53 -24.99
CA ARG B 762 -37.97 -9.77 -24.63
C ARG B 762 -38.51 -10.96 -25.40
N HIS B 763 -39.75 -10.89 -25.89
CA HIS B 763 -40.37 -12.00 -26.60
C HIS B 763 -40.76 -11.66 -28.03
N LYS B 764 -40.40 -10.49 -28.55
CA LYS B 764 -40.78 -10.13 -29.91
C LYS B 764 -40.06 -11.00 -30.92
N LYS B 765 -40.79 -11.36 -31.98
CA LYS B 765 -40.23 -12.13 -33.08
C LYS B 765 -40.57 -11.41 -34.39
N PHE B 766 -39.58 -11.31 -35.28
CA PHE B 766 -39.73 -10.58 -36.53
C PHE B 766 -39.96 -11.57 -37.66
N ALA B 767 -41.21 -11.68 -38.12
CA ALA B 767 -41.48 -12.46 -39.32
C ALA B 767 -40.88 -11.81 -40.55
N ASN B 768 -40.98 -10.49 -40.65
CA ASN B 768 -40.41 -9.72 -41.75
C ASN B 768 -40.18 -8.30 -41.26
N VAL B 769 -39.96 -7.37 -42.19
CA VAL B 769 -39.66 -5.99 -41.83
C VAL B 769 -40.88 -5.32 -41.20
N SER B 770 -42.09 -5.71 -41.57
CA SER B 770 -43.29 -5.02 -41.13
C SER B 770 -44.17 -5.86 -40.22
N ASP B 771 -44.59 -7.04 -40.66
CA ASP B 771 -45.55 -7.83 -39.90
C ASP B 771 -44.90 -8.46 -38.67
N GLU B 772 -45.61 -8.38 -37.55
CA GLU B 772 -45.18 -9.00 -36.30
C GLU B 772 -46.26 -9.96 -35.82
N TYR B 773 -45.85 -11.13 -35.35
CA TYR B 773 -46.77 -12.18 -34.92
C TYR B 773 -46.33 -12.73 -33.58
N LEU B 774 -47.30 -13.32 -32.88
CA LEU B 774 -47.06 -13.97 -31.59
C LEU B 774 -47.25 -15.48 -31.75
N GLN B 775 -46.32 -16.24 -31.18
CA GLN B 775 -46.33 -17.69 -31.34
C GLN B 775 -47.21 -18.36 -30.29
N TYR B 776 -48.46 -17.90 -30.17
CA TYR B 776 -49.41 -18.50 -29.25
C TYR B 776 -50.80 -18.40 -29.84
N ILE B 777 -51.66 -19.35 -29.48
CA ILE B 777 -53.05 -19.38 -29.91
C ILE B 777 -53.92 -19.37 -28.66
N PHE B 778 -54.82 -18.39 -28.57
CA PHE B 778 -55.68 -18.27 -27.41
C PHE B 778 -56.65 -19.45 -27.34
N ILE B 779 -56.98 -19.86 -26.12
CA ILE B 779 -57.87 -21.00 -25.92
C ILE B 779 -59.26 -20.68 -26.46
N GLU B 780 -59.74 -19.47 -26.23
CA GLU B 780 -61.06 -19.09 -26.71
C GLU B 780 -61.12 -18.97 -28.24
N ASP B 781 -59.97 -18.85 -28.90
CA ASP B 781 -59.98 -18.78 -30.36
C ASP B 781 -60.39 -20.11 -30.99
N ILE B 782 -60.08 -21.23 -30.34
CA ILE B 782 -60.44 -22.54 -30.85
C ILE B 782 -61.64 -23.15 -30.14
N SER B 783 -61.80 -22.91 -28.84
CA SER B 783 -62.92 -23.47 -28.09
C SER B 783 -64.18 -22.64 -28.32
N SER B 784 -65.25 -23.32 -28.71
CA SER B 784 -66.52 -22.63 -28.94
C SER B 784 -67.09 -22.13 -27.61
N PRO B 785 -67.68 -20.93 -27.59
CA PRO B 785 -68.27 -20.37 -26.36
C PRO B 785 -69.56 -21.08 -25.97
N ASP C 322 9.27 -27.80 46.95
CA ASP C 322 8.71 -26.73 46.14
C ASP C 322 9.13 -26.87 44.68
N GLY C 323 8.15 -26.87 43.78
CA GLY C 323 8.43 -27.00 42.36
C GLY C 323 8.80 -25.69 41.70
N ASN C 324 8.17 -25.39 40.57
CA ASN C 324 8.42 -24.14 39.86
C ASN C 324 7.79 -23.00 40.64
N LYS C 325 8.63 -22.10 41.16
CA LYS C 325 8.12 -21.01 41.99
C LYS C 325 7.31 -20.01 41.18
N LEU C 326 7.71 -19.73 39.95
CA LEU C 326 6.96 -18.79 39.12
C LEU C 326 5.56 -19.30 38.83
N PHE C 327 5.42 -20.61 38.64
CA PHE C 327 4.09 -21.19 38.45
C PHE C 327 3.24 -21.02 39.70
N ASN C 328 3.84 -21.19 40.88
CA ASN C 328 3.10 -20.97 42.12
C ASN C 328 2.65 -19.52 42.24
N ILE C 329 3.52 -18.58 41.86
CA ILE C 329 3.15 -17.17 41.91
C ILE C 329 1.99 -16.90 40.95
N ALA C 330 2.05 -17.47 39.75
CA ALA C 330 0.97 -17.30 38.79
C ALA C 330 -0.34 -17.88 39.31
N GLN C 331 -0.27 -19.04 39.95
CA GLN C 331 -1.47 -19.65 40.53
C GLN C 331 -2.06 -18.77 41.62
N ARG C 332 -1.20 -18.23 42.49
CA ARG C 332 -1.69 -17.35 43.55
C ARG C 332 -2.34 -16.10 42.97
N ILE C 333 -1.73 -15.51 41.93
CA ILE C 333 -2.31 -14.33 41.32
C ILE C 333 -3.65 -14.66 40.68
N LEU C 334 -3.73 -15.79 39.98
CA LEU C 334 -4.98 -16.18 39.33
C LEU C 334 -6.07 -16.49 40.33
N ASP C 335 -5.71 -16.97 41.53
CA ASP C 335 -6.71 -17.30 42.53
C ASP C 335 -7.48 -16.09 43.04
N THR C 336 -6.97 -14.88 42.84
CA THR C 336 -7.63 -13.67 43.34
C THR C 336 -8.67 -13.13 42.38
N ASN C 337 -8.83 -13.74 41.20
CA ASN C 337 -9.81 -13.31 40.21
C ASN C 337 -9.60 -11.85 39.81
N SER C 338 -8.34 -11.44 39.72
CA SER C 338 -8.01 -10.07 39.34
C SER C 338 -7.83 -9.89 37.84
N VAL C 339 -7.82 -10.95 37.06
CA VAL C 339 -7.69 -10.89 35.62
C VAL C 339 -8.71 -11.82 35.00
N LEU C 340 -9.37 -11.35 33.93
CA LEU C 340 -10.42 -12.12 33.28
C LEU C 340 -10.33 -11.94 31.78
N LEU C 341 -10.93 -12.89 31.06
CA LEU C 341 -10.96 -12.88 29.60
C LEU C 341 -12.40 -12.68 29.13
N THR C 342 -12.58 -11.82 28.14
CA THR C 342 -13.90 -11.47 27.64
C THR C 342 -14.17 -12.15 26.30
N GLU C 343 -15.44 -12.09 25.87
CA GLU C 343 -15.84 -12.71 24.62
C GLU C 343 -15.25 -12.01 23.41
N ARG C 344 -14.87 -10.74 23.53
CA ARG C 344 -14.31 -10.01 22.41
C ARG C 344 -12.81 -10.27 22.22
N GLY C 345 -12.20 -11.07 23.08
CA GLY C 345 -10.80 -11.40 22.96
C GLY C 345 -9.85 -10.54 23.77
N ASP C 346 -10.35 -9.74 24.69
CA ASP C 346 -9.53 -8.83 25.48
C ASP C 346 -9.37 -9.38 26.90
N HIS C 347 -8.36 -8.85 27.59
CA HIS C 347 -8.09 -9.19 28.98
C HIS C 347 -8.37 -7.97 29.86
N ILE C 348 -9.16 -8.17 30.90
CA ILE C 348 -9.52 -7.11 31.82
C ILE C 348 -8.85 -7.36 33.17
N VAL C 349 -8.22 -6.33 33.73
CA VAL C 349 -7.52 -6.43 34.99
C VAL C 349 -8.18 -5.51 36.01
N TRP C 350 -7.92 -5.79 37.28
CA TRP C 350 -8.51 -5.04 38.40
C TRP C 350 -7.40 -4.19 39.01
N ILE C 351 -7.29 -2.96 38.56
CA ILE C 351 -6.25 -2.04 38.99
C ILE C 351 -6.91 -0.80 39.60
N ASN C 352 -6.51 -0.46 40.83
CA ASN C 352 -6.96 0.76 41.50
C ASN C 352 -8.48 0.84 41.57
N ASN C 353 -9.09 -0.26 42.02
CA ASN C 353 -10.54 -0.33 42.21
C ASN C 353 -11.30 -0.02 40.92
N SER C 354 -10.81 -0.55 39.80
CA SER C 354 -11.45 -0.33 38.51
C SER C 354 -11.03 -1.42 37.55
N TRP C 355 -11.93 -1.80 36.65
CA TRP C 355 -11.63 -2.76 35.60
C TRP C 355 -11.11 -2.00 34.38
N LYS C 356 -9.88 -2.33 33.97
CA LYS C 356 -9.23 -1.66 32.86
C LYS C 356 -8.80 -2.69 31.82
N PHE C 357 -8.84 -2.29 30.55
CA PHE C 357 -8.42 -3.15 29.47
C PHE C 357 -7.82 -2.31 28.35
N ASN C 358 -6.81 -2.86 27.69
CA ASN C 358 -6.17 -2.20 26.56
C ASN C 358 -5.97 -3.21 25.44
N SER C 359 -6.21 -2.77 24.21
CA SER C 359 -6.08 -3.64 23.04
C SER C 359 -4.66 -3.72 22.52
N GLU C 360 -3.74 -2.92 23.05
CA GLU C 360 -2.36 -2.94 22.58
C GLU C 360 -1.31 -2.96 23.69
N GLU C 361 -1.70 -2.81 24.96
CA GLU C 361 -0.72 -2.75 26.03
C GLU C 361 -0.93 -3.90 27.01
N PRO C 362 0.13 -4.57 27.42
CA PRO C 362 -0.02 -5.67 28.39
C PRO C 362 -0.18 -5.17 29.82
N LEU C 363 -1.41 -4.84 30.21
CA LEU C 363 -1.69 -4.41 31.57
C LEU C 363 -1.45 -5.52 32.59
N ILE C 364 -1.29 -6.77 32.14
CA ILE C 364 -1.06 -7.88 33.06
C ILE C 364 0.24 -7.68 33.82
N THR C 365 1.26 -7.13 33.16
CA THR C 365 2.51 -6.87 33.84
C THR C 365 2.34 -5.80 34.92
N LYS C 366 1.56 -4.76 34.64
CA LYS C 366 1.27 -3.75 35.64
C LYS C 366 0.54 -4.34 36.83
N LEU C 367 -0.44 -5.21 36.57
CA LEU C 367 -1.16 -5.86 37.66
C LEU C 367 -0.22 -6.73 38.49
N ILE C 368 0.69 -7.46 37.82
CA ILE C 368 1.63 -8.31 38.53
C ILE C 368 2.53 -7.46 39.43
N LEU C 369 3.02 -6.34 38.91
CA LEU C 369 3.87 -5.47 39.71
C LEU C 369 3.11 -4.88 40.89
N SER C 370 1.85 -4.50 40.68
CA SER C 370 1.08 -3.86 41.75
C SER C 370 0.65 -4.84 42.83
N ILE C 371 0.40 -6.10 42.48
CA ILE C 371 -0.14 -7.07 43.42
C ILE C 371 1.01 -7.72 44.20
N ARG C 372 2.21 -7.16 44.06
CA ARG C 372 3.40 -7.75 44.68
C ARG C 372 3.29 -7.77 46.20
N HIS C 373 2.74 -6.72 46.79
CA HIS C 373 2.75 -6.58 48.25
C HIS C 373 1.88 -7.63 48.94
N GLN C 374 0.87 -8.16 48.28
CA GLN C 374 0.01 -9.17 48.92
C GLN C 374 0.72 -10.50 49.09
N LEU C 375 1.61 -10.86 48.17
CA LEU C 375 2.30 -12.13 48.23
C LEU C 375 3.32 -12.13 49.38
N PRO C 376 3.68 -13.31 49.87
CA PRO C 376 4.70 -13.38 50.93
C PRO C 376 6.04 -12.86 50.44
N LYS C 377 6.89 -12.51 51.42
CA LYS C 377 8.16 -11.85 51.11
C LYS C 377 9.09 -12.70 50.27
N GLU C 378 8.93 -14.03 50.31
CA GLU C 378 9.78 -14.88 49.48
C GLU C 378 9.51 -14.65 48.00
N TYR C 379 8.24 -14.51 47.62
CA TYR C 379 7.88 -14.24 46.23
C TYR C 379 7.89 -12.76 45.88
N SER C 380 8.04 -11.87 46.88
CA SER C 380 7.97 -10.44 46.60
C SER C 380 9.18 -9.98 45.80
N SER C 381 10.38 -10.43 46.19
CA SER C 381 11.60 -10.00 45.51
C SER C 381 11.74 -10.58 44.12
N GLU C 382 11.01 -11.64 43.79
CA GLU C 382 11.13 -12.27 42.49
C GLU C 382 10.48 -11.46 41.38
N LEU C 383 9.57 -10.55 41.71
CA LEU C 383 8.80 -9.82 40.71
C LEU C 383 9.44 -8.50 40.31
N LEU C 384 10.60 -8.15 40.86
CA LEU C 384 11.26 -6.93 40.46
C LEU C 384 11.92 -7.03 39.09
N CYS C 385 12.32 -8.23 38.68
CA CYS C 385 12.93 -8.46 37.38
C CYS C 385 11.86 -8.53 36.30
N PRO C 386 11.94 -7.71 35.25
CA PRO C 386 10.90 -7.75 34.21
C PRO C 386 10.76 -9.09 33.51
N ARG C 387 11.85 -9.84 33.34
CA ARG C 387 11.76 -11.13 32.67
C ARG C 387 10.91 -12.12 33.46
N LYS C 388 11.06 -12.13 34.79
CA LYS C 388 10.19 -12.96 35.61
C LYS C 388 8.72 -12.55 35.45
N ARG C 389 8.47 -11.24 35.34
CA ARG C 389 7.10 -10.78 35.12
C ARG C 389 6.55 -11.25 33.79
N LYS C 390 7.39 -11.23 32.74
CA LYS C 390 6.95 -11.76 31.45
C LYS C 390 6.65 -13.25 31.53
N THR C 391 7.48 -14.00 32.24
CA THR C 391 7.23 -15.43 32.39
C THR C 391 5.92 -15.69 33.14
N VAL C 392 5.67 -14.93 34.20
CA VAL C 392 4.42 -15.09 34.96
C VAL C 392 3.23 -14.71 34.10
N GLU C 393 3.37 -13.66 33.28
CA GLU C 393 2.29 -13.27 32.39
C GLU C 393 1.99 -14.37 31.38
N ALA C 394 3.04 -14.99 30.83
CA ALA C 394 2.84 -16.09 29.88
C ALA C 394 2.12 -17.25 30.56
N ASN C 395 2.52 -17.59 31.78
CA ASN C 395 1.83 -18.65 32.52
C ASN C 395 0.36 -18.30 32.72
N ILE C 396 0.07 -17.08 33.17
CA ILE C 396 -1.31 -16.68 33.44
C ILE C 396 -2.13 -16.74 32.16
N ARG C 397 -1.57 -16.24 31.05
CA ARG C 397 -2.27 -16.31 29.78
C ARG C 397 -2.51 -17.76 29.35
N ASP C 398 -1.61 -18.67 29.74
CA ASP C 398 -1.82 -20.08 29.43
C ASP C 398 -2.94 -20.71 30.25
N MET C 399 -3.05 -20.37 31.53
CA MET C 399 -4.09 -20.98 32.36
C MET C 399 -5.45 -20.30 32.24
N LEU C 400 -5.56 -19.24 31.45
CA LEU C 400 -6.81 -18.47 31.34
C LEU C 400 -7.60 -19.01 30.16
N VAL C 401 -8.58 -19.86 30.46
CA VAL C 401 -9.51 -20.40 29.47
C VAL C 401 -10.93 -20.19 30.00
N ASP C 402 -11.84 -19.79 29.10
CA ASP C 402 -13.27 -19.53 29.30
C ASP C 402 -13.50 -18.03 29.43
N SER C 403 -14.45 -17.50 28.66
CA SER C 403 -14.75 -16.08 28.64
C SER C 403 -15.91 -15.77 29.57
N VAL C 404 -15.90 -14.56 30.14
CA VAL C 404 -16.92 -14.11 31.07
C VAL C 404 -17.56 -12.85 30.50
N GLU C 405 -18.89 -12.83 30.47
CA GLU C 405 -19.61 -11.68 29.95
C GLU C 405 -19.49 -10.50 30.92
N THR C 406 -19.64 -9.30 30.36
CA THR C 406 -19.47 -8.07 31.12
C THR C 406 -20.67 -7.14 30.91
N ASP C 407 -20.84 -6.22 31.85
CA ASP C 407 -21.88 -5.18 31.77
C ASP C 407 -23.28 -5.80 31.67
N THR C 408 -23.66 -6.52 32.72
CA THR C 408 -24.97 -7.14 32.80
C THR C 408 -25.89 -6.43 33.78
N TYR C 409 -25.40 -5.43 34.52
CA TYR C 409 -26.22 -4.71 35.49
C TYR C 409 -26.54 -3.32 34.95
N PRO C 410 -27.79 -3.04 34.61
CA PRO C 410 -28.14 -1.72 34.06
C PRO C 410 -28.42 -0.64 35.09
N ASP C 411 -28.49 -0.98 36.37
CA ASP C 411 -28.83 -0.03 37.42
C ASP C 411 -27.63 0.30 38.31
N LYS C 412 -26.43 0.20 37.78
CA LYS C 412 -25.20 0.52 38.50
C LYS C 412 -24.42 1.57 37.73
N LEU C 413 -23.96 2.59 38.44
CA LEU C 413 -23.20 3.67 37.82
C LEU C 413 -21.73 3.50 38.16
N PRO C 414 -20.86 3.20 37.19
CA PRO C 414 -19.45 2.99 37.50
C PRO C 414 -18.65 4.28 37.54
N PHE C 415 -17.77 4.37 38.52
CA PHE C 415 -16.86 5.50 38.69
C PHE C 415 -15.42 5.00 38.60
N LYS C 416 -14.48 5.91 38.84
CA LYS C 416 -13.07 5.55 38.84
C LYS C 416 -12.66 4.81 40.10
N ASN C 417 -13.27 5.11 41.24
CA ASN C 417 -12.88 4.50 42.51
C ASN C 417 -14.03 3.75 43.17
N GLY C 418 -15.06 3.38 42.41
CA GLY C 418 -16.17 2.65 42.99
C GLY C 418 -17.35 2.60 42.05
N VAL C 419 -18.41 1.97 42.54
CA VAL C 419 -19.66 1.80 41.80
C VAL C 419 -20.81 2.27 42.69
N LEU C 420 -21.67 3.12 42.15
CA LEU C 420 -22.82 3.64 42.86
C LEU C 420 -24.06 2.84 42.51
N ASP C 421 -24.82 2.45 43.54
CA ASP C 421 -26.06 1.72 43.34
C ASP C 421 -27.22 2.70 43.28
N LEU C 422 -27.95 2.70 42.17
CA LEU C 422 -29.06 3.62 42.00
C LEU C 422 -30.31 3.18 42.73
N VAL C 423 -30.38 1.93 43.18
CA VAL C 423 -31.57 1.43 43.86
C VAL C 423 -31.73 2.12 45.22
N ASP C 424 -30.64 2.19 45.99
CA ASP C 424 -30.71 2.75 47.34
C ASP C 424 -29.69 3.85 47.60
N GLY C 425 -28.86 4.20 46.61
CA GLY C 425 -27.88 5.25 46.79
C GLY C 425 -26.59 4.85 47.48
N MET C 426 -26.45 3.59 47.87
CA MET C 426 -25.23 3.15 48.52
C MET C 426 -24.07 3.15 47.53
N PHE C 427 -22.88 3.50 48.02
CA PHE C 427 -21.67 3.53 47.22
C PHE C 427 -20.76 2.39 47.65
N TYR C 428 -20.32 1.59 46.69
CA TYR C 428 -19.48 0.44 46.95
C TYR C 428 -18.07 0.66 46.42
N SER C 429 -17.09 0.13 47.14
CA SER C 429 -15.69 0.25 46.75
C SER C 429 -14.95 -1.02 47.10
N GLY C 430 -13.82 -1.22 46.44
CA GLY C 430 -12.99 -2.39 46.68
C GLY C 430 -13.62 -3.69 46.25
N ASP C 431 -13.68 -4.65 47.19
CA ASP C 431 -14.23 -5.98 46.88
C ASP C 431 -15.69 -5.89 46.48
N ASP C 432 -16.49 -5.05 47.17
CA ASP C 432 -17.92 -4.99 46.88
C ASP C 432 -18.19 -4.57 45.45
N ALA C 433 -17.45 -3.59 44.95
CA ALA C 433 -17.63 -3.13 43.57
C ALA C 433 -16.99 -4.06 42.55
N LYS C 434 -16.17 -5.01 42.99
CA LYS C 434 -15.48 -5.90 42.06
C LYS C 434 -16.46 -6.80 41.31
N LYS C 435 -17.48 -7.30 42.00
CA LYS C 435 -18.36 -8.31 41.42
C LYS C 435 -19.24 -7.75 40.30
N TYR C 436 -19.30 -6.44 40.11
CA TYR C 436 -19.97 -5.83 38.98
C TYR C 436 -18.91 -5.57 37.91
N THR C 437 -18.92 -6.39 36.85
CA THR C 437 -17.95 -6.26 35.77
C THR C 437 -18.32 -5.08 34.90
N CYS C 438 -17.99 -3.88 35.39
CA CYS C 438 -18.27 -2.63 34.68
C CYS C 438 -17.00 -2.20 33.95
N THR C 439 -16.97 -2.42 32.64
CA THR C 439 -15.80 -2.08 31.84
C THR C 439 -15.64 -0.58 31.62
N VAL C 440 -16.74 0.16 31.62
CA VAL C 440 -16.70 1.61 31.41
C VAL C 440 -16.77 2.30 32.76
N SER C 441 -16.46 3.60 32.76
CA SER C 441 -16.50 4.40 33.97
C SER C 441 -16.61 5.86 33.58
N THR C 442 -16.98 6.69 34.57
CA THR C 442 -17.10 8.12 34.32
C THR C 442 -15.75 8.79 34.13
N GLY C 443 -14.66 8.14 34.55
CA GLY C 443 -13.33 8.67 34.35
C GLY C 443 -12.79 9.53 35.47
N PHE C 444 -13.58 9.82 36.50
CA PHE C 444 -13.14 10.64 37.61
C PHE C 444 -13.54 9.99 38.93
N LYS C 445 -12.78 10.31 39.98
CA LYS C 445 -13.03 9.74 41.29
C LYS C 445 -14.29 10.34 41.90
N PHE C 446 -15.01 9.51 42.65
CA PHE C 446 -16.23 9.93 43.32
C PHE C 446 -15.91 10.56 44.67
N ASP C 447 -16.68 11.60 45.02
CA ASP C 447 -16.51 12.31 46.27
C ASP C 447 -17.84 12.30 47.02
N ASP C 448 -17.80 11.85 48.28
CA ASP C 448 -19.00 11.74 49.10
C ASP C 448 -19.23 12.99 49.95
N THR C 449 -18.34 13.96 49.90
CA THR C 449 -18.49 15.19 50.67
C THR C 449 -19.24 16.27 49.91
N LYS C 450 -19.70 15.99 48.70
CA LYS C 450 -20.44 16.96 47.89
C LYS C 450 -21.87 16.55 47.61
N PHE C 451 -22.29 15.37 48.05
CA PHE C 451 -23.67 14.91 47.87
C PHE C 451 -24.53 15.46 49.00
N VAL C 452 -24.69 16.78 49.01
CA VAL C 452 -25.44 17.49 50.04
C VAL C 452 -26.31 18.54 49.37
N GLU C 453 -27.53 18.70 49.88
CA GLU C 453 -28.41 19.76 49.37
C GLU C 453 -28.00 21.13 49.89
N ASP C 454 -27.45 21.19 51.09
CA ASP C 454 -27.13 22.47 51.74
C ASP C 454 -25.76 22.96 51.29
N SER C 455 -25.71 23.36 50.02
CA SER C 455 -24.51 23.95 49.43
C SER C 455 -24.92 25.10 48.53
N PRO C 456 -24.09 26.15 48.44
CA PRO C 456 -24.41 27.24 47.52
C PRO C 456 -24.48 26.82 46.06
N GLU C 457 -23.65 25.86 45.66
CA GLU C 457 -23.68 25.39 44.28
C GLU C 457 -25.00 24.69 43.97
N MET C 458 -25.58 23.98 44.94
CA MET C 458 -26.92 23.41 44.74
C MET C 458 -27.93 24.50 44.43
N GLU C 459 -27.93 25.58 45.21
CA GLU C 459 -28.88 26.67 44.97
C GLU C 459 -28.65 27.31 43.61
N GLU C 460 -27.38 27.56 43.25
CA GLU C 460 -27.10 28.17 41.97
C GLU C 460 -27.56 27.28 40.81
N LEU C 461 -27.27 25.99 40.88
CA LEU C 461 -27.69 25.08 39.82
C LEU C 461 -29.19 24.97 39.74
N MET C 462 -29.87 24.94 40.89
CA MET C 462 -31.32 24.89 40.89
C MET C 462 -31.91 26.14 40.26
N ASN C 463 -31.35 27.31 40.56
CA ASN C 463 -31.81 28.54 39.93
C ASN C 463 -31.58 28.53 38.43
N ILE C 464 -30.42 28.04 37.98
CA ILE C 464 -30.15 27.97 36.56
C ILE C 464 -31.14 27.05 35.85
N ILE C 465 -31.41 25.88 36.44
CA ILE C 465 -32.33 24.93 35.84
C ILE C 465 -33.74 25.50 35.81
N ASN C 466 -34.15 26.20 36.88
CA ASN C 466 -35.45 26.85 36.88
C ASN C 466 -35.54 27.92 35.79
N ASP C 467 -34.48 28.69 35.58
CA ASP C 467 -34.48 29.69 34.51
C ASP C 467 -34.59 29.05 33.14
N ILE C 468 -33.88 27.94 32.91
CA ILE C 468 -33.94 27.28 31.62
C ILE C 468 -35.33 26.70 31.36
N GLN C 469 -35.87 25.97 32.32
CA GLN C 469 -37.18 25.33 32.20
C GLN C 469 -38.03 25.71 33.40
N PRO C 470 -38.78 26.81 33.31
CA PRO C 470 -39.63 27.22 34.43
C PRO C 470 -40.66 26.15 34.76
N LEU C 471 -40.90 25.98 36.06
CA LEU C 471 -41.84 24.97 36.54
C LEU C 471 -43.25 25.55 36.70
N THR C 472 -43.73 26.20 35.65
CA THR C 472 -45.07 26.75 35.66
C THR C 472 -46.08 25.67 35.30
N ASP C 473 -47.37 26.01 35.42
CA ASP C 473 -48.42 25.06 35.09
C ASP C 473 -48.41 24.73 33.60
N GLU C 474 -48.39 25.75 32.75
CA GLU C 474 -48.42 25.54 31.31
C GLU C 474 -47.20 24.77 30.80
N ASN C 475 -46.08 24.84 31.53
CA ASN C 475 -44.87 24.11 31.19
C ASN C 475 -44.69 22.87 32.06
N LYS C 476 -45.74 22.44 32.77
CA LYS C 476 -45.60 21.31 33.68
C LYS C 476 -45.24 20.04 32.93
N LYS C 477 -46.14 19.56 32.08
CA LYS C 477 -45.95 18.26 31.43
C LYS C 477 -44.62 18.22 30.66
N ASN C 478 -44.36 19.23 29.84
CA ASN C 478 -43.11 19.29 29.09
C ASN C 478 -41.91 19.18 30.03
N ARG C 479 -41.96 19.88 31.17
CA ARG C 479 -40.83 19.83 32.10
C ARG C 479 -40.56 18.42 32.58
N GLU C 480 -41.62 17.61 32.73
CA GLU C 480 -41.41 16.21 33.08
C GLU C 480 -40.53 15.51 32.05
N LEU C 481 -40.84 15.69 30.76
CA LEU C 481 -40.01 15.09 29.72
C LEU C 481 -38.60 15.64 29.75
N TYR C 482 -38.40 16.83 30.32
CA TYR C 482 -37.05 17.36 30.47
C TYR C 482 -36.23 16.51 31.44
N GLU C 483 -36.85 16.04 32.52
CA GLU C 483 -36.11 15.31 33.53
C GLU C 483 -36.23 13.81 33.39
N LYS C 484 -37.32 13.31 32.81
CA LYS C 484 -37.45 11.89 32.57
C LYS C 484 -36.40 11.40 31.57
N THR C 485 -36.16 12.18 30.52
CA THR C 485 -35.16 11.80 29.53
C THR C 485 -33.75 11.86 30.10
N LEU C 486 -33.40 12.98 30.76
CA LEU C 486 -32.05 13.14 31.26
C LEU C 486 -31.70 12.07 32.28
N SER C 487 -32.63 11.75 33.19
CA SER C 487 -32.39 10.69 34.16
C SER C 487 -32.16 9.35 33.50
N SER C 488 -32.67 9.14 32.29
CA SER C 488 -32.43 7.89 31.57
C SER C 488 -31.01 7.80 31.02
N CYS C 489 -30.24 8.88 31.06
CA CYS C 489 -28.89 8.87 30.50
C CYS C 489 -27.90 8.08 31.35
N LEU C 490 -28.28 7.70 32.58
CA LEU C 490 -27.41 6.93 33.46
C LEU C 490 -27.90 5.50 33.65
N CYS C 491 -28.73 4.99 32.75
CA CYS C 491 -29.21 3.63 32.78
C CYS C 491 -28.49 2.81 31.70
N GLY C 492 -28.11 1.60 32.05
CA GLY C 492 -27.32 0.76 31.16
C GLY C 492 -28.16 -0.14 30.28
N ALA C 493 -29.47 0.07 30.24
CA ALA C 493 -30.36 -0.75 29.43
C ALA C 493 -30.41 -0.18 28.01
N THR C 494 -31.32 -0.71 27.19
CA THR C 494 -31.50 -0.27 25.82
C THR C 494 -32.78 0.55 25.72
N LYS C 495 -32.67 1.72 25.09
CA LYS C 495 -33.79 2.64 24.96
C LYS C 495 -34.38 2.56 23.56
N GLY C 496 -35.71 2.70 23.49
CA GLY C 496 -36.40 2.58 22.23
C GLY C 496 -37.12 3.85 21.78
N CYS C 497 -36.49 5.00 21.97
CA CYS C 497 -37.09 6.26 21.57
C CYS C 497 -35.98 7.29 21.36
N LEU C 498 -36.33 8.36 20.66
CA LEU C 498 -35.40 9.45 20.39
C LEU C 498 -36.01 10.77 20.85
N THR C 499 -35.15 11.70 21.27
CA THR C 499 -35.57 12.98 21.81
C THR C 499 -34.96 14.12 21.01
N PHE C 500 -35.79 15.12 20.72
CA PHE C 500 -35.37 16.29 19.96
C PHE C 500 -35.46 17.53 20.83
N PHE C 501 -34.35 18.25 20.94
CA PHE C 501 -34.31 19.54 21.63
C PHE C 501 -34.64 20.61 20.60
N PHE C 502 -35.86 21.14 20.66
CA PHE C 502 -36.33 22.12 19.68
C PHE C 502 -36.42 23.49 20.33
N GLY C 503 -35.77 24.47 19.72
CA GLY C 503 -35.81 25.83 20.22
C GLY C 503 -34.98 26.75 19.35
N GLU C 504 -35.12 28.04 19.62
CA GLU C 504 -34.40 29.07 18.87
C GLU C 504 -32.97 29.17 19.43
N THR C 505 -32.21 30.14 18.93
CA THR C 505 -30.85 30.34 19.39
C THR C 505 -30.84 30.94 20.79
N ALA C 506 -29.74 30.68 21.51
CA ALA C 506 -29.55 31.17 22.87
C ALA C 506 -30.71 30.77 23.78
N THR C 507 -30.88 29.46 23.92
CA THR C 507 -31.95 28.91 24.75
C THR C 507 -31.48 27.91 25.79
N GLY C 508 -30.17 27.68 25.89
CA GLY C 508 -29.63 26.78 26.90
C GLY C 508 -29.39 25.35 26.46
N LYS C 509 -29.45 25.07 25.15
CA LYS C 509 -29.18 23.71 24.68
C LYS C 509 -27.75 23.29 24.99
N SER C 510 -26.78 24.10 24.60
CA SER C 510 -25.38 23.76 24.84
C SER C 510 -25.04 23.77 26.31
N THR C 511 -25.66 24.66 27.10
CA THR C 511 -25.42 24.64 28.54
C THR C 511 -25.88 23.33 29.16
N THR C 512 -27.07 22.85 28.77
CA THR C 512 -27.54 21.56 29.26
C THR C 512 -26.63 20.42 28.79
N LYS C 513 -26.20 20.48 27.54
CA LYS C 513 -25.31 19.44 27.02
C LYS C 513 -24.00 19.39 27.80
N ARG C 514 -23.40 20.55 28.07
CA ARG C 514 -22.15 20.58 28.82
C ARG C 514 -22.34 20.20 30.28
N LEU C 515 -23.47 20.58 30.88
CA LEU C 515 -23.76 20.14 32.25
C LEU C 515 -23.85 18.62 32.31
N LEU C 516 -24.57 18.01 31.37
CA LEU C 516 -24.65 16.56 31.33
C LEU C 516 -23.30 15.92 31.08
N LYS C 517 -22.49 16.50 30.19
CA LYS C 517 -21.17 15.96 29.91
C LYS C 517 -20.29 15.98 31.16
N SER C 518 -20.27 17.11 31.86
CA SER C 518 -19.48 17.20 33.08
C SER C 518 -20.02 16.26 34.16
N ALA C 519 -21.33 16.03 34.18
CA ALA C 519 -21.91 15.16 35.20
C ALA C 519 -21.55 13.71 34.95
N ILE C 520 -21.62 13.24 33.70
CA ILE C 520 -21.47 11.82 33.43
C ILE C 520 -20.11 11.44 32.84
N GLY C 521 -19.18 12.38 32.70
CA GLY C 521 -17.83 12.03 32.33
C GLY C 521 -17.69 11.34 30.98
N ASP C 522 -17.01 10.18 30.98
CA ASP C 522 -16.72 9.47 29.73
C ASP C 522 -17.95 8.79 29.14
N LEU C 523 -19.02 8.62 29.92
CA LEU C 523 -20.23 7.99 29.41
C LEU C 523 -20.93 8.82 28.36
N PHE C 524 -20.58 10.10 28.23
CA PHE C 524 -21.14 10.99 27.23
C PHE C 524 -20.31 10.88 25.96
N VAL C 525 -20.96 11.00 24.80
CA VAL C 525 -20.24 10.99 23.54
C VAL C 525 -20.90 11.93 22.54
N GLU C 526 -20.07 12.44 21.62
CA GLU C 526 -20.48 13.38 20.59
C GLU C 526 -20.14 12.78 19.23
N THR C 527 -21.12 12.70 18.35
CA THR C 527 -20.95 12.03 17.07
C THR C 527 -21.48 12.92 15.94
N GLY C 528 -21.02 12.61 14.73
CA GLY C 528 -21.31 13.42 13.57
C GLY C 528 -22.72 13.19 13.03
N GLN C 529 -23.05 13.95 11.99
CA GLN C 529 -24.37 13.90 11.39
C GLN C 529 -24.57 12.69 10.50
N THR C 530 -23.48 12.05 10.05
CA THR C 530 -23.57 10.95 9.09
C THR C 530 -24.40 9.78 9.60
N ILE C 531 -24.56 9.64 10.91
CA ILE C 531 -25.38 8.54 11.46
C ILE C 531 -26.86 8.73 11.18
N LEU C 532 -27.28 9.90 10.72
CA LEU C 532 -28.69 10.16 10.47
C LEU C 532 -29.07 10.16 9.00
N THR C 533 -28.12 10.42 8.10
CA THR C 533 -28.42 10.50 6.68
C THR C 533 -27.51 9.64 5.82
N ASP C 534 -26.29 9.36 6.27
CA ASP C 534 -25.34 8.63 5.45
C ASP C 534 -25.45 7.14 5.75
N VAL C 535 -25.26 6.33 4.69
CA VAL C 535 -25.47 4.89 4.79
C VAL C 535 -24.44 4.25 5.71
N LEU C 536 -24.93 3.36 6.59
CA LEU C 536 -24.12 2.77 7.64
C LEU C 536 -23.24 1.63 7.14
N ASP C 537 -23.28 1.31 5.84
CA ASP C 537 -22.49 0.22 5.28
C ASP C 537 -21.46 0.71 4.26
N LYS C 538 -21.29 2.03 4.12
CA LYS C 538 -20.32 2.59 3.18
C LYS C 538 -18.93 2.51 3.81
N GLY C 539 -18.38 1.29 3.81
CA GLY C 539 -17.07 1.06 4.39
C GLY C 539 -17.09 1.19 5.89
N PRO C 540 -15.91 1.40 6.48
CA PRO C 540 -15.84 1.56 7.94
C PRO C 540 -16.56 2.82 8.40
N ASN C 541 -17.23 2.72 9.55
CA ASN C 541 -17.96 3.82 10.15
C ASN C 541 -17.59 3.91 11.63
N PRO C 542 -16.47 4.56 11.95
CA PRO C 542 -16.10 4.72 13.37
C PRO C 542 -17.09 5.56 14.15
N PHE C 543 -17.91 6.38 13.48
CA PHE C 543 -18.84 7.25 14.18
C PHE C 543 -19.85 6.44 14.98
N ILE C 544 -20.39 5.37 14.39
CA ILE C 544 -21.29 4.48 15.12
C ILE C 544 -20.54 3.39 15.87
N ALA C 545 -19.29 3.10 15.50
CA ALA C 545 -18.48 2.16 16.26
C ALA C 545 -18.01 2.74 17.59
N ASN C 546 -18.07 4.06 17.76
CA ASN C 546 -17.73 4.70 19.01
C ASN C 546 -18.89 4.72 20.00
N MET C 547 -20.05 4.20 19.61
CA MET C 547 -21.22 4.15 20.49
C MET C 547 -21.25 2.91 21.36
N HIS C 548 -20.20 2.08 21.32
CA HIS C 548 -20.18 0.83 22.09
C HIS C 548 -20.19 1.14 23.58
N LEU C 549 -21.20 0.61 24.27
CA LEU C 549 -21.33 0.69 25.73
C LEU C 549 -21.42 2.12 26.24
N LYS C 550 -21.82 3.06 25.39
CA LYS C 550 -22.05 4.43 25.82
C LYS C 550 -23.46 4.58 26.36
N ARG C 551 -23.65 5.54 27.25
CA ARG C 551 -24.94 5.77 27.88
C ARG C 551 -25.60 7.07 27.44
N SER C 552 -24.95 7.87 26.60
CA SER C 552 -25.55 9.10 26.10
C SER C 552 -24.81 9.53 24.85
N VAL C 553 -25.55 9.71 23.74
CA VAL C 553 -25.00 10.15 22.48
C VAL C 553 -25.70 11.44 22.08
N PHE C 554 -24.91 12.46 21.74
CA PHE C 554 -25.45 13.75 21.34
C PHE C 554 -25.06 14.02 19.88
N CYS C 555 -25.99 14.62 19.14
CA CYS C 555 -25.72 15.14 17.81
C CYS C 555 -26.43 16.47 17.66
N SER C 556 -25.70 17.49 17.21
CA SER C 556 -26.21 18.85 17.21
C SER C 556 -26.09 19.47 15.82
N GLU C 557 -26.69 20.65 15.69
CA GLU C 557 -26.61 21.49 14.48
C GLU C 557 -27.16 20.74 13.26
N LEU C 558 -28.46 20.44 13.34
CA LEU C 558 -29.15 19.88 12.19
C LEU C 558 -29.30 20.94 11.11
N PRO C 559 -28.78 20.71 9.90
CA PRO C 559 -28.93 21.71 8.84
C PRO C 559 -30.36 21.81 8.35
N ASP C 560 -30.70 23.01 7.85
CA ASP C 560 -32.01 23.19 7.25
C ASP C 560 -32.11 22.41 5.95
N PHE C 561 -33.29 21.84 5.70
CA PHE C 561 -33.50 20.99 4.54
C PHE C 561 -33.97 21.74 3.31
N ALA C 562 -34.16 23.07 3.42
CA ALA C 562 -34.55 23.86 2.26
C ALA C 562 -33.39 24.09 1.30
N CYS C 563 -32.16 23.93 1.75
CA CYS C 563 -31.00 24.11 0.89
C CYS C 563 -30.92 23.00 -0.16
N SER C 564 -30.42 23.36 -1.33
CA SER C 564 -30.28 22.39 -2.41
C SER C 564 -29.24 21.33 -2.04
N GLY C 565 -29.56 20.07 -2.35
CA GLY C 565 -28.67 18.97 -2.04
C GLY C 565 -28.74 18.47 -0.61
N SER C 566 -29.59 19.05 0.22
CA SER C 566 -29.70 18.61 1.61
C SER C 566 -30.38 17.25 1.67
N LYS C 567 -29.82 16.35 2.46
CA LYS C 567 -30.37 15.00 2.63
C LYS C 567 -31.24 14.98 3.88
N LYS C 568 -32.47 14.48 3.73
CA LYS C 568 -33.38 14.38 4.85
C LYS C 568 -33.12 13.11 5.66
N ILE C 569 -33.83 12.99 6.77
CA ILE C 569 -33.61 11.90 7.71
C ILE C 569 -34.26 10.63 7.17
N ARG C 570 -33.50 9.55 7.13
CA ARG C 570 -34.03 8.27 6.67
C ARG C 570 -34.84 7.61 7.77
N SER C 571 -36.06 7.17 7.42
CA SER C 571 -36.90 6.48 8.39
C SER C 571 -36.29 5.16 8.81
N ASP C 572 -35.71 4.42 7.87
CA ASP C 572 -35.11 3.13 8.19
C ASP C 572 -33.92 3.27 9.14
N ASN C 573 -33.13 4.35 8.99
CA ASN C 573 -32.03 4.58 9.92
C ASN C 573 -32.54 4.78 11.34
N ILE C 574 -33.61 5.55 11.49
CA ILE C 574 -34.22 5.75 12.81
C ILE C 574 -34.73 4.42 13.35
N LYS C 575 -35.39 3.63 12.50
CA LYS C 575 -35.95 2.36 12.96
C LYS C 575 -34.86 1.40 13.42
N LYS C 576 -33.75 1.32 12.69
CA LYS C 576 -32.67 0.42 13.05
C LYS C 576 -31.72 0.99 14.10
N LEU C 577 -31.85 2.28 14.42
CA LEU C 577 -30.98 2.90 15.41
C LEU C 577 -31.43 2.62 16.85
N THR C 578 -32.64 2.09 17.04
CA THR C 578 -33.15 1.78 18.37
C THR C 578 -33.03 0.31 18.72
N GLU C 579 -32.37 -0.48 17.89
CA GLU C 579 -32.21 -1.90 18.15
C GLU C 579 -31.16 -2.14 19.22
N PRO C 580 -31.27 -3.25 19.97
CA PRO C 580 -30.24 -3.54 20.99
C PRO C 580 -28.85 -3.71 20.41
N CYS C 581 -28.73 -4.20 19.18
CA CYS C 581 -27.44 -4.37 18.53
C CYS C 581 -27.42 -3.55 17.24
N VAL C 582 -26.31 -2.86 17.00
CA VAL C 582 -26.12 -2.03 15.81
C VAL C 582 -24.96 -2.60 15.01
N ILE C 583 -25.11 -2.59 13.69
CA ILE C 583 -24.11 -3.16 12.79
C ILE C 583 -23.19 -2.05 12.32
N GLY C 584 -21.89 -2.24 12.56
CA GLY C 584 -20.89 -1.26 12.16
C GLY C 584 -19.48 -1.74 12.41
N ARG C 585 -18.60 -1.56 11.42
CA ARG C 585 -17.23 -2.04 11.51
C ARG C 585 -16.28 -0.87 11.63
N PRO C 586 -15.56 -0.72 12.74
CA PRO C 586 -14.52 0.30 12.82
C PRO C 586 -13.32 -0.08 11.97
N CYS C 587 -12.46 0.91 11.74
CA CYS C 587 -11.27 0.70 10.93
C CYS C 587 -10.32 -0.30 11.59
N PHE C 588 -9.61 -1.05 10.75
CA PHE C 588 -8.59 -1.99 11.21
C PHE C 588 -9.17 -3.05 12.14
N SER C 589 -10.36 -3.55 11.81
CA SER C 589 -11.03 -4.55 12.63
C SER C 589 -12.04 -5.28 11.78
N ASN C 590 -12.53 -6.41 12.32
CA ASN C 590 -13.53 -7.22 11.64
C ASN C 590 -14.84 -7.32 12.41
N LYS C 591 -14.90 -6.85 13.65
CA LYS C 591 -16.11 -6.92 14.43
C LYS C 591 -17.17 -5.98 13.85
N ILE C 592 -18.42 -6.46 13.81
CA ILE C 592 -19.52 -5.72 13.20
C ILE C 592 -20.71 -5.56 14.13
N ASN C 593 -20.60 -5.95 15.40
CA ASN C 593 -21.70 -5.86 16.35
C ASN C 593 -21.33 -4.90 17.47
N ASN C 594 -22.23 -3.95 17.76
CA ASN C 594 -22.03 -3.02 18.85
C ASN C 594 -23.29 -2.99 19.72
N ARG C 595 -23.08 -2.95 21.04
CA ARG C 595 -24.18 -2.91 22.00
C ARG C 595 -24.66 -1.48 22.17
N ASN C 596 -25.98 -1.30 22.21
CA ASN C 596 -26.60 0.01 22.30
C ASN C 596 -27.17 0.20 23.70
N HIS C 597 -26.59 1.13 24.46
CA HIS C 597 -27.06 1.46 25.80
C HIS C 597 -27.35 2.94 25.99
N ALA C 598 -27.30 3.74 24.93
CA ALA C 598 -27.29 5.18 25.04
C ALA C 598 -28.62 5.80 24.61
N THR C 599 -28.92 6.96 25.21
CA THR C 599 -30.00 7.81 24.74
C THR C 599 -29.47 8.72 23.65
N ILE C 600 -30.17 8.77 22.53
CA ILE C 600 -29.79 9.60 21.40
C ILE C 600 -30.52 10.94 21.53
N ILE C 601 -29.78 12.04 21.59
CA ILE C 601 -30.37 13.36 21.71
C ILE C 601 -29.86 14.23 20.57
N ILE C 602 -30.80 14.86 19.87
CA ILE C 602 -30.51 15.69 18.71
C ILE C 602 -30.87 17.13 19.04
N ASP C 603 -29.94 18.04 18.81
CA ASP C 603 -30.15 19.47 19.05
C ASP C 603 -30.33 20.17 17.71
N THR C 604 -31.41 20.93 17.57
CA THR C 604 -31.74 21.56 16.31
C THR C 604 -32.59 22.79 16.57
N ASN C 605 -32.70 23.64 15.54
CA ASN C 605 -33.53 24.83 15.59
C ASN C 605 -34.74 24.76 14.66
N TYR C 606 -34.80 23.77 13.77
CA TYR C 606 -35.88 23.63 12.81
C TYR C 606 -36.59 22.30 13.03
N LYS C 607 -37.86 22.25 12.64
CA LYS C 607 -38.63 21.02 12.73
C LYS C 607 -38.16 20.05 11.65
N PRO C 608 -37.71 18.86 12.02
CA PRO C 608 -37.21 17.91 11.01
C PRO C 608 -38.35 17.35 10.16
N VAL C 609 -37.97 16.91 8.96
CA VAL C 609 -38.90 16.28 8.02
C VAL C 609 -38.27 14.99 7.53
N PHE C 610 -39.10 13.96 7.36
CA PHE C 610 -38.64 12.64 6.97
C PHE C 610 -39.13 12.32 5.56
N ASP C 611 -38.38 11.44 4.89
CA ASP C 611 -38.74 11.04 3.53
C ASP C 611 -40.02 10.22 3.51
N ARG C 612 -40.13 9.26 4.42
CA ARG C 612 -41.31 8.39 4.49
C ARG C 612 -41.85 8.42 5.91
N ILE C 613 -43.17 8.48 6.03
CA ILE C 613 -43.85 8.52 7.32
C ILE C 613 -44.84 7.36 7.38
N ASP C 614 -44.72 6.55 8.43
CA ASP C 614 -45.61 5.42 8.65
C ASP C 614 -45.79 5.24 10.14
N ASN C 615 -46.67 4.29 10.51
CA ASN C 615 -46.97 4.06 11.92
C ASN C 615 -45.73 3.60 12.69
N ALA C 616 -44.76 2.98 12.01
CA ALA C 616 -43.55 2.56 12.67
C ALA C 616 -42.74 3.76 13.17
N LEU C 617 -42.71 4.84 12.39
CA LEU C 617 -41.91 6.01 12.76
C LEU C 617 -42.54 6.79 13.89
N MET C 618 -43.88 6.82 13.97
CA MET C 618 -44.54 7.57 15.03
C MET C 618 -44.29 7.02 16.42
N ARG C 619 -43.78 5.80 16.53
CA ARG C 619 -43.58 5.14 17.82
C ARG C 619 -42.23 5.46 18.45
N ARG C 620 -41.35 6.17 17.75
CA ARG C 620 -39.99 6.43 18.25
C ARG C 620 -39.63 7.90 18.09
N ILE C 621 -40.55 8.80 18.44
CA ILE C 621 -40.32 10.24 18.29
C ILE C 621 -40.80 10.95 19.55
N ALA C 622 -39.93 11.77 20.14
CA ALA C 622 -40.28 12.63 21.25
C ALA C 622 -39.58 13.97 21.08
N VAL C 623 -40.26 15.04 21.48
CA VAL C 623 -39.76 16.40 21.28
C VAL C 623 -39.99 17.21 22.55
N VAL C 624 -38.97 17.97 22.96
CA VAL C 624 -39.10 18.90 24.07
C VAL C 624 -38.63 20.27 23.60
N ARG C 625 -39.34 21.30 24.07
CA ARG C 625 -39.22 22.66 23.57
C ARG C 625 -38.51 23.54 24.58
N PHE C 626 -37.69 24.47 24.08
CA PHE C 626 -37.01 25.46 24.88
C PHE C 626 -37.61 26.82 24.57
N ARG C 627 -38.10 27.51 25.61
CA ARG C 627 -38.85 28.77 25.45
C ARG C 627 -38.33 29.82 26.42
N THR C 628 -37.00 29.99 26.46
CA THR C 628 -36.41 31.03 27.29
C THR C 628 -35.17 31.56 26.57
N HIS C 629 -35.07 32.89 26.46
CA HIS C 629 -33.99 33.54 25.76
C HIS C 629 -33.17 34.39 26.70
N PHE C 630 -31.85 34.23 26.64
CA PHE C 630 -30.90 35.03 27.40
C PHE C 630 -30.25 36.02 26.44
N SER C 631 -30.49 37.30 26.66
CA SER C 631 -30.10 38.34 25.72
C SER C 631 -29.22 39.39 26.39
N GLN C 632 -28.34 39.98 25.61
CA GLN C 632 -27.53 41.09 26.08
C GLN C 632 -28.43 42.32 26.28
N PRO C 633 -28.03 43.24 27.16
CA PRO C 633 -28.86 44.43 27.40
C PRO C 633 -29.08 45.28 26.16
N SER C 634 -28.16 45.26 25.20
CA SER C 634 -28.30 46.09 24.01
C SER C 634 -29.46 45.64 23.15
N GLY C 635 -29.56 44.34 22.88
CA GLY C 635 -30.58 43.82 21.97
C GLY C 635 -31.75 43.16 22.66
N ARG C 636 -31.91 43.40 23.96
CA ARG C 636 -33.00 42.77 24.70
C ARG C 636 -34.36 43.34 24.30
N GLU C 637 -34.41 44.62 23.92
CA GLU C 637 -35.70 45.25 23.63
C GLU C 637 -36.40 44.58 22.46
N ALA C 638 -35.64 44.12 21.47
CA ALA C 638 -36.22 43.43 20.33
C ALA C 638 -36.64 42.01 20.64
N ALA C 639 -36.63 41.58 21.91
CA ALA C 639 -37.03 40.22 22.25
C ALA C 639 -38.41 40.12 22.89
N GLU C 640 -38.95 41.22 23.41
CA GLU C 640 -40.25 41.17 24.07
C GLU C 640 -41.40 41.08 23.07
N ASN C 641 -41.15 41.35 21.79
CA ASN C 641 -42.19 41.35 20.76
C ASN C 641 -42.08 40.15 19.83
N ASN C 642 -41.50 39.05 20.31
CA ASN C 642 -41.35 37.83 19.54
C ASN C 642 -42.13 36.71 20.22
N ASP C 643 -42.92 35.99 19.43
CA ASP C 643 -43.73 34.90 19.97
C ASP C 643 -42.94 33.62 20.22
N ALA C 644 -41.71 33.53 19.71
CA ALA C 644 -40.89 32.34 19.90
C ALA C 644 -40.39 32.20 21.33
N TYR C 645 -40.53 33.23 22.17
CA TYR C 645 -40.05 33.21 23.54
C TYR C 645 -41.19 33.59 24.47
N ASP C 646 -41.07 33.15 25.72
CA ASP C 646 -42.03 33.49 26.76
C ASP C 646 -41.40 34.21 27.95
N LYS C 647 -40.07 34.37 27.95
CA LYS C 647 -39.38 35.07 29.02
C LYS C 647 -37.98 35.42 28.55
N VAL C 648 -37.56 36.64 28.81
CA VAL C 648 -36.24 37.13 28.41
C VAL C 648 -35.45 37.47 29.66
N LYS C 649 -34.23 36.94 29.74
CA LYS C 649 -33.35 37.15 30.89
C LYS C 649 -32.02 37.70 30.43
N LEU C 650 -31.18 38.02 31.40
CA LEU C 650 -29.88 38.63 31.12
C LEU C 650 -28.81 37.54 30.97
N LEU C 651 -27.96 37.71 29.96
CA LEU C 651 -26.87 36.78 29.72
C LEU C 651 -25.84 36.86 30.85
N ASP C 652 -25.37 35.70 31.31
CA ASP C 652 -24.35 35.61 32.34
C ASP C 652 -23.00 35.40 31.68
N GLU C 653 -22.04 36.27 31.98
CA GLU C 653 -20.75 36.24 31.31
C GLU C 653 -19.90 35.06 31.79
N GLY C 654 -19.84 34.83 33.09
CA GLY C 654 -18.94 33.84 33.67
C GLY C 654 -19.52 32.46 33.88
N LEU C 655 -20.73 32.18 33.39
CA LEU C 655 -21.33 30.87 33.60
C LEU C 655 -20.56 29.79 32.86
N ASP C 656 -20.09 30.08 31.65
CA ASP C 656 -19.39 29.08 30.84
C ASP C 656 -18.12 28.62 31.51
N GLY C 657 -17.36 29.54 32.12
CA GLY C 657 -16.16 29.15 32.84
C GLY C 657 -16.46 28.24 34.01
N LYS C 658 -17.53 28.54 34.76
CA LYS C 658 -17.92 27.67 35.87
C LYS C 658 -18.32 26.30 35.38
N ILE C 659 -19.06 26.24 34.27
CA ILE C 659 -19.45 24.93 33.71
C ILE C 659 -18.23 24.15 33.28
N GLN C 660 -17.27 24.81 32.62
CA GLN C 660 -16.05 24.17 32.18
C GLN C 660 -15.22 23.66 33.35
N ASN C 661 -15.07 24.44 34.42
CA ASN C 661 -14.25 24.08 35.56
C ASN C 661 -14.91 23.02 36.46
N ASN C 662 -16.01 22.41 35.99
CA ASN C 662 -16.68 21.33 36.71
C ASN C 662 -17.13 21.78 38.10
N ARG C 663 -17.63 23.02 38.19
CA ARG C 663 -18.12 23.52 39.46
C ARG C 663 -19.36 22.76 39.91
N TYR C 664 -20.26 22.43 38.98
CA TYR C 664 -21.50 21.75 39.28
C TYR C 664 -21.46 20.28 38.89
N ARG C 665 -20.31 19.62 39.05
CA ARG C 665 -20.18 18.23 38.62
C ARG C 665 -21.04 17.30 39.46
N PHE C 666 -21.10 17.52 40.77
CA PHE C 666 -21.78 16.60 41.68
C PHE C 666 -23.20 17.01 42.02
N ALA C 667 -23.52 18.30 42.00
CA ALA C 667 -24.88 18.73 42.24
C ALA C 667 -25.82 18.20 41.16
N PHE C 668 -25.40 18.30 39.89
CA PHE C 668 -26.19 17.76 38.80
C PHE C 668 -26.32 16.25 38.90
N LEU C 669 -25.25 15.57 39.33
CA LEU C 669 -25.32 14.13 39.52
C LEU C 669 -26.34 13.76 40.59
N TYR C 670 -26.34 14.48 41.71
CA TYR C 670 -27.32 14.23 42.75
C TYR C 670 -28.74 14.48 42.26
N LEU C 671 -28.94 15.55 41.50
CA LEU C 671 -30.26 15.83 40.96
C LEU C 671 -30.72 14.72 40.01
N LEU C 672 -29.80 14.24 39.17
CA LEU C 672 -30.13 13.16 38.24
C LEU C 672 -30.47 11.87 38.99
N VAL C 673 -29.74 11.58 40.07
CA VAL C 673 -30.04 10.40 40.88
C VAL C 673 -31.43 10.53 41.50
N LYS C 674 -31.75 11.72 42.01
CA LYS C 674 -33.08 11.93 42.58
C LYS C 674 -34.16 11.74 41.53
N TRP C 675 -33.95 12.26 40.32
CA TRP C 675 -34.93 12.09 39.25
C TRP C 675 -35.08 10.62 38.87
N TYR C 676 -33.98 9.89 38.79
CA TYR C 676 -34.04 8.46 38.48
C TYR C 676 -34.82 7.70 39.54
N LYS C 677 -34.59 8.03 40.82
CA LYS C 677 -35.39 7.45 41.89
C LYS C 677 -36.86 7.81 41.73
N LYS C 678 -37.14 9.03 41.26
CA LYS C 678 -38.52 9.46 41.06
C LYS C 678 -39.22 8.69 39.94
N TYR C 679 -38.53 8.38 38.84
CA TYR C 679 -39.21 7.88 37.66
C TYR C 679 -38.94 6.43 37.34
N HIS C 680 -37.67 6.03 37.19
CA HIS C 680 -37.33 4.76 36.55
C HIS C 680 -37.08 3.64 37.55
N ILE C 681 -37.74 3.65 38.70
CA ILE C 681 -37.55 2.58 39.68
C ILE C 681 -38.31 1.32 39.26
N PRO C 682 -39.64 1.35 39.06
CA PRO C 682 -40.33 0.09 38.72
C PRO C 682 -39.91 -0.46 37.36
N ILE C 683 -40.07 0.34 36.31
CA ILE C 683 -39.75 -0.06 34.95
C ILE C 683 -39.26 1.18 34.21
N MET C 684 -38.18 1.02 33.45
CA MET C 684 -37.63 2.11 32.64
C MET C 684 -38.15 2.00 31.21
N LYS C 685 -38.82 3.04 30.75
CA LYS C 685 -39.34 3.08 29.39
C LYS C 685 -39.53 4.53 28.97
N LEU C 686 -39.30 4.81 27.69
CA LEU C 686 -39.50 6.12 27.10
C LEU C 686 -40.69 6.07 26.17
N TYR C 687 -41.58 7.06 26.28
CA TYR C 687 -42.81 7.07 25.50
C TYR C 687 -42.76 8.14 24.42
N PRO C 688 -43.33 7.89 23.25
CA PRO C 688 -43.27 8.86 22.16
C PRO C 688 -44.31 9.97 22.31
N THR C 689 -44.06 11.06 21.60
CA THR C 689 -44.95 12.23 21.54
C THR C 689 -45.25 12.56 20.09
N PRO C 690 -46.18 11.82 19.46
CA PRO C 690 -46.45 12.03 18.04
C PRO C 690 -46.99 13.42 17.70
N GLU C 691 -47.70 14.04 18.64
CA GLU C 691 -48.43 15.27 18.36
C GLU C 691 -47.52 16.44 17.98
N GLU C 692 -46.35 16.54 18.62
CA GLU C 692 -45.48 17.70 18.46
C GLU C 692 -45.02 17.89 17.03
N ILE C 693 -44.67 16.81 16.34
CA ILE C 693 -44.18 16.90 14.96
C ILE C 693 -45.33 17.38 14.07
N PRO C 694 -45.11 18.44 13.27
CA PRO C 694 -46.22 18.95 12.45
C PRO C 694 -46.61 18.04 11.30
N ASP C 695 -45.63 17.47 10.60
CA ASP C 695 -45.93 16.67 9.40
C ASP C 695 -46.76 15.44 9.73
N PHE C 696 -46.64 14.92 10.96
CA PHE C 696 -47.45 13.77 11.36
C PHE C 696 -48.92 14.12 11.57
N ALA C 697 -49.24 15.41 11.75
CA ALA C 697 -50.59 15.80 12.14
C ALA C 697 -51.64 15.32 11.14
N PHE C 698 -51.24 15.11 9.88
CA PHE C 698 -52.16 14.52 8.92
C PHE C 698 -52.49 13.08 9.30
N TYR C 699 -51.47 12.22 9.36
CA TYR C 699 -51.71 10.81 9.62
C TYR C 699 -52.45 10.57 10.93
N LEU C 700 -52.15 11.36 11.96
CA LEU C 700 -52.82 11.20 13.25
C LEU C 700 -54.33 11.30 13.10
N LYS C 701 -54.82 12.17 12.22
CA LYS C 701 -56.27 12.28 12.04
C LYS C 701 -56.82 11.23 11.09
N ILE C 702 -55.98 10.61 10.26
CA ILE C 702 -56.46 9.71 9.22
C ILE C 702 -57.16 8.50 9.85
N GLY C 703 -56.57 7.96 10.92
CA GLY C 703 -57.19 6.83 11.58
C GLY C 703 -58.37 7.19 12.46
N THR C 704 -58.69 8.48 12.58
CA THR C 704 -59.78 8.91 13.44
C THR C 704 -61.10 9.03 12.70
N LEU C 705 -61.12 9.70 11.55
CA LEU C 705 -62.36 9.95 10.83
C LEU C 705 -62.68 8.89 9.78
N LEU C 706 -61.88 7.83 9.70
CA LEU C 706 -62.17 6.71 8.82
C LEU C 706 -62.26 5.43 9.65
N VAL C 707 -63.27 4.61 9.35
CA VAL C 707 -63.44 3.32 9.99
C VAL C 707 -63.67 2.26 8.91
N SER C 708 -63.39 1.02 9.27
CA SER C 708 -63.53 -0.11 8.36
C SER C 708 -64.94 -0.67 8.42
N SER C 709 -65.19 -1.68 7.60
CA SER C 709 -66.50 -2.32 7.56
C SER C 709 -66.74 -3.14 8.82
N SER C 710 -68.00 -3.29 9.18
CA SER C 710 -68.42 -4.08 10.33
C SER C 710 -69.48 -5.08 9.89
N VAL C 711 -69.55 -6.22 10.59
CA VAL C 711 -70.53 -7.24 10.25
C VAL C 711 -71.94 -6.70 10.42
N LYS C 712 -72.17 -5.85 11.43
CA LYS C 712 -73.47 -5.23 11.58
C LYS C 712 -73.69 -4.14 10.54
N HIS C 713 -72.63 -3.53 10.03
CA HIS C 713 -72.72 -2.46 9.05
C HIS C 713 -72.77 -2.97 7.62
N ILE C 714 -72.55 -4.27 7.39
CA ILE C 714 -72.67 -4.82 6.03
C ILE C 714 -74.11 -4.74 5.52
N PRO C 715 -75.13 -5.20 6.25
CA PRO C 715 -76.48 -5.24 5.66
C PRO C 715 -77.09 -3.87 5.41
N LEU C 716 -76.63 -2.82 6.07
CA LEU C 716 -77.25 -1.50 5.89
C LEU C 716 -76.81 -0.80 4.61
N MET C 717 -76.11 -1.50 3.71
CA MET C 717 -75.73 -0.90 2.45
C MET C 717 -76.97 -0.58 1.62
N THR C 718 -78.07 -1.31 1.85
CA THR C 718 -79.31 -1.03 1.14
C THR C 718 -79.81 0.37 1.43
N ASP C 719 -79.83 0.76 2.71
CA ASP C 719 -80.25 2.12 3.06
C ASP C 719 -79.14 3.13 2.77
N LEU C 720 -77.89 2.69 2.81
CA LEU C 720 -76.79 3.59 2.48
C LEU C 720 -76.85 4.04 1.03
N SER C 721 -77.22 3.12 0.12
CA SER C 721 -77.34 3.45 -1.29
C SER C 721 -78.48 4.42 -1.55
N LYS C 722 -79.45 4.51 -0.64
CA LYS C 722 -80.53 5.47 -0.77
C LYS C 722 -80.15 6.86 -0.28
N LYS C 723 -78.93 7.02 0.25
CA LYS C 723 -78.42 8.31 0.70
C LYS C 723 -77.56 9.00 -0.36
N GLY C 724 -77.86 8.79 -1.64
CA GLY C 724 -77.04 9.33 -2.69
C GLY C 724 -75.85 8.49 -3.07
N TYR C 725 -75.89 7.18 -2.79
CA TYR C 725 -74.79 6.28 -3.04
C TYR C 725 -75.14 5.30 -4.16
N ILE C 726 -74.11 4.75 -4.79
CA ILE C 726 -74.27 3.83 -5.91
C ILE C 726 -73.61 2.50 -5.53
N LEU C 727 -74.35 1.41 -5.70
CA LEU C 727 -73.84 0.06 -5.46
C LEU C 727 -73.66 -0.66 -6.78
N TYR C 728 -72.49 -1.27 -6.98
CA TYR C 728 -72.18 -2.01 -8.20
C TYR C 728 -71.73 -3.41 -7.83
N ASP C 729 -72.40 -4.42 -8.40
CA ASP C 729 -72.05 -5.83 -8.22
C ASP C 729 -72.02 -6.22 -6.74
N ASN C 730 -72.94 -5.65 -5.95
CA ASN C 730 -73.02 -5.91 -4.52
C ASN C 730 -71.71 -5.60 -3.79
N VAL C 731 -70.95 -4.65 -4.33
CA VAL C 731 -69.67 -4.26 -3.76
C VAL C 731 -69.68 -2.74 -3.58
N VAL C 732 -69.29 -2.29 -2.39
CA VAL C 732 -69.24 -0.87 -2.09
C VAL C 732 -68.22 -0.21 -3.02
N THR C 733 -68.68 0.70 -3.87
CA THR C 733 -67.84 1.37 -4.85
C THR C 733 -67.60 2.81 -4.41
N LEU C 734 -66.33 3.23 -4.46
CA LEU C 734 -65.95 4.58 -4.06
C LEU C 734 -65.42 5.34 -5.27
N PRO C 735 -66.24 6.15 -5.94
CA PRO C 735 -65.72 6.97 -7.04
C PRO C 735 -64.65 7.92 -6.54
N LEU C 736 -63.61 8.10 -7.36
CA LEU C 736 -62.47 8.91 -6.94
C LEU C 736 -62.83 10.38 -6.89
N THR C 737 -63.48 10.89 -7.94
CA THR C 737 -63.76 12.31 -8.04
C THR C 737 -64.67 12.80 -6.91
N THR C 738 -65.69 12.02 -6.55
CA THR C 738 -66.57 12.42 -5.46
C THR C 738 -65.81 12.50 -4.14
N PHE C 739 -64.95 11.51 -3.87
CA PHE C 739 -64.16 11.53 -2.64
C PHE C 739 -63.22 12.72 -2.61
N GLN C 740 -62.55 12.99 -3.73
CA GLN C 740 -61.62 14.12 -3.78
C GLN C 740 -62.35 15.44 -3.56
N GLN C 741 -63.51 15.61 -4.20
CA GLN C 741 -64.26 16.85 -4.05
C GLN C 741 -64.80 17.01 -2.64
N LYS C 742 -65.25 15.91 -2.04
CA LYS C 742 -65.77 15.97 -0.67
C LYS C 742 -64.66 16.29 0.33
N ILE C 743 -63.48 15.69 0.15
CA ILE C 743 -62.39 15.93 1.10
C ILE C 743 -61.67 17.25 0.82
N SER C 744 -61.83 17.83 -0.36
CA SER C 744 -61.18 19.10 -0.66
C SER C 744 -61.80 20.26 0.10
N LYS C 745 -63.03 20.12 0.56
CA LYS C 745 -63.71 21.19 1.29
C LYS C 745 -63.28 21.29 2.74
N TYR C 746 -62.47 20.33 3.24
CA TYR C 746 -62.05 20.33 4.62
C TYR C 746 -60.58 20.73 4.81
N PHE C 747 -59.72 20.43 3.85
CA PHE C 747 -58.30 20.68 3.98
C PHE C 747 -57.78 21.33 2.70
N ASN C 748 -56.67 22.04 2.83
CA ASN C 748 -56.07 22.71 1.69
C ASN C 748 -55.55 21.69 0.68
N SER C 749 -55.87 21.91 -0.60
CA SER C 749 -55.48 20.96 -1.63
C SER C 749 -53.99 21.06 -1.94
N ARG C 750 -53.46 22.29 -2.01
CA ARG C 750 -52.05 22.46 -2.37
C ARG C 750 -51.13 21.88 -1.31
N LEU C 751 -51.46 22.08 -0.03
CA LEU C 751 -50.57 21.67 1.04
C LEU C 751 -50.68 20.19 1.34
N PHE C 752 -51.70 19.50 0.83
CA PHE C 752 -51.95 18.11 1.14
C PHE C 752 -52.12 17.22 -0.08
N GLY C 753 -51.80 17.71 -1.28
CA GLY C 753 -51.95 16.89 -2.47
C GLY C 753 -51.02 15.70 -2.47
N HIS C 754 -49.76 15.91 -2.09
CA HIS C 754 -48.82 14.80 -2.00
C HIS C 754 -49.23 13.79 -0.94
N ASP C 755 -49.73 14.27 0.20
CA ASP C 755 -50.22 13.37 1.23
C ASP C 755 -51.39 12.53 0.71
N ILE C 756 -52.33 13.18 0.00
CA ILE C 756 -53.49 12.46 -0.51
C ILE C 756 -53.08 11.41 -1.52
N GLU C 757 -52.17 11.76 -2.44
CA GLU C 757 -51.78 10.80 -3.47
C GLU C 757 -50.98 9.66 -2.86
N SER C 758 -50.12 9.95 -1.87
CA SER C 758 -49.38 8.89 -1.20
C SER C 758 -50.32 7.96 -0.45
N PHE C 759 -51.35 8.52 0.19
CA PHE C 759 -52.31 7.68 0.91
C PHE C 759 -53.09 6.79 -0.05
N ILE C 760 -53.58 7.36 -1.16
CA ILE C 760 -54.42 6.58 -2.06
C ILE C 760 -53.58 5.52 -2.79
N ASN C 761 -52.35 5.86 -3.18
CA ASN C 761 -51.54 4.93 -3.95
C ASN C 761 -51.25 3.66 -3.15
N ARG C 762 -51.01 3.80 -1.86
CA ARG C 762 -50.70 2.65 -1.01
C ARG C 762 -51.92 1.99 -0.40
N HIS C 763 -53.13 2.45 -0.72
CA HIS C 763 -54.32 1.92 -0.08
C HIS C 763 -55.40 1.53 -1.08
N LYS C 764 -55.39 2.13 -2.27
CA LYS C 764 -56.45 1.90 -3.23
C LYS C 764 -56.44 0.46 -3.74
N LYS C 765 -57.63 -0.06 -4.03
CA LYS C 765 -57.80 -1.39 -4.57
C LYS C 765 -58.91 -1.36 -5.60
N PHE C 766 -58.70 -2.06 -6.71
CA PHE C 766 -59.67 -2.12 -7.80
C PHE C 766 -60.15 -3.54 -7.98
N ALA C 767 -61.47 -3.71 -8.05
CA ALA C 767 -62.08 -5.01 -8.29
C ALA C 767 -62.31 -5.30 -9.76
N ASN C 768 -62.03 -4.34 -10.63
CA ASN C 768 -62.20 -4.50 -12.07
C ASN C 768 -61.29 -3.52 -12.78
N VAL C 769 -61.37 -3.50 -14.11
CA VAL C 769 -60.55 -2.58 -14.89
C VAL C 769 -60.94 -1.13 -14.62
N SER C 770 -62.23 -0.87 -14.40
CA SER C 770 -62.71 0.48 -14.13
C SER C 770 -63.32 0.66 -12.76
N ASP C 771 -63.62 -0.43 -12.04
CA ASP C 771 -64.22 -0.36 -10.72
C ASP C 771 -63.11 -0.22 -9.67
N GLU C 772 -62.98 0.99 -9.11
CA GLU C 772 -62.00 1.26 -8.07
C GLU C 772 -62.72 1.78 -6.83
N TYR C 773 -62.39 1.22 -5.67
CA TYR C 773 -63.06 1.58 -4.44
C TYR C 773 -62.07 1.49 -3.29
N LEU C 774 -62.40 2.18 -2.19
CA LEU C 774 -61.61 2.17 -0.98
C LEU C 774 -62.39 1.47 0.12
N GLN C 775 -61.71 0.59 0.86
CA GLN C 775 -62.37 -0.16 1.91
C GLN C 775 -62.47 0.73 3.16
N TYR C 776 -63.12 1.88 3.00
CA TYR C 776 -63.27 2.86 4.06
C TYR C 776 -64.68 3.42 4.04
N ILE C 777 -65.25 3.61 5.23
CA ILE C 777 -66.58 4.18 5.39
C ILE C 777 -66.48 5.33 6.39
N PHE C 778 -67.05 6.47 6.05
CA PHE C 778 -67.06 7.61 6.96
C PHE C 778 -68.07 7.37 8.08
N ILE C 779 -68.04 8.26 9.07
CA ILE C 779 -68.98 8.19 10.18
C ILE C 779 -70.19 9.10 9.96
N GLU C 780 -70.00 10.24 9.31
CA GLU C 780 -71.10 11.17 9.10
C GLU C 780 -72.18 10.57 8.20
N ASP C 781 -71.77 9.88 7.14
CA ASP C 781 -72.74 9.31 6.20
C ASP C 781 -73.49 8.11 6.76
N ILE C 782 -73.05 7.54 7.88
CA ILE C 782 -73.73 6.41 8.50
C ILE C 782 -74.37 6.75 9.83
N SER C 783 -74.13 7.94 10.37
CA SER C 783 -74.73 8.33 11.63
C SER C 783 -76.22 8.59 11.45
N SER C 784 -77.03 8.01 12.33
CA SER C 784 -78.47 8.20 12.25
C SER C 784 -78.83 9.63 12.63
N PRO C 785 -79.76 10.27 11.91
CA PRO C 785 -80.19 11.64 12.22
C PRO C 785 -81.04 11.72 13.47
N LEU D 321 20.31 -7.27 51.89
CA LEU D 321 20.16 -5.84 52.08
C LEU D 321 19.81 -5.16 50.76
N ASP D 322 20.78 -5.12 49.85
CA ASP D 322 20.57 -4.46 48.56
C ASP D 322 19.65 -5.29 47.68
N GLY D 323 18.66 -4.65 47.10
CA GLY D 323 17.73 -5.29 46.19
C GLY D 323 18.14 -5.12 44.74
N ASN D 324 17.15 -4.98 43.87
CA ASN D 324 17.40 -4.78 42.45
C ASN D 324 17.88 -3.35 42.23
N LYS D 325 19.12 -3.20 41.78
CA LYS D 325 19.68 -1.87 41.57
C LYS D 325 18.93 -1.12 40.47
N LEU D 326 18.58 -1.80 39.39
CA LEU D 326 17.85 -1.15 38.31
C LEU D 326 16.48 -0.70 38.75
N PHE D 327 15.81 -1.50 39.60
CA PHE D 327 14.52 -1.08 40.13
C PHE D 327 14.65 0.16 41.00
N ASN D 328 15.70 0.23 41.82
CA ASN D 328 15.93 1.42 42.63
C ASN D 328 16.19 2.64 41.76
N ILE D 329 16.98 2.47 40.70
CA ILE D 329 17.24 3.59 39.79
C ILE D 329 15.96 4.06 39.13
N ALA D 330 15.13 3.12 38.66
CA ALA D 330 13.88 3.49 38.01
C ALA D 330 12.93 4.18 38.98
N GLN D 331 12.86 3.70 40.22
CA GLN D 331 12.02 4.35 41.22
C GLN D 331 12.51 5.77 41.50
N ARG D 332 13.83 5.94 41.63
CA ARG D 332 14.36 7.29 41.88
C ARG D 332 14.07 8.22 40.71
N ILE D 333 14.17 7.72 39.47
CA ILE D 333 13.85 8.54 38.31
C ILE D 333 12.37 8.91 38.31
N LEU D 334 11.50 7.94 38.59
CA LEU D 334 10.06 8.21 38.61
C LEU D 334 9.68 9.20 39.71
N ASP D 335 10.47 9.25 40.79
CA ASP D 335 10.16 10.18 41.88
C ASP D 335 10.28 11.63 41.46
N THR D 336 10.99 11.93 40.37
CA THR D 336 11.21 13.30 39.93
C THR D 336 10.09 13.82 39.03
N ASN D 337 9.11 12.99 38.69
CA ASN D 337 7.98 13.40 37.85
C ASN D 337 8.46 13.96 36.52
N SER D 338 9.49 13.33 35.95
CA SER D 338 10.04 13.75 34.67
C SER D 338 9.39 13.06 33.48
N VAL D 339 8.56 12.05 33.71
CA VAL D 339 7.87 11.33 32.65
C VAL D 339 6.43 11.12 33.07
N LEU D 340 5.49 11.33 32.15
CA LEU D 340 4.07 11.24 32.45
C LEU D 340 3.36 10.51 31.32
N LEU D 341 2.18 9.98 31.64
CA LEU D 341 1.33 9.29 30.68
C LEU D 341 0.06 10.09 30.45
N THR D 342 -0.29 10.30 29.18
CA THR D 342 -1.46 11.07 28.83
C THR D 342 -2.66 10.13 28.61
N GLU D 343 -3.80 10.72 28.26
CA GLU D 343 -5.01 9.96 28.02
C GLU D 343 -5.09 9.41 26.60
N ARG D 344 -4.18 9.81 25.71
CA ARG D 344 -4.17 9.32 24.35
C ARG D 344 -3.23 8.14 24.15
N GLY D 345 -2.66 7.61 25.23
CA GLY D 345 -1.80 6.45 25.15
C GLY D 345 -0.35 6.73 24.83
N ASP D 346 0.08 7.99 24.86
CA ASP D 346 1.45 8.36 24.57
C ASP D 346 2.09 8.98 25.81
N HIS D 347 3.42 8.84 25.90
CA HIS D 347 4.18 9.32 27.04
C HIS D 347 4.85 10.65 26.71
N ILE D 348 4.97 11.49 27.73
CA ILE D 348 5.60 12.80 27.61
C ILE D 348 6.78 12.85 28.56
N VAL D 349 7.94 13.29 28.06
CA VAL D 349 9.14 13.40 28.85
C VAL D 349 9.51 14.86 28.99
N TRP D 350 10.36 15.15 29.97
CA TRP D 350 10.78 16.51 30.29
C TRP D 350 12.30 16.59 30.14
N ILE D 351 12.75 17.04 28.98
CA ILE D 351 14.17 17.20 28.69
C ILE D 351 14.39 18.55 28.01
N ASN D 352 15.48 19.22 28.36
CA ASN D 352 15.84 20.53 27.81
C ASN D 352 14.74 21.56 28.07
N ASN D 353 14.18 21.51 29.28
CA ASN D 353 13.19 22.49 29.74
C ASN D 353 11.98 22.57 28.79
N SER D 354 11.51 21.40 28.35
CA SER D 354 10.34 21.34 27.49
C SER D 354 9.72 19.95 27.58
N TRP D 355 8.45 19.86 27.22
CA TRP D 355 7.73 18.59 27.18
C TRP D 355 7.68 18.11 25.73
N LYS D 356 8.28 16.96 25.47
CA LYS D 356 8.32 16.38 24.13
C LYS D 356 7.74 14.97 24.16
N PHE D 357 7.01 14.63 23.11
CA PHE D 357 6.41 13.31 23.00
C PHE D 357 6.52 12.83 21.56
N ASN D 358 6.60 11.51 21.40
CA ASN D 358 6.68 10.91 20.08
C ASN D 358 6.20 9.47 20.18
N SER D 359 5.52 9.01 19.12
CA SER D 359 4.91 7.69 19.11
C SER D 359 5.84 6.59 18.58
N GLU D 360 7.00 6.96 18.02
CA GLU D 360 7.90 5.94 17.48
C GLU D 360 9.37 6.23 17.77
N GLU D 361 9.68 7.02 18.78
CA GLU D 361 11.06 7.28 19.18
C GLU D 361 11.27 6.90 20.63
N PRO D 362 12.47 6.44 20.97
CA PRO D 362 12.79 6.08 22.37
C PRO D 362 13.18 7.30 23.22
N LEU D 363 12.18 8.10 23.56
CA LEU D 363 12.44 9.31 24.34
C LEU D 363 12.79 8.98 25.79
N ILE D 364 12.29 7.85 26.30
CA ILE D 364 12.54 7.49 27.70
C ILE D 364 14.02 7.19 27.91
N THR D 365 14.65 6.49 26.96
CA THR D 365 16.07 6.22 27.08
C THR D 365 16.88 7.51 27.04
N LYS D 366 16.48 8.45 26.17
CA LYS D 366 17.15 9.75 26.14
C LYS D 366 17.02 10.46 27.47
N LEU D 367 15.82 10.42 28.06
CA LEU D 367 15.62 11.05 29.36
C LEU D 367 16.49 10.41 30.42
N ILE D 368 16.60 9.07 30.41
CA ILE D 368 17.42 8.38 31.39
C ILE D 368 18.89 8.79 31.24
N LEU D 369 19.37 8.82 30.00
CA LEU D 369 20.76 9.20 29.77
C LEU D 369 21.02 10.65 30.16
N SER D 370 20.06 11.53 29.94
CA SER D 370 20.22 12.93 30.33
C SER D 370 20.22 13.08 31.85
N ILE D 371 19.34 12.37 32.54
CA ILE D 371 19.22 12.49 33.98
C ILE D 371 20.29 11.72 34.73
N ARG D 372 21.08 10.89 34.02
CA ARG D 372 22.19 10.15 34.61
C ARG D 372 23.01 10.96 35.61
N HIS D 373 23.25 12.23 35.31
CA HIS D 373 24.14 13.04 36.15
C HIS D 373 23.59 13.23 37.55
N GLN D 374 22.27 13.45 37.68
CA GLN D 374 21.69 13.75 38.98
C GLN D 374 21.76 12.58 39.94
N LEU D 375 21.87 11.35 39.43
CA LEU D 375 21.90 10.18 40.29
C LEU D 375 23.25 10.07 41.00
N PRO D 376 23.30 9.33 42.10
CA PRO D 376 24.58 9.10 42.79
C PRO D 376 25.59 8.40 41.89
N LYS D 377 26.86 8.52 42.26
CA LYS D 377 27.94 8.02 41.42
C LYS D 377 27.87 6.50 41.25
N GLU D 378 27.33 5.78 42.23
CA GLU D 378 27.20 4.34 42.09
C GLU D 378 26.26 3.98 40.96
N TYR D 379 25.13 4.69 40.83
CA TYR D 379 24.15 4.41 39.81
C TYR D 379 24.48 5.04 38.46
N SER D 380 25.44 5.96 38.41
CA SER D 380 25.75 6.64 37.16
C SER D 380 26.41 5.68 36.16
N SER D 381 27.29 4.80 36.63
CA SER D 381 28.00 3.90 35.74
C SER D 381 27.10 2.83 35.14
N GLU D 382 25.97 2.54 35.77
CA GLU D 382 25.08 1.49 35.28
C GLU D 382 24.27 1.91 34.07
N LEU D 383 24.14 3.20 33.81
CA LEU D 383 23.28 3.70 32.75
C LEU D 383 23.98 3.80 31.40
N LEU D 384 25.27 3.46 31.35
CA LEU D 384 25.99 3.55 30.07
C LEU D 384 25.66 2.39 29.14
N CYS D 385 25.36 1.22 29.69
CA CYS D 385 25.02 0.07 28.85
C CYS D 385 23.60 0.19 28.34
N PRO D 386 23.37 0.08 27.03
CA PRO D 386 22.00 0.22 26.50
C PRO D 386 21.01 -0.81 27.04
N ARG D 387 21.46 -2.04 27.33
CA ARG D 387 20.55 -3.06 27.82
C ARG D 387 19.98 -2.69 29.18
N LYS D 388 20.83 -2.18 30.08
CA LYS D 388 20.33 -1.73 31.38
C LYS D 388 19.39 -0.54 31.24
N ARG D 389 19.66 0.34 30.28
CA ARG D 389 18.74 1.44 30.01
C ARG D 389 17.38 0.92 29.56
N LYS D 390 17.38 -0.11 28.70
CA LYS D 390 16.12 -0.71 28.26
C LYS D 390 15.37 -1.35 29.43
N THR D 391 16.10 -2.01 30.33
CA THR D 391 15.47 -2.60 31.50
C THR D 391 14.83 -1.53 32.39
N VAL D 392 15.56 -0.42 32.60
CA VAL D 392 15.02 0.67 33.40
C VAL D 392 13.78 1.25 32.74
N GLU D 393 13.80 1.37 31.41
CA GLU D 393 12.63 1.87 30.69
C GLU D 393 11.44 0.94 30.87
N ALA D 394 11.67 -0.38 30.83
CA ALA D 394 10.60 -1.34 31.04
C ALA D 394 10.01 -1.20 32.45
N ASN D 395 10.88 -1.05 33.46
CA ASN D 395 10.41 -0.85 34.82
C ASN D 395 9.56 0.41 34.93
N ILE D 396 10.05 1.51 34.34
CA ILE D 396 9.31 2.78 34.39
C ILE D 396 7.95 2.64 33.73
N ARG D 397 7.90 1.97 32.58
CA ARG D 397 6.62 1.74 31.92
C ARG D 397 5.69 0.91 32.79
N ASP D 398 6.23 -0.09 33.48
CA ASP D 398 5.39 -0.93 34.34
C ASP D 398 4.80 -0.13 35.49
N MET D 399 5.59 0.76 36.11
CA MET D 399 5.07 1.48 37.28
C MET D 399 4.12 2.62 36.93
N LEU D 400 3.98 2.98 35.65
CA LEU D 400 3.12 4.09 35.25
C LEU D 400 1.74 3.55 34.93
N VAL D 401 0.74 4.00 35.68
CA VAL D 401 -0.61 3.45 35.61
C VAL D 401 -1.63 4.51 35.18
N ASP D 402 -1.79 5.56 35.97
CA ASP D 402 -2.83 6.55 35.75
C ASP D 402 -2.35 7.65 34.81
N SER D 403 -3.30 8.30 34.16
CA SER D 403 -3.02 9.36 33.21
C SER D 403 -3.32 10.73 33.83
N VAL D 404 -2.82 11.77 33.17
CA VAL D 404 -2.99 13.15 33.62
C VAL D 404 -3.43 14.00 32.44
N GLU D 405 -4.07 15.13 32.76
CA GLU D 405 -4.55 16.05 31.74
C GLU D 405 -3.42 16.97 31.29
N THR D 406 -3.55 17.47 30.06
CA THR D 406 -2.55 18.32 29.45
C THR D 406 -3.19 19.57 28.86
N ASP D 407 -2.42 20.65 28.82
CA ASP D 407 -2.84 21.93 28.23
C ASP D 407 -4.13 22.43 28.88
N THR D 408 -4.03 22.75 30.16
CA THR D 408 -5.16 23.23 30.95
C THR D 408 -5.17 24.75 31.10
N TYR D 409 -4.02 25.36 31.39
CA TYR D 409 -3.96 26.79 31.64
C TYR D 409 -4.10 27.55 30.33
N PRO D 410 -5.09 28.44 30.19
CA PRO D 410 -5.26 29.15 28.92
C PRO D 410 -4.42 30.40 28.77
N ASP D 411 -3.92 30.96 29.88
CA ASP D 411 -3.21 32.25 29.85
C ASP D 411 -1.70 32.08 29.98
N LYS D 412 -1.14 31.04 29.37
CA LYS D 412 0.29 30.81 29.39
C LYS D 412 0.80 30.63 27.97
N LEU D 413 1.94 31.25 27.66
CA LEU D 413 2.54 31.15 26.34
C LEU D 413 3.77 30.26 26.40
N PRO D 414 3.77 29.10 25.75
CA PRO D 414 4.90 28.17 25.88
C PRO D 414 6.05 28.47 24.94
N PHE D 415 7.26 28.39 25.50
CA PHE D 415 8.49 28.52 24.73
C PHE D 415 9.34 27.26 24.94
N LYS D 416 10.53 27.22 24.35
CA LYS D 416 11.43 26.10 24.58
C LYS D 416 12.38 26.33 25.76
N ASN D 417 12.40 27.54 26.32
CA ASN D 417 13.23 27.84 27.50
C ASN D 417 12.39 28.26 28.69
N GLY D 418 11.09 28.02 28.66
CA GLY D 418 10.23 28.38 29.75
C GLY D 418 8.83 28.71 29.24
N VAL D 419 8.01 29.20 30.16
CA VAL D 419 6.63 29.57 29.87
C VAL D 419 6.41 31.00 30.33
N LEU D 420 5.88 31.84 29.44
CA LEU D 420 5.60 33.23 29.75
C LEU D 420 4.19 33.34 30.32
N ASP D 421 4.06 34.07 31.42
CA ASP D 421 2.77 34.31 32.06
C ASP D 421 2.22 35.65 31.56
N LEU D 422 1.02 35.63 30.98
CA LEU D 422 0.42 36.82 30.43
C LEU D 422 -0.23 37.70 31.49
N VAL D 423 -0.43 37.19 32.70
CA VAL D 423 -1.06 37.98 33.75
C VAL D 423 -0.17 39.16 34.15
N ASP D 424 1.13 38.91 34.31
CA ASP D 424 2.06 39.94 34.75
C ASP D 424 3.20 40.22 33.77
N GLY D 425 3.38 39.38 32.76
CA GLY D 425 4.42 39.59 31.77
C GLY D 425 5.78 39.04 32.14
N MET D 426 5.95 38.53 33.36
CA MET D 426 7.21 37.94 33.76
C MET D 426 7.32 36.49 33.28
N PHE D 427 8.56 36.01 33.22
CA PHE D 427 8.91 34.79 32.51
C PHE D 427 9.37 33.71 33.48
N TYR D 428 8.86 32.50 33.31
CA TYR D 428 9.29 31.33 34.06
C TYR D 428 10.33 30.54 33.27
N SER D 429 11.10 29.74 33.99
CA SER D 429 12.08 28.84 33.38
C SER D 429 12.37 27.72 34.36
N GLY D 430 12.88 26.62 33.81
CA GLY D 430 13.26 25.49 34.66
C GLY D 430 12.05 24.83 35.30
N ASP D 431 12.25 24.35 36.53
CA ASP D 431 11.20 23.62 37.24
C ASP D 431 9.93 24.43 37.41
N ASP D 432 10.05 25.76 37.55
CA ASP D 432 8.86 26.59 37.70
C ASP D 432 7.94 26.47 36.49
N ALA D 433 8.52 26.22 35.31
CA ALA D 433 7.73 26.04 34.10
C ALA D 433 7.28 24.60 33.88
N LYS D 434 7.73 23.67 34.72
CA LYS D 434 7.36 22.27 34.52
C LYS D 434 5.90 22.01 34.89
N LYS D 435 5.39 22.68 35.92
CA LYS D 435 4.05 22.39 36.42
C LYS D 435 2.95 22.76 35.44
N TYR D 436 3.23 23.58 34.44
CA TYR D 436 2.28 23.84 33.36
C TYR D 436 2.54 22.82 32.26
N THR D 437 1.68 21.81 32.19
CA THR D 437 1.85 20.72 31.22
C THR D 437 1.42 21.22 29.85
N CYS D 438 2.30 22.00 29.23
CA CYS D 438 2.07 22.55 27.91
C CYS D 438 2.81 21.69 26.88
N THR D 439 2.06 21.10 25.96
CA THR D 439 2.64 20.24 24.94
C THR D 439 3.20 21.04 23.77
N VAL D 440 2.37 21.89 23.16
CA VAL D 440 2.83 22.68 22.03
C VAL D 440 3.80 23.76 22.52
N SER D 441 4.63 24.24 21.60
CA SER D 441 5.60 25.28 21.89
C SER D 441 5.61 26.28 20.74
N THR D 442 6.04 27.51 21.04
CA THR D 442 6.09 28.53 20.00
C THR D 442 7.22 28.28 19.02
N GLY D 443 8.14 27.38 19.35
CA GLY D 443 9.14 26.91 18.41
C GLY D 443 10.40 27.73 18.31
N PHE D 444 10.53 28.82 19.07
CA PHE D 444 11.75 29.62 19.02
C PHE D 444 12.19 29.97 20.44
N LYS D 445 13.48 30.21 20.59
CA LYS D 445 14.04 30.56 21.89
C LYS D 445 13.56 31.94 22.32
N PHE D 446 13.26 32.07 23.61
CA PHE D 446 12.89 33.35 24.18
C PHE D 446 14.13 34.11 24.65
N ASP D 447 14.10 35.42 24.50
CA ASP D 447 15.21 36.28 24.88
C ASP D 447 14.70 37.43 25.74
N ASP D 448 15.54 37.85 26.68
CA ASP D 448 15.20 38.95 27.57
C ASP D 448 15.61 40.30 27.01
N THR D 449 16.77 40.37 26.35
CA THR D 449 17.30 41.63 25.85
C THR D 449 16.46 42.22 24.72
N LYS D 450 15.55 41.45 24.14
CA LYS D 450 14.72 41.92 23.04
C LYS D 450 13.40 42.51 23.49
N PHE D 451 13.14 42.55 24.79
CA PHE D 451 11.90 43.12 25.34
C PHE D 451 12.21 44.55 25.80
N VAL D 452 12.20 45.48 24.85
CA VAL D 452 12.48 46.88 25.11
C VAL D 452 11.35 47.72 24.54
N GLU D 453 10.83 48.65 25.34
CA GLU D 453 9.78 49.55 24.86
C GLU D 453 10.38 50.64 23.99
N ASP D 454 11.30 51.43 24.54
CA ASP D 454 11.94 52.51 23.80
C ASP D 454 13.14 51.93 23.07
N SER D 455 12.88 51.33 21.91
CA SER D 455 13.91 50.70 21.10
C SER D 455 13.75 51.15 19.65
N PRO D 456 14.84 51.22 18.90
CA PRO D 456 14.70 51.56 17.46
C PRO D 456 13.86 50.56 16.70
N GLU D 457 13.93 49.28 17.06
CA GLU D 457 13.09 48.28 16.43
C GLU D 457 11.60 48.57 16.70
N MET D 458 11.29 48.93 17.95
CA MET D 458 9.92 49.31 18.29
C MET D 458 9.46 50.52 17.48
N GLU D 459 10.32 51.53 17.34
CA GLU D 459 9.94 52.71 16.58
C GLU D 459 9.72 52.37 15.11
N GLU D 460 10.57 51.51 14.56
CA GLU D 460 10.44 51.12 13.16
C GLU D 460 9.15 50.34 12.92
N LEU D 461 8.80 49.43 13.83
CA LEU D 461 7.62 48.60 13.64
C LEU D 461 6.33 49.37 13.92
N MET D 462 6.36 50.27 14.91
CA MET D 462 5.18 51.05 15.25
C MET D 462 4.76 51.94 14.09
N ASN D 463 5.72 52.51 13.36
CA ASN D 463 5.39 53.32 12.19
C ASN D 463 4.62 52.51 11.16
N ILE D 464 5.08 51.29 10.86
CA ILE D 464 4.39 50.46 9.88
C ILE D 464 3.00 50.09 10.37
N ILE D 465 2.88 49.71 11.65
CA ILE D 465 1.60 49.29 12.19
C ILE D 465 0.60 50.45 12.13
N ASN D 466 1.04 51.66 12.50
CA ASN D 466 0.16 52.81 12.43
C ASN D 466 -0.14 53.19 10.98
N ASP D 467 0.79 52.92 10.07
CA ASP D 467 0.52 53.16 8.65
C ASP D 467 -0.60 52.28 8.14
N ILE D 468 -0.61 51.01 8.55
CA ILE D 468 -1.66 50.10 8.09
C ILE D 468 -3.02 50.55 8.60
N GLN D 469 -3.11 50.92 9.88
CA GLN D 469 -4.36 51.38 10.49
C GLN D 469 -4.10 52.71 11.19
N PRO D 470 -4.23 53.82 10.47
CA PRO D 470 -4.01 55.13 11.11
C PRO D 470 -5.04 55.42 12.19
N LEU D 471 -4.60 56.18 13.19
CA LEU D 471 -5.48 56.58 14.28
C LEU D 471 -6.35 57.76 13.87
N THR D 472 -7.66 57.59 14.00
CA THR D 472 -8.61 58.65 13.66
C THR D 472 -9.83 58.49 14.55
N ASP D 473 -10.58 59.59 14.68
CA ASP D 473 -11.82 59.55 15.45
C ASP D 473 -12.83 58.60 14.82
N GLU D 474 -12.91 58.58 13.49
CA GLU D 474 -13.81 57.65 12.82
C GLU D 474 -13.27 56.23 12.83
N ASN D 475 -11.95 56.07 12.92
CA ASN D 475 -11.32 54.76 12.89
C ASN D 475 -11.07 54.17 14.27
N LYS D 476 -11.50 54.84 15.34
CA LYS D 476 -11.17 54.38 16.69
C LYS D 476 -11.84 53.03 16.99
N LYS D 477 -13.09 52.85 16.57
CA LYS D 477 -13.77 51.59 16.84
C LYS D 477 -13.22 50.46 15.98
N ASN D 478 -12.98 50.74 14.70
CA ASN D 478 -12.39 49.72 13.83
C ASN D 478 -11.00 49.33 14.31
N ARG D 479 -10.19 50.31 14.73
CA ARG D 479 -8.87 49.98 15.24
C ARG D 479 -8.96 49.26 16.58
N GLU D 480 -9.97 49.56 17.38
CA GLU D 480 -10.18 48.82 18.63
C GLU D 480 -10.49 47.35 18.35
N LEU D 481 -11.36 47.10 17.37
CA LEU D 481 -11.67 45.72 16.99
C LEU D 481 -10.44 45.02 16.42
N TYR D 482 -9.67 45.73 15.59
CA TYR D 482 -8.41 45.18 15.09
C TYR D 482 -7.45 44.86 16.21
N GLU D 483 -7.39 45.71 17.24
CA GLU D 483 -6.56 45.48 18.41
C GLU D 483 -6.99 44.22 19.14
N LYS D 484 -8.28 44.09 19.42
CA LYS D 484 -8.78 42.96 20.19
C LYS D 484 -8.60 41.65 19.44
N THR D 485 -8.90 41.62 18.14
CA THR D 485 -8.78 40.38 17.38
C THR D 485 -7.34 39.89 17.33
N LEU D 486 -6.39 40.80 17.11
CA LEU D 486 -4.99 40.42 17.06
C LEU D 486 -4.52 39.89 18.40
N SER D 487 -4.91 40.55 19.50
CA SER D 487 -4.49 40.13 20.82
C SER D 487 -5.11 38.81 21.25
N SER D 488 -6.31 38.49 20.76
CA SER D 488 -6.97 37.26 21.17
C SER D 488 -6.24 36.00 20.72
N CYS D 489 -5.28 36.11 19.79
CA CYS D 489 -4.58 34.94 19.29
C CYS D 489 -3.64 34.32 20.32
N LEU D 490 -3.28 35.05 21.38
CA LEU D 490 -2.36 34.52 22.37
C LEU D 490 -3.04 33.54 23.32
N CYS D 491 -4.32 33.75 23.63
CA CYS D 491 -5.00 32.92 24.61
C CYS D 491 -5.25 31.52 24.05
N GLY D 492 -5.41 30.57 24.97
CA GLY D 492 -5.61 29.19 24.59
C GLY D 492 -6.99 28.66 24.92
N ALA D 493 -7.99 29.53 24.89
CA ALA D 493 -9.37 29.15 25.12
C ALA D 493 -10.06 28.91 23.78
N THR D 494 -11.38 28.72 23.84
CA THR D 494 -12.18 28.49 22.64
C THR D 494 -12.93 29.78 22.29
N LYS D 495 -12.75 30.24 21.06
CA LYS D 495 -13.40 31.47 20.61
C LYS D 495 -14.80 31.16 20.09
N GLY D 496 -15.62 32.21 20.03
CA GLY D 496 -17.00 32.05 19.63
C GLY D 496 -17.43 32.94 18.48
N CYS D 497 -16.48 33.34 17.64
CA CYS D 497 -16.80 34.19 16.49
C CYS D 497 -15.69 34.06 15.46
N LEU D 498 -16.03 34.45 14.23
CA LEU D 498 -15.08 34.44 13.11
C LEU D 498 -14.87 35.87 12.63
N THR D 499 -13.66 36.13 12.13
CA THR D 499 -13.27 37.48 11.72
C THR D 499 -12.89 37.51 10.25
N PHE D 500 -13.41 38.52 9.56
CA PHE D 500 -13.15 38.75 8.15
C PHE D 500 -12.29 40.01 7.98
N PHE D 501 -11.13 39.86 7.37
CA PHE D 501 -10.32 40.99 6.95
C PHE D 501 -10.76 41.39 5.56
N PHE D 502 -11.62 42.39 5.48
CA PHE D 502 -12.21 42.84 4.22
C PHE D 502 -11.41 44.02 3.68
N GLY D 503 -10.87 43.87 2.47
CA GLY D 503 -10.11 44.96 1.88
C GLY D 503 -9.67 44.62 0.48
N GLU D 504 -9.25 45.65 -0.24
CA GLU D 504 -8.84 45.53 -1.63
C GLU D 504 -7.47 44.86 -1.70
N THR D 505 -6.90 44.79 -2.90
CA THR D 505 -5.61 44.15 -3.08
C THR D 505 -4.47 45.08 -2.68
N ALA D 506 -3.35 44.46 -2.30
CA ALA D 506 -2.12 45.18 -1.93
C ALA D 506 -2.39 46.20 -0.82
N THR D 507 -3.09 45.75 0.22
CA THR D 507 -3.43 46.60 1.36
C THR D 507 -2.71 46.18 2.63
N GLY D 508 -1.85 45.16 2.57
CA GLY D 508 -1.05 44.78 3.72
C GLY D 508 -1.61 43.66 4.58
N LYS D 509 -2.62 42.93 4.10
CA LYS D 509 -3.12 41.80 4.88
C LYS D 509 -2.03 40.75 5.07
N SER D 510 -1.31 40.43 4.00
CA SER D 510 -0.19 39.49 4.09
C SER D 510 0.91 40.00 5.00
N THR D 511 1.09 41.31 5.11
CA THR D 511 2.07 41.86 6.04
C THR D 511 1.72 41.51 7.48
N THR D 512 0.46 41.74 7.87
CA THR D 512 0.03 41.36 9.21
C THR D 512 0.07 39.86 9.41
N LYS D 513 -0.29 39.09 8.38
CA LYS D 513 -0.22 37.63 8.47
C LYS D 513 1.21 37.16 8.77
N ARG D 514 2.19 37.68 8.02
CA ARG D 514 3.57 37.29 8.25
C ARG D 514 4.09 37.81 9.58
N LEU D 515 3.67 39.00 9.99
CA LEU D 515 4.08 39.51 11.30
C LEU D 515 3.59 38.61 12.42
N LEU D 516 2.31 38.22 12.37
CA LEU D 516 1.77 37.33 13.39
C LEU D 516 2.42 35.96 13.34
N LYS D 517 2.69 35.44 12.15
CA LYS D 517 3.36 34.14 12.04
C LYS D 517 4.74 34.19 12.68
N SER D 518 5.52 35.23 12.37
CA SER D 518 6.84 35.37 12.96
C SER D 518 6.75 35.55 14.47
N ALA D 519 5.74 36.28 14.94
CA ALA D 519 5.61 36.54 16.37
C ALA D 519 5.28 35.26 17.14
N ILE D 520 4.35 34.45 16.64
CA ILE D 520 3.82 33.34 17.43
C ILE D 520 4.28 31.97 16.95
N GLY D 521 5.20 31.89 16.00
CA GLY D 521 5.81 30.60 15.70
C GLY D 521 4.82 29.63 15.08
N ASP D 522 4.95 28.35 15.44
CA ASP D 522 4.14 27.31 14.80
C ASP D 522 2.72 27.26 15.36
N LEU D 523 2.44 28.01 16.41
CA LEU D 523 1.06 28.12 16.88
C LEU D 523 0.15 28.68 15.79
N PHE D 524 0.68 29.54 14.94
CA PHE D 524 -0.02 29.97 13.73
C PHE D 524 -0.03 28.82 12.72
N VAL D 525 -1.14 28.70 11.98
CA VAL D 525 -1.27 27.70 10.94
C VAL D 525 -2.11 28.25 9.79
N GLU D 526 -1.84 27.75 8.60
CA GLU D 526 -2.55 28.11 7.38
C GLU D 526 -3.27 26.89 6.84
N THR D 527 -4.54 27.06 6.50
CA THR D 527 -5.36 25.97 5.99
C THR D 527 -6.03 26.40 4.69
N GLY D 528 -6.45 25.40 3.92
CA GLY D 528 -7.09 25.64 2.64
C GLY D 528 -8.56 26.01 2.79
N GLN D 529 -9.27 25.93 1.68
CA GLN D 529 -10.69 26.27 1.63
C GLN D 529 -11.59 25.07 1.90
N THR D 530 -11.02 23.91 2.24
CA THR D 530 -11.83 22.72 2.48
C THR D 530 -12.70 22.89 3.72
N ILE D 531 -12.23 23.65 4.71
CA ILE D 531 -12.94 23.73 5.98
C ILE D 531 -14.31 24.40 5.80
N LEU D 532 -14.36 25.51 5.07
CA LEU D 532 -15.60 26.28 4.98
C LEU D 532 -16.42 25.98 3.74
N THR D 533 -15.92 25.13 2.83
CA THR D 533 -16.65 24.81 1.61
C THR D 533 -17.07 23.36 1.53
N ASP D 534 -16.13 22.42 1.61
CA ASP D 534 -16.47 21.02 1.39
C ASP D 534 -16.95 20.36 2.68
N VAL D 535 -17.29 19.09 2.57
CA VAL D 535 -17.84 18.34 3.69
C VAL D 535 -16.69 17.79 4.53
N LEU D 536 -16.78 18.00 5.85
CA LEU D 536 -15.77 17.52 6.78
C LEU D 536 -16.22 16.33 7.62
N ASP D 537 -17.50 15.98 7.57
CA ASP D 537 -18.03 14.84 8.31
C ASP D 537 -17.95 13.54 7.52
N LYS D 538 -17.57 13.60 6.25
CA LYS D 538 -17.48 12.42 5.39
C LYS D 538 -16.02 12.20 5.02
N GLY D 539 -15.51 11.00 5.30
CA GLY D 539 -14.15 10.64 4.96
C GLY D 539 -13.14 11.31 5.88
N PRO D 540 -11.86 10.99 5.66
CA PRO D 540 -10.81 11.60 6.48
C PRO D 540 -10.52 13.04 6.07
N ASN D 541 -10.30 13.89 7.06
CA ASN D 541 -9.98 15.29 6.85
C ASN D 541 -8.73 15.65 7.65
N PRO D 542 -7.55 15.47 7.06
CA PRO D 542 -6.30 15.81 7.78
C PRO D 542 -6.22 17.28 8.16
N PHE D 543 -6.91 18.17 7.45
CA PHE D 543 -6.87 19.59 7.79
C PHE D 543 -7.46 19.83 9.17
N ILE D 544 -8.55 19.13 9.50
CA ILE D 544 -9.14 19.27 10.83
C ILE D 544 -8.17 18.78 11.89
N ALA D 545 -7.53 17.63 11.66
CA ALA D 545 -6.56 17.12 12.62
C ALA D 545 -5.34 18.03 12.74
N ASN D 546 -5.05 18.83 11.72
CA ASN D 546 -3.91 19.74 11.78
C ASN D 546 -4.15 20.90 12.74
N MET D 547 -5.41 21.26 12.97
CA MET D 547 -5.75 22.40 13.82
C MET D 547 -5.80 22.05 15.30
N HIS D 548 -5.55 20.79 15.65
CA HIS D 548 -5.57 20.35 17.04
C HIS D 548 -4.57 21.14 17.85
N LEU D 549 -5.05 21.80 18.92
CA LEU D 549 -4.28 22.60 19.87
C LEU D 549 -3.66 23.85 19.26
N LYS D 550 -3.91 24.14 17.98
CA LYS D 550 -3.39 25.36 17.39
C LYS D 550 -4.11 26.57 17.94
N ARG D 551 -3.41 27.70 17.99
CA ARG D 551 -3.96 28.93 18.56
C ARG D 551 -4.37 29.95 17.51
N SER D 552 -4.13 29.69 16.22
CA SER D 552 -4.51 30.64 15.18
C SER D 552 -4.55 29.93 13.85
N VAL D 553 -5.67 30.04 13.14
CA VAL D 553 -5.86 29.47 11.82
C VAL D 553 -6.18 30.61 10.85
N PHE D 554 -5.45 30.66 9.75
CA PHE D 554 -5.59 31.73 8.77
C PHE D 554 -5.98 31.13 7.42
N CYS D 555 -6.92 31.77 6.73
CA CYS D 555 -7.28 31.38 5.38
C CYS D 555 -7.46 32.64 4.53
N SER D 556 -7.13 32.52 3.25
CA SER D 556 -7.17 33.66 2.35
C SER D 556 -7.53 33.14 0.95
N GLU D 557 -7.35 34.00 -0.05
CA GLU D 557 -7.55 33.68 -1.48
C GLU D 557 -8.80 32.85 -1.71
N LEU D 558 -9.89 33.26 -1.06
CA LEU D 558 -11.16 32.57 -1.27
C LEU D 558 -11.64 32.80 -2.70
N PRO D 559 -12.19 31.78 -3.34
CA PRO D 559 -12.68 31.96 -4.72
C PRO D 559 -13.83 32.94 -4.78
N ASP D 560 -13.87 33.70 -5.88
CA ASP D 560 -14.93 34.68 -6.07
C ASP D 560 -16.25 33.99 -6.36
N PHE D 561 -17.33 34.58 -5.85
CA PHE D 561 -18.68 34.07 -6.07
C PHE D 561 -19.35 34.69 -7.29
N ALA D 562 -18.65 35.57 -8.01
CA ALA D 562 -19.24 36.17 -9.21
C ALA D 562 -19.52 35.12 -10.28
N CYS D 563 -18.60 34.19 -10.48
CA CYS D 563 -18.79 33.14 -11.47
C CYS D 563 -19.85 32.15 -11.00
N SER D 564 -20.68 31.71 -11.93
CA SER D 564 -21.71 30.73 -11.61
C SER D 564 -21.08 29.38 -11.29
N GLY D 565 -21.77 28.62 -10.43
CA GLY D 565 -21.29 27.31 -10.03
C GLY D 565 -20.29 27.31 -8.88
N SER D 566 -19.96 28.48 -8.34
CA SER D 566 -19.04 28.55 -7.22
C SER D 566 -19.66 27.91 -5.99
N LYS D 567 -18.85 27.15 -5.25
CA LYS D 567 -19.34 26.45 -4.06
C LYS D 567 -19.45 27.44 -2.92
N LYS D 568 -20.68 27.79 -2.56
CA LYS D 568 -20.90 28.75 -1.49
C LYS D 568 -20.62 28.14 -0.12
N ILE D 569 -20.24 28.99 0.82
CA ILE D 569 -19.92 28.54 2.17
C ILE D 569 -21.21 28.20 2.91
N ARG D 570 -21.22 27.03 3.54
CA ARG D 570 -22.41 26.58 4.26
C ARG D 570 -22.40 27.12 5.69
N SER D 571 -23.60 27.40 6.20
CA SER D 571 -23.70 27.93 7.56
C SER D 571 -23.39 26.88 8.61
N ASP D 572 -23.51 25.59 8.28
CA ASP D 572 -23.24 24.54 9.25
C ASP D 572 -21.78 24.56 9.67
N ASN D 573 -20.87 24.79 8.72
CA ASN D 573 -19.45 24.89 9.07
C ASN D 573 -19.19 26.05 10.01
N ILE D 574 -19.82 27.21 9.77
CA ILE D 574 -19.63 28.36 10.65
C ILE D 574 -20.17 28.04 12.04
N LYS D 575 -21.34 27.40 12.12
CA LYS D 575 -21.93 27.08 13.42
C LYS D 575 -21.06 26.10 14.20
N LYS D 576 -20.53 25.07 13.53
CA LYS D 576 -19.83 24.00 14.21
C LYS D 576 -18.34 24.29 14.41
N LEU D 577 -17.82 25.38 13.85
CA LEU D 577 -16.43 25.75 14.07
C LEU D 577 -16.22 26.54 15.36
N THR D 578 -17.30 27.03 15.98
CA THR D 578 -17.21 27.77 17.23
C THR D 578 -17.40 26.89 18.45
N GLU D 579 -17.63 25.60 18.27
CA GLU D 579 -17.83 24.70 19.39
C GLU D 579 -16.48 24.33 20.02
N PRO D 580 -16.47 24.04 21.33
CA PRO D 580 -15.22 23.61 21.97
C PRO D 580 -14.64 22.34 21.37
N CYS D 581 -15.49 21.43 20.89
CA CYS D 581 -15.05 20.21 20.25
C CYS D 581 -15.50 20.22 18.79
N VAL D 582 -14.56 19.96 17.90
CA VAL D 582 -14.82 19.90 16.46
C VAL D 582 -14.68 18.46 16.02
N ILE D 583 -15.73 17.91 15.42
CA ILE D 583 -15.75 16.51 15.03
C ILE D 583 -15.02 16.35 13.70
N GLY D 584 -14.01 15.49 13.68
CA GLY D 584 -13.26 15.25 12.46
C GLY D 584 -12.42 14.00 12.60
N ARG D 585 -11.99 13.47 11.46
CA ARG D 585 -11.22 12.24 11.42
C ARG D 585 -10.01 12.42 10.50
N PRO D 586 -8.81 12.06 10.94
CA PRO D 586 -7.65 12.09 10.03
C PRO D 586 -7.55 10.81 9.21
N CYS D 587 -6.49 10.69 8.41
CA CYS D 587 -6.30 9.53 7.55
C CYS D 587 -5.73 8.36 8.35
N PHE D 588 -6.36 7.20 8.21
CA PHE D 588 -5.91 5.96 8.85
C PHE D 588 -5.82 6.13 10.37
N SER D 589 -6.90 6.60 10.98
CA SER D 589 -6.92 6.79 12.41
C SER D 589 -8.36 6.71 12.91
N ASN D 590 -8.50 6.54 14.22
CA ASN D 590 -9.81 6.40 14.86
C ASN D 590 -10.19 7.58 15.74
N LYS D 591 -9.31 8.56 15.92
CA LYS D 591 -9.63 9.72 16.74
C LYS D 591 -10.74 10.54 16.09
N ILE D 592 -11.68 11.01 16.91
CA ILE D 592 -12.82 11.76 16.42
C ILE D 592 -12.88 13.11 17.14
N ASN D 593 -12.34 13.15 18.35
CA ASN D 593 -12.40 14.35 19.19
C ASN D 593 -11.19 15.24 18.93
N ASN D 594 -11.46 16.53 18.75
CA ASN D 594 -10.41 17.52 18.56
C ASN D 594 -10.72 18.73 19.43
N ARG D 595 -9.72 19.22 20.16
CA ARG D 595 -9.87 20.39 21.01
C ARG D 595 -9.60 21.66 20.20
N ASN D 596 -10.46 22.66 20.36
CA ASN D 596 -10.41 23.89 19.60
C ASN D 596 -9.84 25.00 20.47
N HIS D 597 -8.74 25.60 20.02
CA HIS D 597 -8.10 26.70 20.74
C HIS D 597 -7.69 27.83 19.80
N ALA D 598 -8.15 27.82 18.56
CA ALA D 598 -7.64 28.71 17.53
C ALA D 598 -8.62 29.84 17.20
N THR D 599 -8.06 30.96 16.79
CA THR D 599 -8.81 32.08 16.25
C THR D 599 -8.80 31.99 14.73
N ILE D 600 -9.97 32.07 14.11
CA ILE D 600 -10.10 31.91 12.67
C ILE D 600 -10.08 33.28 12.02
N ILE D 601 -9.16 33.49 11.07
CA ILE D 601 -9.06 34.72 10.32
C ILE D 601 -9.29 34.38 8.84
N ILE D 602 -10.16 35.14 8.18
CA ILE D 602 -10.44 34.93 6.77
C ILE D 602 -10.22 36.23 6.02
N ASP D 603 -9.30 36.22 5.06
CA ASP D 603 -9.02 37.38 4.22
C ASP D 603 -9.97 37.39 3.04
N THR D 604 -10.52 38.56 2.71
CA THR D 604 -11.46 38.69 1.61
C THR D 604 -11.29 40.03 0.91
N ASN D 605 -11.43 40.01 -0.42
CA ASN D 605 -11.46 41.24 -1.19
C ASN D 605 -12.89 41.61 -1.60
N TYR D 606 -13.79 40.63 -1.60
CA TYR D 606 -15.17 40.82 -1.99
C TYR D 606 -16.08 40.43 -0.83
N LYS D 607 -17.26 41.04 -0.79
CA LYS D 607 -18.22 40.73 0.26
C LYS D 607 -18.69 39.28 0.14
N PRO D 608 -18.76 38.54 1.23
CA PRO D 608 -19.16 37.13 1.14
C PRO D 608 -20.67 36.96 1.08
N VAL D 609 -21.08 35.77 0.66
CA VAL D 609 -22.49 35.42 0.53
C VAL D 609 -22.70 34.04 1.15
N PHE D 610 -23.78 33.90 1.92
CA PHE D 610 -24.10 32.66 2.62
C PHE D 610 -25.31 31.99 1.99
N ASP D 611 -25.33 30.66 2.04
CA ASP D 611 -26.44 29.91 1.46
C ASP D 611 -27.76 30.22 2.18
N ARG D 612 -27.73 30.26 3.51
CA ARG D 612 -28.90 30.62 4.29
C ARG D 612 -28.46 31.45 5.49
N ILE D 613 -29.20 32.51 5.77
CA ILE D 613 -28.87 33.43 6.85
C ILE D 613 -30.03 33.48 7.84
N ASP D 614 -29.67 33.48 9.12
CA ASP D 614 -30.65 33.50 10.20
C ASP D 614 -29.97 34.12 11.42
N ASN D 615 -30.80 34.46 12.42
CA ASN D 615 -30.29 35.14 13.60
C ASN D 615 -29.23 34.33 14.34
N ALA D 616 -29.24 33.00 14.20
CA ALA D 616 -28.19 32.19 14.81
C ALA D 616 -26.83 32.47 14.18
N LEU D 617 -26.80 32.68 12.86
CA LEU D 617 -25.53 32.94 12.19
C LEU D 617 -25.03 34.35 12.45
N MET D 618 -25.91 35.27 12.84
CA MET D 618 -25.53 36.67 13.02
C MET D 618 -24.67 36.89 14.26
N ARG D 619 -24.52 35.89 15.12
CA ARG D 619 -23.71 36.00 16.33
C ARG D 619 -22.30 35.47 16.16
N ARG D 620 -21.88 35.15 14.93
CA ARG D 620 -20.58 34.56 14.68
C ARG D 620 -19.86 35.25 13.53
N ILE D 621 -20.09 36.55 13.34
CA ILE D 621 -19.53 37.29 12.23
C ILE D 621 -18.92 38.59 12.74
N ALA D 622 -17.67 38.85 12.37
CA ALA D 622 -16.99 40.10 12.66
C ALA D 622 -16.13 40.48 11.46
N VAL D 623 -16.02 41.78 11.21
CA VAL D 623 -15.32 42.29 10.03
C VAL D 623 -14.31 43.33 10.46
N VAL D 624 -13.24 43.48 9.67
CA VAL D 624 -12.22 44.50 9.86
C VAL D 624 -11.96 45.15 8.51
N ARG D 625 -11.96 46.48 8.49
CA ARG D 625 -11.81 47.24 7.25
C ARG D 625 -10.36 47.65 7.04
N PHE D 626 -9.95 47.67 5.77
CA PHE D 626 -8.59 48.07 5.36
C PHE D 626 -8.73 49.24 4.39
N ARG D 627 -8.30 50.43 4.83
CA ARG D 627 -8.45 51.64 4.05
C ARG D 627 -7.12 52.24 3.62
N THR D 628 -6.03 51.49 3.70
CA THR D 628 -4.71 51.97 3.32
C THR D 628 -4.14 51.07 2.24
N HIS D 629 -3.61 51.68 1.19
CA HIS D 629 -3.05 50.96 0.06
C HIS D 629 -1.60 51.37 -0.14
N PHE D 630 -0.73 50.37 -0.36
CA PHE D 630 0.68 50.60 -0.63
C PHE D 630 0.83 50.77 -2.13
N SER D 631 0.77 52.02 -2.60
CA SER D 631 0.69 52.31 -4.02
C SER D 631 2.07 52.33 -4.66
N GLN D 632 2.18 51.71 -5.82
CA GLN D 632 3.39 51.81 -6.62
C GLN D 632 3.55 53.24 -7.13
N PRO D 633 4.78 53.77 -7.18
CA PRO D 633 4.96 55.14 -7.70
C PRO D 633 4.47 55.33 -9.12
N SER D 634 4.56 54.29 -9.96
CA SER D 634 4.04 54.40 -11.31
C SER D 634 2.52 54.59 -11.32
N GLY D 635 1.82 53.88 -10.45
CA GLY D 635 0.38 53.97 -10.38
C GLY D 635 -0.11 54.91 -9.28
N ARG D 636 0.75 55.81 -8.84
CA ARG D 636 0.38 56.72 -7.75
C ARG D 636 -0.79 57.63 -8.15
N GLU D 637 -0.79 58.13 -9.38
CA GLU D 637 -1.82 59.06 -9.82
C GLU D 637 -3.18 58.40 -9.96
N ALA D 638 -3.24 57.06 -9.98
CA ALA D 638 -4.49 56.34 -10.18
C ALA D 638 -5.18 55.98 -8.88
N ALA D 639 -4.66 56.45 -7.74
CA ALA D 639 -5.20 56.10 -6.44
C ALA D 639 -6.01 57.22 -5.79
N GLU D 640 -5.52 58.46 -5.87
CA GLU D 640 -6.21 59.56 -5.19
C GLU D 640 -7.57 59.85 -5.80
N ASN D 641 -7.73 59.60 -7.10
CA ASN D 641 -9.02 59.84 -7.75
C ASN D 641 -10.09 58.89 -7.21
N ASN D 642 -9.74 57.62 -7.01
CA ASN D 642 -10.69 56.65 -6.50
C ASN D 642 -11.05 56.94 -5.05
N ASP D 643 -12.32 56.74 -4.71
CA ASP D 643 -12.81 56.96 -3.35
C ASP D 643 -12.74 55.71 -2.48
N ALA D 644 -12.31 54.57 -3.03
CA ALA D 644 -12.22 53.35 -2.24
C ALA D 644 -11.17 53.50 -1.13
N TYR D 645 -10.04 54.12 -1.44
CA TYR D 645 -8.96 54.31 -0.47
C TYR D 645 -9.10 55.68 0.16
N ASP D 646 -9.30 55.71 1.48
CA ASP D 646 -9.35 56.97 2.21
C ASP D 646 -7.97 57.57 2.46
N LYS D 647 -6.91 56.80 2.24
CA LYS D 647 -5.56 57.28 2.42
C LYS D 647 -4.62 56.43 1.56
N VAL D 648 -3.62 57.08 0.98
CA VAL D 648 -2.64 56.41 0.13
C VAL D 648 -1.25 56.78 0.61
N LYS D 649 -0.29 55.90 0.30
CA LYS D 649 1.10 56.12 0.68
C LYS D 649 2.00 55.40 -0.30
N LEU D 650 3.25 55.83 -0.36
CA LEU D 650 4.22 55.22 -1.25
C LEU D 650 4.57 53.81 -0.78
N LEU D 651 4.79 52.92 -1.74
CA LEU D 651 5.16 51.56 -1.43
C LEU D 651 6.58 51.51 -0.88
N ASP D 652 6.79 50.65 0.12
CA ASP D 652 8.09 50.45 0.74
C ASP D 652 8.60 49.07 0.36
N GLU D 653 9.72 49.02 -0.36
CA GLU D 653 10.31 47.75 -0.76
C GLU D 653 11.00 47.05 0.39
N GLY D 654 11.49 47.80 1.38
CA GLY D 654 12.28 47.23 2.45
C GLY D 654 11.49 46.54 3.55
N LEU D 655 10.18 46.78 3.63
CA LEU D 655 9.41 46.14 4.70
C LEU D 655 9.37 44.62 4.53
N ASP D 656 9.23 44.13 3.30
CA ASP D 656 9.18 42.70 3.07
C ASP D 656 10.51 42.04 3.38
N GLY D 657 11.61 42.62 2.89
CA GLY D 657 12.91 41.97 3.02
C GLY D 657 13.35 41.81 4.47
N LYS D 658 12.69 42.51 5.39
CA LYS D 658 13.07 42.42 6.79
C LYS D 658 12.21 41.42 7.54
N ILE D 659 11.07 41.03 6.97
CA ILE D 659 10.09 40.25 7.72
C ILE D 659 10.56 38.81 7.90
N GLN D 660 10.92 38.14 6.79
CA GLN D 660 11.41 36.77 6.91
C GLN D 660 12.85 36.69 7.40
N ASN D 661 13.46 37.83 7.74
CA ASN D 661 14.73 37.83 8.45
C ASN D 661 14.55 37.68 9.95
N ASN D 662 13.30 37.64 10.43
CA ASN D 662 12.98 37.45 11.84
C ASN D 662 13.58 38.53 12.73
N ARG D 663 13.73 39.75 12.19
CA ARG D 663 14.16 40.87 13.00
C ARG D 663 13.01 41.49 13.78
N TYR D 664 11.76 41.16 13.44
CA TYR D 664 10.59 41.66 14.14
C TYR D 664 9.96 40.58 15.02
N ARG D 665 10.70 39.51 15.31
CA ARG D 665 10.13 38.38 16.04
C ARG D 665 9.66 38.79 17.43
N PHE D 666 10.51 39.49 18.18
CA PHE D 666 10.16 39.93 19.53
C PHE D 666 9.57 41.32 19.56
N ALA D 667 9.57 42.05 18.45
CA ALA D 667 9.00 43.38 18.44
C ALA D 667 7.48 43.34 18.49
N PHE D 668 6.87 42.45 17.69
CA PHE D 668 5.42 42.33 17.66
C PHE D 668 4.89 41.61 18.90
N LEU D 669 5.69 40.74 19.50
CA LEU D 669 5.25 39.99 20.66
C LEU D 669 4.95 40.91 21.84
N TYR D 670 5.80 41.90 22.07
CA TYR D 670 5.58 42.83 23.18
C TYR D 670 4.30 43.63 22.95
N LEU D 671 4.05 44.07 21.72
CA LEU D 671 2.82 44.80 21.43
C LEU D 671 1.61 43.92 21.65
N LEU D 672 1.68 42.65 21.22
CA LEU D 672 0.56 41.74 21.42
C LEU D 672 0.28 41.52 22.91
N VAL D 673 1.34 41.34 23.71
CA VAL D 673 1.15 41.15 25.14
C VAL D 673 0.56 42.40 25.78
N LYS D 674 1.05 43.58 25.39
CA LYS D 674 0.52 44.82 25.93
C LYS D 674 -0.96 45.00 25.58
N TRP D 675 -1.33 44.65 24.34
CA TRP D 675 -2.74 44.71 23.95
C TRP D 675 -3.58 43.70 24.73
N TYR D 676 -3.05 42.51 24.96
CA TYR D 676 -3.77 41.50 25.74
C TYR D 676 -4.01 41.98 27.16
N LYS D 677 -3.02 42.65 27.75
CA LYS D 677 -3.20 43.19 29.10
C LYS D 677 -4.34 44.20 29.15
N LYS D 678 -4.65 44.85 28.04
CA LYS D 678 -5.67 45.90 28.04
C LYS D 678 -7.08 45.34 28.06
N TYR D 679 -7.34 44.21 27.41
CA TYR D 679 -8.70 43.78 27.12
C TYR D 679 -9.12 42.53 27.87
N HIS D 680 -8.37 41.44 27.77
CA HIS D 680 -8.85 40.13 28.18
C HIS D 680 -8.51 39.78 29.63
N ILE D 681 -7.94 40.70 30.40
CA ILE D 681 -7.57 40.39 31.78
C ILE D 681 -8.80 40.06 32.64
N PRO D 682 -9.87 40.89 32.67
CA PRO D 682 -11.04 40.50 33.48
C PRO D 682 -11.71 39.24 32.95
N ILE D 683 -12.07 39.26 31.67
CA ILE D 683 -12.68 38.11 31.02
C ILE D 683 -12.49 38.28 29.52
N MET D 684 -12.51 37.18 28.79
CA MET D 684 -12.23 37.18 27.36
C MET D 684 -13.44 36.64 26.60
N LYS D 685 -13.91 37.42 25.61
CA LYS D 685 -14.96 36.97 24.72
C LYS D 685 -15.00 37.90 23.52
N LEU D 686 -15.22 37.33 22.33
CA LEU D 686 -15.29 38.09 21.10
C LEU D 686 -16.73 38.44 20.78
N TYR D 687 -16.97 39.68 20.37
CA TYR D 687 -18.33 40.14 20.16
C TYR D 687 -18.65 40.25 18.67
N PRO D 688 -19.86 39.88 18.27
CA PRO D 688 -20.22 39.90 16.85
C PRO D 688 -20.48 41.32 16.37
N THR D 689 -20.49 41.47 15.04
CA THR D 689 -20.83 42.72 14.37
C THR D 689 -21.96 42.45 13.39
N PRO D 690 -23.22 42.60 13.84
CA PRO D 690 -24.36 42.30 12.98
C PRO D 690 -24.40 43.16 11.72
N GLU D 691 -23.97 44.42 11.85
CA GLU D 691 -23.95 45.33 10.70
C GLU D 691 -22.69 45.13 9.86
N GLU D 692 -22.42 46.06 8.95
CA GLU D 692 -21.26 46.04 8.07
C GLU D 692 -21.32 44.88 7.08
N ILE D 693 -22.39 44.10 7.13
CA ILE D 693 -22.63 43.03 6.16
C ILE D 693 -23.86 43.42 5.34
N PRO D 694 -23.76 43.47 4.01
CA PRO D 694 -24.85 44.04 3.20
C PRO D 694 -26.20 43.35 3.36
N ASP D 695 -26.28 42.06 3.08
CA ASP D 695 -27.53 41.33 3.13
C ASP D 695 -28.07 41.25 4.56
N PHE D 696 -27.19 41.00 5.52
CA PHE D 696 -27.57 40.80 6.91
C PHE D 696 -28.47 41.93 7.41
N ALA D 697 -28.07 43.17 7.13
CA ALA D 697 -28.82 44.33 7.62
C ALA D 697 -30.29 44.25 7.26
N PHE D 698 -30.61 43.70 6.08
CA PHE D 698 -32.01 43.57 5.69
C PHE D 698 -32.82 42.88 6.78
N TYR D 699 -32.36 41.73 7.27
CA TYR D 699 -33.09 41.03 8.31
C TYR D 699 -33.36 41.95 9.49
N LEU D 700 -32.34 42.71 9.93
CA LEU D 700 -32.52 43.58 11.08
C LEU D 700 -33.68 44.53 10.88
N LYS D 701 -33.78 45.18 9.71
CA LYS D 701 -34.82 46.19 9.58
C LYS D 701 -36.20 45.55 9.64
N ILE D 702 -36.30 44.29 9.21
CA ILE D 702 -37.57 43.57 9.34
C ILE D 702 -37.99 43.54 10.80
N GLY D 703 -37.07 43.19 11.70
CA GLY D 703 -37.41 43.10 13.10
C GLY D 703 -37.80 44.44 13.70
N THR D 704 -37.50 45.53 12.99
CA THR D 704 -37.87 46.85 13.50
C THR D 704 -39.21 47.34 12.99
N LEU D 705 -39.87 46.61 12.09
CA LEU D 705 -41.15 47.08 11.55
C LEU D 705 -42.32 46.15 11.77
N LEU D 706 -42.09 44.91 12.20
CA LEU D 706 -43.16 43.93 12.33
C LEU D 706 -43.24 43.42 13.77
N VAL D 707 -44.45 43.43 14.32
CA VAL D 707 -44.72 42.85 15.63
C VAL D 707 -45.85 41.83 15.47
N SER D 708 -45.66 40.65 16.08
CA SER D 708 -46.57 39.55 15.89
C SER D 708 -47.87 39.77 16.66
N SER D 709 -48.95 39.17 16.17
CA SER D 709 -50.23 39.24 16.86
C SER D 709 -50.19 38.44 18.16
N SER D 710 -50.80 39.00 19.20
CA SER D 710 -50.83 38.35 20.51
C SER D 710 -52.05 38.88 21.26
N VAL D 711 -52.11 38.57 22.56
CA VAL D 711 -53.22 39.03 23.38
C VAL D 711 -53.20 40.54 23.57
N LYS D 712 -52.04 41.17 23.37
CA LYS D 712 -51.94 42.61 23.57
C LYS D 712 -52.73 43.38 22.51
N HIS D 713 -52.77 42.87 21.28
CA HIS D 713 -53.48 43.54 20.21
C HIS D 713 -54.97 43.20 20.16
N ILE D 714 -55.43 42.26 20.98
CA ILE D 714 -56.86 41.94 21.02
C ILE D 714 -57.70 43.14 21.44
N PRO D 715 -57.35 43.91 22.49
CA PRO D 715 -58.17 45.09 22.81
C PRO D 715 -58.02 46.23 21.81
N LEU D 716 -57.14 46.12 20.82
CA LEU D 716 -56.91 47.17 19.84
C LEU D 716 -57.96 47.18 18.72
N MET D 717 -59.08 46.47 18.90
CA MET D 717 -60.14 46.48 17.90
C MET D 717 -60.73 47.87 17.70
N THR D 718 -60.61 48.76 18.68
CA THR D 718 -61.15 50.12 18.54
C THR D 718 -60.48 50.86 17.41
N ASP D 719 -59.16 50.75 17.29
CA ASP D 719 -58.43 51.42 16.22
C ASP D 719 -58.21 50.53 15.00
N LEU D 720 -58.16 49.21 15.17
CA LEU D 720 -57.98 48.32 14.03
C LEU D 720 -59.17 48.39 13.08
N SER D 721 -60.39 48.45 13.63
CA SER D 721 -61.57 48.55 12.80
C SER D 721 -61.61 49.87 12.03
N LYS D 722 -61.11 50.94 12.64
CA LYS D 722 -61.09 52.24 11.96
C LYS D 722 -60.17 52.24 10.75
N LYS D 723 -59.18 51.35 10.73
CA LYS D 723 -58.22 51.28 9.63
C LYS D 723 -58.70 50.41 8.48
N GLY D 724 -59.89 49.82 8.58
CA GLY D 724 -60.45 49.03 7.51
C GLY D 724 -60.06 47.56 7.51
N TYR D 725 -59.48 47.07 8.59
CA TYR D 725 -59.11 45.67 8.70
C TYR D 725 -60.14 44.91 9.52
N ILE D 726 -60.23 43.60 9.28
CA ILE D 726 -61.23 42.75 9.89
C ILE D 726 -60.53 41.60 10.62
N LEU D 727 -61.05 41.25 11.80
CA LEU D 727 -60.50 40.16 12.59
C LEU D 727 -61.17 38.86 12.17
N TYR D 728 -60.38 37.92 11.68
CA TYR D 728 -60.86 36.62 11.22
C TYR D 728 -60.30 35.53 12.12
N ASP D 729 -61.20 34.76 12.75
CA ASP D 729 -60.82 33.69 13.67
C ASP D 729 -59.90 34.22 14.77
N ASN D 730 -60.21 35.41 15.27
CA ASN D 730 -59.41 36.10 16.28
C ASN D 730 -57.97 36.28 15.84
N VAL D 731 -57.76 36.43 14.53
CA VAL D 731 -56.43 36.62 13.95
C VAL D 731 -56.48 37.84 13.05
N VAL D 732 -55.50 38.72 13.18
CA VAL D 732 -55.44 39.92 12.36
C VAL D 732 -55.24 39.54 10.90
N THR D 733 -55.92 40.25 10.00
CA THR D 733 -55.84 40.00 8.57
C THR D 733 -55.16 41.18 7.89
N LEU D 734 -54.13 40.89 7.11
CA LEU D 734 -53.40 41.91 6.36
C LEU D 734 -53.48 41.57 4.87
N PRO D 735 -54.13 42.38 4.04
CA PRO D 735 -54.21 42.07 2.62
C PRO D 735 -52.84 42.03 1.95
N LEU D 736 -52.71 41.15 0.96
CA LEU D 736 -51.43 41.00 0.26
C LEU D 736 -51.13 42.20 -0.61
N THR D 737 -52.14 42.73 -1.31
CA THR D 737 -51.93 43.81 -2.26
C THR D 737 -51.40 45.06 -1.55
N THR D 738 -52.05 45.48 -0.46
CA THR D 738 -51.58 46.64 0.28
C THR D 738 -50.25 46.35 0.98
N PHE D 739 -49.96 45.08 1.28
CA PHE D 739 -48.66 44.75 1.84
C PHE D 739 -47.54 44.98 0.83
N GLN D 740 -47.78 44.61 -0.44
CA GLN D 740 -46.78 44.83 -1.47
C GLN D 740 -46.63 46.30 -1.85
N GLN D 741 -47.65 47.13 -1.58
CA GLN D 741 -47.57 48.53 -1.98
C GLN D 741 -46.45 49.27 -1.26
N LYS D 742 -46.31 49.04 0.05
CA LYS D 742 -45.30 49.75 0.81
C LYS D 742 -43.90 49.21 0.55
N ILE D 743 -43.78 47.92 0.27
CA ILE D 743 -42.47 47.29 0.11
C ILE D 743 -42.06 47.20 -1.36
N SER D 744 -42.67 47.99 -2.22
CA SER D 744 -42.30 47.97 -3.64
C SER D 744 -40.86 48.39 -3.84
N LYS D 745 -40.41 49.43 -3.14
CA LYS D 745 -39.02 49.85 -3.23
C LYS D 745 -38.08 48.85 -2.58
N TYR D 746 -38.52 48.19 -1.52
CA TYR D 746 -37.69 47.23 -0.79
C TYR D 746 -37.71 45.84 -1.41
N PHE D 747 -38.49 45.63 -2.48
CA PHE D 747 -38.58 44.34 -3.14
C PHE D 747 -38.14 44.46 -4.58
N ASN D 748 -37.27 43.56 -5.02
CA ASN D 748 -36.83 43.47 -6.40
C ASN D 748 -36.71 42.01 -6.78
N SER D 749 -37.25 41.66 -7.96
CA SER D 749 -37.21 40.26 -8.40
C SER D 749 -35.77 39.79 -8.60
N ARG D 750 -34.94 40.63 -9.21
CA ARG D 750 -33.56 40.23 -9.46
C ARG D 750 -32.72 40.29 -8.20
N LEU D 751 -33.11 41.11 -7.23
CA LEU D 751 -32.28 41.38 -6.05
C LEU D 751 -32.81 40.72 -4.79
N PHE D 752 -34.11 40.82 -4.53
CA PHE D 752 -34.68 40.38 -3.26
C PHE D 752 -35.70 39.25 -3.43
N GLY D 753 -35.98 38.81 -4.66
CA GLY D 753 -37.02 37.82 -4.86
C GLY D 753 -36.71 36.49 -4.20
N HIS D 754 -35.48 36.00 -4.41
CA HIS D 754 -35.11 34.71 -3.83
C HIS D 754 -35.06 34.77 -2.31
N ASP D 755 -34.56 35.88 -1.76
CA ASP D 755 -34.54 36.04 -0.30
C ASP D 755 -35.94 36.18 0.26
N ILE D 756 -36.82 36.90 -0.44
CA ILE D 756 -38.17 37.10 0.06
C ILE D 756 -39.01 35.84 -0.08
N GLU D 757 -38.65 34.94 -0.99
CA GLU D 757 -39.40 33.68 -1.12
C GLU D 757 -39.27 32.85 0.16
N SER D 758 -38.08 32.80 0.74
CA SER D 758 -37.88 32.03 1.97
C SER D 758 -38.65 32.63 3.14
N PHE D 759 -38.90 33.93 3.11
CA PHE D 759 -39.76 34.54 4.12
C PHE D 759 -41.22 34.22 3.87
N ILE D 760 -41.64 34.34 2.60
CA ILE D 760 -43.04 34.15 2.23
C ILE D 760 -43.50 32.74 2.55
N ASN D 761 -42.74 31.74 2.10
CA ASN D 761 -43.19 30.37 2.29
C ASN D 761 -43.08 29.94 3.75
N ARG D 762 -42.08 30.46 4.47
CA ARG D 762 -41.87 30.01 5.84
C ARG D 762 -42.86 30.62 6.82
N HIS D 763 -43.10 31.93 6.77
CA HIS D 763 -43.92 32.57 7.79
C HIS D 763 -45.32 32.94 7.34
N LYS D 764 -45.52 33.30 6.06
CA LYS D 764 -46.86 33.65 5.63
C LYS D 764 -47.74 32.41 5.54
N LYS D 765 -48.94 32.49 6.11
CA LYS D 765 -49.92 31.42 6.07
C LYS D 765 -51.23 31.96 5.52
N PHE D 766 -51.93 31.13 4.74
CA PHE D 766 -53.18 31.52 4.10
C PHE D 766 -54.30 30.57 4.52
N ALA D 767 -55.52 31.11 4.59
CA ALA D 767 -56.67 30.27 4.89
C ALA D 767 -56.97 29.34 3.72
N ASN D 768 -56.93 29.85 2.50
CA ASN D 768 -57.13 29.04 1.30
C ASN D 768 -56.34 29.69 0.16
N VAL D 769 -56.64 29.30 -1.07
CA VAL D 769 -55.93 29.84 -2.22
C VAL D 769 -56.17 31.34 -2.35
N SER D 770 -57.42 31.77 -2.17
CA SER D 770 -57.77 33.17 -2.37
C SER D 770 -57.46 34.04 -1.14
N ASP D 771 -57.86 33.61 0.04
CA ASP D 771 -57.67 34.41 1.25
C ASP D 771 -56.19 34.44 1.63
N GLU D 772 -55.69 35.63 1.94
CA GLU D 772 -54.32 35.83 2.37
C GLU D 772 -54.29 36.72 3.60
N TYR D 773 -53.44 36.37 4.57
CA TYR D 773 -53.28 37.18 5.77
C TYR D 773 -51.88 36.96 6.32
N LEU D 774 -51.45 37.90 7.15
CA LEU D 774 -50.15 37.84 7.81
C LEU D 774 -50.35 37.96 9.32
N GLN D 775 -49.57 37.19 10.07
CA GLN D 775 -49.63 37.21 11.53
C GLN D 775 -48.66 38.24 12.10
N TYR D 776 -48.70 39.44 11.55
CA TYR D 776 -47.84 40.54 11.96
C TYR D 776 -48.53 41.85 11.64
N ILE D 777 -48.08 42.91 12.31
CA ILE D 777 -48.59 44.25 12.05
C ILE D 777 -47.44 45.24 12.19
N PHE D 778 -47.56 46.34 11.45
CA PHE D 778 -46.55 47.41 11.48
C PHE D 778 -46.89 48.38 12.60
N ILE D 779 -46.11 48.34 13.69
CA ILE D 779 -46.36 49.22 14.82
C ILE D 779 -46.11 50.67 14.42
N GLU D 780 -45.10 50.92 13.60
CA GLU D 780 -44.79 52.30 13.20
C GLU D 780 -45.82 52.86 12.23
N ASP D 781 -46.47 52.00 11.45
CA ASP D 781 -47.42 52.48 10.45
C ASP D 781 -48.82 52.70 10.99
N ILE D 782 -49.10 52.28 12.23
CA ILE D 782 -50.41 52.48 12.82
C ILE D 782 -50.46 53.68 13.76
N SER D 783 -49.32 54.28 14.07
CA SER D 783 -49.30 55.46 14.94
C SER D 783 -49.75 56.69 14.17
N SER D 784 -50.63 57.47 14.76
CA SER D 784 -51.13 58.67 14.12
C SER D 784 -50.03 59.74 14.07
N PRO D 785 -49.71 60.30 12.89
CA PRO D 785 -48.69 61.34 12.75
C PRO D 785 -49.03 62.61 13.50
N ASP E 2 49.05 7.57 -25.06
CA ASP E 2 49.99 8.03 -24.04
C ASP E 2 51.43 7.84 -24.53
N ALA E 3 52.14 6.90 -23.91
CA ALA E 3 53.52 6.63 -24.31
C ALA E 3 53.58 6.08 -25.73
N ALA E 4 52.77 5.05 -26.00
CA ALA E 4 52.68 4.43 -27.33
C ALA E 4 54.05 4.05 -27.87
N ILE E 5 54.62 4.91 -28.72
CA ILE E 5 55.95 4.65 -29.27
C ILE E 5 57.00 4.68 -28.18
N ARG E 6 56.84 5.53 -27.17
CA ARG E 6 57.81 5.66 -26.09
C ARG E 6 57.85 4.37 -25.29
N GLY E 7 58.90 3.58 -25.50
CA GLY E 7 59.10 2.35 -24.75
C GLY E 7 60.52 2.25 -24.24
N ASN E 8 60.69 2.14 -22.92
CA ASN E 8 62.03 2.13 -22.34
C ASN E 8 62.80 0.90 -22.78
N ASP E 9 64.02 1.11 -23.27
CA ASP E 9 64.93 0.03 -23.63
C ASP E 9 66.30 0.16 -23.00
N VAL E 10 66.75 1.37 -22.66
CA VAL E 10 68.01 1.54 -21.94
C VAL E 10 67.81 1.10 -20.49
N ILE E 11 68.86 0.52 -19.92
CA ILE E 11 68.83 -0.01 -18.56
C ILE E 11 69.78 0.82 -17.71
N PHE E 12 69.23 1.46 -16.68
CA PHE E 12 70.01 2.25 -15.73
C PHE E 12 70.43 1.35 -14.58
N VAL E 13 71.73 1.31 -14.28
CA VAL E 13 72.27 0.40 -13.28
C VAL E 13 73.30 1.11 -12.43
N LEU E 14 73.27 0.85 -11.13
CA LEU E 14 74.25 1.32 -10.18
C LEU E 14 75.24 0.19 -9.86
N LYS E 15 76.30 0.54 -9.14
CA LYS E 15 77.37 -0.40 -8.84
C LYS E 15 77.65 -0.60 -7.36
N THR E 16 77.13 0.26 -6.49
CA THR E 16 77.42 0.15 -5.06
C THR E 16 76.33 0.86 -4.28
N ILE E 17 75.93 0.28 -3.16
CA ILE E 17 74.94 0.92 -2.29
C ILE E 17 75.53 2.20 -1.71
N GLY E 18 74.67 3.13 -1.33
CA GLY E 18 75.12 4.39 -0.80
C GLY E 18 75.84 5.26 -1.80
N VAL E 19 75.32 5.39 -3.01
CA VAL E 19 75.95 6.23 -4.03
C VAL E 19 75.97 7.67 -3.55
N PRO E 20 77.08 8.40 -3.70
CA PRO E 20 77.08 9.83 -3.35
C PRO E 20 76.04 10.60 -4.15
N SER E 21 75.47 11.62 -3.52
CA SER E 21 74.36 12.35 -4.13
C SER E 21 74.79 13.05 -5.41
N ALA E 22 75.75 13.97 -5.32
CA ALA E 22 76.07 14.84 -6.45
C ALA E 22 76.59 14.05 -7.65
N CYS E 23 77.34 12.97 -7.41
CA CYS E 23 77.89 12.20 -8.51
C CYS E 23 76.82 11.52 -9.35
N ARG E 24 75.61 11.37 -8.82
CA ARG E 24 74.52 10.80 -9.61
C ARG E 24 74.10 11.75 -10.73
N GLN E 25 73.88 13.03 -10.40
CA GLN E 25 73.64 14.02 -11.44
C GLN E 25 74.87 14.21 -12.31
N ASN E 26 76.06 14.17 -11.71
CA ASN E 26 77.29 14.22 -12.49
C ASN E 26 77.48 12.99 -13.37
N GLU E 27 76.78 11.89 -13.07
CA GLU E 27 76.83 10.67 -13.87
C GLU E 27 78.25 10.16 -14.04
N ASP E 28 78.91 9.94 -12.92
CA ASP E 28 80.27 9.39 -12.94
C ASP E 28 80.23 7.95 -13.46
N PRO E 29 81.11 7.59 -14.40
CA PRO E 29 81.07 6.23 -14.94
C PRO E 29 81.40 5.14 -13.93
N ARG E 30 82.02 5.49 -12.79
CA ARG E 30 82.42 4.50 -11.80
C ARG E 30 81.26 4.04 -10.92
N PHE E 31 80.10 4.67 -11.01
CA PHE E 31 78.93 4.26 -10.23
C PHE E 31 77.64 4.15 -11.03
N VAL E 32 77.53 4.80 -12.19
CA VAL E 32 76.29 4.85 -12.96
C VAL E 32 76.58 4.33 -14.37
N GLU E 33 75.74 3.42 -14.85
CA GLU E 33 75.88 2.92 -16.20
C GLU E 33 74.51 2.81 -16.87
N ALA E 34 74.50 2.92 -18.19
CA ALA E 34 73.29 2.78 -19.00
C ALA E 34 73.61 1.81 -20.12
N PHE E 35 73.02 0.62 -20.06
CA PHE E 35 73.35 -0.47 -20.97
C PHE E 35 72.11 -0.95 -21.72
N LYS E 36 72.29 -1.97 -22.55
CA LYS E 36 71.22 -2.75 -23.15
C LYS E 36 71.28 -4.17 -22.60
N CYS E 37 70.40 -5.03 -23.10
CA CYS E 37 70.30 -6.38 -22.55
C CYS E 37 71.57 -7.19 -22.80
N ASP E 38 72.03 -7.22 -24.06
CA ASP E 38 73.15 -8.09 -24.42
C ASP E 38 74.46 -7.65 -23.78
N GLU E 39 74.78 -6.36 -23.83
CA GLU E 39 76.03 -5.92 -23.23
C GLU E 39 75.98 -5.94 -21.71
N LEU E 40 74.80 -5.78 -21.12
CA LEU E 40 74.68 -5.97 -19.67
C LEU E 40 74.92 -7.43 -19.31
N GLU E 41 74.40 -8.36 -20.12
CA GLU E 41 74.67 -9.78 -19.89
C GLU E 41 76.16 -10.07 -20.01
N ARG E 42 76.82 -9.47 -21.01
CA ARG E 42 78.27 -9.64 -21.15
C ARG E 42 79.01 -9.07 -19.95
N TYR E 43 78.57 -7.91 -19.46
CA TYR E 43 79.24 -7.25 -18.34
C TYR E 43 79.05 -8.03 -17.04
N ILE E 44 77.92 -8.70 -16.87
CA ILE E 44 77.75 -9.53 -15.68
C ILE E 44 78.36 -10.91 -15.86
N ASP E 45 78.65 -11.32 -17.10
CA ASP E 45 79.28 -12.61 -17.32
C ASP E 45 80.80 -12.54 -17.15
N ASN E 46 81.44 -11.54 -17.76
CA ASN E 46 82.89 -11.46 -17.71
C ASN E 46 83.39 -11.15 -16.29
N ASN E 47 82.64 -10.34 -15.54
CA ASN E 47 83.00 -10.02 -14.16
C ASN E 47 82.04 -10.74 -13.22
N PRO E 48 82.48 -11.80 -12.54
CA PRO E 48 81.59 -12.51 -11.62
C PRO E 48 81.51 -11.92 -10.22
N GLU E 49 82.43 -11.04 -9.85
CA GLU E 49 82.48 -10.47 -8.51
C GLU E 49 81.90 -9.06 -8.43
N CYS E 50 81.35 -8.55 -9.53
CA CYS E 50 80.80 -7.19 -9.52
C CYS E 50 79.43 -7.18 -8.85
N THR E 51 79.09 -6.04 -8.26
CA THR E 51 77.81 -5.82 -7.62
C THR E 51 77.03 -4.79 -8.42
N LEU E 52 75.81 -5.15 -8.81
CA LEU E 52 74.97 -4.29 -9.63
C LEU E 52 73.61 -4.11 -8.98
N PHE E 53 73.10 -2.88 -9.03
CA PHE E 53 71.78 -2.55 -8.51
C PHE E 53 71.01 -1.77 -9.55
N GLU E 54 69.76 -2.15 -9.76
CA GLU E 54 68.92 -1.58 -10.80
C GLU E 54 67.99 -0.53 -10.19
N SER E 55 67.88 0.61 -10.86
CA SER E 55 67.01 1.68 -10.40
C SER E 55 66.71 2.60 -11.59
N LEU E 56 65.73 3.47 -11.39
CA LEU E 56 65.37 4.46 -12.40
C LEU E 56 66.21 5.71 -12.24
N ARG E 57 66.30 6.49 -13.33
CA ARG E 57 67.10 7.70 -13.36
C ARG E 57 66.27 8.96 -13.14
N ASP E 58 65.21 9.15 -13.91
CA ASP E 58 64.36 10.34 -13.81
C ASP E 58 62.92 9.93 -13.99
N GLU E 59 62.15 9.95 -12.90
CA GLU E 59 60.73 9.63 -12.95
C GLU E 59 59.87 10.85 -13.27
N GLU E 60 60.47 12.02 -13.43
CA GLU E 60 59.72 13.24 -13.72
C GLU E 60 59.22 13.28 -15.17
N ALA E 61 59.74 12.42 -16.04
CA ALA E 61 59.34 12.38 -17.44
C ALA E 61 58.91 10.98 -17.90
N TYR E 62 59.41 9.94 -17.25
CA TYR E 62 59.09 8.56 -17.61
C TYR E 62 59.10 7.72 -16.35
N SER E 63 57.92 7.42 -15.82
CA SER E 63 57.80 6.73 -14.54
C SER E 63 56.78 5.59 -14.62
N ILE E 64 56.89 4.78 -15.67
CA ILE E 64 56.05 3.60 -15.84
C ILE E 64 56.92 2.36 -15.72
N VAL E 65 56.54 1.45 -14.83
CA VAL E 65 57.32 0.25 -14.54
C VAL E 65 56.38 -0.93 -14.37
N ARG E 66 56.96 -2.13 -14.45
CA ARG E 66 56.22 -3.35 -14.17
C ARG E 66 55.94 -3.47 -12.67
N ILE E 67 55.09 -4.42 -12.33
CA ILE E 67 54.76 -4.69 -10.93
C ILE E 67 55.78 -5.67 -10.37
N PHE E 68 56.38 -5.32 -9.24
CA PHE E 68 57.41 -6.15 -8.62
C PHE E 68 57.14 -6.24 -7.13
N MET E 69 57.40 -7.42 -6.56
CA MET E 69 57.29 -7.60 -5.14
C MET E 69 58.45 -8.47 -4.63
N ASP E 70 58.74 -8.34 -3.34
CA ASP E 70 59.83 -9.06 -2.70
C ASP E 70 59.30 -9.81 -1.50
N VAL E 71 59.78 -11.04 -1.32
CA VAL E 71 59.38 -11.87 -0.18
C VAL E 71 60.63 -12.48 0.41
N ASP E 72 60.71 -12.52 1.75
CA ASP E 72 61.82 -13.15 2.43
C ASP E 72 61.34 -13.71 3.77
N LEU E 73 61.53 -15.02 3.95
CA LEU E 73 61.14 -15.71 5.17
C LEU E 73 62.32 -16.51 5.69
N ASP E 74 62.53 -16.47 7.00
CA ASP E 74 63.66 -17.14 7.64
C ASP E 74 63.32 -18.57 8.04
N ALA E 75 62.92 -19.39 7.06
CA ALA E 75 62.58 -20.78 7.32
C ALA E 75 62.69 -21.57 6.02
N CYS E 76 62.80 -22.88 6.14
CA CYS E 76 62.87 -23.77 4.99
C CYS E 76 61.57 -24.55 4.84
N LEU E 77 61.13 -24.70 3.58
CA LEU E 77 59.89 -25.38 3.26
C LEU E 77 60.13 -26.43 2.20
N ASP E 78 59.34 -27.50 2.24
CA ASP E 78 59.43 -28.54 1.23
C ASP E 78 58.79 -28.08 -0.08
N GLU E 79 58.96 -28.90 -1.12
CA GLU E 79 58.52 -28.51 -2.45
C GLU E 79 57.00 -28.36 -2.53
N ILE E 80 56.27 -29.32 -1.96
CA ILE E 80 54.81 -29.32 -2.10
C ILE E 80 54.19 -28.17 -1.32
N ASP E 81 54.66 -27.96 -0.09
CA ASP E 81 54.17 -26.82 0.69
C ASP E 81 54.53 -25.50 0.01
N TYR E 82 55.72 -25.43 -0.58
CA TYR E 82 56.12 -24.23 -1.31
C TYR E 82 55.17 -23.98 -2.48
N LEU E 83 54.82 -25.03 -3.22
CA LEU E 83 53.91 -24.87 -4.36
C LEU E 83 52.53 -24.41 -3.90
N THR E 84 52.00 -25.03 -2.85
CA THR E 84 50.68 -24.64 -2.34
C THR E 84 50.69 -23.18 -1.87
N ALA E 85 51.74 -22.81 -1.13
CA ALA E 85 51.84 -21.45 -0.63
C ALA E 85 51.96 -20.45 -1.77
N ILE E 86 52.75 -20.77 -2.79
CA ILE E 86 52.91 -19.83 -3.90
C ILE E 86 51.62 -19.69 -4.68
N GLN E 87 50.86 -20.78 -4.84
CA GLN E 87 49.58 -20.67 -5.53
C GLN E 87 48.60 -19.78 -4.77
N ASP E 88 48.45 -20.03 -3.47
CA ASP E 88 47.55 -19.20 -2.68
C ASP E 88 48.00 -17.75 -2.64
N PHE E 89 49.32 -17.53 -2.54
CA PHE E 89 49.88 -16.19 -2.55
C PHE E 89 49.57 -15.46 -3.85
N ILE E 90 49.73 -16.16 -4.99
CA ILE E 90 49.41 -15.56 -6.28
C ILE E 90 47.94 -15.17 -6.34
N ILE E 91 47.06 -16.08 -5.90
CA ILE E 91 45.62 -15.80 -5.97
C ILE E 91 45.27 -14.58 -5.12
N GLU E 92 45.76 -14.55 -3.88
CA GLU E 92 45.43 -13.46 -2.98
C GLU E 92 45.98 -12.13 -3.46
N VAL E 93 47.24 -12.10 -3.92
CA VAL E 93 47.83 -10.86 -4.39
C VAL E 93 47.10 -10.35 -5.63
N SER E 94 46.76 -11.26 -6.54
CA SER E 94 46.03 -10.86 -7.74
C SER E 94 44.68 -10.25 -7.37
N ASN E 95 43.95 -10.89 -6.45
CA ASN E 95 42.66 -10.36 -6.05
C ASN E 95 42.80 -8.98 -5.42
N CYS E 96 43.77 -8.81 -4.53
CA CYS E 96 43.93 -7.53 -3.85
C CYS E 96 44.30 -6.42 -4.82
N VAL E 97 45.26 -6.68 -5.71
CA VAL E 97 45.69 -5.66 -6.66
C VAL E 97 44.57 -5.31 -7.62
N ALA E 98 43.84 -6.31 -8.12
CA ALA E 98 42.74 -6.04 -9.02
C ALA E 98 41.65 -5.22 -8.32
N ARG E 99 41.34 -5.54 -7.07
CA ARG E 99 40.35 -4.78 -6.34
C ARG E 99 40.78 -3.32 -6.16
N PHE E 100 42.04 -3.11 -5.82
CA PHE E 100 42.53 -1.74 -5.66
C PHE E 100 42.47 -0.98 -6.99
N ALA E 101 42.88 -1.63 -8.08
CA ALA E 101 42.86 -0.97 -9.37
C ALA E 101 41.45 -0.61 -9.79
N PHE E 102 40.49 -1.52 -9.58
CA PHE E 102 39.11 -1.24 -9.93
C PHE E 102 38.53 -0.12 -9.07
N THR E 103 38.84 -0.12 -7.77
CA THR E 103 38.26 0.87 -6.87
C THR E 103 38.81 2.26 -7.13
N GLU E 104 40.14 2.39 -7.25
CA GLU E 104 40.75 3.71 -7.37
C GLU E 104 41.13 4.07 -8.80
N CYS E 105 41.96 3.26 -9.46
CA CYS E 105 42.45 3.58 -10.78
C CYS E 105 41.37 3.54 -11.86
N GLY E 106 40.21 2.97 -11.58
CA GLY E 106 39.15 2.91 -12.56
C GLY E 106 39.40 1.95 -13.70
N ALA E 107 40.24 0.93 -13.47
CA ALA E 107 40.55 -0.05 -14.49
C ALA E 107 39.48 -1.15 -14.49
N ILE E 108 39.75 -2.23 -15.20
CA ILE E 108 38.83 -3.37 -15.31
C ILE E 108 39.41 -4.53 -14.50
N HIS E 109 38.59 -5.10 -13.63
CA HIS E 109 39.03 -6.17 -12.74
C HIS E 109 39.55 -7.38 -13.52
N GLU E 110 38.76 -7.84 -14.49
CA GLU E 110 39.09 -9.07 -15.20
C GLU E 110 40.37 -8.92 -16.03
N ASN E 111 40.55 -7.77 -16.69
CA ASN E 111 41.77 -7.56 -17.46
C ASN E 111 43.00 -7.57 -16.56
N VAL E 112 42.92 -6.93 -15.39
CA VAL E 112 44.04 -6.92 -14.46
C VAL E 112 44.35 -8.33 -13.99
N ILE E 113 43.32 -9.09 -13.62
CA ILE E 113 43.53 -10.44 -13.12
C ILE E 113 44.17 -11.31 -14.20
N LYS E 114 43.65 -11.24 -15.42
CA LYS E 114 44.19 -12.06 -16.51
C LYS E 114 45.63 -11.68 -16.81
N SER E 115 45.93 -10.38 -16.86
CA SER E 115 47.28 -9.94 -17.16
C SER E 115 48.26 -10.38 -16.08
N MET E 116 47.88 -10.25 -14.81
CA MET E 116 48.82 -10.56 -13.74
C MET E 116 48.96 -12.06 -13.53
N ARG E 117 47.93 -12.84 -13.85
CA ARG E 117 48.03 -14.29 -13.71
C ARG E 117 48.53 -14.98 -14.97
N SER E 118 48.69 -14.24 -16.08
CA SER E 118 49.17 -14.87 -17.31
C SER E 118 50.66 -15.20 -17.21
N ASN E 119 51.50 -14.17 -17.04
CA ASN E 119 52.94 -14.34 -17.02
C ASN E 119 53.51 -13.70 -15.76
N PHE E 120 54.37 -14.44 -15.05
CA PHE E 120 55.10 -13.88 -13.92
C PHE E 120 56.40 -14.64 -13.76
N SER E 121 57.44 -13.94 -13.33
CA SER E 121 58.77 -14.49 -13.19
C SER E 121 59.18 -14.51 -11.73
N LEU E 122 59.75 -15.64 -11.31
CA LEU E 122 60.19 -15.87 -9.94
C LEU E 122 61.66 -16.21 -9.92
N THR E 123 62.29 -15.99 -8.77
CA THR E 123 63.69 -16.32 -8.55
C THR E 123 63.82 -17.19 -7.30
N LYS E 124 65.05 -17.61 -7.02
CA LYS E 124 65.35 -18.36 -5.80
C LYS E 124 66.66 -17.85 -5.23
N SER E 125 66.85 -18.10 -3.93
CA SER E 125 68.07 -17.74 -3.23
C SER E 125 68.90 -18.98 -2.95
N THR E 126 70.23 -18.84 -3.09
CA THR E 126 71.13 -19.96 -2.87
C THR E 126 71.17 -20.44 -1.43
N ASN E 127 70.70 -19.63 -0.48
CA ASN E 127 70.71 -20.03 0.92
C ASN E 127 69.72 -21.17 1.16
N ARG E 128 70.16 -22.17 1.91
CA ARG E 128 69.32 -23.31 2.27
C ARG E 128 68.32 -22.97 3.38
N ASP E 129 68.71 -22.16 4.35
CA ASP E 129 67.88 -21.90 5.53
C ASP E 129 66.91 -20.75 5.35
N LYS E 130 66.87 -20.13 4.17
CA LYS E 130 65.96 -19.00 3.93
C LYS E 130 65.17 -19.25 2.66
N THR E 131 63.99 -18.62 2.59
CA THR E 131 63.13 -18.68 1.42
C THR E 131 62.83 -17.24 1.00
N SER E 132 63.56 -16.76 0.00
CA SER E 132 63.38 -15.39 -0.46
C SER E 132 63.35 -15.38 -1.98
N PHE E 133 62.55 -14.46 -2.53
CA PHE E 133 62.42 -14.35 -3.97
C PHE E 133 61.83 -13.00 -4.34
N HIS E 134 62.14 -12.57 -5.57
CA HIS E 134 61.53 -11.41 -6.20
C HIS E 134 60.59 -11.89 -7.29
N ILE E 135 59.37 -11.37 -7.31
CA ILE E 135 58.35 -11.75 -8.28
C ILE E 135 58.06 -10.55 -9.16
N ILE E 136 58.08 -10.77 -10.48
CA ILE E 136 57.86 -9.72 -11.46
C ILE E 136 56.67 -10.11 -12.32
N PHE E 137 55.69 -9.21 -12.43
CA PHE E 137 54.54 -9.42 -13.31
C PHE E 137 54.85 -8.76 -14.65
N LEU E 138 54.96 -9.57 -15.70
CA LEU E 138 55.49 -9.09 -16.97
C LEU E 138 54.49 -8.21 -17.72
N ASP E 139 53.21 -8.60 -17.74
CA ASP E 139 52.24 -7.99 -18.62
C ASP E 139 51.40 -6.91 -17.94
N THR E 140 51.87 -6.38 -16.81
CA THR E 140 51.15 -5.34 -16.08
C THR E 140 52.07 -4.14 -15.87
N TYR E 141 51.58 -2.96 -16.19
CA TYR E 141 52.36 -1.73 -16.11
C TYR E 141 51.57 -0.66 -15.38
N THR E 142 52.27 0.13 -14.56
CA THR E 142 51.64 1.19 -13.80
C THR E 142 52.71 2.19 -13.37
N THR E 143 52.25 3.33 -12.88
CA THR E 143 53.14 4.39 -12.41
C THR E 143 53.62 4.11 -10.99
N MET E 144 54.69 4.79 -10.61
CA MET E 144 55.29 4.57 -9.30
C MET E 144 54.39 5.10 -8.18
N ASP E 145 53.70 6.21 -8.45
CA ASP E 145 52.76 6.76 -7.46
C ASP E 145 51.63 5.78 -7.16
N THR E 146 51.23 4.99 -8.14
CA THR E 146 50.23 3.95 -7.89
C THR E 146 50.74 2.93 -6.89
N LEU E 147 52.01 2.53 -7.02
CA LEU E 147 52.60 1.62 -6.04
C LEU E 147 52.68 2.28 -4.67
N ILE E 148 53.02 3.57 -4.62
CA ILE E 148 53.07 4.27 -3.34
C ILE E 148 51.69 4.24 -2.67
N ALA E 149 50.64 4.51 -3.44
CA ALA E 149 49.30 4.48 -2.88
C ALA E 149 48.88 3.08 -2.45
N MET E 150 49.25 2.06 -3.23
CA MET E 150 48.86 0.68 -2.96
C MET E 150 49.69 0.05 -1.84
N LYS E 151 50.77 0.69 -1.42
CA LYS E 151 51.59 0.18 -0.32
C LYS E 151 50.76 -0.07 0.94
N ARG E 152 49.83 0.83 1.26
CA ARG E 152 49.03 0.65 2.47
C ARG E 152 48.15 -0.59 2.38
N THR E 153 47.50 -0.79 1.24
CA THR E 153 46.67 -1.97 1.06
C THR E 153 47.51 -3.24 1.11
N LEU E 154 48.70 -3.20 0.53
CA LEU E 154 49.60 -4.36 0.58
C LEU E 154 49.99 -4.68 2.02
N LEU E 155 50.30 -3.65 2.82
CA LEU E 155 50.63 -3.87 4.21
C LEU E 155 49.46 -4.45 4.98
N GLU E 156 48.25 -3.95 4.71
CA GLU E 156 47.07 -4.48 5.37
C GLU E 156 46.85 -5.94 5.02
N LEU E 157 47.03 -6.30 3.74
CA LEU E 157 46.88 -7.68 3.32
C LEU E 157 47.93 -8.56 3.99
N SER E 158 49.17 -8.08 4.09
CA SER E 158 50.22 -8.85 4.74
C SER E 158 49.90 -9.09 6.21
N ARG E 159 49.39 -8.06 6.90
CA ARG E 159 49.04 -8.23 8.30
C ARG E 159 47.86 -9.17 8.48
N SER E 160 46.85 -9.09 7.60
CA SER E 160 45.62 -9.85 7.81
C SER E 160 45.78 -11.32 7.47
N SER E 161 46.64 -11.66 6.51
CA SER E 161 46.68 -13.00 5.97
C SER E 161 47.28 -13.98 6.96
N GLU E 162 47.37 -15.24 6.54
CA GLU E 162 47.95 -16.32 7.34
C GLU E 162 49.00 -17.13 6.59
N ASN E 163 49.03 -17.09 5.27
CA ASN E 163 50.04 -17.81 4.51
C ASN E 163 51.43 -17.29 4.89
N PRO E 164 52.38 -18.18 5.18
CA PRO E 164 53.72 -17.70 5.56
C PRO E 164 54.38 -16.83 4.49
N LEU E 165 54.15 -17.12 3.21
CA LEU E 165 54.71 -16.30 2.15
C LEU E 165 54.09 -14.90 2.16
N THR E 166 52.78 -14.82 2.42
CA THR E 166 52.11 -13.51 2.41
C THR E 166 52.54 -12.63 3.58
N ARG E 167 52.78 -13.23 4.74
CA ARG E 167 53.21 -12.45 5.90
C ARG E 167 54.58 -11.84 5.73
N SER E 168 55.38 -12.34 4.79
CA SER E 168 56.76 -11.91 4.62
C SER E 168 56.92 -10.79 3.61
N ILE E 169 55.82 -10.25 3.08
CA ILE E 169 55.93 -9.16 2.12
C ILE E 169 56.40 -7.90 2.82
N ASP E 170 57.44 -7.28 2.27
CA ASP E 170 57.97 -6.02 2.80
C ASP E 170 57.51 -4.88 1.90
N THR E 171 56.78 -3.94 2.48
CA THR E 171 56.24 -2.81 1.74
C THR E 171 57.20 -1.62 1.71
N ALA E 172 58.35 -1.71 2.36
CA ALA E 172 59.28 -0.60 2.39
C ALA E 172 59.96 -0.35 1.05
N VAL E 173 59.89 -1.31 0.12
CA VAL E 173 60.55 -1.13 -1.17
C VAL E 173 59.85 -0.10 -2.04
N TYR E 174 58.58 0.20 -1.76
CA TYR E 174 57.81 1.15 -2.56
C TYR E 174 57.98 2.54 -1.94
N ARG E 175 59.03 3.23 -2.37
CA ARG E 175 59.32 4.57 -1.89
C ARG E 175 60.19 5.29 -2.92
N ARG E 176 60.47 6.56 -2.65
CA ARG E 176 61.24 7.40 -3.57
C ARG E 176 62.61 6.82 -3.85
N LYS E 177 62.98 6.79 -5.13
CA LYS E 177 64.27 6.28 -5.59
C LYS E 177 64.49 4.83 -5.15
N THR E 178 63.58 3.96 -5.59
CA THR E 178 63.66 2.56 -5.24
C THR E 178 64.80 1.88 -5.99
N THR E 179 65.33 0.82 -5.39
CA THR E 179 66.41 0.04 -5.98
C THR E 179 66.09 -1.44 -5.83
N LEU E 180 66.67 -2.25 -6.73
CA LEU E 180 66.45 -3.68 -6.71
C LEU E 180 67.77 -4.38 -7.03
N ARG E 181 67.93 -5.59 -6.50
CA ARG E 181 69.10 -6.39 -6.83
C ARG E 181 68.93 -7.06 -8.18
N VAL E 182 69.98 -6.98 -9.01
CA VAL E 182 69.99 -7.66 -10.30
C VAL E 182 70.14 -9.15 -10.07
N VAL E 183 69.31 -9.95 -10.77
CA VAL E 183 69.38 -11.39 -10.59
C VAL E 183 70.72 -11.92 -11.10
N GLY E 184 71.24 -12.92 -10.41
CA GLY E 184 72.54 -13.48 -10.76
C GLY E 184 73.68 -12.50 -10.59
N THR E 185 73.66 -11.72 -9.52
CA THR E 185 74.68 -10.71 -9.26
C THR E 185 75.08 -10.76 -7.80
N ARG E 186 76.37 -10.61 -7.53
CA ARG E 186 76.87 -10.62 -6.16
C ARG E 186 76.31 -9.44 -5.39
N LYS E 187 75.85 -9.69 -4.16
CA LYS E 187 75.29 -8.63 -3.33
C LYS E 187 76.40 -7.86 -2.62
N ASN E 188 77.20 -8.55 -1.81
CA ASN E 188 78.27 -7.93 -1.05
C ASN E 188 79.62 -8.52 -1.47
N PRO E 189 80.70 -7.75 -1.35
CA PRO E 189 82.03 -8.28 -1.73
C PRO E 189 82.45 -9.50 -0.94
N ASN E 190 81.90 -9.70 0.25
CA ASN E 190 82.25 -10.84 1.11
C ASN E 190 81.03 -11.71 1.40
N CYS E 191 80.10 -11.77 0.45
CA CYS E 191 78.91 -12.60 0.58
C CYS E 191 78.67 -13.34 -0.72
N ASP E 192 78.50 -14.66 -0.63
CA ASP E 192 78.33 -15.51 -1.79
C ASP E 192 76.88 -15.80 -2.11
N THR E 193 75.94 -15.19 -1.38
CA THR E 193 74.53 -15.43 -1.62
C THR E 193 74.03 -14.59 -2.79
N ILE E 194 73.54 -15.26 -3.83
CA ILE E 194 73.03 -14.60 -5.02
C ILE E 194 71.66 -15.21 -5.36
N HIS E 195 71.08 -14.74 -6.45
CA HIS E 195 69.80 -15.23 -6.94
C HIS E 195 70.00 -16.02 -8.23
N VAL E 196 69.16 -17.03 -8.43
CA VAL E 196 69.31 -17.91 -9.57
C VAL E 196 68.10 -17.77 -10.50
N MET E 197 68.10 -18.52 -11.59
CA MET E 197 67.11 -18.39 -12.64
C MET E 197 65.90 -19.28 -12.34
N GLN E 198 64.95 -19.29 -13.28
CA GLN E 198 63.77 -20.14 -13.22
C GLN E 198 63.59 -20.83 -14.57
N PRO E 199 63.36 -22.14 -14.58
CA PRO E 199 63.34 -22.89 -15.86
C PRO E 199 62.30 -22.36 -16.84
N PRO E 200 61.14 -21.88 -16.39
CA PRO E 200 60.22 -21.22 -17.34
C PRO E 200 60.85 -20.08 -18.12
N HIS E 201 61.69 -19.26 -17.49
CA HIS E 201 62.24 -18.07 -18.13
C HIS E 201 63.76 -18.11 -18.09
N ASP E 202 64.36 -18.30 -19.27
CA ASP E 202 65.81 -18.38 -19.41
C ASP E 202 66.42 -17.11 -19.99
N ASN E 203 65.68 -15.99 -19.95
CA ASN E 203 66.14 -14.74 -20.53
C ASN E 203 66.24 -13.67 -19.45
N ILE E 204 67.25 -12.81 -19.58
CA ILE E 204 67.50 -11.77 -18.58
C ILE E 204 66.40 -10.72 -18.61
N GLU E 205 65.88 -10.38 -19.79
CA GLU E 205 64.92 -9.30 -19.91
C GLU E 205 63.60 -9.60 -19.22
N ASP E 206 63.36 -10.84 -18.83
CA ASP E 206 62.17 -11.20 -18.08
C ASP E 206 62.31 -10.96 -16.58
N TYR E 207 63.47 -10.48 -16.14
CA TYR E 207 63.73 -10.27 -14.71
C TYR E 207 64.09 -8.83 -14.39
N LEU E 208 63.66 -7.88 -15.22
CA LEU E 208 63.88 -6.46 -14.99
C LEU E 208 62.53 -5.76 -14.97
N PHE E 209 62.32 -4.88 -13.99
CA PHE E 209 61.03 -4.24 -13.80
C PHE E 209 60.94 -2.86 -14.45
N THR E 210 61.97 -2.43 -15.18
CA THR E 210 61.89 -1.20 -15.96
C THR E 210 61.81 -1.45 -17.46
N TYR E 211 62.15 -2.65 -17.91
CA TYR E 211 62.10 -3.00 -19.33
C TYR E 211 60.64 -3.17 -19.73
N VAL E 212 60.10 -2.21 -20.46
CA VAL E 212 58.70 -2.17 -20.81
C VAL E 212 58.54 -2.40 -22.31
N ASP E 213 57.58 -3.25 -22.67
CA ASP E 213 57.29 -3.52 -24.07
C ASP E 213 55.82 -3.94 -24.15
N MET E 214 54.96 -3.01 -24.56
CA MET E 214 53.52 -3.22 -24.54
C MET E 214 53.11 -4.01 -25.78
N ASN E 215 52.86 -5.30 -25.61
CA ASN E 215 52.33 -6.13 -26.67
C ASN E 215 50.81 -6.14 -26.60
N ASN E 216 50.18 -7.04 -27.36
CA ASN E 216 48.72 -7.14 -27.36
C ASN E 216 48.17 -7.80 -26.10
N ASN E 217 49.03 -8.42 -25.29
CA ASN E 217 48.59 -9.12 -24.08
C ASN E 217 48.92 -8.33 -22.81
N SER E 218 49.25 -7.06 -22.93
CA SER E 218 49.63 -6.23 -21.79
C SER E 218 48.50 -5.28 -21.41
N TYR E 219 48.47 -4.93 -20.14
CA TYR E 219 47.46 -4.01 -19.61
C TYR E 219 48.17 -2.93 -18.79
N TYR E 220 47.61 -1.72 -18.84
CA TYR E 220 48.20 -0.57 -18.16
C TYR E 220 47.10 0.22 -17.46
N PHE E 221 47.41 0.72 -16.26
CA PHE E 221 46.49 1.57 -15.52
C PHE E 221 47.28 2.48 -14.61
N SER E 222 46.64 3.56 -14.17
CA SER E 222 47.30 4.55 -13.32
C SER E 222 46.25 5.27 -12.50
N LEU E 223 46.73 6.02 -11.50
CA LEU E 223 45.85 6.79 -10.64
C LEU E 223 45.15 7.89 -11.44
N GLN E 224 43.92 8.20 -11.04
CA GLN E 224 43.12 9.22 -11.70
C GLN E 224 42.70 10.37 -10.80
N ARG E 225 42.85 10.23 -9.48
CA ARG E 225 42.43 11.31 -8.58
C ARG E 225 43.29 12.56 -8.77
N ARG E 226 44.59 12.37 -8.95
CA ARG E 226 45.49 13.50 -9.16
C ARG E 226 45.40 14.02 -10.59
N PRO E 320 42.27 2.80 36.26
CA PRO E 320 41.67 4.02 35.74
C PRO E 320 40.17 4.12 36.06
N LEU E 321 39.54 5.22 35.63
CA LEU E 321 38.12 5.42 35.87
C LEU E 321 37.27 5.39 34.61
N ASP E 322 37.89 5.49 33.43
CA ASP E 322 37.15 5.49 32.17
C ASP E 322 36.66 4.08 31.87
N GLY E 323 35.35 3.87 31.99
CA GLY E 323 34.75 2.59 31.66
C GLY E 323 33.82 2.69 30.48
N ASN E 324 33.42 1.55 29.93
CA ASN E 324 32.53 1.47 28.77
C ASN E 324 33.12 2.26 27.59
N LYS E 325 34.23 1.71 27.08
CA LYS E 325 34.96 2.37 25.99
C LYS E 325 34.08 2.58 24.76
N LEU E 326 33.01 1.79 24.61
CA LEU E 326 32.08 2.02 23.52
C LEU E 326 31.40 3.39 23.67
N PHE E 327 31.07 3.78 24.90
CA PHE E 327 30.52 5.11 25.12
C PHE E 327 31.52 6.19 24.76
N ASN E 328 32.80 5.97 25.08
CA ASN E 328 33.83 6.93 24.69
C ASN E 328 33.95 7.04 23.18
N ILE E 329 33.84 5.90 22.48
CA ILE E 329 33.89 5.91 21.02
C ILE E 329 32.71 6.69 20.46
N ALA E 330 31.52 6.49 21.03
CA ALA E 330 30.34 7.22 20.57
C ALA E 330 30.51 8.72 20.81
N GLN E 331 31.05 9.10 21.98
CA GLN E 331 31.29 10.51 22.26
C GLN E 331 32.28 11.11 21.27
N ARG E 332 33.35 10.37 20.96
CA ARG E 332 34.33 10.84 19.99
C ARG E 332 33.70 11.01 18.61
N ILE E 333 32.81 10.09 18.23
CA ILE E 333 32.13 10.19 16.94
C ILE E 333 31.25 11.42 16.90
N LEU E 334 30.49 11.67 17.97
CA LEU E 334 29.66 12.87 18.00
C LEU E 334 30.50 14.14 18.02
N ASP E 335 31.73 14.06 18.53
CA ASP E 335 32.60 15.23 18.54
C ASP E 335 32.92 15.73 17.14
N THR E 336 32.83 14.88 16.12
CA THR E 336 33.13 15.26 14.76
C THR E 336 31.95 15.88 14.02
N ASN E 337 30.76 15.88 14.63
CA ASN E 337 29.56 16.47 14.03
C ASN E 337 29.25 15.86 12.67
N SER E 338 29.45 14.54 12.55
CA SER E 338 29.23 13.84 11.29
C SER E 338 27.83 13.26 11.17
N VAL E 339 27.02 13.32 12.23
CA VAL E 339 25.64 12.84 12.19
C VAL E 339 24.74 13.90 12.82
N LEU E 340 23.60 14.15 12.18
CA LEU E 340 22.66 15.15 12.65
C LEU E 340 21.24 14.63 12.52
N LEU E 341 20.35 15.20 13.32
CA LEU E 341 18.94 14.83 13.33
C LEU E 341 18.12 15.94 12.68
N THR E 342 17.23 15.56 11.77
CA THR E 342 16.42 16.52 11.03
C THR E 342 15.03 16.63 11.65
N GLU E 343 14.29 17.65 11.19
CA GLU E 343 12.94 17.88 11.69
C GLU E 343 11.97 16.79 11.28
N ARG E 344 12.29 16.03 10.24
CA ARG E 344 11.43 14.96 9.77
C ARG E 344 11.63 13.65 10.52
N GLY E 345 12.54 13.63 11.50
CA GLY E 345 12.83 12.42 12.23
C GLY E 345 13.91 11.54 11.65
N ASP E 346 14.47 11.92 10.50
CA ASP E 346 15.53 11.14 9.87
C ASP E 346 16.90 11.65 10.31
N HIS E 347 17.91 10.83 10.05
CA HIS E 347 19.29 11.15 10.40
C HIS E 347 20.12 11.35 9.14
N ILE E 348 20.89 12.44 9.12
CA ILE E 348 21.78 12.75 8.01
C ILE E 348 23.21 12.49 8.46
N VAL E 349 23.98 11.84 7.58
CA VAL E 349 25.34 11.41 7.89
C VAL E 349 26.27 11.95 6.81
N TRP E 350 27.44 12.42 7.24
CA TRP E 350 28.45 12.99 6.36
C TRP E 350 29.45 11.88 6.01
N ILE E 351 29.31 11.32 4.82
CA ILE E 351 30.18 10.25 4.35
C ILE E 351 30.52 10.50 2.89
N ASN E 352 31.72 10.07 2.49
CA ASN E 352 32.21 10.23 1.12
C ASN E 352 32.12 11.68 0.68
N ASN E 353 32.43 12.60 1.60
CA ASN E 353 32.38 14.04 1.34
C ASN E 353 31.01 14.48 0.85
N SER E 354 29.96 13.92 1.42
CA SER E 354 28.60 14.31 1.05
C SER E 354 27.64 13.95 2.17
N TRP E 355 26.54 14.67 2.23
CA TRP E 355 25.50 14.43 3.22
C TRP E 355 24.46 13.49 2.62
N LYS E 356 24.25 12.35 3.27
CA LYS E 356 23.28 11.36 2.80
C LYS E 356 22.34 10.97 3.93
N PHE E 357 21.14 10.57 3.56
CA PHE E 357 20.15 10.16 4.55
C PHE E 357 19.16 9.20 3.91
N ASN E 358 18.75 8.20 4.67
CA ASN E 358 17.71 7.28 4.23
C ASN E 358 17.12 6.59 5.45
N SER E 359 15.92 6.03 5.27
CA SER E 359 15.18 5.42 6.36
C SER E 359 15.34 3.91 6.43
N GLU E 360 16.03 3.29 5.48
CA GLU E 360 16.17 1.83 5.48
C GLU E 360 17.60 1.34 5.59
N GLU E 361 18.56 1.93 4.81
CA GLU E 361 19.84 1.28 5.03
C GLU E 361 20.54 1.88 6.24
N PRO E 362 21.26 1.06 7.00
CA PRO E 362 21.98 1.54 8.20
C PRO E 362 23.26 2.30 7.85
N LEU E 363 23.09 3.59 7.57
CA LEU E 363 24.24 4.42 7.24
C LEU E 363 25.10 4.74 8.46
N ILE E 364 24.53 4.69 9.67
CA ILE E 364 25.27 5.05 10.86
C ILE E 364 26.41 4.07 11.11
N THR E 365 26.12 2.76 11.02
CA THR E 365 27.18 1.78 11.20
C THR E 365 28.17 1.81 10.05
N LYS E 366 27.72 2.19 8.86
CA LYS E 366 28.64 2.39 7.74
C LYS E 366 29.65 3.49 8.06
N LEU E 367 29.17 4.61 8.60
CA LEU E 367 30.06 5.68 9.00
C LEU E 367 30.97 5.24 10.15
N ILE E 368 30.44 4.45 11.08
CA ILE E 368 31.24 3.97 12.20
C ILE E 368 32.40 3.13 11.69
N LEU E 369 32.15 2.24 10.73
CA LEU E 369 33.23 1.46 10.15
C LEU E 369 34.17 2.32 9.32
N SER E 370 33.64 3.37 8.67
CA SER E 370 34.47 4.21 7.82
C SER E 370 35.47 5.03 8.62
N ILE E 371 35.06 5.51 9.79
CA ILE E 371 35.89 6.44 10.56
C ILE E 371 36.81 5.68 11.50
N ARG E 372 36.93 4.36 11.28
CA ARG E 372 37.71 3.51 12.19
C ARG E 372 39.17 3.93 12.23
N HIS E 373 39.73 4.33 11.08
CA HIS E 373 41.17 4.59 11.01
C HIS E 373 41.59 5.79 11.85
N GLN E 374 40.72 6.79 12.00
CA GLN E 374 41.09 7.98 12.76
C GLN E 374 41.19 7.71 14.24
N LEU E 375 40.52 6.69 14.76
CA LEU E 375 40.59 6.37 16.16
C LEU E 375 41.95 5.75 16.50
N PRO E 376 42.35 5.80 17.78
CA PRO E 376 43.60 5.16 18.17
C PRO E 376 43.54 3.65 17.98
N LYS E 377 44.71 3.01 18.14
CA LYS E 377 44.81 1.58 17.87
C LYS E 377 43.94 0.77 18.83
N GLU E 378 43.94 1.13 20.11
CA GLU E 378 43.21 0.34 21.10
C GLU E 378 41.71 0.36 20.86
N TYR E 379 41.18 1.35 20.14
CA TYR E 379 39.77 1.41 19.82
C TYR E 379 39.43 0.86 18.45
N SER E 380 40.44 0.71 17.57
CA SER E 380 40.17 0.26 16.21
C SER E 380 39.72 -1.20 16.19
N SER E 381 40.30 -2.04 17.05
CA SER E 381 39.98 -3.46 17.02
C SER E 381 38.58 -3.76 17.51
N GLU E 382 37.97 -2.84 18.27
CA GLU E 382 36.62 -3.08 18.79
C GLU E 382 35.54 -2.87 17.75
N LEU E 383 35.84 -2.23 16.64
CA LEU E 383 34.84 -1.88 15.63
C LEU E 383 34.71 -2.93 14.54
N LEU E 384 35.41 -4.05 14.65
CA LEU E 384 35.37 -5.10 13.64
C LEU E 384 34.24 -6.08 13.86
N CYS E 385 33.52 -5.99 14.98
CA CYS E 385 32.40 -6.88 15.26
C CYS E 385 31.09 -6.15 15.08
N PRO E 386 30.12 -6.73 14.36
CA PRO E 386 28.85 -6.02 14.15
C PRO E 386 28.12 -5.68 15.42
N ARG E 387 28.18 -6.53 16.45
CA ARG E 387 27.46 -6.27 17.70
C ARG E 387 27.95 -4.99 18.36
N LYS E 388 29.26 -4.78 18.39
CA LYS E 388 29.80 -3.55 18.94
C LYS E 388 29.33 -2.34 18.14
N ARG E 389 29.25 -2.49 16.82
CA ARG E 389 28.76 -1.39 15.99
C ARG E 389 27.30 -1.07 16.29
N LYS E 390 26.48 -2.10 16.52
CA LYS E 390 25.09 -1.84 16.90
C LYS E 390 25.01 -1.13 18.25
N THR E 391 25.84 -1.53 19.22
CA THR E 391 25.83 -0.86 20.51
C THR E 391 26.24 0.60 20.37
N VAL E 392 27.27 0.87 19.58
CA VAL E 392 27.72 2.25 19.38
C VAL E 392 26.63 3.06 18.66
N GLU E 393 25.94 2.44 17.70
CA GLU E 393 24.84 3.13 17.02
C GLU E 393 23.72 3.46 17.99
N ALA E 394 23.41 2.53 18.90
CA ALA E 394 22.38 2.79 19.91
C ALA E 394 22.79 3.96 20.81
N ASN E 395 24.05 3.99 21.22
CA ASN E 395 24.52 5.11 22.03
C ASN E 395 24.42 6.43 21.28
N ILE E 396 24.81 6.43 20.00
CA ILE E 396 24.75 7.64 19.18
C ILE E 396 23.31 8.12 19.07
N ARG E 397 22.39 7.19 18.80
CA ARG E 397 20.99 7.56 18.66
C ARG E 397 20.42 8.11 19.96
N ASP E 398 20.82 7.52 21.09
CA ASP E 398 20.34 8.01 22.38
C ASP E 398 20.94 9.37 22.73
N MET E 399 22.13 9.67 22.21
CA MET E 399 22.82 10.89 22.58
C MET E 399 22.48 12.09 21.70
N LEU E 400 21.56 11.93 20.75
CA LEU E 400 21.09 13.05 19.92
C LEU E 400 19.70 13.44 20.39
N VAL E 401 19.53 14.71 20.78
CA VAL E 401 18.26 15.17 21.32
C VAL E 401 17.70 16.38 20.61
N ASP E 402 18.53 17.19 19.95
CA ASP E 402 18.10 18.43 19.33
C ASP E 402 18.16 18.30 17.81
N SER E 403 17.22 18.94 17.13
CA SER E 403 17.13 18.89 15.68
C SER E 403 17.72 20.16 15.07
N VAL E 404 18.13 20.04 13.81
CA VAL E 404 18.73 21.16 13.07
C VAL E 404 18.10 21.22 11.69
N GLU E 405 17.82 22.43 11.23
CA GLU E 405 17.25 22.65 9.91
C GLU E 405 18.32 22.53 8.83
N THR E 406 17.89 22.12 7.64
CA THR E 406 18.78 21.94 6.50
C THR E 406 18.38 22.88 5.38
N ASP E 407 19.34 23.16 4.49
CA ASP E 407 19.13 23.99 3.31
C ASP E 407 18.65 25.40 3.69
N THR E 408 19.47 26.07 4.49
CA THR E 408 19.20 27.43 4.92
C THR E 408 19.96 28.49 4.14
N TYR E 409 20.79 28.07 3.19
CA TYR E 409 21.60 29.01 2.40
C TYR E 409 21.08 29.06 0.98
N PRO E 410 20.51 30.18 0.53
CA PRO E 410 19.96 30.25 -0.83
C PRO E 410 20.95 30.68 -1.90
N ASP E 411 22.20 31.00 -1.55
CA ASP E 411 23.18 31.48 -2.51
C ASP E 411 24.31 30.47 -2.71
N LYS E 412 24.01 29.18 -2.59
CA LYS E 412 25.00 28.12 -2.73
C LYS E 412 24.58 27.18 -3.86
N LEU E 413 25.56 26.70 -4.62
CA LEU E 413 25.29 25.64 -5.58
C LEU E 413 26.01 24.37 -5.15
N PRO E 414 25.29 23.37 -4.65
CA PRO E 414 25.95 22.11 -4.28
C PRO E 414 26.44 21.34 -5.49
N PHE E 415 27.49 20.56 -5.28
CA PHE E 415 28.05 19.69 -6.30
C PHE E 415 28.47 18.38 -5.64
N LYS E 416 28.97 17.45 -6.44
CA LYS E 416 29.35 16.16 -5.90
C LYS E 416 30.64 16.25 -5.09
N ASN E 417 31.48 17.25 -5.39
CA ASN E 417 32.74 17.42 -4.69
C ASN E 417 32.74 18.60 -3.72
N GLY E 418 31.77 19.51 -3.82
CA GLY E 418 31.77 20.66 -2.95
C GLY E 418 30.64 21.60 -3.28
N VAL E 419 30.79 22.85 -2.86
CA VAL E 419 29.77 23.87 -3.00
C VAL E 419 30.39 25.11 -3.64
N LEU E 420 29.73 25.65 -4.65
CA LEU E 420 30.15 26.88 -5.31
C LEU E 420 29.41 28.07 -4.72
N ASP E 421 30.16 29.14 -4.44
CA ASP E 421 29.63 30.37 -3.88
C ASP E 421 29.24 31.29 -5.04
N LEU E 422 27.94 31.59 -5.16
CA LEU E 422 27.47 32.42 -6.26
C LEU E 422 27.94 33.86 -6.12
N VAL E 423 27.79 34.45 -4.92
CA VAL E 423 28.11 35.86 -4.73
C VAL E 423 29.61 36.08 -4.80
N ASP E 424 30.42 35.11 -4.37
CA ASP E 424 31.87 35.29 -4.31
C ASP E 424 32.59 34.64 -5.49
N GLY E 425 32.03 33.60 -6.10
CA GLY E 425 32.69 32.92 -7.18
C GLY E 425 33.76 31.93 -6.76
N MET E 426 33.90 31.66 -5.48
CA MET E 426 34.91 30.76 -4.95
C MET E 426 34.26 29.42 -4.60
N PHE E 427 34.92 28.34 -4.99
CA PHE E 427 34.41 26.98 -4.81
C PHE E 427 35.08 26.33 -3.62
N TYR E 428 34.28 25.92 -2.64
CA TYR E 428 34.77 25.21 -1.47
C TYR E 428 34.57 23.71 -1.66
N SER E 429 35.50 22.93 -1.12
CA SER E 429 35.42 21.48 -1.25
C SER E 429 35.94 20.84 0.02
N GLY E 430 35.56 19.57 0.21
CA GLY E 430 35.99 18.84 1.38
C GLY E 430 35.25 19.28 2.64
N ASP E 431 35.95 19.20 3.77
CA ASP E 431 35.35 19.51 5.06
C ASP E 431 34.84 20.95 5.14
N ASP E 432 35.34 21.83 4.28
CA ASP E 432 34.85 23.20 4.26
C ASP E 432 33.38 23.26 3.87
N ALA E 433 32.91 22.30 3.08
CA ALA E 433 31.53 22.28 2.63
C ALA E 433 30.59 21.59 3.61
N LYS E 434 31.10 21.08 4.72
CA LYS E 434 30.25 20.39 5.67
C LYS E 434 29.29 21.35 6.37
N LYS E 435 29.73 22.57 6.63
CA LYS E 435 28.90 23.51 7.38
C LYS E 435 27.64 23.89 6.61
N TYR E 436 27.68 23.83 5.28
CA TYR E 436 26.48 24.03 4.46
C TYR E 436 25.76 22.69 4.36
N THR E 437 24.64 22.55 5.09
CA THR E 437 23.89 21.30 5.11
C THR E 437 22.99 21.25 3.87
N CYS E 438 23.59 20.83 2.76
CA CYS E 438 22.89 20.70 1.50
C CYS E 438 22.61 19.22 1.23
N THR E 439 21.33 18.87 1.14
CA THR E 439 20.91 17.50 0.91
C THR E 439 20.71 17.18 -0.57
N VAL E 440 20.88 18.17 -1.45
CA VAL E 440 20.76 17.95 -2.89
C VAL E 440 22.12 18.24 -3.52
N SER E 441 22.30 17.72 -4.73
CA SER E 441 23.57 17.87 -5.43
C SER E 441 23.32 17.78 -6.93
N THR E 442 24.40 17.66 -7.70
CA THR E 442 24.32 17.56 -9.15
C THR E 442 25.13 16.41 -9.73
N GLY E 443 26.12 15.89 -9.02
CA GLY E 443 26.90 14.77 -9.50
C GLY E 443 28.02 15.12 -10.46
N PHE E 444 28.51 16.35 -10.43
CA PHE E 444 29.52 16.81 -11.38
C PHE E 444 30.76 17.28 -10.63
N LYS E 445 31.90 17.21 -11.31
CA LYS E 445 33.18 17.64 -10.77
C LYS E 445 33.52 19.04 -11.27
N PHE E 446 34.66 19.55 -10.81
CA PHE E 446 35.20 20.83 -11.25
C PHE E 446 36.61 20.65 -11.77
N ASP E 447 36.97 21.50 -12.74
CA ASP E 447 38.30 21.46 -13.34
C ASP E 447 38.60 22.84 -13.90
N ASP E 448 39.55 23.55 -13.29
CA ASP E 448 39.89 24.90 -13.72
C ASP E 448 40.52 24.93 -15.10
N THR E 449 41.16 23.84 -15.52
CA THR E 449 41.80 23.81 -16.84
C THR E 449 40.78 23.95 -17.96
N LYS E 450 39.56 23.48 -17.74
CA LYS E 450 38.50 23.60 -18.73
C LYS E 450 37.82 24.97 -18.72
N PHE E 451 38.20 25.86 -17.80
CA PHE E 451 37.62 27.18 -17.69
C PHE E 451 38.68 28.20 -18.10
N VAL E 452 38.82 28.40 -19.41
CA VAL E 452 39.69 29.42 -19.97
C VAL E 452 38.90 30.18 -21.03
N GLU E 453 39.06 31.50 -21.05
CA GLU E 453 38.19 32.33 -21.88
C GLU E 453 38.37 32.03 -23.36
N ASP E 454 39.62 31.84 -23.81
CA ASP E 454 39.90 31.61 -25.22
C ASP E 454 39.73 30.11 -25.51
N SER E 455 38.48 29.70 -25.66
CA SER E 455 38.17 28.35 -26.09
C SER E 455 37.12 28.40 -27.18
N PRO E 456 37.11 27.41 -28.10
CA PRO E 456 36.23 27.53 -29.28
C PRO E 456 34.75 27.59 -28.96
N GLU E 457 34.30 26.96 -27.87
CA GLU E 457 32.86 26.77 -27.68
C GLU E 457 32.14 28.03 -27.21
N MET E 458 32.81 28.92 -26.50
CA MET E 458 32.18 30.19 -26.15
C MET E 458 31.85 31.03 -27.39
N GLU E 459 32.72 30.98 -28.41
CA GLU E 459 32.40 31.66 -29.66
C GLU E 459 31.07 31.18 -30.22
N GLU E 460 30.91 29.86 -30.38
CA GLU E 460 29.65 29.37 -30.94
C GLU E 460 28.49 29.61 -30.00
N LEU E 461 28.72 29.66 -28.69
CA LEU E 461 27.64 29.96 -27.76
C LEU E 461 27.14 31.39 -27.91
N MET E 462 28.05 32.35 -28.03
CA MET E 462 27.65 33.73 -28.31
C MET E 462 26.96 33.82 -29.67
N ASN E 463 27.47 33.10 -30.66
CA ASN E 463 26.80 33.09 -31.96
C ASN E 463 25.36 32.59 -31.84
N ILE E 464 25.15 31.52 -31.08
CA ILE E 464 23.82 30.95 -30.91
C ILE E 464 22.91 31.94 -30.19
N ILE E 465 23.38 32.50 -29.07
CA ILE E 465 22.53 33.38 -28.28
C ILE E 465 22.20 34.66 -29.04
N ASN E 466 23.14 35.16 -29.84
CA ASN E 466 22.83 36.28 -30.70
C ASN E 466 21.88 35.90 -31.82
N ASP E 467 21.94 34.66 -32.31
CA ASP E 467 21.00 34.21 -33.31
C ASP E 467 19.58 34.17 -32.75
N ILE E 468 19.42 33.65 -31.53
CA ILE E 468 18.09 33.56 -30.94
C ILE E 468 17.55 34.95 -30.63
N GLN E 469 18.37 35.80 -30.04
CA GLN E 469 18.01 37.18 -29.77
C GLN E 469 19.09 38.12 -30.30
N PRO E 470 18.76 39.01 -31.23
CA PRO E 470 19.76 39.95 -31.74
C PRO E 470 20.07 41.05 -30.72
N LEU E 471 21.18 41.74 -30.96
CA LEU E 471 21.62 42.85 -30.11
C LEU E 471 21.13 44.15 -30.74
N THR E 472 19.85 44.43 -30.58
CA THR E 472 19.22 45.64 -31.09
C THR E 472 18.58 46.41 -29.94
N ASP E 473 18.55 47.74 -30.09
CA ASP E 473 18.01 48.59 -29.05
C ASP E 473 16.53 48.31 -28.80
N GLU E 474 15.76 48.08 -29.87
CA GLU E 474 14.34 47.81 -29.72
C GLU E 474 14.07 46.49 -29.01
N ASN E 475 14.91 45.48 -29.21
CA ASN E 475 14.78 44.20 -28.53
C ASN E 475 15.60 44.12 -27.24
N LYS E 476 16.25 45.21 -26.85
CA LYS E 476 17.12 45.18 -25.67
C LYS E 476 16.31 44.92 -24.41
N LYS E 477 15.14 45.56 -24.28
CA LYS E 477 14.33 45.41 -23.08
C LYS E 477 13.87 43.97 -22.87
N ASN E 478 13.43 43.31 -23.95
CA ASN E 478 13.09 41.89 -23.84
C ASN E 478 14.33 41.06 -23.56
N ARG E 479 15.49 41.47 -24.10
CA ARG E 479 16.72 40.73 -23.87
C ARG E 479 17.10 40.72 -22.39
N GLU E 480 17.01 41.88 -21.73
CA GLU E 480 17.32 41.93 -20.31
C GLU E 480 16.34 41.10 -19.48
N LEU E 481 15.05 41.14 -19.82
CA LEU E 481 14.07 40.35 -19.09
C LEU E 481 14.35 38.86 -19.22
N TYR E 482 14.64 38.41 -20.44
CA TYR E 482 14.99 37.00 -20.65
C TYR E 482 16.27 36.65 -19.91
N GLU E 483 17.27 37.54 -19.95
CA GLU E 483 18.53 37.30 -19.28
C GLU E 483 18.33 37.11 -17.78
N LYS E 484 17.53 38.00 -17.17
CA LYS E 484 17.30 37.93 -15.73
C LYS E 484 16.49 36.70 -15.36
N THR E 485 15.43 36.40 -16.12
CA THR E 485 14.61 35.25 -15.79
C THR E 485 15.33 33.93 -16.03
N LEU E 486 16.39 33.93 -16.86
CA LEU E 486 17.21 32.74 -17.00
C LEU E 486 18.31 32.66 -15.94
N SER E 487 18.86 33.81 -15.53
CA SER E 487 19.91 33.81 -14.52
C SER E 487 19.37 33.54 -13.13
N SER E 488 18.10 33.87 -12.88
CA SER E 488 17.53 33.65 -11.55
C SER E 488 17.20 32.19 -11.27
N CYS E 489 17.68 31.28 -12.10
CA CYS E 489 17.40 29.85 -11.92
C CYS E 489 18.22 29.20 -10.83
N LEU E 490 19.33 29.81 -10.40
CA LEU E 490 20.24 29.17 -9.46
C LEU E 490 19.88 29.42 -8.00
N CYS E 491 19.33 30.58 -7.67
CA CYS E 491 19.06 30.91 -6.27
C CYS E 491 17.93 30.03 -5.73
N GLY E 492 17.99 29.79 -4.43
CA GLY E 492 17.01 28.93 -3.77
C GLY E 492 15.90 29.68 -3.07
N ALA E 493 15.95 31.00 -3.10
CA ALA E 493 14.88 31.81 -2.51
C ALA E 493 13.59 31.63 -3.29
N THR E 494 12.47 31.75 -2.58
CA THR E 494 11.17 31.57 -3.21
C THR E 494 10.87 32.73 -4.15
N LYS E 495 10.40 32.40 -5.35
CA LYS E 495 10.03 33.39 -6.36
C LYS E 495 8.54 33.68 -6.30
N GLY E 496 8.17 34.84 -6.83
CA GLY E 496 6.79 35.27 -6.77
C GLY E 496 6.19 35.72 -8.08
N CYS E 497 6.60 35.09 -9.18
CA CYS E 497 6.04 35.40 -10.49
C CYS E 497 6.19 34.21 -11.40
N LEU E 498 5.41 34.19 -12.48
CA LEU E 498 5.44 33.14 -13.48
C LEU E 498 5.91 33.71 -14.81
N THR E 499 6.69 32.92 -15.55
CA THR E 499 7.28 33.33 -16.81
C THR E 499 6.73 32.49 -17.94
N PHE E 500 6.33 33.14 -19.02
CA PHE E 500 5.78 32.47 -20.20
C PHE E 500 6.78 32.49 -21.34
N PHE E 501 7.01 31.32 -21.94
CA PHE E 501 7.84 31.20 -23.13
C PHE E 501 6.89 31.02 -24.32
N PHE E 502 6.64 32.12 -25.03
CA PHE E 502 5.67 32.14 -26.12
C PHE E 502 6.41 32.16 -27.45
N GLY E 503 6.06 31.24 -28.33
CA GLY E 503 6.68 31.17 -29.64
C GLY E 503 6.14 29.99 -30.42
N GLU E 504 6.41 30.01 -31.72
CA GLU E 504 5.92 28.97 -32.62
C GLU E 504 6.78 27.72 -32.47
N THR E 505 6.56 26.75 -33.35
CA THR E 505 7.32 25.51 -33.31
C THR E 505 8.77 25.75 -33.72
N ALA E 506 9.69 25.07 -33.03
CA ALA E 506 11.12 25.12 -33.33
C ALA E 506 11.66 26.55 -33.32
N THR E 507 11.22 27.34 -32.34
CA THR E 507 11.67 28.72 -32.21
C THR E 507 12.95 28.82 -31.38
N GLY E 508 13.41 27.73 -30.78
CA GLY E 508 14.59 27.74 -29.94
C GLY E 508 14.30 27.53 -28.47
N LYS E 509 13.04 27.39 -28.08
CA LYS E 509 12.70 27.13 -26.68
C LYS E 509 13.26 25.80 -26.21
N SER E 510 13.16 24.77 -27.06
CA SER E 510 13.73 23.47 -26.71
C SER E 510 15.24 23.55 -26.53
N THR E 511 15.91 24.35 -27.36
CA THR E 511 17.35 24.52 -27.21
C THR E 511 17.69 25.13 -25.86
N THR E 512 16.99 26.19 -25.47
CA THR E 512 17.25 26.81 -24.18
C THR E 512 16.98 25.85 -23.04
N LYS E 513 15.88 25.09 -23.13
CA LYS E 513 15.55 24.14 -22.08
C LYS E 513 16.62 23.06 -21.96
N ARG E 514 17.14 22.57 -23.09
CA ARG E 514 18.12 21.50 -23.03
C ARG E 514 19.47 22.01 -22.53
N LEU E 515 19.85 23.25 -22.89
CA LEU E 515 21.06 23.82 -22.31
C LEU E 515 20.91 24.00 -20.80
N LEU E 516 19.74 24.47 -20.35
CA LEU E 516 19.52 24.63 -18.91
C LEU E 516 19.60 23.29 -18.19
N LYS E 517 18.98 22.25 -18.77
CA LYS E 517 19.02 20.93 -18.17
C LYS E 517 20.46 20.43 -18.08
N SER E 518 21.21 20.56 -19.17
CA SER E 518 22.61 20.12 -19.14
C SER E 518 23.41 20.90 -18.11
N ALA E 519 23.15 22.20 -18.00
CA ALA E 519 23.94 23.04 -17.09
C ALA E 519 23.69 22.68 -15.63
N ILE E 520 22.42 22.53 -15.24
CA ILE E 520 22.09 22.41 -13.83
C ILE E 520 21.70 20.99 -13.44
N GLY E 521 21.91 20.01 -14.31
CA GLY E 521 21.81 18.62 -13.88
C GLY E 521 20.45 18.25 -13.33
N ASP E 522 20.44 17.63 -12.15
CA ASP E 522 19.21 17.13 -11.57
C ASP E 522 18.34 18.24 -10.97
N LEU E 523 18.90 19.44 -10.81
CA LEU E 523 18.15 20.52 -10.18
C LEU E 523 16.91 20.90 -10.99
N PHE E 524 17.07 21.00 -12.31
CA PHE E 524 15.92 21.26 -13.17
C PHE E 524 15.00 20.03 -13.20
N VAL E 525 13.69 20.28 -13.21
CA VAL E 525 12.72 19.20 -13.30
C VAL E 525 11.66 19.55 -14.33
N GLU E 526 11.06 18.52 -14.90
CA GLU E 526 9.92 18.64 -15.80
C GLU E 526 8.76 17.88 -15.20
N THR E 527 7.66 18.59 -14.94
CA THR E 527 6.50 18.01 -14.28
C THR E 527 5.32 17.97 -15.24
N GLY E 528 4.32 17.18 -14.86
CA GLY E 528 3.11 17.08 -15.67
C GLY E 528 2.25 18.32 -15.57
N GLN E 529 1.34 18.45 -16.53
CA GLN E 529 0.43 19.58 -16.60
C GLN E 529 -0.82 19.41 -15.75
N THR E 530 -0.95 18.27 -15.06
CA THR E 530 -2.14 18.00 -14.26
C THR E 530 -2.29 19.01 -13.14
N ILE E 531 -1.20 19.34 -12.45
CA ILE E 531 -1.26 20.28 -11.34
C ILE E 531 -1.66 21.67 -11.83
N LEU E 532 -1.19 22.05 -13.03
CA LEU E 532 -1.53 23.35 -13.57
C LEU E 532 -3.03 23.45 -13.91
N THR E 533 -3.65 22.32 -14.26
CA THR E 533 -5.05 22.32 -14.67
C THR E 533 -5.99 21.93 -13.53
N ASP E 534 -5.80 20.74 -12.95
CA ASP E 534 -6.70 20.25 -11.92
C ASP E 534 -6.13 20.51 -10.52
N VAL E 535 -6.96 20.26 -9.52
CA VAL E 535 -6.56 20.48 -8.13
C VAL E 535 -5.66 19.33 -7.69
N LEU E 536 -4.49 19.67 -7.15
CA LEU E 536 -3.56 18.66 -6.69
C LEU E 536 -4.06 17.92 -5.45
N ASP E 537 -4.94 18.54 -4.67
CA ASP E 537 -5.45 17.89 -3.46
C ASP E 537 -6.42 16.76 -3.77
N LYS E 538 -6.94 16.71 -5.00
CA LYS E 538 -7.88 15.66 -5.39
C LYS E 538 -7.10 14.38 -5.67
N GLY E 539 -7.17 13.43 -4.75
CA GLY E 539 -6.48 12.17 -4.90
C GLY E 539 -5.00 12.29 -4.59
N PRO E 540 -4.26 11.21 -4.80
CA PRO E 540 -2.81 11.24 -4.54
C PRO E 540 -2.08 12.03 -5.61
N ASN E 541 -1.27 13.00 -5.19
CA ASN E 541 -0.47 13.82 -6.08
C ASN E 541 0.97 13.81 -5.58
N PRO E 542 1.73 12.75 -5.90
CA PRO E 542 3.12 12.68 -5.44
C PRO E 542 4.03 13.73 -6.07
N PHE E 543 3.58 14.43 -7.11
CA PHE E 543 4.40 15.48 -7.71
C PHE E 543 4.66 16.61 -6.71
N ILE E 544 3.64 16.99 -5.93
CA ILE E 544 3.82 18.02 -4.92
C ILE E 544 4.79 17.56 -3.85
N ALA E 545 4.76 16.27 -3.51
CA ALA E 545 5.75 15.73 -2.58
C ALA E 545 7.15 15.77 -3.18
N ASN E 546 7.27 15.51 -4.47
CA ASN E 546 8.57 15.41 -5.12
C ASN E 546 9.17 16.75 -5.53
N MET E 547 8.37 17.83 -5.55
CA MET E 547 8.89 19.13 -5.97
C MET E 547 9.86 19.73 -4.95
N HIS E 548 9.95 19.14 -3.76
CA HIS E 548 10.83 19.66 -2.71
C HIS E 548 12.26 19.82 -3.18
N LEU E 549 12.85 20.98 -2.89
CA LEU E 549 14.28 21.24 -3.04
C LEU E 549 14.74 21.03 -4.49
N LYS E 550 14.18 21.84 -5.38
CA LYS E 550 14.66 21.91 -6.76
C LYS E 550 14.64 23.35 -7.22
N ARG E 551 15.61 23.71 -8.06
CA ARG E 551 15.81 25.10 -8.43
C ARG E 551 14.79 25.59 -9.46
N SER E 552 14.34 24.72 -10.36
CA SER E 552 13.43 25.16 -11.42
C SER E 552 12.56 24.00 -11.88
N VAL E 553 11.30 24.31 -12.16
CA VAL E 553 10.35 23.37 -12.76
C VAL E 553 9.85 23.97 -14.06
N PHE E 554 9.95 23.20 -15.13
CA PHE E 554 9.59 23.62 -16.48
C PHE E 554 8.54 22.68 -17.04
N CYS E 555 7.50 23.25 -17.62
CA CYS E 555 6.48 22.46 -18.33
C CYS E 555 6.31 23.02 -19.73
N SER E 556 6.03 22.15 -20.68
CA SER E 556 5.95 22.52 -22.09
C SER E 556 4.75 21.84 -22.72
N GLU E 557 4.70 21.88 -24.06
CA GLU E 557 3.64 21.29 -24.89
C GLU E 557 2.26 21.50 -24.27
N LEU E 558 1.99 22.75 -23.87
CA LEU E 558 0.70 23.08 -23.28
C LEU E 558 -0.38 23.04 -24.36
N PRO E 559 -1.40 22.21 -24.21
CA PRO E 559 -2.45 22.14 -25.24
C PRO E 559 -3.40 23.33 -25.15
N ASP E 560 -4.08 23.58 -26.26
CA ASP E 560 -5.07 24.65 -26.32
C ASP E 560 -6.33 24.22 -25.57
N PHE E 561 -6.48 24.69 -24.33
CA PHE E 561 -7.64 24.32 -23.52
C PHE E 561 -8.93 24.99 -23.99
N ALA E 562 -8.85 25.95 -24.92
CA ALA E 562 -10.04 26.64 -25.40
C ALA E 562 -11.00 25.71 -26.13
N CYS E 563 -10.53 24.54 -26.57
CA CYS E 563 -11.41 23.58 -27.22
C CYS E 563 -12.41 23.03 -26.22
N SER E 564 -13.57 22.62 -26.74
CA SER E 564 -14.64 22.10 -25.90
C SER E 564 -14.21 20.80 -25.22
N GLY E 565 -14.62 20.65 -23.96
CA GLY E 565 -14.30 19.47 -23.18
C GLY E 565 -12.98 19.52 -22.46
N SER E 566 -12.21 20.61 -22.58
CA SER E 566 -10.92 20.74 -21.94
C SER E 566 -11.00 21.81 -20.86
N LYS E 567 -10.57 21.46 -19.65
CA LYS E 567 -10.58 22.40 -18.54
C LYS E 567 -9.55 23.50 -18.77
N LYS E 568 -9.93 24.74 -18.45
CA LYS E 568 -9.05 25.88 -18.63
C LYS E 568 -8.10 26.00 -17.43
N ILE E 569 -7.18 26.97 -17.53
CA ILE E 569 -6.24 27.24 -16.45
C ILE E 569 -6.95 28.04 -15.37
N ARG E 570 -6.92 27.52 -14.14
CA ARG E 570 -7.64 28.16 -13.04
C ARG E 570 -6.73 29.13 -12.31
N SER E 571 -7.27 30.31 -11.98
CA SER E 571 -6.47 31.34 -11.32
C SER E 571 -5.99 30.90 -9.95
N ASP E 572 -6.75 30.01 -9.29
CA ASP E 572 -6.32 29.54 -7.97
C ASP E 572 -5.02 28.76 -8.06
N ASN E 573 -4.81 28.02 -9.15
CA ASN E 573 -3.52 27.38 -9.36
C ASN E 573 -2.40 28.41 -9.46
N ILE E 574 -2.63 29.46 -10.26
CA ILE E 574 -1.62 30.50 -10.41
C ILE E 574 -1.30 31.13 -9.06
N LYS E 575 -2.32 31.28 -8.21
CA LYS E 575 -2.10 31.85 -6.89
C LYS E 575 -1.39 30.88 -5.96
N LYS E 576 -1.61 29.58 -6.13
CA LYS E 576 -1.14 28.62 -5.12
C LYS E 576 0.26 28.10 -5.41
N LEU E 577 0.64 27.88 -6.67
CA LEU E 577 2.01 27.43 -6.91
C LEU E 577 3.04 28.56 -6.76
N THR E 578 2.61 29.81 -6.57
CA THR E 578 3.53 30.92 -6.38
C THR E 578 3.73 31.28 -4.90
N GLU E 579 3.07 30.57 -3.98
CA GLU E 579 3.23 30.87 -2.57
C GLU E 579 4.56 30.34 -2.04
N PRO E 580 5.08 30.93 -0.96
CA PRO E 580 6.29 30.36 -0.34
C PRO E 580 6.11 28.93 0.12
N CYS E 581 4.92 28.58 0.60
CA CYS E 581 4.60 27.22 1.01
C CYS E 581 3.36 26.76 0.28
N VAL E 582 3.42 25.57 -0.32
CA VAL E 582 2.31 25.00 -1.05
C VAL E 582 1.71 23.86 -0.22
N ILE E 583 0.39 23.82 -0.13
CA ILE E 583 -0.31 22.83 0.68
C ILE E 583 -0.53 21.58 -0.14
N GLY E 584 -0.13 20.43 0.40
CA GLY E 584 -0.29 19.17 -0.28
C GLY E 584 -0.17 18.01 0.69
N ARG E 585 -0.60 16.85 0.24
CA ARG E 585 -0.59 15.64 1.08
C ARG E 585 0.33 14.60 0.48
N PRO E 586 1.57 14.49 0.98
CA PRO E 586 2.46 13.43 0.52
C PRO E 586 1.97 12.06 0.96
N CYS E 587 2.35 11.05 0.19
CA CYS E 587 1.95 9.68 0.50
C CYS E 587 2.59 9.22 1.80
N PHE E 588 1.76 8.69 2.71
CA PHE E 588 2.22 8.19 4.01
C PHE E 588 2.97 9.26 4.80
N SER E 589 2.55 10.52 4.68
CA SER E 589 3.18 11.62 5.39
C SER E 589 2.11 12.63 5.79
N ASN E 590 2.21 13.12 7.03
CA ASN E 590 1.29 14.12 7.55
C ASN E 590 1.85 15.53 7.43
N LYS E 591 3.03 15.69 6.84
CA LYS E 591 3.63 17.01 6.70
C LYS E 591 2.86 17.83 5.67
N ILE E 592 2.57 19.08 6.01
CA ILE E 592 1.78 19.96 5.16
C ILE E 592 2.59 21.13 4.61
N ASN E 593 3.78 21.39 5.13
CA ASN E 593 4.60 22.51 4.70
C ASN E 593 5.60 22.05 3.65
N ASN E 594 5.67 22.76 2.54
CA ASN E 594 6.57 22.44 1.45
C ASN E 594 7.46 23.64 1.13
N ARG E 595 8.74 23.38 0.88
CA ARG E 595 9.71 24.41 0.57
C ARG E 595 9.72 24.64 -0.93
N ASN E 596 9.30 25.84 -1.35
CA ASN E 596 9.19 26.19 -2.76
C ASN E 596 10.45 26.95 -3.17
N HIS E 597 11.40 26.22 -3.75
CA HIS E 597 12.65 26.80 -4.23
C HIS E 597 12.74 26.83 -5.74
N ALA E 598 11.64 26.54 -6.45
CA ALA E 598 11.68 26.32 -7.88
C ALA E 598 11.17 27.54 -8.65
N THR E 599 11.81 27.80 -9.79
CA THR E 599 11.32 28.81 -10.73
C THR E 599 10.35 28.14 -11.70
N ILE E 600 9.17 28.72 -11.83
CA ILE E 600 8.09 28.15 -12.65
C ILE E 600 8.30 28.65 -14.07
N ILE E 601 8.38 27.73 -15.03
CA ILE E 601 8.50 28.10 -16.44
C ILE E 601 7.43 27.37 -17.23
N ILE E 602 6.67 28.12 -18.03
CA ILE E 602 5.60 27.59 -18.87
C ILE E 602 5.99 27.82 -20.32
N ASP E 603 5.86 26.79 -21.14
CA ASP E 603 6.13 26.86 -22.57
C ASP E 603 4.82 26.63 -23.33
N THR E 604 4.46 27.58 -24.19
CA THR E 604 3.24 27.46 -24.97
C THR E 604 3.46 28.04 -26.36
N ASN E 605 2.73 27.49 -27.34
CA ASN E 605 2.75 28.00 -28.70
C ASN E 605 1.48 28.74 -29.08
N TYR E 606 0.49 28.79 -28.19
CA TYR E 606 -0.74 29.52 -28.42
C TYR E 606 -0.81 30.70 -27.47
N LYS E 607 -1.66 31.67 -27.82
CA LYS E 607 -1.85 32.83 -26.97
C LYS E 607 -2.61 32.44 -25.72
N PRO E 608 -2.08 32.67 -24.52
CA PRO E 608 -2.79 32.25 -23.30
C PRO E 608 -4.08 33.04 -23.12
N VAL E 609 -5.09 32.36 -22.56
CA VAL E 609 -6.38 32.97 -22.27
C VAL E 609 -6.80 32.55 -20.87
N PHE E 610 -7.29 33.50 -20.08
CA PHE E 610 -7.70 33.26 -18.71
C PHE E 610 -9.18 33.57 -18.54
N ASP E 611 -9.91 32.67 -17.90
CA ASP E 611 -11.34 32.87 -17.69
C ASP E 611 -11.60 34.04 -16.73
N ARG E 612 -10.80 34.16 -15.68
CA ARG E 612 -10.96 35.21 -14.68
C ARG E 612 -9.81 36.20 -14.80
N ILE E 613 -10.14 37.48 -14.89
CA ILE E 613 -9.15 38.54 -15.03
C ILE E 613 -9.32 39.49 -13.85
N ASP E 614 -8.22 39.74 -13.13
CA ASP E 614 -8.24 40.66 -12.00
C ASP E 614 -6.84 41.19 -11.78
N ASN E 615 -6.74 42.28 -11.00
CA ASN E 615 -5.45 42.88 -10.73
C ASN E 615 -4.53 41.98 -9.94
N ALA E 616 -5.08 41.02 -9.19
CA ALA E 616 -4.25 40.10 -8.42
C ALA E 616 -3.44 39.19 -9.33
N LEU E 617 -4.08 38.61 -10.35
CA LEU E 617 -3.37 37.70 -11.24
C LEU E 617 -2.46 38.44 -12.20
N MET E 618 -2.90 39.59 -12.71
CA MET E 618 -2.12 40.33 -13.70
C MET E 618 -0.85 40.92 -13.11
N ARG E 619 -0.71 40.95 -11.79
CA ARG E 619 0.46 41.56 -11.17
C ARG E 619 1.71 40.70 -11.31
N ARG E 620 1.56 39.38 -11.28
CA ARG E 620 2.68 38.45 -11.18
C ARG E 620 2.82 37.58 -12.42
N ILE E 621 2.69 38.20 -13.60
CA ILE E 621 2.80 37.48 -14.87
C ILE E 621 3.83 38.17 -15.74
N ALA E 622 4.76 37.39 -16.28
CA ALA E 622 5.77 37.89 -17.20
C ALA E 622 5.86 36.96 -18.41
N VAL E 623 6.18 37.53 -19.57
CA VAL E 623 6.24 36.80 -20.82
C VAL E 623 7.50 37.18 -21.57
N VAL E 624 8.14 36.20 -22.20
CA VAL E 624 9.34 36.40 -23.00
C VAL E 624 9.02 36.07 -24.44
N ARG E 625 9.26 37.04 -25.33
CA ARG E 625 8.96 36.85 -26.75
C ARG E 625 10.07 36.07 -27.44
N PHE E 626 9.72 35.46 -28.58
CA PHE E 626 10.65 34.68 -29.38
C PHE E 626 10.44 35.02 -30.84
N ARG E 627 11.51 35.46 -31.51
CA ARG E 627 11.42 35.93 -32.90
C ARG E 627 12.57 35.37 -33.73
N THR E 628 12.84 34.07 -33.60
CA THR E 628 13.86 33.42 -34.41
C THR E 628 13.43 32.00 -34.71
N HIS E 629 13.29 31.68 -35.99
CA HIS E 629 12.73 30.41 -36.43
C HIS E 629 13.78 29.61 -37.19
N PHE E 630 13.95 28.35 -36.79
CA PHE E 630 14.79 27.43 -37.54
C PHE E 630 14.02 26.87 -38.73
N SER E 631 14.68 26.75 -39.88
CA SER E 631 14.01 26.29 -41.08
C SER E 631 15.01 25.64 -42.03
N GLN E 632 14.48 24.84 -42.94
CA GLN E 632 15.30 24.20 -43.96
C GLN E 632 15.66 25.21 -45.05
N PRO E 633 16.70 24.93 -45.86
CA PRO E 633 17.07 25.88 -46.92
C PRO E 633 15.96 26.14 -47.93
N SER E 634 15.13 25.13 -48.23
CA SER E 634 14.12 25.30 -49.28
C SER E 634 13.06 26.32 -48.88
N GLY E 635 12.63 26.31 -47.63
CA GLY E 635 11.53 27.14 -47.19
C GLY E 635 11.89 28.55 -46.78
N ARG E 636 13.15 28.95 -46.91
CA ARG E 636 13.57 30.28 -46.46
C ARG E 636 12.77 31.37 -47.14
N GLU E 637 12.62 31.29 -48.47
CA GLU E 637 11.83 32.28 -49.19
C GLU E 637 10.39 32.31 -48.67
N ALA E 638 9.84 31.15 -48.31
CA ALA E 638 8.51 31.12 -47.72
C ALA E 638 8.48 31.91 -46.42
N ALA E 639 9.52 31.74 -45.59
CA ALA E 639 9.62 32.52 -44.36
C ALA E 639 9.78 34.01 -44.64
N GLU E 640 10.23 34.37 -45.85
CA GLU E 640 10.32 35.77 -46.22
C GLU E 640 8.95 36.37 -46.50
N ASN E 641 7.93 35.55 -46.69
CA ASN E 641 6.57 36.03 -46.95
C ASN E 641 5.74 36.17 -45.68
N ASN E 642 6.33 35.91 -44.51
CA ASN E 642 5.63 35.99 -43.24
C ASN E 642 6.08 37.23 -42.48
N ASP E 643 5.17 37.76 -41.66
CA ASP E 643 5.45 38.93 -40.85
C ASP E 643 5.69 38.61 -39.38
N ALA E 644 5.31 37.42 -38.92
CA ALA E 644 5.50 37.05 -37.52
C ALA E 644 6.96 36.75 -37.19
N TYR E 645 7.82 36.61 -38.19
CA TYR E 645 9.23 36.33 -37.97
C TYR E 645 10.07 37.54 -38.36
N ASP E 646 11.25 37.63 -37.74
CA ASP E 646 12.17 38.72 -38.03
C ASP E 646 13.50 38.18 -38.56
N LYS E 647 13.98 37.10 -37.96
CA LYS E 647 15.24 36.47 -38.36
C LYS E 647 15.00 35.01 -38.69
N VAL E 648 15.52 34.58 -39.85
CA VAL E 648 15.44 33.21 -40.30
C VAL E 648 16.85 32.69 -40.50
N LYS E 649 17.17 31.56 -39.88
CA LYS E 649 18.52 31.01 -39.91
C LYS E 649 18.48 29.55 -40.33
N LEU E 650 19.63 29.08 -40.81
CA LEU E 650 19.74 27.73 -41.33
C LEU E 650 19.69 26.72 -40.18
N LEU E 651 18.97 25.62 -40.40
CA LEU E 651 18.77 24.62 -39.37
C LEU E 651 19.94 23.65 -39.33
N ASP E 652 20.59 23.57 -38.18
CA ASP E 652 21.74 22.68 -37.98
C ASP E 652 21.34 21.58 -37.00
N GLU E 653 21.43 20.34 -37.45
CA GLU E 653 21.16 19.20 -36.59
C GLU E 653 22.30 18.90 -35.64
N GLY E 654 23.55 19.10 -36.07
CA GLY E 654 24.71 18.74 -35.29
C GLY E 654 24.73 19.34 -33.89
N LEU E 655 24.23 20.56 -33.75
CA LEU E 655 24.13 21.18 -32.43
C LEU E 655 23.40 20.25 -31.46
N ASP E 656 22.25 19.74 -31.86
CA ASP E 656 21.52 18.79 -31.02
C ASP E 656 22.39 17.61 -30.66
N GLY E 657 23.16 17.09 -31.62
CA GLY E 657 24.08 16.01 -31.33
C GLY E 657 25.05 16.38 -30.23
N LYS E 658 25.63 17.58 -30.31
CA LYS E 658 26.56 18.02 -29.28
C LYS E 658 25.87 18.11 -27.92
N ILE E 659 24.56 18.34 -27.92
CA ILE E 659 23.81 18.36 -26.67
C ILE E 659 23.86 16.99 -26.01
N GLN E 660 23.76 15.92 -26.80
CA GLN E 660 23.91 14.59 -26.24
C GLN E 660 25.34 14.32 -25.79
N ASN E 661 26.30 15.09 -26.32
CA ASN E 661 27.68 14.96 -25.89
C ASN E 661 27.98 15.75 -24.63
N ASN E 662 27.08 16.62 -24.20
CA ASN E 662 27.25 17.43 -22.99
C ASN E 662 28.52 18.28 -23.06
N ARG E 663 28.90 18.69 -24.27
CA ARG E 663 30.09 19.51 -24.43
C ARG E 663 29.90 20.90 -23.87
N TYR E 664 28.66 21.39 -23.84
CA TYR E 664 28.37 22.77 -23.47
C TYR E 664 27.93 22.90 -22.02
N ARG E 665 27.97 21.82 -21.24
CA ARG E 665 27.50 21.82 -19.86
C ARG E 665 28.25 22.85 -19.02
N PHE E 666 29.56 22.63 -18.83
CA PHE E 666 30.36 23.58 -18.08
C PHE E 666 30.45 24.92 -18.78
N ALA E 667 30.47 24.91 -20.13
CA ALA E 667 30.51 26.17 -20.87
C ALA E 667 29.27 27.01 -20.58
N PHE E 668 28.09 26.39 -20.59
CA PHE E 668 26.87 27.12 -20.28
C PHE E 668 26.85 27.57 -18.82
N LEU E 669 27.27 26.68 -17.92
CA LEU E 669 27.28 27.03 -16.49
C LEU E 669 28.21 28.20 -16.22
N TYR E 670 29.29 28.32 -16.98
CA TYR E 670 30.25 29.42 -16.79
C TYR E 670 29.56 30.78 -16.93
N LEU E 671 28.98 31.04 -18.11
CA LEU E 671 28.35 32.33 -18.31
C LEU E 671 27.03 32.45 -17.56
N LEU E 672 26.38 31.33 -17.21
CA LEU E 672 25.22 31.43 -16.32
C LEU E 672 25.61 31.96 -14.96
N VAL E 673 26.70 31.43 -14.39
CA VAL E 673 27.20 31.93 -13.11
C VAL E 673 27.63 33.38 -13.24
N LYS E 674 28.26 33.73 -14.37
CA LYS E 674 28.61 35.13 -14.60
C LYS E 674 27.39 36.03 -14.61
N TRP E 675 26.33 35.61 -15.31
CA TRP E 675 25.10 36.41 -15.34
C TRP E 675 24.54 36.58 -13.94
N TYR E 676 24.49 35.49 -13.16
CA TYR E 676 23.94 35.60 -11.82
C TYR E 676 24.78 36.53 -10.95
N LYS E 677 26.11 36.42 -11.06
CA LYS E 677 26.97 37.21 -10.16
C LYS E 677 27.02 38.67 -10.56
N LYS E 678 26.73 39.01 -11.82
CA LYS E 678 26.71 40.41 -12.23
C LYS E 678 25.28 40.92 -12.45
N TYR E 679 24.27 40.16 -12.05
CA TYR E 679 22.89 40.59 -12.18
C TYR E 679 22.09 40.57 -10.89
N HIS E 680 22.44 39.71 -9.93
CA HIS E 680 21.64 39.56 -8.73
C HIS E 680 22.46 39.77 -7.47
N ILE E 681 23.27 40.82 -7.44
CA ILE E 681 24.15 41.08 -6.30
C ILE E 681 23.32 41.49 -5.07
N PRO E 682 22.62 42.65 -5.08
CA PRO E 682 21.97 43.09 -3.84
C PRO E 682 20.77 42.25 -3.44
N ILE E 683 19.81 42.10 -4.35
CA ILE E 683 18.57 41.38 -4.09
C ILE E 683 18.18 40.61 -5.33
N MET E 684 17.68 39.39 -5.14
CA MET E 684 17.12 38.59 -6.23
C MET E 684 15.62 38.83 -6.27
N LYS E 685 15.16 39.50 -7.32
CA LYS E 685 13.74 39.77 -7.48
C LYS E 685 13.50 40.22 -8.91
N LEU E 686 12.33 39.86 -9.44
CA LEU E 686 11.93 40.21 -10.79
C LEU E 686 10.99 41.41 -10.73
N TYR E 687 11.48 42.57 -11.11
CA TYR E 687 10.71 43.80 -11.01
C TYR E 687 9.81 43.95 -12.23
N PRO E 688 8.49 44.00 -12.07
CA PRO E 688 7.63 44.28 -13.22
C PRO E 688 7.82 45.70 -13.73
N THR E 689 7.59 45.87 -15.03
CA THR E 689 7.79 47.17 -15.67
C THR E 689 6.45 47.73 -16.13
N PRO E 690 6.17 49.01 -15.86
CA PRO E 690 4.93 49.62 -16.34
C PRO E 690 4.88 49.79 -17.86
N GLU E 691 6.00 49.64 -18.55
CA GLU E 691 6.07 49.78 -20.00
C GLU E 691 5.97 48.44 -20.71
N GLU E 692 5.18 47.53 -20.16
CA GLU E 692 5.04 46.18 -20.70
C GLU E 692 4.11 46.21 -21.92
N ILE E 693 3.66 45.03 -22.34
CA ILE E 693 2.85 44.86 -23.55
C ILE E 693 1.55 45.66 -23.41
N PRO E 694 0.99 46.15 -24.52
CA PRO E 694 -0.20 47.01 -24.41
C PRO E 694 -1.38 46.36 -23.72
N ASP E 695 -1.59 45.05 -23.92
CA ASP E 695 -2.68 44.37 -23.24
C ASP E 695 -2.45 44.26 -21.74
N PHE E 696 -1.19 44.35 -21.30
CA PHE E 696 -0.90 44.36 -19.87
C PHE E 696 -1.47 45.59 -19.19
N ALA E 697 -1.36 46.75 -19.83
CA ALA E 697 -1.78 48.02 -19.25
C ALA E 697 -3.06 48.56 -19.88
N PHE E 698 -3.74 47.78 -20.71
CA PHE E 698 -5.00 48.26 -21.31
C PHE E 698 -6.05 48.51 -20.23
N TYR E 699 -6.18 47.58 -19.27
CA TYR E 699 -7.13 47.78 -18.18
C TYR E 699 -6.74 48.95 -17.30
N LEU E 700 -5.43 49.14 -17.06
CA LEU E 700 -4.99 50.30 -16.30
C LEU E 700 -5.35 51.59 -17.02
N LYS E 701 -5.17 51.64 -18.33
CA LYS E 701 -5.56 52.81 -19.10
C LYS E 701 -7.06 53.05 -19.03
N ILE E 702 -7.85 51.97 -19.10
CA ILE E 702 -9.30 52.09 -18.98
C ILE E 702 -9.66 52.69 -17.63
N GLY E 703 -9.02 52.22 -16.56
CA GLY E 703 -9.29 52.76 -15.24
C GLY E 703 -8.87 54.21 -15.11
N THR E 704 -7.73 54.58 -15.69
CA THR E 704 -7.23 55.94 -15.56
C THR E 704 -8.10 56.93 -16.33
N LEU E 705 -8.56 56.56 -17.53
CA LEU E 705 -9.39 57.48 -18.30
C LEU E 705 -10.75 57.71 -17.67
N LEU E 706 -11.14 56.92 -16.68
CA LEU E 706 -12.40 57.08 -15.98
C LEU E 706 -12.16 57.72 -14.62
N VAL E 707 -13.08 58.59 -14.23
CA VAL E 707 -13.01 59.29 -12.94
C VAL E 707 -14.34 59.12 -12.22
N SER E 708 -14.28 59.19 -10.90
CA SER E 708 -15.47 59.00 -10.06
C SER E 708 -16.11 60.34 -9.73
N SER E 709 -17.39 60.28 -9.36
CA SER E 709 -18.13 61.48 -9.00
C SER E 709 -17.66 62.03 -7.66
N SER E 710 -17.69 63.35 -7.54
CA SER E 710 -17.28 64.01 -6.30
C SER E 710 -17.97 65.36 -6.22
N VAL E 711 -17.98 65.92 -4.99
CA VAL E 711 -18.58 67.23 -4.79
C VAL E 711 -17.83 68.33 -5.52
N LYS E 712 -16.54 68.12 -5.81
CA LYS E 712 -15.76 69.13 -6.53
C LYS E 712 -16.29 69.37 -7.93
N HIS E 713 -17.08 68.45 -8.48
CA HIS E 713 -17.68 68.64 -9.79
C HIS E 713 -18.95 69.48 -9.73
N ILE E 714 -19.41 69.84 -8.54
CA ILE E 714 -20.65 70.61 -8.42
C ILE E 714 -20.60 71.94 -9.15
N PRO E 715 -19.56 72.78 -9.01
CA PRO E 715 -19.59 74.09 -9.69
C PRO E 715 -19.76 74.00 -11.19
N LEU E 716 -19.15 73.01 -11.86
CA LEU E 716 -19.32 72.83 -13.29
C LEU E 716 -20.40 71.82 -13.64
N MET E 717 -20.97 71.13 -12.65
CA MET E 717 -22.06 70.20 -12.90
C MET E 717 -23.23 70.88 -13.62
N THR E 718 -23.48 72.15 -13.31
CA THR E 718 -24.54 72.89 -14.01
C THR E 718 -24.32 72.86 -15.51
N ASP E 719 -23.06 73.00 -15.96
CA ASP E 719 -22.77 72.89 -17.38
C ASP E 719 -23.19 71.52 -17.92
N LEU E 720 -22.84 70.45 -17.20
CA LEU E 720 -23.35 69.13 -17.56
C LEU E 720 -24.86 69.08 -17.39
N SER E 721 -25.39 69.79 -16.39
CA SER E 721 -26.84 69.90 -16.26
C SER E 721 -27.43 70.66 -17.44
N LYS E 722 -26.65 71.54 -18.06
CA LYS E 722 -27.09 72.21 -19.28
C LYS E 722 -27.10 71.28 -20.48
N LYS E 723 -26.51 70.09 -20.37
CA LYS E 723 -26.49 69.10 -21.43
C LYS E 723 -27.73 68.22 -21.45
N GLY E 724 -28.78 68.62 -20.75
CA GLY E 724 -30.00 67.84 -20.67
C GLY E 724 -30.07 66.86 -19.51
N TYR E 725 -29.00 66.72 -18.74
CA TYR E 725 -28.98 65.82 -17.61
C TYR E 725 -29.50 66.52 -16.36
N ILE E 726 -30.16 65.76 -15.50
CA ILE E 726 -30.69 66.26 -14.23
C ILE E 726 -30.06 65.44 -13.10
N LEU E 727 -29.50 66.14 -12.12
CA LEU E 727 -28.85 65.47 -11.00
C LEU E 727 -29.88 64.86 -10.06
N TYR E 728 -29.65 63.63 -9.65
CA TYR E 728 -30.51 62.92 -8.70
C TYR E 728 -29.67 62.39 -7.56
N ASP E 729 -30.10 62.64 -6.33
CA ASP E 729 -29.41 62.19 -5.12
C ASP E 729 -27.97 62.70 -5.08
N ASN E 730 -27.75 63.92 -5.58
CA ASN E 730 -26.43 64.56 -5.58
C ASN E 730 -25.38 63.72 -6.30
N VAL E 731 -25.78 63.02 -7.37
CA VAL E 731 -24.86 62.25 -8.19
C VAL E 731 -25.36 62.29 -9.63
N VAL E 732 -24.42 62.26 -10.58
CA VAL E 732 -24.78 62.34 -11.99
C VAL E 732 -25.47 61.06 -12.42
N THR E 733 -26.62 61.20 -13.08
CA THR E 733 -27.38 60.06 -13.58
C THR E 733 -27.20 59.96 -15.09
N LEU E 734 -26.82 58.78 -15.57
CA LEU E 734 -26.58 58.54 -16.98
C LEU E 734 -27.28 57.26 -17.40
N PRO E 735 -28.05 57.28 -18.49
CA PRO E 735 -28.66 56.03 -18.97
C PRO E 735 -27.62 55.02 -19.42
N LEU E 736 -27.95 53.74 -19.22
CA LEU E 736 -26.99 52.68 -19.49
C LEU E 736 -26.73 52.53 -20.98
N THR E 737 -27.78 52.65 -21.80
CA THR E 737 -27.64 52.42 -23.23
C THR E 737 -26.69 53.43 -23.86
N THR E 738 -26.80 54.70 -23.47
CA THR E 738 -25.87 55.71 -23.98
C THR E 738 -24.44 55.41 -23.53
N PHE E 739 -24.28 54.94 -22.30
CA PHE E 739 -22.95 54.57 -21.81
C PHE E 739 -22.34 53.46 -22.65
N GLN E 740 -23.12 52.42 -22.93
CA GLN E 740 -22.61 51.32 -23.75
C GLN E 740 -22.30 51.78 -25.16
N GLN E 741 -23.15 52.63 -25.73
CA GLN E 741 -22.91 53.14 -27.08
C GLN E 741 -21.62 53.96 -27.12
N LYS E 742 -21.40 54.80 -26.10
CA LYS E 742 -20.20 55.64 -26.07
C LYS E 742 -18.94 54.80 -25.87
N ILE E 743 -18.96 53.85 -24.94
CA ILE E 743 -17.77 53.03 -24.72
C ILE E 743 -17.48 52.15 -25.92
N SER E 744 -18.52 51.67 -26.62
CA SER E 744 -18.31 50.91 -27.83
C SER E 744 -17.73 51.77 -28.96
N LYS E 745 -17.88 53.10 -28.87
CA LYS E 745 -17.35 53.98 -29.90
C LYS E 745 -15.85 54.22 -29.77
N TYR E 746 -15.24 53.86 -28.64
CA TYR E 746 -13.80 54.03 -28.44
C TYR E 746 -13.01 52.78 -28.79
N PHE E 747 -13.52 51.60 -28.47
CA PHE E 747 -12.83 50.35 -28.74
C PHE E 747 -13.81 49.35 -29.33
N ASN E 748 -13.28 48.40 -30.09
CA ASN E 748 -14.09 47.37 -30.75
C ASN E 748 -14.62 46.42 -29.68
N SER E 749 -15.90 46.55 -29.36
CA SER E 749 -16.54 45.69 -28.38
C SER E 749 -17.07 44.39 -28.98
N ARG E 750 -17.06 44.25 -30.31
CA ARG E 750 -17.56 43.03 -30.92
C ARG E 750 -16.59 41.86 -30.74
N LEU E 751 -15.29 42.15 -30.75
CA LEU E 751 -14.30 41.08 -30.66
C LEU E 751 -14.24 40.50 -29.25
N PHE E 752 -13.91 41.34 -28.26
CA PHE E 752 -13.78 40.90 -26.88
C PHE E 752 -14.48 41.80 -25.88
N GLY E 753 -15.16 42.85 -26.33
CA GLY E 753 -15.86 43.72 -25.40
C GLY E 753 -17.21 43.22 -24.97
N HIS E 754 -17.87 42.42 -25.82
CA HIS E 754 -19.23 41.97 -25.50
C HIS E 754 -19.25 41.07 -24.28
N ASP E 755 -18.42 40.02 -24.27
CA ASP E 755 -18.44 39.10 -23.15
C ASP E 755 -17.90 39.75 -21.88
N ILE E 756 -16.87 40.60 -22.02
CA ILE E 756 -16.34 41.30 -20.85
C ILE E 756 -17.39 42.20 -20.24
N GLU E 757 -18.13 42.94 -21.07
CA GLU E 757 -19.22 43.78 -20.58
C GLU E 757 -20.30 42.93 -19.95
N SER E 758 -20.58 41.74 -20.51
CA SER E 758 -21.56 40.85 -19.91
C SER E 758 -21.14 40.42 -18.51
N PHE E 759 -19.86 40.08 -18.33
CA PHE E 759 -19.38 39.73 -17.00
C PHE E 759 -19.44 40.92 -16.05
N ILE E 760 -19.09 42.11 -16.55
CA ILE E 760 -19.10 43.31 -15.70
C ILE E 760 -20.52 43.67 -15.29
N ASN E 761 -21.51 43.33 -16.13
CA ASN E 761 -22.90 43.71 -15.85
C ASN E 761 -23.37 43.19 -14.50
N ARG E 762 -22.91 42.00 -14.09
CA ARG E 762 -23.31 41.47 -12.79
C ARG E 762 -22.73 42.29 -11.63
N HIS E 763 -21.66 43.05 -11.86
CA HIS E 763 -21.09 43.91 -10.85
C HIS E 763 -21.88 45.20 -10.65
N LYS E 764 -22.64 45.63 -11.65
CA LYS E 764 -23.41 46.86 -11.57
C LYS E 764 -24.54 46.72 -10.55
N LYS E 765 -24.98 47.86 -10.03
CA LYS E 765 -26.02 47.91 -9.02
C LYS E 765 -27.05 48.96 -9.39
N PHE E 766 -28.28 48.75 -8.92
CA PHE E 766 -29.38 49.68 -9.13
C PHE E 766 -29.76 50.34 -7.82
N ALA E 767 -29.82 51.67 -7.83
CA ALA E 767 -30.18 52.40 -6.61
C ALA E 767 -31.61 52.08 -6.18
N ASN E 768 -32.53 52.01 -7.13
CA ASN E 768 -33.92 51.70 -6.83
C ASN E 768 -34.48 50.68 -7.82
N VAL E 769 -35.79 50.48 -7.79
CA VAL E 769 -36.42 49.55 -8.73
C VAL E 769 -36.31 50.07 -10.15
N SER E 770 -36.40 51.39 -10.35
CA SER E 770 -36.28 51.99 -11.67
C SER E 770 -35.27 53.12 -11.72
N ASP E 771 -34.67 53.51 -10.60
CA ASP E 771 -33.68 54.57 -10.55
C ASP E 771 -32.30 53.98 -10.37
N GLU E 772 -31.36 54.40 -11.21
CA GLU E 772 -29.99 53.92 -11.16
C GLU E 772 -29.03 55.09 -11.16
N TYR E 773 -27.85 54.88 -10.57
CA TYR E 773 -26.82 55.89 -10.50
C TYR E 773 -25.52 55.33 -11.04
N LEU E 774 -24.80 56.14 -11.80
CA LEU E 774 -23.51 55.76 -12.39
C LEU E 774 -22.47 56.78 -11.95
N GLN E 775 -21.56 56.36 -11.08
CA GLN E 775 -20.49 57.24 -10.60
C GLN E 775 -19.27 57.21 -11.51
N TYR E 776 -19.51 57.39 -12.80
CA TYR E 776 -18.45 57.51 -13.80
C TYR E 776 -18.69 58.79 -14.59
N ILE E 777 -17.64 59.61 -14.73
CA ILE E 777 -17.73 60.89 -15.42
C ILE E 777 -16.78 60.86 -16.60
N PHE E 778 -17.31 61.21 -17.78
CA PHE E 778 -16.48 61.29 -18.98
C PHE E 778 -15.65 62.56 -18.98
N ILE E 779 -14.41 62.46 -19.44
CA ILE E 779 -13.52 63.61 -19.49
C ILE E 779 -14.03 64.63 -20.50
N GLU E 780 -14.61 64.18 -21.61
CA GLU E 780 -15.11 65.10 -22.63
C GLU E 780 -16.24 65.98 -22.10
N ASP E 781 -17.01 65.49 -21.14
CA ASP E 781 -18.10 66.28 -20.58
C ASP E 781 -17.60 67.40 -19.69
N ILE E 782 -16.38 67.30 -19.17
CA ILE E 782 -15.82 68.33 -18.30
C ILE E 782 -14.66 69.08 -18.94
N SER E 783 -14.09 68.57 -20.03
CA SER E 783 -12.98 69.25 -20.67
C SER E 783 -13.48 70.50 -21.41
N SER E 784 -12.75 71.59 -21.26
CA SER E 784 -13.12 72.84 -21.92
C SER E 784 -12.81 72.75 -23.41
N PRO E 785 -13.80 72.98 -24.30
CA PRO E 785 -13.59 72.93 -25.76
C PRO E 785 -12.60 73.97 -26.25
N PHE F 240 49.27 -4.58 20.45
CA PHE F 240 48.68 -5.87 20.07
C PHE F 240 47.53 -6.24 21.00
N ILE F 241 47.68 -7.38 21.67
CA ILE F 241 46.67 -7.86 22.61
C ILE F 241 47.35 -8.21 23.92
N SER F 242 46.57 -8.72 24.88
CA SER F 242 47.14 -9.11 26.16
C SER F 242 48.11 -10.28 25.99
N PHE F 243 49.19 -10.26 26.77
CA PHE F 243 50.19 -11.32 26.69
C PHE F 243 49.57 -12.66 27.11
N GLU F 244 48.75 -12.65 28.15
CA GLU F 244 48.14 -13.88 28.63
C GLU F 244 47.32 -14.55 27.53
N ASP F 245 46.65 -13.77 26.70
CA ASP F 245 45.92 -14.36 25.58
C ASP F 245 46.86 -14.96 24.55
N ALA F 246 48.04 -14.38 24.37
CA ALA F 246 49.02 -14.98 23.46
C ALA F 246 49.48 -16.33 23.98
N ILE F 247 49.81 -16.41 25.28
CA ILE F 247 50.16 -17.71 25.86
C ILE F 247 48.99 -18.67 25.76
N LYS F 248 47.77 -18.17 25.94
CA LYS F 248 46.58 -19.01 25.81
C LYS F 248 46.50 -19.65 24.42
N ARG F 249 46.62 -18.83 23.37
CA ARG F 249 46.54 -19.36 22.02
C ARG F 249 47.69 -20.31 21.74
N VAL F 250 48.90 -19.98 22.19
CA VAL F 250 50.04 -20.86 21.97
C VAL F 250 49.80 -22.22 22.64
N SER F 251 49.24 -22.20 23.84
CA SER F 251 49.01 -23.46 24.57
C SER F 251 47.85 -24.26 23.98
N LYS F 252 46.86 -23.59 23.38
CA LYS F 252 45.86 -24.34 22.61
C LYS F 252 46.46 -24.93 21.35
N ILE F 253 47.42 -24.25 20.71
CA ILE F 253 48.06 -24.80 19.52
C ILE F 253 48.78 -26.10 19.85
N PHE F 254 49.53 -26.12 20.95
CA PHE F 254 50.22 -27.31 21.39
C PHE F 254 49.25 -28.18 22.19
N ILE F 255 48.83 -29.30 21.61
CA ILE F 255 47.85 -30.16 22.28
C ILE F 255 48.41 -30.71 23.58
N ASN F 256 49.73 -30.86 23.68
CA ASN F 256 50.36 -31.27 24.91
C ASN F 256 50.68 -30.06 25.79
N SER F 257 51.00 -30.33 27.05
CA SER F 257 51.37 -29.31 28.00
C SER F 257 52.88 -29.14 28.06
N ILE F 258 53.32 -27.98 28.52
CA ILE F 258 54.74 -27.66 28.65
C ILE F 258 55.12 -27.70 30.12
N ILE F 259 56.41 -27.88 30.39
CA ILE F 259 56.86 -27.97 31.78
C ILE F 259 57.31 -26.61 32.29
N ASN F 260 57.81 -25.75 31.40
CA ASN F 260 58.40 -24.47 31.78
C ASN F 260 57.39 -23.33 31.76
N PHE F 261 56.11 -23.61 32.03
CA PHE F 261 55.07 -22.59 31.95
C PHE F 261 55.37 -21.37 32.82
N ASN F 262 55.91 -21.61 34.02
CA ASN F 262 56.20 -20.51 34.93
C ASN F 262 57.40 -19.69 34.47
N ASP F 263 58.17 -20.17 33.49
CA ASP F 263 59.38 -19.50 33.07
C ASP F 263 59.19 -18.51 31.94
N LEU F 264 57.99 -18.45 31.34
CA LEU F 264 57.74 -17.46 30.30
C LEU F 264 57.34 -16.13 30.92
N ASP F 265 57.99 -15.06 30.48
CA ASP F 265 57.67 -13.70 30.91
C ASP F 265 57.53 -12.82 29.68
N GLU F 266 57.18 -11.55 29.91
CA GLU F 266 56.93 -10.63 28.82
C GLU F 266 58.20 -10.23 28.07
N ASN F 267 59.38 -10.45 28.66
CA ASN F 267 60.62 -9.97 28.06
C ASN F 267 61.59 -11.09 27.70
N ASN F 268 61.23 -12.36 27.90
CA ASN F 268 62.17 -13.44 27.62
C ASN F 268 61.49 -14.62 26.92
N PHE F 269 60.31 -14.41 26.35
CA PHE F 269 59.59 -15.49 25.69
C PHE F 269 60.15 -15.83 24.31
N THR F 270 61.03 -14.99 23.77
CA THR F 270 61.65 -15.27 22.48
C THR F 270 63.02 -15.93 22.61
N THR F 271 63.49 -16.18 23.82
CA THR F 271 64.84 -16.71 24.06
C THR F 271 64.84 -18.10 24.67
N VAL F 272 64.06 -18.31 25.73
CA VAL F 272 64.08 -19.59 26.43
C VAL F 272 63.51 -20.68 25.52
N PRO F 273 64.16 -21.83 25.40
CA PRO F 273 63.60 -22.91 24.58
C PRO F 273 62.33 -23.48 25.21
N LEU F 274 61.48 -24.03 24.35
CA LEU F 274 60.19 -24.57 24.77
C LEU F 274 60.22 -26.08 24.62
N VAL F 275 59.98 -26.78 25.73
CA VAL F 275 59.90 -28.24 25.76
C VAL F 275 58.52 -28.62 26.30
N ILE F 276 57.85 -29.53 25.59
CA ILE F 276 56.49 -29.92 25.93
C ILE F 276 56.50 -31.34 26.49
N ASP F 277 55.44 -31.66 27.24
CA ASP F 277 55.26 -33.02 27.72
C ASP F 277 55.01 -33.96 26.55
N TYR F 278 55.52 -35.18 26.67
CA TYR F 278 55.48 -36.16 25.57
C TYR F 278 54.52 -37.29 25.92
N VAL F 279 53.24 -37.08 25.62
CA VAL F 279 52.24 -38.14 25.73
C VAL F 279 51.43 -38.30 24.45
N THR F 280 51.35 -37.30 23.58
CA THR F 280 50.62 -37.34 22.34
C THR F 280 51.49 -36.68 21.30
N PRO F 281 51.54 -37.20 20.06
CA PRO F 281 52.36 -36.56 19.02
C PRO F 281 51.93 -35.12 18.77
N CYS F 282 52.91 -34.28 18.45
CA CYS F 282 52.65 -32.86 18.27
C CYS F 282 51.74 -32.61 17.08
N ALA F 283 51.00 -31.51 17.14
CA ALA F 283 50.00 -31.21 16.12
C ALA F 283 50.64 -30.82 14.79
N LEU F 284 51.86 -30.28 14.83
CA LEU F 284 52.51 -29.84 13.59
C LEU F 284 52.76 -31.03 12.66
N CYS F 285 53.55 -31.99 13.13
CA CYS F 285 53.85 -33.21 12.38
C CYS F 285 53.50 -34.42 13.24
N LYS F 286 53.06 -35.50 12.59
CA LYS F 286 52.69 -36.69 13.34
C LYS F 286 53.91 -37.24 14.08
N LYS F 287 54.88 -37.78 13.33
CA LYS F 287 56.13 -38.30 13.87
C LYS F 287 55.92 -39.06 15.17
N ARG F 288 56.86 -38.93 16.10
CA ARG F 288 56.66 -39.34 17.50
C ARG F 288 57.81 -38.83 18.35
N SER F 289 57.49 -38.14 19.45
CA SER F 289 58.48 -37.78 20.48
C SER F 289 59.63 -36.97 19.89
N HIS F 290 59.29 -35.75 19.46
CA HIS F 290 60.29 -34.83 18.94
C HIS F 290 61.45 -34.69 19.90
N LYS F 291 62.68 -34.79 19.38
CA LYS F 291 63.88 -34.92 20.19
C LYS F 291 64.55 -33.58 20.46
N HIS F 292 63.95 -32.47 20.03
CA HIS F 292 64.54 -31.15 20.26
C HIS F 292 63.46 -30.19 20.72
N PRO F 293 63.83 -29.19 21.52
CA PRO F 293 62.83 -28.19 21.94
C PRO F 293 62.47 -27.25 20.79
N HIS F 294 61.31 -26.63 20.93
CA HIS F 294 60.80 -25.67 19.97
C HIS F 294 61.19 -24.25 20.38
N GLN F 295 60.85 -23.29 19.54
CA GLN F 295 61.17 -21.89 19.80
C GLN F 295 60.15 -21.00 19.09
N LEU F 296 59.92 -19.83 19.66
CA LEU F 296 58.95 -18.87 19.15
C LEU F 296 59.66 -17.59 18.75
N SER F 297 59.26 -17.02 17.62
CA SER F 297 59.79 -15.76 17.14
C SER F 297 58.65 -14.80 16.84
N LEU F 298 58.90 -13.51 17.01
CA LEU F 298 57.89 -12.48 16.79
C LEU F 298 58.24 -11.67 15.56
N GLU F 299 57.41 -11.74 14.53
CA GLU F 299 57.64 -10.97 13.32
C GLU F 299 56.31 -10.57 12.70
N ASN F 300 56.25 -9.32 12.21
CA ASN F 300 55.10 -8.80 11.47
C ASN F 300 53.80 -8.97 12.26
N GLY F 301 53.88 -8.74 13.57
CA GLY F 301 52.71 -8.90 14.42
C GLY F 301 52.18 -10.31 14.48
N ALA F 302 53.06 -11.30 14.46
CA ALA F 302 52.66 -12.70 14.54
C ALA F 302 53.76 -13.50 15.20
N ILE F 303 53.38 -14.68 15.69
CA ILE F 303 54.30 -15.59 16.38
C ILE F 303 54.52 -16.81 15.50
N ARG F 304 55.77 -17.06 15.14
CA ARG F 304 56.16 -18.20 14.33
C ARG F 304 56.84 -19.24 15.21
N ILE F 305 56.41 -20.49 15.09
CA ILE F 305 56.94 -21.59 15.89
C ILE F 305 57.84 -22.43 15.01
N TYR F 306 59.08 -22.64 15.44
CA TYR F 306 60.02 -23.45 14.69
C TYR F 306 60.79 -24.37 15.63
N LYS F 307 61.07 -25.58 15.17
CA LYS F 307 61.75 -26.59 15.96
C LYS F 307 63.24 -26.55 15.65
N THR F 308 64.06 -26.45 16.71
CA THR F 308 65.50 -26.39 16.54
C THR F 308 66.04 -27.72 16.03
N GLY F 309 66.98 -27.65 15.10
CA GLY F 309 67.59 -28.85 14.55
C GLY F 309 67.24 -29.07 13.09
N ASN F 310 66.51 -30.14 12.81
CA ASN F 310 66.11 -30.43 11.45
C ASN F 310 64.95 -29.52 11.05
N PRO F 311 65.10 -28.66 10.04
CA PRO F 311 63.97 -27.82 9.62
C PRO F 311 62.78 -28.60 9.12
N HIS F 312 63.00 -29.75 8.47
CA HIS F 312 61.92 -30.55 7.92
C HIS F 312 61.26 -31.46 8.96
N SER F 313 61.78 -31.52 10.18
CA SER F 313 61.22 -32.42 11.18
C SER F 313 59.82 -31.98 11.59
N CYS F 314 59.64 -30.71 11.92
CA CYS F 314 58.36 -30.18 12.37
C CYS F 314 57.90 -29.08 11.42
N LYS F 315 56.59 -28.99 11.23
CA LYS F 315 56.01 -28.01 10.32
C LYS F 315 56.01 -26.62 10.97
N VAL F 316 56.14 -25.60 10.12
CA VAL F 316 56.14 -24.22 10.59
C VAL F 316 54.70 -23.75 10.79
N LYS F 317 54.46 -23.04 11.90
CA LYS F 317 53.12 -22.57 12.24
C LYS F 317 53.20 -21.09 12.60
N ILE F 318 52.24 -20.33 12.09
CA ILE F 318 52.16 -18.89 12.32
C ILE F 318 50.84 -18.58 13.01
N VAL F 319 50.91 -17.84 14.12
CA VAL F 319 49.74 -17.47 14.90
C VAL F 319 49.61 -15.95 14.86
N PRO F 320 48.50 -15.41 14.37
CA PRO F 320 48.29 -13.95 14.40
C PRO F 320 47.71 -13.52 15.74
N LEU F 321 47.80 -12.21 15.99
CA LEU F 321 47.36 -11.64 17.26
C LEU F 321 46.67 -10.31 17.05
N ASP F 322 46.08 -10.09 15.87
CA ASP F 322 45.62 -8.74 15.54
C ASP F 322 44.11 -8.59 15.40
N GLY F 323 43.49 -9.35 14.51
CA GLY F 323 42.13 -9.05 14.08
C GLY F 323 41.20 -10.25 14.08
N ASN F 324 40.02 -10.05 13.49
CA ASN F 324 39.00 -11.07 13.43
C ASN F 324 39.11 -11.87 12.14
N LYS F 325 38.77 -13.16 12.22
CA LYS F 325 38.80 -14.01 11.03
C LYS F 325 37.65 -13.66 10.09
N LEU F 326 36.48 -13.36 10.64
CA LEU F 326 35.32 -13.06 9.80
C LEU F 326 35.55 -11.79 8.98
N PHE F 327 36.18 -10.78 9.57
CA PHE F 327 36.49 -9.57 8.84
C PHE F 327 37.44 -9.85 7.68
N ASN F 328 38.45 -10.69 7.91
CA ASN F 328 39.37 -11.06 6.85
C ASN F 328 38.65 -11.82 5.74
N ILE F 329 37.73 -12.72 6.11
CA ILE F 329 36.97 -13.45 5.09
C ILE F 329 36.14 -12.49 4.27
N ALA F 330 35.49 -11.52 4.91
CA ALA F 330 34.71 -10.52 4.19
C ALA F 330 35.58 -9.70 3.27
N GLN F 331 36.78 -9.34 3.73
CA GLN F 331 37.71 -8.59 2.86
C GLN F 331 38.10 -9.40 1.64
N ARG F 332 38.39 -10.68 1.82
CA ARG F 332 38.74 -11.52 0.67
C ARG F 332 37.58 -11.64 -0.30
N ILE F 333 36.37 -11.83 0.23
CA ILE F 333 35.19 -11.97 -0.65
C ILE F 333 34.97 -10.69 -1.44
N LEU F 334 35.12 -9.53 -0.79
CA LEU F 334 35.03 -8.27 -1.51
C LEU F 334 36.12 -8.16 -2.57
N ASP F 335 37.34 -8.58 -2.23
CA ASP F 335 38.44 -8.53 -3.19
C ASP F 335 38.15 -9.38 -4.42
N THR F 336 37.40 -10.48 -4.26
CA THR F 336 37.02 -11.28 -5.41
C THR F 336 36.11 -10.50 -6.37
N ASN F 337 35.48 -9.44 -5.90
CA ASN F 337 34.62 -8.58 -6.72
C ASN F 337 33.46 -9.38 -7.33
N SER F 338 32.65 -9.96 -6.44
CA SER F 338 31.51 -10.76 -6.85
C SER F 338 30.17 -10.18 -6.40
N VAL F 339 30.16 -9.24 -5.46
CA VAL F 339 28.93 -8.60 -5.00
C VAL F 339 29.09 -7.10 -5.16
N LEU F 340 28.10 -6.45 -5.78
CA LEU F 340 28.19 -5.02 -6.05
C LEU F 340 26.88 -4.35 -5.66
N LEU F 341 26.96 -3.05 -5.41
CA LEU F 341 25.83 -2.23 -5.02
C LEU F 341 25.44 -1.32 -6.17
N THR F 342 24.15 -1.32 -6.52
CA THR F 342 23.63 -0.51 -7.60
C THR F 342 23.00 0.77 -7.07
N GLU F 343 22.74 1.70 -7.98
CA GLU F 343 22.14 2.98 -7.60
C GLU F 343 20.71 2.83 -7.11
N ARG F 344 20.05 1.72 -7.44
CA ARG F 344 18.68 1.48 -6.99
C ARG F 344 18.60 0.97 -5.56
N GLY F 345 19.74 0.69 -4.93
CA GLY F 345 19.75 0.21 -3.56
C GLY F 345 19.73 -1.29 -3.40
N ASP F 346 19.88 -2.04 -4.48
CA ASP F 346 19.92 -3.49 -4.43
C ASP F 346 21.33 -4.00 -4.73
N HIS F 347 21.61 -5.21 -4.28
CA HIS F 347 22.91 -5.84 -4.43
C HIS F 347 22.85 -6.90 -5.53
N ILE F 348 23.76 -6.78 -6.48
CA ILE F 348 23.88 -7.74 -7.57
C ILE F 348 25.01 -8.72 -7.24
N VAL F 349 24.80 -9.99 -7.56
CA VAL F 349 25.68 -11.08 -7.16
C VAL F 349 26.01 -11.92 -8.39
N TRP F 350 27.29 -12.29 -8.52
CA TRP F 350 27.77 -13.09 -9.64
C TRP F 350 27.73 -14.56 -9.23
N ILE F 351 26.67 -15.27 -9.65
CA ILE F 351 26.48 -16.68 -9.33
C ILE F 351 26.19 -17.43 -10.62
N ASN F 352 26.91 -18.54 -10.83
CA ASN F 352 26.67 -19.44 -11.96
C ASN F 352 26.78 -18.70 -13.30
N ASN F 353 27.87 -17.95 -13.45
CA ASN F 353 28.17 -17.25 -14.69
C ASN F 353 27.05 -16.30 -15.11
N SER F 354 26.47 -15.61 -14.12
CA SER F 354 25.42 -14.64 -14.40
C SER F 354 25.32 -13.67 -13.24
N TRP F 355 24.73 -12.51 -13.52
CA TRP F 355 24.45 -11.50 -12.51
C TRP F 355 22.99 -11.61 -12.09
N LYS F 356 22.75 -11.78 -10.80
CA LYS F 356 21.41 -11.93 -10.27
C LYS F 356 21.18 -10.94 -9.14
N PHE F 357 19.94 -10.48 -9.02
CA PHE F 357 19.57 -9.58 -7.95
C PHE F 357 18.15 -9.89 -7.50
N ASN F 358 17.92 -9.85 -6.19
CA ASN F 358 16.61 -10.08 -5.62
C ASN F 358 16.34 -9.02 -4.58
N SER F 359 15.12 -8.47 -4.61
CA SER F 359 14.73 -7.39 -3.70
C SER F 359 14.16 -7.89 -2.39
N GLU F 360 13.98 -9.20 -2.22
CA GLU F 360 13.44 -9.74 -0.98
C GLU F 360 14.14 -11.00 -0.51
N GLU F 361 15.22 -11.44 -1.16
CA GLU F 361 15.93 -12.64 -0.74
C GLU F 361 17.41 -12.33 -0.55
N PRO F 362 18.01 -12.83 0.52
CA PRO F 362 19.45 -12.60 0.73
C PRO F 362 20.33 -13.49 -0.12
N LEU F 363 20.59 -13.09 -1.36
CA LEU F 363 21.49 -13.85 -2.22
C LEU F 363 22.94 -13.81 -1.72
N ILE F 364 23.24 -12.89 -0.80
CA ILE F 364 24.62 -12.76 -0.31
C ILE F 364 25.07 -14.02 0.41
N THR F 365 24.18 -14.61 1.22
CA THR F 365 24.54 -15.84 1.93
C THR F 365 24.78 -16.98 0.95
N LYS F 366 23.96 -17.07 -0.10
CA LYS F 366 24.18 -18.10 -1.10
C LYS F 366 25.51 -17.90 -1.81
N LEU F 367 25.85 -16.64 -2.12
CA LEU F 367 27.15 -16.37 -2.72
C LEU F 367 28.30 -16.76 -1.78
N ILE F 368 28.14 -16.47 -0.49
CA ILE F 368 29.18 -16.80 0.48
C ILE F 368 29.37 -18.30 0.54
N LEU F 369 28.27 -19.06 0.56
CA LEU F 369 28.38 -20.52 0.57
C LEU F 369 29.01 -21.03 -0.71
N SER F 370 28.66 -20.45 -1.86
CA SER F 370 29.16 -20.95 -3.14
C SER F 370 30.63 -20.62 -3.37
N ILE F 371 31.11 -19.49 -2.85
CA ILE F 371 32.47 -19.05 -3.14
C ILE F 371 33.51 -19.69 -2.23
N ARG F 372 33.10 -20.58 -1.33
CA ARG F 372 34.03 -21.16 -0.37
C ARG F 372 35.09 -22.04 -1.01
N HIS F 373 34.91 -22.44 -2.28
CA HIS F 373 35.89 -23.29 -2.93
C HIS F 373 37.12 -22.54 -3.42
N GLN F 374 37.08 -21.21 -3.45
CA GLN F 374 38.19 -20.39 -3.90
C GLN F 374 38.92 -19.71 -2.76
N LEU F 375 38.88 -20.30 -1.57
CA LEU F 375 39.47 -19.76 -0.36
C LEU F 375 40.38 -20.80 0.26
N PRO F 376 41.35 -20.37 1.07
CA PRO F 376 42.25 -21.34 1.73
C PRO F 376 41.52 -22.28 2.66
N LYS F 377 42.23 -23.30 3.15
CA LYS F 377 41.58 -24.35 3.94
C LYS F 377 41.00 -23.80 5.23
N GLU F 378 41.73 -22.92 5.91
CA GLU F 378 41.29 -22.42 7.21
C GLU F 378 40.05 -21.56 7.13
N TYR F 379 39.71 -21.01 5.96
CA TYR F 379 38.53 -20.17 5.83
C TYR F 379 37.30 -20.94 5.39
N SER F 380 37.47 -22.06 4.69
CA SER F 380 36.32 -22.80 4.17
C SER F 380 35.51 -23.44 5.29
N SER F 381 36.16 -23.88 6.37
CA SER F 381 35.46 -24.57 7.43
C SER F 381 34.50 -23.64 8.18
N GLU F 382 34.82 -22.35 8.26
CA GLU F 382 33.99 -21.41 9.01
C GLU F 382 32.70 -21.05 8.28
N LEU F 383 32.63 -21.28 6.98
CA LEU F 383 31.47 -20.88 6.20
C LEU F 383 30.35 -21.93 6.21
N LEU F 384 30.54 -23.03 6.92
CA LEU F 384 29.52 -24.08 7.00
C LEU F 384 28.48 -23.81 8.08
N CYS F 385 28.62 -22.74 8.86
CA CYS F 385 27.67 -22.40 9.89
C CYS F 385 26.85 -21.20 9.47
N PRO F 386 25.52 -21.28 9.53
CA PRO F 386 24.70 -20.16 9.07
C PRO F 386 24.95 -18.84 9.81
N ARG F 387 25.20 -18.90 11.12
CA ARG F 387 25.41 -17.67 11.88
C ARG F 387 26.66 -16.94 11.42
N LYS F 388 27.74 -17.67 11.17
CA LYS F 388 28.95 -17.04 10.65
C LYS F 388 28.70 -16.45 9.27
N ARG F 389 27.89 -17.12 8.45
CA ARG F 389 27.54 -16.57 7.14
C ARG F 389 26.77 -15.26 7.28
N LYS F 390 25.84 -15.20 8.24
CA LYS F 390 25.12 -13.94 8.47
C LYS F 390 26.06 -12.84 8.95
N THR F 391 27.02 -13.18 9.81
CA THR F 391 27.98 -12.19 10.26
C THR F 391 28.82 -11.66 9.10
N VAL F 392 29.28 -12.56 8.23
CA VAL F 392 30.05 -12.14 7.07
C VAL F 392 29.21 -11.28 6.14
N GLU F 393 27.93 -11.63 5.99
CA GLU F 393 27.04 -10.83 5.16
C GLU F 393 26.86 -9.43 5.74
N ALA F 394 26.74 -9.33 7.06
CA ALA F 394 26.64 -8.02 7.71
C ALA F 394 27.89 -7.19 7.48
N ASN F 395 29.06 -7.82 7.62
CA ASN F 395 30.31 -7.10 7.36
C ASN F 395 30.39 -6.62 5.92
N ILE F 396 30.02 -7.47 4.96
CA ILE F 396 30.06 -7.09 3.56
C ILE F 396 29.10 -5.93 3.29
N ARG F 397 27.89 -6.01 3.85
CA ARG F 397 26.92 -4.93 3.66
C ARG F 397 27.41 -3.64 4.26
N ASP F 398 28.13 -3.71 5.39
CA ASP F 398 28.68 -2.50 5.99
C ASP F 398 29.82 -1.93 5.13
N MET F 399 30.56 -2.80 4.45
CA MET F 399 31.74 -2.38 3.70
C MET F 399 31.39 -1.66 2.39
N LEU F 400 30.20 -1.83 1.85
CA LEU F 400 29.84 -1.29 0.54
C LEU F 400 29.30 0.13 0.74
N VAL F 401 29.97 1.11 0.15
CA VAL F 401 29.61 2.51 0.32
C VAL F 401 29.18 3.12 -1.02
N ASP F 402 29.94 2.85 -2.07
CA ASP F 402 29.73 3.47 -3.36
C ASP F 402 28.90 2.55 -4.26
N SER F 403 28.25 3.16 -5.25
CA SER F 403 27.41 2.46 -6.21
C SER F 403 28.10 2.39 -7.57
N VAL F 404 27.60 1.48 -8.40
CA VAL F 404 28.13 1.28 -9.74
C VAL F 404 26.98 1.22 -10.73
N GLU F 405 27.29 1.53 -11.98
CA GLU F 405 26.30 1.51 -13.05
C GLU F 405 26.29 0.16 -13.75
N THR F 406 25.14 -0.20 -14.31
CA THR F 406 24.95 -1.49 -14.95
C THR F 406 24.24 -1.30 -16.28
N ASP F 407 24.44 -2.27 -17.19
CA ASP F 407 23.82 -2.28 -18.51
C ASP F 407 24.14 -1.00 -19.29
N THR F 408 25.43 -0.83 -19.58
CA THR F 408 25.92 0.35 -20.27
C THR F 408 26.31 0.09 -21.71
N TYR F 409 26.41 -1.17 -22.13
CA TYR F 409 26.82 -1.49 -23.49
C TYR F 409 25.61 -1.93 -24.29
N PRO F 410 25.14 -1.14 -25.26
CA PRO F 410 23.96 -1.53 -26.04
C PRO F 410 24.25 -2.50 -27.17
N ASP F 411 25.52 -2.82 -27.43
CA ASP F 411 25.89 -3.67 -28.56
C ASP F 411 26.19 -5.11 -28.16
N LYS F 412 25.81 -5.51 -26.94
CA LYS F 412 26.06 -6.86 -26.45
C LYS F 412 24.73 -7.54 -26.16
N LEU F 413 24.57 -8.78 -26.64
CA LEU F 413 23.36 -9.55 -26.40
C LEU F 413 23.63 -10.56 -25.31
N PRO F 414 22.97 -10.46 -24.15
CA PRO F 414 23.24 -11.38 -23.06
C PRO F 414 22.40 -12.65 -23.14
N PHE F 415 22.92 -13.69 -22.50
CA PHE F 415 22.22 -14.98 -22.38
C PHE F 415 22.41 -15.47 -20.95
N LYS F 416 21.99 -16.71 -20.70
CA LYS F 416 22.20 -17.30 -19.39
C LYS F 416 23.56 -17.98 -19.26
N ASN F 417 24.25 -18.21 -20.37
CA ASN F 417 25.56 -18.85 -20.35
C ASN F 417 26.67 -17.95 -20.88
N GLY F 418 26.34 -16.74 -21.33
CA GLY F 418 27.35 -15.84 -21.83
C GLY F 418 26.70 -14.66 -22.55
N VAL F 419 27.55 -13.93 -23.26
CA VAL F 419 27.15 -12.73 -24.00
C VAL F 419 27.81 -12.77 -25.36
N LEU F 420 27.05 -12.45 -26.41
CA LEU F 420 27.62 -12.37 -27.75
C LEU F 420 27.73 -10.92 -28.18
N ASP F 421 28.79 -10.61 -28.92
CA ASP F 421 29.02 -9.26 -29.40
C ASP F 421 28.39 -9.08 -30.78
N LEU F 422 27.61 -8.01 -30.92
CA LEU F 422 26.89 -7.76 -32.17
C LEU F 422 27.79 -7.25 -33.28
N VAL F 423 28.99 -6.75 -32.96
CA VAL F 423 29.88 -6.22 -33.99
C VAL F 423 30.82 -7.28 -34.56
N ASP F 424 30.96 -8.43 -33.89
CA ASP F 424 31.84 -9.48 -34.35
C ASP F 424 31.20 -10.87 -34.37
N GLY F 425 30.15 -11.11 -33.60
CA GLY F 425 29.53 -12.41 -33.54
C GLY F 425 30.20 -13.40 -32.62
N MET F 426 31.31 -13.03 -31.98
CA MET F 426 32.01 -13.94 -31.08
C MET F 426 31.27 -14.01 -29.74
N PHE F 427 31.23 -15.21 -29.17
CA PHE F 427 30.46 -15.46 -27.96
C PHE F 427 31.40 -15.65 -26.78
N TYR F 428 31.32 -14.75 -25.80
CA TYR F 428 32.12 -14.81 -24.59
C TYR F 428 31.33 -15.55 -23.51
N SER F 429 31.98 -16.50 -22.86
CA SER F 429 31.35 -17.30 -21.82
C SER F 429 32.20 -17.26 -20.56
N GLY F 430 31.53 -17.47 -19.42
CA GLY F 430 32.24 -17.49 -18.16
C GLY F 430 32.75 -16.11 -17.76
N ASP F 431 33.97 -16.09 -17.23
CA ASP F 431 34.58 -14.86 -16.71
C ASP F 431 34.69 -13.77 -17.77
N ASP F 432 34.80 -14.12 -19.05
CA ASP F 432 34.86 -13.11 -20.09
C ASP F 432 33.59 -12.27 -20.14
N ALA F 433 32.46 -12.85 -19.75
CA ALA F 433 31.20 -12.12 -19.74
C ALA F 433 31.01 -11.27 -18.49
N LYS F 434 31.89 -11.38 -17.51
CA LYS F 434 31.73 -10.62 -16.27
C LYS F 434 31.99 -9.13 -16.50
N LYS F 435 32.75 -8.78 -17.56
CA LYS F 435 33.06 -7.39 -17.82
C LYS F 435 31.81 -6.56 -18.07
N TYR F 436 30.87 -7.11 -18.84
CA TYR F 436 29.64 -6.40 -19.20
C TYR F 436 28.59 -6.71 -18.14
N THR F 437 28.30 -5.72 -17.29
CA THR F 437 27.35 -5.90 -16.20
C THR F 437 25.94 -5.88 -16.77
N CYS F 438 25.47 -7.05 -17.18
CA CYS F 438 24.13 -7.22 -17.74
C CYS F 438 23.26 -7.94 -16.71
N THR F 439 22.16 -7.31 -16.32
CA THR F 439 21.25 -7.86 -15.33
C THR F 439 20.03 -8.52 -15.95
N VAL F 440 19.98 -8.65 -17.28
CA VAL F 440 18.87 -9.28 -17.97
C VAL F 440 19.42 -10.29 -18.95
N SER F 441 18.56 -11.23 -19.37
CA SER F 441 18.97 -12.27 -20.28
C SER F 441 17.78 -12.67 -21.15
N THR F 442 18.09 -13.29 -22.29
CA THR F 442 17.04 -13.75 -23.19
C THR F 442 16.23 -14.88 -22.59
N GLY F 443 16.84 -15.68 -21.72
CA GLY F 443 16.18 -16.80 -21.08
C GLY F 443 16.51 -18.15 -21.68
N PHE F 444 17.02 -18.18 -22.91
CA PHE F 444 17.45 -19.43 -23.55
C PHE F 444 18.95 -19.39 -23.77
N LYS F 445 19.62 -20.49 -23.44
CA LYS F 445 21.07 -20.55 -23.53
C LYS F 445 21.52 -20.60 -24.98
N PHE F 446 22.70 -20.01 -25.22
CA PHE F 446 23.28 -20.02 -26.56
C PHE F 446 23.82 -21.40 -26.90
N ASP F 447 23.82 -21.71 -28.19
CA ASP F 447 24.31 -23.00 -28.67
C ASP F 447 24.72 -22.85 -30.12
N ASP F 448 26.00 -23.10 -30.41
CA ASP F 448 26.51 -22.90 -31.76
C ASP F 448 26.12 -24.05 -32.69
N THR F 449 25.66 -25.18 -32.16
CA THR F 449 25.30 -26.31 -33.00
C THR F 449 24.15 -25.96 -33.94
N LYS F 450 23.15 -25.23 -33.45
CA LYS F 450 22.07 -24.77 -34.31
C LYS F 450 22.39 -23.45 -35.01
N PHE F 451 23.52 -22.82 -34.66
CA PHE F 451 23.92 -21.55 -35.26
C PHE F 451 24.76 -21.80 -36.52
N VAL F 452 24.14 -22.47 -37.49
CA VAL F 452 24.80 -22.87 -38.73
C VAL F 452 23.99 -22.33 -39.90
N GLU F 453 24.66 -21.65 -40.83
CA GLU F 453 24.00 -21.15 -42.03
C GLU F 453 23.54 -22.29 -42.92
N ASP F 454 24.42 -23.28 -43.15
CA ASP F 454 24.12 -24.40 -44.04
C ASP F 454 23.34 -25.45 -43.27
N SER F 455 22.08 -25.14 -42.99
CA SER F 455 21.18 -26.04 -42.31
C SER F 455 19.85 -26.12 -43.05
N PRO F 456 19.20 -27.29 -43.05
CA PRO F 456 17.90 -27.40 -43.73
C PRO F 456 16.84 -26.47 -43.15
N GLU F 457 16.92 -26.16 -41.86
CA GLU F 457 15.92 -25.30 -41.25
C GLU F 457 16.01 -23.87 -41.78
N MET F 458 17.23 -23.43 -42.09
CA MET F 458 17.41 -22.08 -42.63
C MET F 458 16.80 -21.95 -44.01
N GLU F 459 16.88 -22.99 -44.84
CA GLU F 459 16.51 -22.85 -46.25
C GLU F 459 15.03 -22.54 -46.42
N GLU F 460 14.18 -23.16 -45.59
CA GLU F 460 12.73 -22.96 -45.71
C GLU F 460 12.26 -21.62 -45.18
N LEU F 461 13.14 -20.82 -44.57
CA LEU F 461 12.72 -19.54 -44.02
C LEU F 461 12.66 -18.45 -45.08
N MET F 462 13.46 -18.56 -46.15
CA MET F 462 13.36 -17.60 -47.24
C MET F 462 12.01 -17.66 -47.94
N ASN F 463 11.38 -18.85 -47.96
CA ASN F 463 10.04 -18.97 -48.52
C ASN F 463 9.04 -18.13 -47.74
N ILE F 464 9.07 -18.24 -46.41
CA ILE F 464 8.17 -17.45 -45.57
C ILE F 464 8.46 -15.97 -45.71
N ILE F 465 9.75 -15.59 -45.71
CA ILE F 465 10.08 -14.18 -45.80
C ILE F 465 9.70 -13.60 -47.17
N ASN F 466 9.72 -14.41 -48.23
CA ASN F 466 9.28 -13.93 -49.52
C ASN F 466 7.77 -13.85 -49.60
N ASP F 467 7.06 -14.79 -48.94
CA ASP F 467 5.61 -14.71 -48.88
C ASP F 467 5.17 -13.44 -48.16
N ILE F 468 5.78 -13.14 -47.02
CA ILE F 468 5.44 -11.93 -46.29
C ILE F 468 5.92 -10.69 -47.02
N GLN F 469 7.18 -10.70 -47.48
CA GLN F 469 7.79 -9.56 -48.16
C GLN F 469 8.38 -10.03 -49.47
N PRO F 470 7.63 -9.94 -50.56
CA PRO F 470 8.19 -10.30 -51.87
C PRO F 470 9.38 -9.43 -52.23
N LEU F 471 10.39 -10.06 -52.84
CA LEU F 471 11.61 -9.36 -53.24
C LEU F 471 11.37 -8.73 -54.61
N THR F 472 10.55 -7.67 -54.62
CA THR F 472 10.18 -6.96 -55.82
C THR F 472 10.68 -5.53 -55.74
N ASP F 473 10.98 -4.95 -56.92
CA ASP F 473 11.61 -3.63 -56.95
C ASP F 473 10.70 -2.55 -56.40
N GLU F 474 9.41 -2.55 -56.78
CA GLU F 474 8.52 -1.47 -56.34
C GLU F 474 8.34 -1.46 -54.83
N ASN F 475 8.60 -2.59 -54.17
CA ASN F 475 8.50 -2.69 -52.72
C ASN F 475 9.86 -2.63 -52.03
N LYS F 476 10.95 -2.43 -52.78
CA LYS F 476 12.28 -2.53 -52.19
C LYS F 476 12.45 -1.52 -51.07
N LYS F 477 11.98 -0.29 -51.26
CA LYS F 477 12.02 0.70 -50.19
C LYS F 477 11.33 0.17 -48.94
N ASN F 478 10.11 -0.36 -49.10
CA ASN F 478 9.45 -1.01 -47.98
C ASN F 478 10.33 -2.11 -47.39
N ARG F 479 10.90 -2.95 -48.26
CA ARG F 479 11.84 -3.96 -47.78
C ARG F 479 13.00 -3.30 -47.06
N GLU F 480 13.55 -2.23 -47.63
CA GLU F 480 14.63 -1.51 -46.98
C GLU F 480 14.20 -1.00 -45.62
N LEU F 481 12.93 -0.60 -45.49
CA LEU F 481 12.42 -0.19 -44.19
C LEU F 481 12.15 -1.39 -43.29
N TYR F 482 11.69 -2.50 -43.89
CA TYR F 482 11.21 -3.62 -43.07
C TYR F 482 12.31 -4.17 -42.19
N GLU F 483 13.52 -4.32 -42.74
CA GLU F 483 14.64 -4.83 -41.94
C GLU F 483 15.13 -3.81 -40.91
N LYS F 484 14.87 -2.52 -41.13
CA LYS F 484 15.38 -1.51 -40.20
C LYS F 484 14.74 -1.66 -38.83
N THR F 485 13.42 -1.82 -38.79
CA THR F 485 12.75 -2.01 -37.50
C THR F 485 13.06 -3.38 -36.92
N LEU F 486 13.05 -4.42 -37.76
CA LEU F 486 13.25 -5.78 -37.27
C LEU F 486 14.61 -5.94 -36.60
N SER F 487 15.66 -5.38 -37.20
CA SER F 487 16.98 -5.44 -36.59
C SER F 487 17.13 -4.48 -35.42
N SER F 488 16.21 -3.51 -35.27
CA SER F 488 16.33 -2.53 -34.20
C SER F 488 16.00 -3.10 -32.83
N CYS F 489 15.46 -4.33 -32.76
CA CYS F 489 15.06 -4.88 -31.48
C CYS F 489 16.24 -5.40 -30.66
N LEU F 490 17.40 -5.60 -31.29
CA LEU F 490 18.52 -6.22 -30.60
C LEU F 490 19.18 -5.30 -29.58
N CYS F 491 19.38 -4.03 -29.93
CA CYS F 491 20.13 -3.14 -29.07
C CYS F 491 19.32 -2.73 -27.84
N GLY F 492 20.03 -2.15 -26.87
CA GLY F 492 19.41 -1.67 -25.65
C GLY F 492 19.55 -0.17 -25.48
N ALA F 493 19.35 0.58 -26.56
CA ALA F 493 19.41 2.03 -26.54
C ALA F 493 18.03 2.61 -26.86
N THR F 494 17.81 3.84 -26.45
CA THR F 494 16.52 4.48 -26.66
C THR F 494 16.28 4.78 -28.14
N LYS F 495 15.09 4.48 -28.62
CA LYS F 495 14.71 4.71 -30.00
C LYS F 495 13.78 5.92 -30.09
N GLY F 496 14.00 6.75 -31.10
CA GLY F 496 13.26 8.00 -31.22
C GLY F 496 12.14 7.99 -32.25
N CYS F 497 11.67 6.81 -32.66
CA CYS F 497 10.65 6.71 -33.68
C CYS F 497 9.63 5.64 -33.30
N LEU F 498 8.44 5.78 -33.88
CA LEU F 498 7.33 4.85 -33.68
C LEU F 498 7.04 4.16 -35.01
N THR F 499 6.76 2.86 -34.94
CA THR F 499 6.56 2.08 -36.16
C THR F 499 5.18 1.44 -36.18
N PHE F 500 4.59 1.45 -37.38
CA PHE F 500 3.22 1.00 -37.63
C PHE F 500 3.27 -0.18 -38.57
N PHE F 501 2.28 -1.06 -38.45
CA PHE F 501 2.09 -2.19 -39.37
C PHE F 501 0.66 -2.10 -39.88
N PHE F 502 0.49 -1.61 -41.11
CA PHE F 502 -0.81 -1.36 -41.70
C PHE F 502 -1.05 -2.30 -42.86
N GLY F 503 -2.23 -2.92 -42.89
CA GLY F 503 -2.57 -3.82 -43.97
C GLY F 503 -3.91 -4.46 -43.68
N GLU F 504 -4.37 -5.26 -44.64
CA GLU F 504 -5.62 -5.98 -44.48
C GLU F 504 -5.45 -7.11 -43.45
N THR F 505 -6.59 -7.65 -43.02
CA THR F 505 -6.56 -8.74 -42.06
C THR F 505 -6.09 -10.02 -42.75
N ALA F 506 -5.65 -10.97 -41.92
CA ALA F 506 -5.19 -12.29 -42.38
C ALA F 506 -4.07 -12.16 -43.41
N THR F 507 -3.14 -11.25 -43.15
CA THR F 507 -1.96 -11.06 -43.99
C THR F 507 -0.70 -11.60 -43.33
N GLY F 508 -0.85 -12.40 -42.28
CA GLY F 508 0.30 -13.00 -41.62
C GLY F 508 1.13 -12.05 -40.78
N LYS F 509 0.53 -10.96 -40.28
CA LYS F 509 1.29 -10.04 -39.44
C LYS F 509 1.73 -10.70 -38.15
N SER F 510 0.95 -11.64 -37.63
CA SER F 510 1.32 -12.36 -36.42
C SER F 510 2.46 -13.34 -36.64
N THR F 511 2.77 -13.68 -37.90
CA THR F 511 3.90 -14.57 -38.16
C THR F 511 5.21 -13.92 -37.72
N THR F 512 5.40 -12.64 -38.07
CA THR F 512 6.58 -11.92 -37.61
C THR F 512 6.58 -11.79 -36.09
N LYS F 513 5.42 -11.57 -35.49
CA LYS F 513 5.33 -11.49 -34.04
C LYS F 513 5.83 -12.77 -33.38
N ARG F 514 5.30 -13.91 -33.81
CA ARG F 514 5.70 -15.18 -33.21
C ARG F 514 7.13 -15.57 -33.55
N LEU F 515 7.65 -15.15 -34.70
CA LEU F 515 9.04 -15.41 -35.02
C LEU F 515 9.97 -14.58 -34.13
N LEU F 516 9.68 -13.29 -34.00
CA LEU F 516 10.50 -12.40 -33.19
C LEU F 516 10.46 -12.76 -31.71
N LYS F 517 9.29 -13.16 -31.20
CA LYS F 517 9.22 -13.55 -29.79
C LYS F 517 10.14 -14.73 -29.51
N SER F 518 10.08 -15.75 -30.36
CA SER F 518 10.95 -16.91 -30.19
C SER F 518 12.42 -16.55 -30.35
N ALA F 519 12.73 -15.69 -31.33
CA ALA F 519 14.11 -15.30 -31.56
C ALA F 519 14.68 -14.53 -30.38
N ILE F 520 13.88 -13.64 -29.80
CA ILE F 520 14.38 -12.77 -28.74
C ILE F 520 14.37 -13.44 -27.37
N GLY F 521 13.28 -14.08 -26.97
CA GLY F 521 13.22 -14.68 -25.65
C GLY F 521 12.39 -13.84 -24.70
N ASP F 522 12.94 -13.56 -23.53
CA ASP F 522 12.21 -12.86 -22.48
C ASP F 522 12.10 -11.36 -22.73
N LEU F 523 12.96 -10.78 -23.57
CA LEU F 523 12.97 -9.34 -23.75
C LEU F 523 11.77 -8.82 -24.53
N PHE F 524 11.02 -9.68 -25.20
CA PHE F 524 9.82 -9.29 -25.94
C PHE F 524 8.61 -9.37 -25.03
N VAL F 525 7.76 -8.34 -25.05
CA VAL F 525 6.55 -8.33 -24.24
C VAL F 525 5.39 -7.75 -25.05
N GLU F 526 4.22 -8.35 -24.88
CA GLU F 526 2.98 -7.87 -25.47
C GLU F 526 2.25 -7.02 -24.43
N THR F 527 1.84 -5.81 -24.84
CA THR F 527 1.17 -4.88 -23.95
C THR F 527 -0.17 -4.49 -24.53
N GLY F 528 -1.19 -4.41 -23.67
CA GLY F 528 -2.54 -4.09 -24.10
C GLY F 528 -2.73 -2.65 -24.55
N GLN F 529 -3.97 -2.18 -24.48
CA GLN F 529 -4.35 -0.86 -24.99
C GLN F 529 -4.34 0.23 -23.93
N THR F 530 -3.84 -0.07 -22.72
CA THR F 530 -3.86 0.92 -21.66
C THR F 530 -2.92 2.09 -21.93
N ILE F 531 -1.75 1.83 -22.51
CA ILE F 531 -0.67 2.81 -22.47
C ILE F 531 -0.91 3.96 -23.44
N LEU F 532 -1.64 3.72 -24.53
CA LEU F 532 -1.81 4.78 -25.53
C LEU F 532 -3.08 5.57 -25.29
N THR F 533 -4.03 5.00 -24.54
CA THR F 533 -5.31 5.66 -24.27
C THR F 533 -5.44 6.06 -22.81
N ASP F 534 -5.32 5.10 -21.90
CA ASP F 534 -5.54 5.36 -20.49
C ASP F 534 -4.42 6.19 -19.90
N VAL F 535 -4.76 6.97 -18.88
CA VAL F 535 -3.78 7.79 -18.17
C VAL F 535 -2.95 6.92 -17.23
N LEU F 536 -1.64 7.05 -17.33
CA LEU F 536 -0.72 6.27 -16.51
C LEU F 536 -0.14 7.05 -15.34
N ASP F 537 -0.18 8.38 -15.37
CA ASP F 537 0.35 9.16 -14.25
C ASP F 537 -0.56 9.11 -13.03
N LYS F 538 -1.82 8.71 -13.20
CA LYS F 538 -2.78 8.66 -12.10
C LYS F 538 -3.18 7.21 -11.86
N GLY F 539 -3.12 6.79 -10.60
CA GLY F 539 -3.50 5.45 -10.22
C GLY F 539 -2.37 4.45 -10.43
N PRO F 540 -2.56 3.23 -9.93
CA PRO F 540 -1.54 2.19 -10.11
C PRO F 540 -1.50 1.71 -11.56
N ASN F 541 -0.37 1.91 -12.21
CA ASN F 541 -0.18 1.57 -13.62
C ASN F 541 1.09 0.72 -13.77
N PRO F 542 0.99 -0.59 -13.54
CA PRO F 542 2.16 -1.46 -13.71
C PRO F 542 2.62 -1.61 -15.15
N PHE F 543 1.85 -1.09 -16.11
CA PHE F 543 2.23 -1.19 -17.52
C PHE F 543 3.56 -0.49 -17.77
N ILE F 544 3.74 0.70 -17.19
CA ILE F 544 5.03 1.38 -17.31
C ILE F 544 6.06 0.74 -16.39
N ALA F 545 5.61 -0.03 -15.40
CA ALA F 545 6.54 -0.66 -14.46
C ALA F 545 7.25 -1.85 -15.10
N ASN F 546 6.53 -2.68 -15.84
CA ASN F 546 7.14 -3.90 -16.34
C ASN F 546 8.02 -3.67 -17.57
N MET F 547 7.92 -2.52 -18.21
CA MET F 547 8.71 -2.26 -19.42
C MET F 547 10.17 -1.96 -19.12
N HIS F 548 10.51 -1.75 -17.85
CA HIS F 548 11.88 -1.44 -17.46
C HIS F 548 12.83 -2.55 -17.90
N LEU F 549 13.95 -2.17 -18.51
CA LEU F 549 14.97 -3.10 -19.00
C LEU F 549 14.37 -4.16 -19.93
N LYS F 550 13.54 -3.69 -20.87
CA LYS F 550 13.00 -4.53 -21.92
C LYS F 550 13.42 -3.97 -23.26
N ARG F 551 13.53 -4.84 -24.26
CA ARG F 551 14.04 -4.44 -25.57
C ARG F 551 12.98 -4.39 -26.65
N SER F 552 11.75 -4.84 -26.36
CA SER F 552 10.70 -4.81 -27.37
C SER F 552 9.31 -4.93 -26.74
N VAL F 553 8.45 -3.96 -27.01
CA VAL F 553 7.05 -4.02 -26.60
C VAL F 553 6.19 -3.99 -27.85
N PHE F 554 5.06 -4.69 -27.78
CA PHE F 554 4.16 -4.81 -28.93
C PHE F 554 2.77 -4.34 -28.55
N CYS F 555 2.05 -3.79 -29.52
CA CYS F 555 0.66 -3.40 -29.31
C CYS F 555 -0.14 -3.57 -30.59
N SER F 556 -1.28 -4.25 -30.48
CA SER F 556 -2.06 -4.68 -31.62
C SER F 556 -3.54 -4.58 -31.31
N GLU F 557 -4.34 -5.23 -32.16
CA GLU F 557 -5.80 -5.38 -32.03
C GLU F 557 -6.49 -4.07 -31.62
N LEU F 558 -6.04 -2.99 -32.22
CA LEU F 558 -6.67 -1.70 -31.99
C LEU F 558 -8.03 -1.65 -32.68
N PRO F 559 -9.10 -1.35 -31.96
CA PRO F 559 -10.44 -1.37 -32.56
C PRO F 559 -10.74 -0.06 -33.28
N ASP F 560 -11.97 0.05 -33.76
CA ASP F 560 -12.43 1.27 -34.42
C ASP F 560 -12.49 2.42 -33.42
N PHE F 561 -12.14 3.61 -33.89
CA PHE F 561 -12.18 4.80 -33.06
C PHE F 561 -13.43 5.65 -33.27
N ALA F 562 -14.13 5.46 -34.39
CA ALA F 562 -15.36 6.21 -34.65
C ALA F 562 -16.58 5.58 -33.99
N CYS F 563 -16.46 4.38 -33.43
CA CYS F 563 -17.57 3.73 -32.76
C CYS F 563 -17.96 4.49 -31.50
N SER F 564 -19.26 4.45 -31.19
CA SER F 564 -19.76 5.12 -29.99
C SER F 564 -19.17 4.47 -28.74
N GLY F 565 -18.70 5.30 -27.81
CA GLY F 565 -18.09 4.83 -26.59
C GLY F 565 -16.61 4.53 -26.68
N SER F 566 -16.03 4.59 -27.88
CA SER F 566 -14.60 4.36 -28.04
C SER F 566 -13.83 5.59 -27.62
N LYS F 567 -12.81 5.39 -26.79
CA LYS F 567 -11.99 6.49 -26.29
C LYS F 567 -10.92 6.84 -27.31
N LYS F 568 -10.91 8.11 -27.74
CA LYS F 568 -9.89 8.58 -28.65
C LYS F 568 -8.52 8.58 -27.98
N ILE F 569 -7.51 8.19 -28.73
CA ILE F 569 -6.16 8.11 -28.18
C ILE F 569 -5.61 9.51 -27.96
N ARG F 570 -5.16 9.77 -26.74
CA ARG F 570 -4.47 11.01 -26.41
C ARG F 570 -3.01 10.89 -26.81
N SER F 571 -2.49 11.91 -27.47
CA SER F 571 -1.15 11.80 -28.05
C SER F 571 -0.04 12.04 -27.05
N ASP F 572 -0.34 12.56 -25.85
CA ASP F 572 0.71 12.87 -24.88
C ASP F 572 1.51 11.63 -24.50
N ASN F 573 0.86 10.46 -24.48
CA ASN F 573 1.57 9.23 -24.15
C ASN F 573 2.68 8.95 -25.15
N ILE F 574 2.42 9.17 -26.44
CA ILE F 574 3.46 8.95 -27.44
C ILE F 574 4.38 10.15 -27.59
N LYS F 575 3.97 11.34 -27.12
CA LYS F 575 4.93 12.44 -27.01
C LYS F 575 6.02 12.09 -26.02
N LYS F 576 5.63 11.61 -24.83
CA LYS F 576 6.58 11.35 -23.75
C LYS F 576 7.06 9.90 -23.71
N LEU F 577 6.60 9.06 -24.65
CA LEU F 577 6.98 7.65 -24.60
C LEU F 577 8.39 7.42 -25.12
N THR F 578 8.81 8.15 -26.15
CA THR F 578 10.07 7.87 -26.83
C THR F 578 11.26 8.61 -26.24
N GLU F 579 11.05 9.46 -25.24
CA GLU F 579 12.18 10.15 -24.64
C GLU F 579 13.01 9.17 -23.80
N PRO F 580 14.31 9.46 -23.58
CA PRO F 580 15.20 8.44 -23.00
C PRO F 580 14.71 7.75 -21.74
N CYS F 581 14.43 8.50 -20.67
CA CYS F 581 14.10 7.91 -19.37
C CYS F 581 12.69 8.32 -18.97
N VAL F 582 11.82 7.33 -18.81
CA VAL F 582 10.42 7.59 -18.51
C VAL F 582 10.25 7.88 -17.03
N ILE F 583 9.45 8.89 -16.71
CA ILE F 583 9.16 9.26 -15.32
C ILE F 583 7.84 8.60 -14.96
N GLY F 584 7.93 7.37 -14.46
CA GLY F 584 6.74 6.65 -14.03
C GLY F 584 7.07 5.54 -13.05
N ARG F 585 6.35 5.52 -11.93
CA ARG F 585 6.57 4.52 -10.89
C ARG F 585 5.24 4.12 -10.29
N PRO F 586 5.12 2.89 -9.81
CA PRO F 586 3.91 2.46 -9.12
C PRO F 586 3.95 2.88 -7.66
N CYS F 587 2.91 2.51 -6.92
CA CYS F 587 2.83 2.83 -5.50
C CYS F 587 3.90 2.06 -4.73
N PHE F 588 4.44 2.71 -3.70
CA PHE F 588 5.46 2.12 -2.83
C PHE F 588 6.67 1.66 -3.64
N SER F 589 7.12 2.50 -4.56
CA SER F 589 8.29 2.21 -5.39
C SER F 589 9.30 3.33 -5.24
N ASN F 590 10.56 2.97 -4.97
CA ASN F 590 11.63 3.93 -4.80
C ASN F 590 12.34 4.27 -6.10
N LYS F 591 12.05 3.57 -7.19
CA LYS F 591 12.67 3.83 -8.48
C LYS F 591 11.76 4.74 -9.29
N ILE F 592 12.21 5.96 -9.56
CA ILE F 592 11.43 6.93 -10.31
C ILE F 592 11.94 6.97 -11.75
N ASN F 593 13.23 6.71 -11.93
CA ASN F 593 13.86 6.73 -13.24
C ASN F 593 13.81 5.33 -13.85
N ASN F 594 13.09 5.19 -14.96
CA ASN F 594 12.99 3.92 -15.66
C ASN F 594 13.61 4.08 -17.04
N ARG F 595 14.59 3.23 -17.35
CA ARG F 595 15.25 3.28 -18.64
C ARG F 595 14.31 2.75 -19.72
N ASN F 596 14.13 3.52 -20.78
CA ASN F 596 13.25 3.18 -21.88
C ASN F 596 14.13 2.96 -23.12
N HIS F 597 14.42 1.70 -23.42
CA HIS F 597 15.23 1.34 -24.58
C HIS F 597 14.60 0.15 -25.30
N ALA F 598 13.28 0.12 -25.34
CA ALA F 598 12.53 -0.93 -26.03
C ALA F 598 12.02 -0.42 -27.36
N THR F 599 11.95 -1.32 -28.34
CA THR F 599 11.37 -1.01 -29.63
C THR F 599 9.84 -1.05 -29.52
N ILE F 600 9.20 0.02 -29.97
CA ILE F 600 7.76 0.17 -29.87
C ILE F 600 7.16 -0.12 -31.24
N ILE F 601 6.34 -1.17 -31.32
CA ILE F 601 5.73 -1.59 -32.57
C ILE F 601 4.22 -1.66 -32.37
N ILE F 602 3.46 -1.02 -33.27
CA ILE F 602 2.02 -1.11 -33.28
C ILE F 602 1.59 -1.74 -34.59
N ASP F 603 0.57 -2.60 -34.55
CA ASP F 603 0.00 -3.17 -35.77
C ASP F 603 -1.51 -2.99 -35.75
N THR F 604 -2.06 -2.48 -36.85
CA THR F 604 -3.48 -2.17 -36.93
C THR F 604 -3.99 -2.45 -38.33
N ASN F 605 -5.17 -3.08 -38.41
CA ASN F 605 -5.83 -3.25 -39.71
C ASN F 605 -6.59 -2.00 -40.13
N TYR F 606 -6.94 -1.14 -39.19
CA TYR F 606 -7.71 0.06 -39.45
C TYR F 606 -6.78 1.25 -39.70
N LYS F 607 -7.33 2.29 -40.31
CA LYS F 607 -6.56 3.50 -40.54
C LYS F 607 -6.47 4.30 -39.24
N PRO F 608 -5.27 4.64 -38.77
CA PRO F 608 -5.15 5.37 -37.51
C PRO F 608 -5.68 6.79 -37.62
N VAL F 609 -6.14 7.32 -36.49
CA VAL F 609 -6.63 8.69 -36.40
C VAL F 609 -6.09 9.31 -35.11
N PHE F 610 -5.68 10.56 -35.19
CA PHE F 610 -5.09 11.28 -34.06
C PHE F 610 -5.96 12.45 -33.67
N ASP F 611 -6.04 12.69 -32.35
CA ASP F 611 -6.87 13.77 -31.85
C ASP F 611 -6.25 15.14 -32.08
N ARG F 612 -4.94 15.27 -31.90
CA ARG F 612 -4.26 16.54 -32.03
C ARG F 612 -3.08 16.40 -32.98
N ILE F 613 -2.88 17.40 -33.83
CA ILE F 613 -1.84 17.39 -34.85
C ILE F 613 -1.03 18.67 -34.74
N ASP F 614 0.30 18.53 -34.79
CA ASP F 614 1.22 19.66 -34.83
C ASP F 614 2.28 19.34 -35.87
N ASN F 615 3.35 20.16 -35.89
CA ASN F 615 4.38 20.02 -36.91
C ASN F 615 5.40 18.94 -36.58
N ALA F 616 5.66 18.67 -35.30
CA ALA F 616 6.75 17.80 -34.93
C ALA F 616 6.48 16.34 -35.26
N LEU F 617 5.21 15.93 -35.29
CA LEU F 617 4.87 14.52 -35.43
C LEU F 617 5.14 13.95 -36.81
N MET F 618 5.44 14.79 -37.80
CA MET F 618 5.91 14.27 -39.08
C MET F 618 7.33 13.71 -38.98
N ARG F 619 8.02 13.95 -37.86
CA ARG F 619 9.37 13.43 -37.64
C ARG F 619 9.41 12.34 -36.58
N ARG F 620 8.26 11.85 -36.11
CA ARG F 620 8.24 10.87 -35.04
C ARG F 620 7.31 9.70 -35.31
N ILE F 621 6.87 9.49 -36.55
CA ILE F 621 5.96 8.40 -36.88
C ILE F 621 6.45 7.72 -38.16
N ALA F 622 6.49 6.40 -38.14
CA ALA F 622 6.86 5.59 -39.29
C ALA F 622 5.82 4.49 -39.48
N VAL F 623 5.60 4.11 -40.73
CA VAL F 623 4.58 3.13 -41.09
C VAL F 623 5.15 2.14 -42.10
N VAL F 624 4.78 0.88 -41.94
CA VAL F 624 5.13 -0.19 -42.87
C VAL F 624 3.84 -0.85 -43.34
N ARG F 625 3.67 -0.94 -44.65
CA ARG F 625 2.45 -1.47 -45.25
C ARG F 625 2.68 -2.90 -45.74
N PHE F 626 1.64 -3.71 -45.63
CA PHE F 626 1.67 -5.10 -46.07
C PHE F 626 0.79 -5.24 -47.31
N ARG F 627 1.37 -5.75 -48.39
CA ARG F 627 0.68 -5.85 -49.68
C ARG F 627 0.55 -7.30 -50.15
N THR F 628 0.62 -8.27 -49.25
CA THR F 628 0.49 -9.67 -49.61
C THR F 628 -0.50 -10.35 -48.67
N HIS F 629 -1.20 -11.36 -49.20
CA HIS F 629 -2.28 -12.02 -48.50
C HIS F 629 -1.86 -13.41 -48.04
N PHE F 630 -2.22 -13.74 -46.79
CA PHE F 630 -2.07 -15.09 -46.27
C PHE F 630 -3.37 -15.86 -46.52
N SER F 631 -3.63 -16.08 -47.80
CA SER F 631 -4.92 -16.59 -48.26
C SER F 631 -5.07 -18.08 -47.95
N GLN F 632 -6.29 -18.57 -48.09
CA GLN F 632 -6.66 -19.94 -47.81
C GLN F 632 -7.15 -20.61 -49.10
N PRO F 633 -6.73 -21.85 -49.37
CA PRO F 633 -7.15 -22.49 -50.63
C PRO F 633 -8.66 -22.66 -50.77
N SER F 634 -9.37 -22.91 -49.67
CA SER F 634 -10.80 -23.12 -49.75
C SER F 634 -11.54 -21.85 -50.18
N GLY F 635 -11.12 -20.71 -49.63
CA GLY F 635 -11.75 -19.44 -49.95
C GLY F 635 -10.93 -18.59 -50.90
N ARG F 636 -10.03 -19.22 -51.65
CA ARG F 636 -9.13 -18.49 -52.52
C ARG F 636 -9.84 -17.78 -53.67
N GLU F 637 -11.09 -18.16 -53.98
CA GLU F 637 -11.80 -17.55 -55.09
C GLU F 637 -11.97 -16.05 -54.89
N ALA F 638 -12.29 -15.64 -53.66
CA ALA F 638 -12.42 -14.22 -53.35
C ALA F 638 -11.09 -13.48 -53.39
N ALA F 639 -9.96 -14.19 -53.46
CA ALA F 639 -8.67 -13.52 -53.41
C ALA F 639 -8.36 -12.82 -54.73
N GLU F 640 -8.62 -13.48 -55.86
CA GLU F 640 -8.15 -12.97 -57.14
C GLU F 640 -8.88 -11.70 -57.59
N ASN F 641 -10.19 -11.60 -57.35
CA ASN F 641 -10.92 -10.43 -57.81
C ASN F 641 -10.60 -9.17 -57.02
N ASN F 642 -9.86 -9.28 -55.92
CA ASN F 642 -9.45 -8.13 -55.13
C ASN F 642 -8.11 -7.62 -55.64
N ASP F 643 -8.06 -6.31 -55.91
CA ASP F 643 -6.85 -5.68 -56.42
C ASP F 643 -5.90 -5.22 -55.32
N ALA F 644 -6.34 -5.27 -54.05
CA ALA F 644 -5.47 -4.84 -52.95
C ALA F 644 -4.28 -5.77 -52.77
N TYR F 645 -4.52 -7.08 -52.84
CA TYR F 645 -3.47 -8.07 -52.63
C TYR F 645 -2.67 -8.22 -53.92
N ASP F 646 -1.40 -7.81 -53.90
CA ASP F 646 -0.56 -7.96 -55.07
C ASP F 646 -0.31 -9.42 -55.39
N LYS F 647 -0.08 -10.25 -54.37
CA LYS F 647 0.16 -11.67 -54.56
C LYS F 647 -0.72 -12.46 -53.61
N VAL F 648 -1.13 -13.64 -54.06
CA VAL F 648 -1.96 -14.55 -53.30
C VAL F 648 -1.26 -15.90 -53.22
N LYS F 649 -1.08 -16.41 -52.01
CA LYS F 649 -0.43 -17.69 -51.80
C LYS F 649 -1.24 -18.52 -50.81
N LEU F 650 -1.13 -19.84 -50.96
CA LEU F 650 -1.82 -20.75 -50.07
C LEU F 650 -1.12 -20.80 -48.71
N LEU F 651 -1.91 -20.94 -47.66
CA LEU F 651 -1.37 -20.95 -46.30
C LEU F 651 -0.91 -22.36 -45.91
N ASP F 652 -0.13 -22.41 -44.84
CA ASP F 652 0.34 -23.67 -44.27
C ASP F 652 -0.05 -23.71 -42.80
N GLU F 653 -0.64 -24.81 -42.37
CA GLU F 653 -1.10 -24.97 -41.00
C GLU F 653 -0.04 -25.56 -40.08
N GLY F 654 1.16 -25.83 -40.59
CA GLY F 654 2.23 -26.38 -39.80
C GLY F 654 3.10 -25.36 -39.08
N LEU F 655 2.79 -24.07 -39.19
CA LEU F 655 3.60 -23.06 -38.52
C LEU F 655 3.50 -23.18 -37.01
N ASP F 656 2.35 -23.61 -36.50
CA ASP F 656 2.20 -23.81 -35.06
C ASP F 656 3.23 -24.83 -34.55
N GLY F 657 3.54 -25.85 -35.36
CA GLY F 657 4.57 -26.79 -34.96
C GLY F 657 5.93 -26.13 -34.82
N LYS F 658 6.32 -25.36 -35.83
CA LYS F 658 7.57 -24.62 -35.76
C LYS F 658 7.58 -23.70 -34.54
N ILE F 659 6.41 -23.19 -34.16
CA ILE F 659 6.35 -22.31 -33.00
C ILE F 659 6.59 -23.08 -31.70
N GLN F 660 5.91 -24.22 -31.53
CA GLN F 660 5.94 -24.79 -30.18
C GLN F 660 7.29 -25.46 -29.94
N ASN F 661 7.86 -26.04 -31.00
CA ASN F 661 9.15 -26.69 -30.91
C ASN F 661 10.32 -25.74 -31.09
N ASN F 662 10.05 -24.45 -31.37
CA ASN F 662 11.08 -23.43 -31.54
C ASN F 662 12.09 -23.80 -32.63
N ARG F 663 11.58 -24.33 -33.74
CA ARG F 663 12.45 -24.77 -34.82
C ARG F 663 13.14 -23.62 -35.54
N TYR F 664 12.65 -22.39 -35.39
CA TYR F 664 13.21 -21.22 -36.05
C TYR F 664 13.90 -20.27 -35.07
N ARG F 665 14.21 -20.76 -33.86
CA ARG F 665 14.74 -19.88 -32.83
C ARG F 665 16.09 -19.29 -33.24
N PHE F 666 16.97 -20.11 -33.81
CA PHE F 666 18.33 -19.68 -34.12
C PHE F 666 18.50 -19.21 -35.57
N ALA F 667 17.64 -19.65 -36.48
CA ALA F 667 17.76 -19.22 -37.87
C ALA F 667 17.48 -17.73 -38.02
N PHE F 668 16.50 -17.22 -37.27
CA PHE F 668 16.15 -15.80 -37.37
C PHE F 668 17.30 -14.92 -36.91
N LEU F 669 18.00 -15.31 -35.85
CA LEU F 669 19.11 -14.52 -35.34
C LEU F 669 20.21 -14.36 -36.39
N TYR F 670 20.39 -15.38 -37.23
CA TYR F 670 21.44 -15.31 -38.24
C TYR F 670 21.17 -14.17 -39.22
N LEU F 671 19.92 -14.04 -39.69
CA LEU F 671 19.58 -12.93 -40.57
C LEU F 671 19.57 -11.61 -39.81
N LEU F 672 19.15 -11.63 -38.54
CA LEU F 672 19.12 -10.41 -37.75
C LEU F 672 20.52 -9.83 -37.58
N VAL F 673 21.53 -10.67 -37.40
CA VAL F 673 22.89 -10.18 -37.23
C VAL F 673 23.36 -9.45 -38.48
N LYS F 674 23.13 -10.03 -39.65
CA LYS F 674 23.53 -9.38 -40.90
C LYS F 674 22.75 -8.09 -41.12
N TRP F 675 21.44 -8.11 -40.86
CA TRP F 675 20.64 -6.90 -41.02
C TRP F 675 21.15 -5.79 -40.10
N TYR F 676 21.54 -6.15 -38.88
CA TYR F 676 22.08 -5.16 -37.94
C TYR F 676 23.41 -4.63 -38.43
N LYS F 677 24.34 -5.51 -38.77
CA LYS F 677 25.69 -5.06 -39.09
C LYS F 677 25.79 -4.38 -40.45
N LYS F 678 24.81 -4.56 -41.33
CA LYS F 678 24.86 -3.92 -42.63
C LYS F 678 24.50 -2.43 -42.59
N TYR F 679 23.70 -1.99 -41.62
CA TYR F 679 23.28 -0.60 -41.58
C TYR F 679 23.49 0.08 -40.23
N HIS F 680 23.42 -0.69 -39.14
CA HIS F 680 23.34 -0.08 -37.82
C HIS F 680 24.70 0.19 -37.19
N ILE F 681 25.78 -0.41 -37.71
CA ILE F 681 27.09 -0.27 -37.07
C ILE F 681 27.58 1.16 -37.02
N PRO F 682 27.46 2.00 -38.07
CA PRO F 682 28.06 3.34 -37.96
C PRO F 682 27.30 4.26 -37.03
N ILE F 683 25.98 4.21 -37.05
CA ILE F 683 25.15 5.10 -36.24
C ILE F 683 23.76 4.50 -36.13
N MET F 684 23.00 4.91 -35.12
CA MET F 684 21.64 4.45 -34.90
C MET F 684 20.69 5.64 -34.94
N LYS F 685 19.82 5.68 -35.94
CA LYS F 685 18.78 6.69 -36.00
C LYS F 685 17.71 6.22 -36.99
N LEU F 686 16.52 5.94 -36.48
CA LEU F 686 15.42 5.52 -37.34
C LEU F 686 14.90 6.70 -38.15
N TYR F 687 14.44 6.40 -39.38
CA TYR F 687 13.98 7.44 -40.28
C TYR F 687 12.47 7.49 -40.28
N PRO F 688 11.85 8.57 -39.79
CA PRO F 688 10.39 8.67 -39.87
C PRO F 688 9.92 8.83 -41.31
N THR F 689 8.71 8.35 -41.57
CA THR F 689 8.11 8.37 -42.91
C THR F 689 6.77 9.07 -42.84
N PRO F 690 6.74 10.41 -42.97
CA PRO F 690 5.47 11.14 -42.96
C PRO F 690 4.74 11.15 -44.29
N GLU F 691 5.26 10.49 -45.32
CA GLU F 691 4.65 10.51 -46.65
C GLU F 691 3.51 9.52 -46.80
N GLU F 692 3.07 8.85 -45.74
CA GLU F 692 1.98 7.88 -45.82
C GLU F 692 1.02 8.15 -44.68
N ILE F 693 0.09 7.21 -44.47
CA ILE F 693 -1.01 7.38 -43.52
C ILE F 693 -1.77 8.63 -43.94
N PRO F 694 -2.57 8.56 -45.02
CA PRO F 694 -3.19 9.78 -45.58
C PRO F 694 -3.90 10.62 -44.54
N ASP F 695 -3.31 11.79 -44.27
CA ASP F 695 -3.67 12.73 -43.20
C ASP F 695 -2.52 13.70 -43.04
N PHE F 696 -1.31 13.16 -42.86
CA PHE F 696 -0.11 13.99 -42.78
C PHE F 696 0.07 14.79 -44.06
N ALA F 697 -0.25 14.18 -45.20
CA ALA F 697 -0.21 14.88 -46.48
C ALA F 697 -1.06 16.14 -46.46
N PHE F 698 -2.24 16.11 -45.84
CA PHE F 698 -3.08 17.28 -45.77
C PHE F 698 -2.39 18.44 -45.05
N TYR F 699 -1.85 18.17 -43.86
CA TYR F 699 -1.20 19.24 -43.09
C TYR F 699 0.04 19.76 -43.79
N LEU F 700 0.85 18.86 -44.38
CA LEU F 700 2.06 19.34 -45.06
C LEU F 700 1.71 20.08 -46.34
N LYS F 701 0.57 19.76 -46.96
CA LYS F 701 0.16 20.46 -48.18
C LYS F 701 -0.43 21.83 -47.86
N ILE F 702 -1.12 21.96 -46.73
CA ILE F 702 -1.79 23.23 -46.41
C ILE F 702 -0.77 24.38 -46.38
N GLY F 703 0.40 24.13 -45.82
CA GLY F 703 1.42 25.17 -45.76
C GLY F 703 2.09 25.46 -47.09
N THR F 704 1.89 24.61 -48.09
CA THR F 704 2.55 24.78 -49.38
C THR F 704 1.82 25.74 -50.32
N LEU F 705 0.56 26.07 -50.06
CA LEU F 705 -0.17 26.99 -50.92
C LEU F 705 -0.81 28.16 -50.18
N LEU F 706 -0.88 28.11 -48.85
CA LEU F 706 -1.54 29.16 -48.07
C LEU F 706 -0.52 29.87 -47.21
N VAL F 707 -0.54 31.20 -47.25
CA VAL F 707 0.36 32.03 -46.46
C VAL F 707 -0.46 33.10 -45.75
N SER F 708 0.05 33.56 -44.61
CA SER F 708 -0.62 34.60 -43.85
C SER F 708 -0.40 35.96 -44.51
N SER F 709 -1.39 36.84 -44.35
CA SER F 709 -1.29 38.18 -44.89
C SER F 709 -0.20 38.96 -44.17
N SER F 710 0.56 39.75 -44.93
CA SER F 710 1.67 40.53 -44.41
C SER F 710 1.57 41.96 -44.94
N VAL F 711 2.52 42.80 -44.50
CA VAL F 711 2.55 44.20 -44.91
C VAL F 711 3.03 44.39 -46.33
N LYS F 712 3.57 43.34 -46.96
CA LYS F 712 4.06 43.45 -48.33
C LYS F 712 2.95 43.73 -49.33
N HIS F 713 1.69 43.45 -48.97
CA HIS F 713 0.56 43.72 -49.85
C HIS F 713 0.16 45.18 -49.86
N ILE F 714 0.62 45.98 -48.90
CA ILE F 714 0.20 47.39 -48.84
C ILE F 714 0.54 48.15 -50.12
N PRO F 715 1.73 48.02 -50.72
CA PRO F 715 1.96 48.66 -52.03
C PRO F 715 1.05 48.14 -53.12
N LEU F 716 0.45 46.96 -52.96
CA LEU F 716 -0.44 46.38 -53.95
C LEU F 716 -1.90 46.76 -53.74
N MET F 717 -2.19 47.67 -52.80
CA MET F 717 -3.54 48.13 -52.58
C MET F 717 -4.13 48.86 -53.77
N THR F 718 -3.31 49.31 -54.72
CA THR F 718 -3.84 50.00 -55.89
C THR F 718 -4.75 49.08 -56.71
N ASP F 719 -4.33 47.83 -56.93
CA ASP F 719 -5.13 46.87 -57.66
C ASP F 719 -6.00 46.01 -56.76
N LEU F 720 -5.58 45.78 -55.51
CA LEU F 720 -6.38 44.95 -54.62
C LEU F 720 -7.60 45.71 -54.09
N SER F 721 -7.61 47.03 -54.21
CA SER F 721 -8.80 47.79 -53.83
C SER F 721 -9.98 47.42 -54.71
N LYS F 722 -9.74 47.23 -56.01
CA LYS F 722 -10.79 46.76 -56.91
C LYS F 722 -11.13 45.30 -56.68
N LYS F 723 -10.27 44.56 -55.98
CA LYS F 723 -10.48 43.15 -55.70
C LYS F 723 -11.33 42.92 -54.46
N GLY F 724 -11.72 43.97 -53.75
CA GLY F 724 -12.53 43.84 -52.56
C GLY F 724 -11.78 43.85 -51.25
N TYR F 725 -10.49 44.17 -51.26
CA TYR F 725 -9.71 44.21 -50.02
C TYR F 725 -10.08 45.46 -49.22
N ILE F 726 -10.39 45.27 -47.94
CA ILE F 726 -10.77 46.35 -47.05
C ILE F 726 -9.84 46.31 -45.84
N LEU F 727 -9.17 47.44 -45.57
CA LEU F 727 -8.21 47.53 -44.48
C LEU F 727 -8.97 47.64 -43.15
N TYR F 728 -9.44 46.48 -42.68
CA TYR F 728 -10.13 46.38 -41.40
C TYR F 728 -9.30 45.51 -40.47
N ASP F 729 -9.04 46.03 -39.27
CA ASP F 729 -8.21 45.34 -38.27
C ASP F 729 -6.81 45.03 -38.81
N ASN F 730 -6.32 45.88 -39.71
CA ASN F 730 -4.97 45.78 -40.27
C ASN F 730 -4.73 44.45 -41.00
N VAL F 731 -5.79 43.79 -41.46
CA VAL F 731 -5.68 42.53 -42.17
C VAL F 731 -6.59 42.58 -43.40
N VAL F 732 -6.04 42.14 -44.55
CA VAL F 732 -6.78 42.08 -45.79
C VAL F 732 -6.64 40.67 -46.36
N THR F 733 -7.75 39.94 -46.44
CA THR F 733 -7.75 38.55 -46.90
C THR F 733 -8.96 38.33 -47.79
N LEU F 734 -9.27 37.07 -48.06
CA LEU F 734 -10.30 36.67 -49.01
C LEU F 734 -11.46 35.99 -48.31
N PRO F 735 -12.66 36.05 -48.89
CA PRO F 735 -13.79 35.30 -48.31
C PRO F 735 -13.57 33.80 -48.36
N LEU F 736 -14.17 33.10 -47.40
CA LEU F 736 -14.03 31.65 -47.29
C LEU F 736 -14.84 30.91 -48.35
N THR F 737 -15.85 31.54 -48.93
CA THR F 737 -16.75 30.83 -49.84
C THR F 737 -16.02 30.34 -51.09
N THR F 738 -15.14 31.16 -51.65
CA THR F 738 -14.48 30.83 -52.91
C THR F 738 -13.51 29.66 -52.80
N PHE F 739 -13.12 29.27 -51.59
CA PHE F 739 -12.14 28.21 -51.43
C PHE F 739 -12.72 26.83 -51.69
N GLN F 740 -14.02 26.64 -51.40
CA GLN F 740 -14.63 25.32 -51.57
C GLN F 740 -14.66 24.90 -53.05
N GLN F 741 -14.98 25.83 -53.94
CA GLN F 741 -15.09 25.49 -55.35
C GLN F 741 -13.73 25.26 -56.00
N LYS F 742 -12.69 25.90 -55.49
CA LYS F 742 -11.38 25.85 -56.14
C LYS F 742 -10.51 24.71 -55.59
N ILE F 743 -10.24 24.71 -54.29
CA ILE F 743 -9.31 23.78 -53.67
C ILE F 743 -10.05 22.73 -52.84
N SER F 744 -10.99 23.16 -52.02
CA SER F 744 -11.67 22.25 -51.09
C SER F 744 -12.66 21.31 -51.77
N LYS F 745 -12.69 21.22 -53.11
CA LYS F 745 -13.58 20.26 -53.76
C LYS F 745 -13.21 18.83 -53.39
N TYR F 746 -11.92 18.52 -53.41
CA TYR F 746 -11.44 17.20 -52.99
C TYR F 746 -11.11 17.13 -51.51
N PHE F 747 -11.03 18.27 -50.82
CA PHE F 747 -10.76 18.33 -49.39
C PHE F 747 -12.00 18.93 -48.72
N ASN F 748 -12.95 18.05 -48.39
CA ASN F 748 -14.18 18.49 -47.76
C ASN F 748 -13.91 19.07 -46.37
N SER F 749 -14.54 20.22 -46.10
CA SER F 749 -14.43 20.85 -44.78
C SER F 749 -15.58 20.50 -43.86
N ARG F 750 -16.66 19.93 -44.39
CA ARG F 750 -17.80 19.55 -43.55
C ARG F 750 -17.48 18.39 -42.63
N LEU F 751 -16.51 17.54 -42.98
CA LEU F 751 -16.15 16.39 -42.17
C LEU F 751 -14.72 16.47 -41.67
N PHE F 752 -13.74 16.65 -42.57
CA PHE F 752 -12.33 16.64 -42.19
C PHE F 752 -11.75 18.04 -41.96
N GLY F 753 -12.55 19.09 -42.14
CA GLY F 753 -12.06 20.43 -41.95
C GLY F 753 -12.04 20.94 -40.52
N HIS F 754 -12.61 20.19 -39.59
CA HIS F 754 -12.72 20.66 -38.21
C HIS F 754 -11.36 21.03 -37.62
N ASP F 755 -10.31 20.32 -38.04
CA ASP F 755 -8.98 20.59 -37.50
C ASP F 755 -8.57 22.05 -37.71
N ILE F 756 -9.02 22.66 -38.80
CA ILE F 756 -8.73 24.08 -39.01
C ILE F 756 -9.85 24.97 -38.50
N GLU F 757 -11.07 24.44 -38.37
CA GLU F 757 -12.20 25.27 -37.98
C GLU F 757 -12.00 25.86 -36.59
N SER F 758 -11.43 25.09 -35.66
CA SER F 758 -11.14 25.61 -34.32
C SER F 758 -10.27 26.86 -34.41
N PHE F 759 -9.32 26.89 -35.34
CA PHE F 759 -8.55 28.09 -35.57
C PHE F 759 -9.35 29.15 -36.31
N ILE F 760 -10.15 28.74 -37.31
CA ILE F 760 -10.90 29.69 -38.12
C ILE F 760 -11.87 30.48 -37.26
N ASN F 761 -12.53 29.81 -36.32
CA ASN F 761 -13.48 30.49 -35.44
C ASN F 761 -12.80 31.56 -34.60
N ARG F 762 -11.48 31.44 -34.39
CA ARG F 762 -10.76 32.44 -33.62
C ARG F 762 -10.39 33.66 -34.46
N HIS F 763 -10.57 33.60 -35.78
CA HIS F 763 -10.25 34.72 -36.65
C HIS F 763 -11.50 35.37 -37.26
N LYS F 764 -12.66 34.78 -37.09
CA LYS F 764 -13.89 35.36 -37.59
C LYS F 764 -14.30 36.58 -36.76
N LYS F 765 -15.08 37.46 -37.36
CA LYS F 765 -15.55 38.68 -36.72
C LYS F 765 -17.07 38.76 -36.81
N PHE F 766 -17.66 39.48 -35.87
CA PHE F 766 -19.11 39.64 -35.79
C PHE F 766 -19.53 40.68 -36.82
N ALA F 767 -19.61 40.25 -38.08
CA ALA F 767 -20.03 41.11 -39.18
C ALA F 767 -21.33 40.64 -39.82
N ASN F 768 -21.41 39.38 -40.23
CA ASN F 768 -22.62 38.85 -40.81
C ASN F 768 -22.62 37.33 -40.64
N VAL F 769 -23.82 36.77 -40.44
CA VAL F 769 -23.95 35.33 -40.24
C VAL F 769 -23.67 34.59 -41.54
N SER F 770 -24.19 35.09 -42.66
CA SER F 770 -24.06 34.43 -43.95
C SER F 770 -22.77 34.77 -44.68
N ASP F 771 -21.97 35.69 -44.15
CA ASP F 771 -20.71 36.08 -44.75
C ASP F 771 -19.55 35.50 -43.96
N GLU F 772 -18.61 34.86 -44.66
CA GLU F 772 -17.45 34.25 -44.05
C GLU F 772 -16.19 34.98 -44.50
N TYR F 773 -15.31 35.27 -43.55
CA TYR F 773 -14.09 36.03 -43.80
C TYR F 773 -12.91 35.22 -43.25
N LEU F 774 -12.17 34.57 -44.14
CA LEU F 774 -11.08 33.68 -43.76
C LEU F 774 -9.74 34.33 -44.08
N GLN F 775 -8.75 34.10 -43.21
CA GLN F 775 -7.43 34.70 -43.36
C GLN F 775 -6.51 33.72 -44.07
N TYR F 776 -6.62 33.70 -45.40
CA TYR F 776 -5.76 32.85 -46.22
C TYR F 776 -5.63 33.48 -47.60
N ILE F 777 -4.39 33.51 -48.11
CA ILE F 777 -4.08 34.06 -49.42
C ILE F 777 -3.32 33.01 -50.21
N PHE F 778 -3.79 32.74 -51.43
CA PHE F 778 -3.14 31.76 -52.29
C PHE F 778 -1.81 32.31 -52.81
N ILE F 779 -0.79 31.44 -52.82
CA ILE F 779 0.52 31.83 -53.34
C ILE F 779 0.43 32.14 -54.83
N GLU F 780 -0.26 31.29 -55.59
CA GLU F 780 -0.31 31.46 -57.04
C GLU F 780 -1.23 32.59 -57.47
N ASP F 781 -2.09 33.09 -56.58
CA ASP F 781 -2.99 34.17 -56.94
C ASP F 781 -2.27 35.48 -57.19
N ILE F 782 -1.08 35.65 -56.62
CA ILE F 782 -0.29 36.86 -56.79
C ILE F 782 0.85 36.65 -57.78
N SER F 783 1.58 35.55 -57.65
CA SER F 783 2.70 35.25 -58.53
C SER F 783 2.21 34.52 -59.77
N SER F 784 2.55 35.06 -60.94
CA SER F 784 2.14 34.43 -62.19
C SER F 784 2.94 33.15 -62.41
N PRO F 785 2.29 32.00 -62.65
CA PRO F 785 2.96 30.73 -62.88
C PRO F 785 3.85 30.75 -64.12
#